data_7NPS
#
_entry.id   7NPS
#
_cell.length_a   1.00
_cell.length_b   1.00
_cell.length_c   1.00
_cell.angle_alpha   90.00
_cell.angle_beta   90.00
_cell.angle_gamma   90.00
#
_symmetry.space_group_name_H-M   'P 1'
#
loop_
_entity.id
_entity.type
_entity.pdbx_description
1 polymer 'ESX-5 secretion system ATPase EccB5'
2 polymer Mycosin-5
#
loop_
_entity_poly.entity_id
_entity_poly.type
_entity_poly.pdbx_seq_one_letter_code
_entity_poly.pdbx_strand_id
1 'polypeptide(L)'
;MAEESRGQRGSGYGLGLSTRTQVTGYQFLARRTAMALTRWRVRMEIEPGRRQTLAVVASVSAALVICLGALLWSFISPSG
QLNESPIIADRDSGALYVRVGDRLYPALNLASARLITGRPDNPHLVRSSQIATMPRGPLVGIPGAPSSFSPKSPPASSWL
VCDTVATSSSIGSLQGVTVTVIDGTPDLTGHRQILSGSDAVVLRYGGDAWVIREGRRSRIEPTNRAVLLPLGLTPEQVSQ
ARPMSRALFDALPVGPELLVPEVPNAGGPATFPGAPGPIGTVIVTPQISGPQQYSLVLGDGVQTLPPLVAQILQNAGSAG
NTKPLTVEPSTLAKMPVVNRLDLSAYPDNPLEVVDIREHPSTCWWWERTAGENRARVRVVSGPTIPVAATEMNKVVSLVK
ADTSGRQADQVYFGPDHANFVAVTGNNPGAQTSESLWWVTDAGARFGVEDSKEARDALGLTLTPSLAPWVALRLLPQGPT
LSRADALVEHDTLPMDMTPAELVVPK
;
B1,B2,B3,B4,B5,B6
2 'polypeptide(L)'
;MQRFGTGSSRSWCGRAGTATIAAVLLASGALTGLPPAYAISPPTIDPGALPPDGPPGPLAPMKQNAYCTEVGVLPGTDFQ
LQPKYMEMLNLNEAWQFGRGDGVKVAVIDTGVTPHPRLPRLIPGGDYVMAGGDGLSDCDAHGTLVASMIAAVPANGAVPL
PSVPRRPVTIPTTETPPPPQTVTLSPVPPQTVTVIPAPPPEEGVPPGAPVPGPEPPPAPGPQPPAVDRGGGTVTVPSYSG
GRKIAPIDNPRNPHPSAPSPALGPPPDAFSGIAPGVEIISIRQSSQAFGLKDPYTGDEDPQTAQKIDNVETMARAIVHAA
NMGASVINISDVMCMSARNVIDQRALGAAVHYAAVDKDAVIVAAAGDGSKKDCKQNPIFDPLQPDDPRAWNAVTTVVTPS
WFHDYVLTVGAVDANGQPLSKMSIAGPWVSISAPGTDVVGLSPRDDGLINAIDGPDNSLLVPAGTSFSAAIVSGVAALVR
AKFPELSAYQIINRLIHTARPPARGVDNQVGYGVVDPVAALTWDVPKGPAEPPKQLSAPLVVPQPPAPRDMVPIWVAAGG
LAGALLIGGAVFGTATLMRRSRKQQ
;
P1,P2,P3
#
# COMPACT_ATOMS: atom_id res chain seq x y z
N SER A 74 27.43 42.69 -20.82
CA SER A 74 26.03 43.10 -20.75
C SER A 74 25.13 42.15 -21.52
N PHE A 75 25.67 41.58 -22.59
CA PHE A 75 24.94 40.62 -23.40
C PHE A 75 25.03 39.23 -22.78
N ILE A 76 26.11 38.98 -22.04
CA ILE A 76 26.31 37.69 -21.40
C ILE A 76 25.38 37.54 -20.21
N SER A 77 25.29 38.57 -19.37
CA SER A 77 24.43 38.56 -18.18
C SER A 77 23.69 39.88 -18.04
N PRO A 78 22.56 40.01 -18.72
CA PRO A 78 21.75 41.22 -18.68
C PRO A 78 21.36 41.63 -17.26
N SER A 79 21.22 42.93 -17.07
CA SER A 79 20.85 43.51 -15.78
C SER A 79 20.42 44.95 -16.03
N GLY A 80 20.22 45.73 -14.96
CA GLY A 80 19.83 47.11 -15.12
C GLY A 80 20.24 47.99 -13.97
N GLN A 81 20.07 49.29 -14.18
CA GLN A 81 20.47 50.33 -13.25
C GLN A 81 19.31 51.28 -13.01
N LEU A 82 19.21 51.81 -11.79
CA LEU A 82 18.17 52.80 -11.53
C LEU A 82 18.43 54.05 -12.37
N ASN A 83 17.35 54.63 -12.90
CA ASN A 83 17.48 55.75 -13.80
C ASN A 83 16.38 56.76 -13.49
N GLU A 84 16.37 57.84 -14.27
CA GLU A 84 15.40 58.92 -14.11
C GLU A 84 13.97 58.48 -14.37
N SER A 85 13.77 57.50 -15.25
CA SER A 85 12.43 57.04 -15.56
C SER A 85 11.67 56.61 -14.30
N PRO A 86 10.43 57.03 -14.12
CA PRO A 86 9.68 56.72 -12.90
C PRO A 86 8.99 55.37 -12.87
N ILE A 87 8.88 54.65 -13.97
CA ILE A 87 8.25 53.33 -13.99
C ILE A 87 9.33 52.29 -14.17
N ILE A 88 9.45 51.39 -13.19
CA ILE A 88 10.49 50.37 -13.19
C ILE A 88 9.90 49.02 -12.80
N ALA A 89 10.60 47.95 -13.16
CA ALA A 89 10.17 46.60 -12.85
C ALA A 89 11.37 45.74 -12.47
N ASP A 90 11.15 44.83 -11.52
CA ASP A 90 12.21 43.93 -11.05
C ASP A 90 12.51 42.86 -12.11
N ARG A 91 13.74 42.86 -12.62
CA ARG A 91 14.11 41.89 -13.64
C ARG A 91 14.06 40.44 -13.15
N ASP A 92 14.14 40.20 -11.85
CA ASP A 92 14.10 38.83 -11.38
C ASP A 92 12.70 38.28 -11.23
N SER A 93 11.69 39.13 -11.14
CA SER A 93 10.34 38.67 -10.87
C SER A 93 9.24 39.43 -11.59
N GLY A 94 9.57 40.46 -12.37
CA GLY A 94 8.54 41.19 -13.08
C GLY A 94 7.63 42.05 -12.23
N ALA A 95 7.91 42.20 -10.94
CA ALA A 95 7.07 43.05 -10.11
C ALA A 95 7.18 44.47 -10.62
N LEU A 96 6.06 45.19 -10.64
CA LEU A 96 6.01 46.53 -11.18
C LEU A 96 5.95 47.56 -10.05
N TYR A 97 6.84 48.54 -10.09
CA TYR A 97 6.92 49.60 -9.10
C TYR A 97 6.89 50.96 -9.76
N VAL A 98 6.44 51.96 -9.02
CA VAL A 98 6.38 53.34 -9.47
C VAL A 98 6.96 54.21 -8.37
N ARG A 99 7.72 55.24 -8.75
CA ARG A 99 8.32 56.15 -7.79
C ARG A 99 7.58 57.48 -7.75
N VAL A 100 7.34 58.00 -6.59
CA VAL A 100 6.77 59.26 -6.25
C VAL A 100 7.58 59.89 -5.15
N GLY A 101 8.10 61.05 -5.30
CA GLY A 101 8.97 61.61 -4.39
C GLY A 101 10.24 60.86 -4.29
N ASP A 102 10.59 60.37 -3.11
CA ASP A 102 11.76 59.55 -2.90
C ASP A 102 11.40 58.16 -2.38
N ARG A 103 10.26 57.62 -2.70
CA ARG A 103 9.67 56.42 -2.25
C ARG A 103 9.13 55.56 -3.36
N LEU A 104 9.28 54.23 -3.29
CA LEU A 104 8.77 53.33 -4.31
C LEU A 104 7.48 52.67 -3.84
N TYR A 105 6.45 52.68 -4.61
CA TYR A 105 5.15 52.15 -4.42
C TYR A 105 4.87 50.98 -5.32
N PRO A 106 4.52 49.79 -4.85
CA PRO A 106 4.17 48.71 -5.78
C PRO A 106 2.84 49.03 -6.45
N ALA A 107 2.79 48.92 -7.78
CA ALA A 107 1.58 49.22 -8.52
C ALA A 107 0.89 47.97 -9.03
N LEU A 108 -0.45 47.99 -9.01
CA LEU A 108 -1.24 46.84 -9.44
C LEU A 108 -1.17 46.57 -10.93
N ASN A 109 -0.92 47.58 -11.76
CA ASN A 109 -0.88 47.33 -13.20
C ASN A 109 -0.29 48.54 -13.93
N LEU A 110 0.04 48.30 -15.19
CA LEU A 110 0.64 49.32 -16.05
C LEU A 110 -0.26 50.52 -16.27
N ALA A 111 -1.55 50.30 -16.50
CA ALA A 111 -2.46 51.42 -16.72
C ALA A 111 -2.41 52.43 -15.59
N SER A 112 -2.53 51.98 -14.35
CA SER A 112 -2.47 52.91 -13.23
C SER A 112 -1.08 53.50 -13.02
N ALA A 113 -0.02 52.76 -13.32
CA ALA A 113 1.31 53.33 -13.20
C ALA A 113 1.51 54.50 -14.15
N ARG A 114 1.04 54.35 -15.39
CA ARG A 114 1.13 55.43 -16.36
C ARG A 114 0.29 56.62 -15.92
N LEU A 115 -0.94 56.35 -15.50
CA LEU A 115 -1.86 57.39 -15.07
C LEU A 115 -1.41 58.13 -13.82
N ILE A 116 -0.71 57.47 -12.90
CA ILE A 116 -0.21 58.16 -11.72
C ILE A 116 0.95 59.08 -12.06
N THR A 117 1.92 58.60 -12.84
CA THR A 117 3.08 59.42 -13.15
C THR A 117 2.82 60.43 -14.27
N GLY A 118 1.93 60.12 -15.20
CA GLY A 118 1.64 61.02 -16.29
C GLY A 118 2.49 60.84 -17.53
N ARG A 119 3.38 59.85 -17.58
CA ARG A 119 4.22 59.62 -18.74
C ARG A 119 3.79 58.35 -19.46
N PRO A 120 3.47 58.40 -20.74
CA PRO A 120 3.13 57.17 -21.45
C PRO A 120 4.40 56.41 -21.78
N ASP A 121 4.71 55.36 -21.02
CA ASP A 121 5.95 54.62 -21.23
C ASP A 121 5.81 53.20 -20.69
N ASN A 122 6.82 52.38 -21.00
CA ASN A 122 6.94 51.00 -20.58
C ASN A 122 7.96 50.89 -19.45
N PRO A 123 7.81 49.88 -18.60
CA PRO A 123 8.72 49.75 -17.47
C PRO A 123 10.17 49.50 -17.87
N HIS A 124 11.07 50.07 -17.05
CA HIS A 124 12.51 49.92 -17.18
C HIS A 124 12.99 48.83 -16.23
N LEU A 125 13.71 47.85 -16.76
CA LEU A 125 14.19 46.74 -15.94
C LEU A 125 15.33 47.16 -15.02
N VAL A 126 15.25 46.75 -13.75
CA VAL A 126 16.26 47.04 -12.73
C VAL A 126 16.56 45.77 -11.94
N ARG A 127 17.82 45.64 -11.51
CA ARG A 127 18.23 44.49 -10.72
C ARG A 127 17.63 44.55 -9.31
N SER A 128 17.26 43.37 -8.81
CA SER A 128 16.61 43.24 -7.50
C SER A 128 17.45 43.81 -6.35
N SER A 129 18.76 43.63 -6.40
CA SER A 129 19.62 44.13 -5.33
C SER A 129 19.62 45.65 -5.21
N GLN A 130 19.16 46.37 -6.22
CA GLN A 130 19.06 47.81 -6.18
C GLN A 130 17.74 48.29 -5.56
N ILE A 131 16.63 47.72 -6.02
CA ILE A 131 15.29 48.04 -5.54
C ILE A 131 15.13 47.80 -4.03
N ALA A 132 15.83 46.81 -3.48
CA ALA A 132 15.76 46.55 -2.05
C ALA A 132 16.31 47.65 -1.16
N THR A 133 17.08 48.59 -1.69
CA THR A 133 17.64 49.67 -0.88
C THR A 133 16.69 50.84 -0.68
N MET A 134 15.76 51.07 -1.56
CA MET A 134 14.85 52.20 -1.45
C MET A 134 13.63 51.91 -0.57
N PRO A 135 13.13 52.96 0.10
CA PRO A 135 11.95 52.80 0.97
C PRO A 135 10.68 52.51 0.18
N ARG A 136 9.75 51.81 0.83
CA ARG A 136 8.48 51.38 0.24
C ARG A 136 7.26 52.10 0.81
N GLY A 137 6.10 51.72 0.26
CA GLY A 137 4.79 52.20 0.64
C GLY A 137 3.72 51.20 0.23
N PRO A 138 2.50 51.36 0.72
CA PRO A 138 1.40 50.49 0.35
C PRO A 138 1.08 50.44 -1.13
N LEU A 139 0.25 49.46 -1.52
CA LEU A 139 -0.19 49.31 -2.91
C LEU A 139 -0.98 50.50 -3.44
N VAL A 140 -0.83 50.84 -4.67
CA VAL A 140 -1.43 51.88 -5.43
C VAL A 140 -1.99 51.48 -6.77
N GLY A 141 -3.05 52.16 -7.22
CA GLY A 141 -3.67 51.96 -8.52
C GLY A 141 -5.12 51.48 -8.47
N ILE A 142 -5.60 51.11 -9.66
CA ILE A 142 -6.95 50.63 -9.89
C ILE A 142 -6.94 49.12 -10.08
N PRO A 143 -7.68 48.35 -9.29
CA PRO A 143 -7.62 46.89 -9.45
C PRO A 143 -8.31 46.43 -10.73
N GLY A 144 -7.70 45.46 -11.41
CA GLY A 144 -8.28 44.89 -12.62
C GLY A 144 -8.16 45.71 -13.89
N ALA A 145 -7.49 46.85 -13.88
CA ALA A 145 -7.36 47.66 -15.09
C ALA A 145 -6.55 46.94 -16.18
N PRO A 146 -6.65 47.41 -17.42
CA PRO A 146 -5.89 46.80 -18.51
C PRO A 146 -4.39 46.85 -18.24
N SER A 147 -3.67 45.88 -18.81
CA SER A 147 -2.22 45.76 -18.60
C SER A 147 -1.40 45.83 -19.87
N SER A 148 -1.97 46.24 -21.01
CA SER A 148 -1.20 46.38 -22.23
C SER A 148 -1.89 47.36 -23.15
N PHE A 149 -1.12 48.17 -23.88
CA PHE A 149 -1.69 49.16 -24.77
C PHE A 149 -1.03 49.14 -26.15
N SER A 150 -1.87 49.04 -27.18
CA SER A 150 -1.43 49.08 -28.57
C SER A 150 -2.53 49.77 -29.35
N PRO A 151 -2.48 51.10 -29.46
CA PRO A 151 -3.54 51.80 -30.18
C PRO A 151 -3.65 51.28 -31.61
N LYS A 152 -4.89 51.09 -32.05
CA LYS A 152 -5.18 50.57 -33.37
C LYS A 152 -6.47 51.19 -33.89
N SER A 153 -6.43 51.71 -35.11
CA SER A 153 -7.64 52.32 -35.65
C SER A 153 -7.65 52.11 -37.16
N PRO A 154 -8.52 51.23 -37.67
CA PRO A 154 -8.58 50.98 -39.11
C PRO A 154 -9.48 51.99 -39.81
N PRO A 155 -9.38 52.07 -41.13
CA PRO A 155 -10.23 53.01 -41.89
C PRO A 155 -11.68 52.57 -41.93
N ALA A 156 -11.93 51.26 -42.03
CA ALA A 156 -13.27 50.69 -42.08
C ALA A 156 -13.57 49.97 -40.78
N SER A 157 -14.75 50.26 -40.22
CA SER A 157 -15.23 49.70 -38.98
C SER A 157 -16.39 48.76 -39.28
N SER A 158 -16.32 47.55 -38.71
CA SER A 158 -17.34 46.53 -38.91
C SER A 158 -17.64 45.84 -37.60
N TRP A 159 -18.92 45.63 -37.34
CA TRP A 159 -19.33 44.95 -36.12
C TRP A 159 -20.52 44.07 -36.47
N LEU A 160 -20.60 42.92 -35.81
CA LEU A 160 -21.73 42.01 -35.98
C LEU A 160 -22.22 41.52 -34.64
N VAL A 161 -23.53 41.38 -34.54
CA VAL A 161 -24.19 40.78 -33.40
C VAL A 161 -24.85 39.55 -34.00
N CYS A 162 -24.37 38.37 -33.60
CA CYS A 162 -24.85 37.14 -34.20
C CYS A 162 -25.21 36.13 -33.12
N ASP A 163 -26.06 35.18 -33.49
CA ASP A 163 -26.47 34.12 -32.58
C ASP A 163 -26.52 32.79 -33.31
N THR A 164 -26.77 31.74 -32.54
CA THR A 164 -26.89 30.37 -33.06
C THR A 164 -27.94 29.65 -32.25
N VAL A 165 -28.79 28.89 -32.95
CA VAL A 165 -29.85 28.13 -32.30
C VAL A 165 -29.43 26.68 -32.11
N ALA A 166 -29.82 26.14 -30.96
CA ALA A 166 -29.55 24.76 -30.58
C ALA A 166 -30.22 23.79 -31.54
N THR A 167 -29.88 22.50 -31.38
CA THR A 167 -30.43 21.44 -32.20
C THR A 167 -31.83 21.06 -31.72
N GLN A 175 -34.45 24.43 -28.21
CA GLN A 175 -34.43 25.25 -27.00
C GLN A 175 -33.02 25.77 -26.72
N GLY A 176 -32.94 27.02 -26.30
CA GLY A 176 -31.67 27.69 -26.00
C GLY A 176 -31.05 28.35 -27.21
N VAL A 177 -30.37 29.46 -26.94
CA VAL A 177 -29.72 30.28 -27.97
C VAL A 177 -28.41 30.82 -27.38
N THR A 178 -27.42 31.05 -28.23
CA THR A 178 -26.15 31.60 -27.77
C THR A 178 -25.79 32.80 -28.63
N VAL A 179 -25.37 33.90 -27.98
CA VAL A 179 -25.06 35.16 -28.65
C VAL A 179 -23.56 35.36 -28.75
N THR A 180 -23.09 35.70 -29.95
CA THR A 180 -21.67 35.91 -30.21
C THR A 180 -21.45 37.27 -30.86
N VAL A 181 -20.52 38.05 -30.35
CA VAL A 181 -20.19 39.38 -30.88
C VAL A 181 -18.90 39.30 -31.67
N ILE A 182 -18.88 39.93 -32.84
CA ILE A 182 -17.72 39.94 -33.73
C ILE A 182 -17.29 41.37 -34.00
N ASP A 183 -15.98 41.58 -33.99
CA ASP A 183 -15.35 42.83 -34.37
C ASP A 183 -14.41 42.52 -35.53
N GLY A 184 -14.63 43.18 -36.67
CA GLY A 184 -13.84 42.96 -37.85
C GLY A 184 -14.66 42.46 -39.02
N THR A 185 -14.00 42.33 -40.16
CA THR A 185 -14.64 41.91 -41.40
C THR A 185 -15.06 40.45 -41.38
N PRO A 186 -16.35 40.15 -41.60
CA PRO A 186 -16.83 38.77 -41.58
C PRO A 186 -16.40 37.98 -42.81
N ASP A 187 -16.52 36.67 -42.70
CA ASP A 187 -16.23 35.72 -43.77
C ASP A 187 -17.55 35.19 -44.32
N LEU A 188 -17.80 35.45 -45.60
CA LEU A 188 -19.02 35.01 -46.28
C LEU A 188 -18.78 33.87 -47.26
N THR A 189 -17.63 33.20 -47.18
CA THR A 189 -17.40 32.05 -48.03
C THR A 189 -18.23 30.85 -47.58
N GLY A 190 -18.39 29.90 -48.49
CA GLY A 190 -19.19 28.72 -48.23
C GLY A 190 -20.66 28.98 -48.53
N HIS A 191 -21.52 28.19 -47.89
CA HIS A 191 -22.96 28.35 -48.07
C HIS A 191 -23.51 29.61 -47.44
N ARG A 192 -22.70 30.42 -46.80
CA ARG A 192 -23.19 31.66 -46.22
C ARG A 192 -23.70 32.56 -47.35
N GLN A 193 -24.72 33.35 -47.05
CA GLN A 193 -25.24 34.27 -48.05
C GLN A 193 -25.94 35.43 -47.37
N ILE A 194 -26.08 36.52 -48.11
CA ILE A 194 -26.80 37.68 -47.63
C ILE A 194 -28.29 37.44 -47.81
N LEU A 195 -29.07 37.89 -46.85
CA LEU A 195 -30.52 37.71 -46.83
C LEU A 195 -31.25 38.87 -47.52
N SER A 196 -30.88 39.10 -48.78
CA SER A 196 -31.47 40.17 -49.58
C SER A 196 -32.59 39.67 -50.49
N GLY A 197 -33.24 40.63 -51.14
CA GLY A 197 -34.32 40.35 -52.09
C GLY A 197 -35.52 39.59 -51.56
N SER A 198 -35.87 38.50 -52.23
CA SER A 198 -37.01 37.65 -51.88
C SER A 198 -36.73 36.65 -50.78
N ASP A 199 -35.50 36.54 -50.30
CA ASP A 199 -35.20 35.60 -49.25
C ASP A 199 -35.64 36.20 -47.92
N ALA A 200 -36.10 35.34 -47.01
CA ALA A 200 -36.57 35.80 -45.70
C ALA A 200 -36.52 34.64 -44.72
N VAL A 201 -36.67 34.98 -43.44
CA VAL A 201 -36.67 34.03 -42.34
C VAL A 201 -37.66 34.48 -41.28
N VAL A 202 -38.26 33.49 -40.61
CA VAL A 202 -39.26 33.70 -39.56
C VAL A 202 -38.73 33.21 -38.23
N LEU A 203 -38.90 34.03 -37.19
CA LEU A 203 -38.44 33.73 -35.83
C LEU A 203 -39.53 34.11 -34.83
N ARG A 204 -39.42 33.54 -33.63
CA ARG A 204 -40.34 33.77 -32.53
C ARG A 204 -39.74 34.54 -31.38
N TYR A 205 -40.50 35.49 -30.84
CA TYR A 205 -40.09 36.22 -29.66
C TYR A 205 -41.29 36.91 -29.04
N GLY A 206 -41.35 36.88 -27.71
CA GLY A 206 -42.42 37.50 -26.97
C GLY A 206 -43.80 37.01 -27.32
N GLY A 207 -43.93 35.79 -27.83
CA GLY A 207 -45.21 35.25 -28.21
C GLY A 207 -45.67 35.60 -29.62
N ASP A 208 -44.91 36.40 -30.35
CA ASP A 208 -45.24 36.81 -31.71
C ASP A 208 -44.17 36.35 -32.69
N ALA A 209 -44.61 36.01 -33.90
CA ALA A 209 -43.68 35.65 -34.96
C ALA A 209 -43.27 36.90 -35.71
N TRP A 210 -42.03 36.91 -36.19
CA TRP A 210 -41.47 38.05 -36.88
C TRP A 210 -40.82 37.64 -38.19
N VAL A 211 -41.05 38.44 -39.23
CA VAL A 211 -40.48 38.20 -40.55
C VAL A 211 -39.34 39.19 -40.72
N ILE A 212 -38.15 38.69 -41.02
CA ILE A 212 -36.95 39.51 -41.19
C ILE A 212 -36.54 39.52 -42.66
N ARG A 213 -36.41 40.72 -43.23
CA ARG A 213 -35.95 40.85 -44.60
C ARG A 213 -35.49 42.28 -44.84
N GLU A 214 -34.65 42.43 -45.86
CA GLU A 214 -34.09 43.71 -46.24
C GLU A 214 -33.61 44.56 -45.07
N GLY A 215 -33.04 43.92 -44.05
CA GLY A 215 -32.53 44.65 -42.90
C GLY A 215 -33.55 45.17 -41.91
N ARG A 216 -34.77 44.65 -41.93
CA ARG A 216 -35.79 45.10 -40.98
C ARG A 216 -36.60 43.89 -40.54
N ARG A 217 -37.33 44.06 -39.43
CA ARG A 217 -38.21 43.04 -38.92
C ARG A 217 -39.64 43.57 -38.89
N SER A 218 -40.61 42.70 -39.15
CA SER A 218 -42.01 43.05 -39.14
C SER A 218 -42.82 41.92 -38.53
N ARG A 219 -43.92 42.28 -37.87
CA ARG A 219 -44.79 41.32 -37.20
C ARG A 219 -45.79 40.69 -38.16
N ILE A 220 -46.17 39.44 -37.87
CA ILE A 220 -47.14 38.67 -38.64
C ILE A 220 -48.02 37.87 -37.70
N GLU A 221 -49.20 37.47 -38.20
CA GLU A 221 -50.13 36.69 -37.39
C GLU A 221 -50.56 35.40 -38.08
N PRO A 222 -50.71 34.32 -37.32
CA PRO A 222 -51.03 33.00 -37.90
C PRO A 222 -52.46 32.85 -38.42
N THR A 223 -53.42 33.63 -37.94
CA THR A 223 -54.81 33.51 -38.36
C THR A 223 -55.14 34.25 -39.66
N ASN A 224 -54.39 35.28 -40.01
CA ASN A 224 -54.67 36.10 -41.20
C ASN A 224 -54.36 35.39 -42.52
N ARG A 225 -55.28 34.52 -42.93
CA ARG A 225 -55.15 33.80 -44.19
C ARG A 225 -55.07 34.74 -45.38
N ALA A 226 -55.81 35.84 -45.35
CA ALA A 226 -55.82 36.78 -46.45
C ALA A 226 -54.43 37.31 -46.78
N VAL A 227 -53.58 37.46 -45.78
CA VAL A 227 -52.21 37.92 -46.00
C VAL A 227 -51.26 36.74 -46.23
N LEU A 228 -51.40 35.66 -45.47
CA LEU A 228 -50.50 34.52 -45.61
C LEU A 228 -50.60 33.87 -46.99
N LEU A 229 -51.81 33.62 -47.46
CA LEU A 229 -52.02 32.92 -48.72
C LEU A 229 -51.30 33.54 -49.91
N PRO A 230 -51.46 34.82 -50.20
CA PRO A 230 -50.74 35.40 -51.34
C PRO A 230 -49.27 35.58 -51.06
N LEU A 231 -48.88 35.64 -49.80
CA LEU A 231 -47.48 35.82 -49.43
C LEU A 231 -46.72 34.50 -49.47
N GLY A 232 -47.43 33.37 -49.38
CA GLY A 232 -46.83 32.05 -49.47
C GLY A 232 -46.52 31.35 -48.17
N LEU A 233 -46.74 31.98 -47.03
CA LEU A 233 -46.49 31.35 -45.74
C LEU A 233 -47.64 30.42 -45.38
N THR A 234 -47.45 29.63 -44.33
CA THR A 234 -48.45 28.67 -43.89
C THR A 234 -48.60 28.72 -42.37
N PRO A 235 -49.81 28.50 -41.86
CA PRO A 235 -50.01 28.52 -40.40
C PRO A 235 -49.09 27.59 -39.64
N GLU A 236 -48.81 26.41 -40.17
CA GLU A 236 -47.89 25.50 -39.51
C GLU A 236 -46.49 26.10 -39.48
N GLN A 237 -46.04 26.59 -40.63
CA GLN A 237 -44.74 27.22 -40.83
C GLN A 237 -44.56 28.50 -39.99
N VAL A 238 -45.65 29.13 -39.57
CA VAL A 238 -45.61 30.34 -38.75
C VAL A 238 -45.61 30.02 -37.25
N SER A 239 -46.35 29.02 -36.81
CA SER A 239 -46.44 28.65 -35.40
C SER A 239 -45.28 27.77 -34.92
N GLN A 240 -44.56 27.10 -35.82
CA GLN A 240 -43.45 26.23 -35.43
C GLN A 240 -42.06 26.89 -35.52
N ALA A 241 -41.98 28.19 -35.82
CA ALA A 241 -40.67 28.83 -35.93
C ALA A 241 -39.92 28.81 -34.59
N ARG A 242 -38.58 28.74 -34.68
CA ARG A 242 -37.68 28.69 -33.53
C ARG A 242 -37.53 30.05 -32.84
N PRO A 243 -37.08 30.05 -31.58
CA PRO A 243 -36.88 31.30 -30.82
C PRO A 243 -35.79 32.22 -31.37
N MET A 244 -35.80 33.44 -30.81
CA MET A 244 -34.88 34.53 -31.15
C MET A 244 -34.33 35.16 -29.87
N SER A 245 -33.06 35.54 -29.89
CA SER A 245 -32.44 36.19 -28.74
C SER A 245 -32.83 37.65 -28.57
N ARG A 246 -32.95 38.08 -27.31
CA ARG A 246 -33.27 39.48 -27.01
C ARG A 246 -32.21 40.44 -27.55
N ALA A 247 -30.95 40.02 -27.63
CA ALA A 247 -29.90 40.88 -28.16
C ALA A 247 -30.15 41.22 -29.62
N LEU A 248 -30.53 40.23 -30.41
CA LEU A 248 -30.82 40.43 -31.82
C LEU A 248 -32.12 41.21 -32.02
N PHE A 249 -33.11 40.93 -31.17
CA PHE A 249 -34.39 41.64 -31.24
C PHE A 249 -34.23 43.14 -31.08
N ASP A 250 -33.35 43.60 -30.19
CA ASP A 250 -33.11 45.03 -30.05
C ASP A 250 -32.29 45.59 -31.21
N ALA A 251 -31.31 44.85 -31.69
CA ALA A 251 -30.46 45.32 -32.78
C ALA A 251 -31.25 45.56 -34.07
N LEU A 252 -32.19 44.68 -34.40
CA LEU A 252 -32.98 44.83 -35.61
C LEU A 252 -34.09 45.86 -35.47
N PRO A 253 -34.10 46.93 -36.27
CA PRO A 253 -35.15 47.93 -36.21
C PRO A 253 -36.46 47.39 -36.76
N VAL A 254 -37.55 47.83 -36.16
CA VAL A 254 -38.90 47.43 -36.54
C VAL A 254 -39.42 48.23 -37.73
N GLY A 255 -40.24 47.54 -38.54
CA GLY A 255 -40.92 48.10 -39.69
C GLY A 255 -42.42 47.92 -39.53
N PRO A 256 -43.19 48.45 -40.48
CA PRO A 256 -44.65 48.29 -40.40
C PRO A 256 -45.09 46.82 -40.47
N GLU A 257 -46.15 46.51 -39.74
CA GLU A 257 -46.67 45.14 -39.67
C GLU A 257 -47.25 44.68 -41.00
N LEU A 258 -47.10 43.37 -41.25
CA LEU A 258 -47.65 42.69 -42.42
C LEU A 258 -49.14 42.46 -42.18
N LEU A 259 -49.94 43.48 -42.48
CA LEU A 259 -51.37 43.41 -42.29
C LEU A 259 -52.06 44.05 -43.49
N VAL A 260 -53.36 43.82 -43.59
CA VAL A 260 -54.15 44.40 -44.67
C VAL A 260 -54.12 45.92 -44.56
N PRO A 261 -53.69 46.63 -45.59
CA PRO A 261 -53.62 48.10 -45.51
C PRO A 261 -55.00 48.72 -45.43
N GLU A 262 -55.25 49.45 -44.34
CA GLU A 262 -56.53 50.10 -44.12
C GLU A 262 -56.63 51.36 -44.98
N VAL A 263 -57.83 51.63 -45.50
CA VAL A 263 -58.04 52.82 -46.32
C VAL A 263 -58.97 53.76 -45.54
N PRO A 264 -58.53 54.98 -45.22
CA PRO A 264 -59.39 55.91 -44.49
C PRO A 264 -60.65 56.30 -45.24
N ASN A 265 -61.77 56.38 -44.53
CA ASN A 265 -63.06 56.75 -45.11
C ASN A 265 -63.45 55.85 -46.28
N ALA A 266 -63.12 54.56 -46.18
CA ALA A 266 -63.47 53.63 -47.23
C ALA A 266 -64.98 53.59 -47.45
N GLY A 267 -65.39 53.48 -48.72
CA GLY A 267 -66.78 53.61 -49.12
C GLY A 267 -67.31 55.03 -49.22
N GLY A 268 -66.56 56.03 -48.78
CA GLY A 268 -67.00 57.40 -48.89
C GLY A 268 -66.89 57.92 -50.31
N PRO A 269 -67.55 59.04 -50.59
CA PRO A 269 -67.51 59.62 -51.93
C PRO A 269 -66.17 60.28 -52.23
N ALA A 270 -65.72 60.10 -53.48
CA ALA A 270 -64.46 60.70 -53.93
C ALA A 270 -64.60 62.20 -54.16
N THR A 271 -63.53 62.94 -53.82
CA THR A 271 -63.51 64.39 -53.94
C THR A 271 -63.19 64.87 -55.35
N PHE A 272 -62.48 64.08 -56.13
CA PHE A 272 -62.11 64.49 -57.48
C PHE A 272 -63.20 64.12 -58.49
N PRO A 273 -63.31 64.91 -59.55
CA PRO A 273 -64.32 64.66 -60.58
C PRO A 273 -63.99 63.45 -61.44
N GLY A 274 -65.05 62.75 -61.87
CA GLY A 274 -64.89 61.61 -62.74
C GLY A 274 -64.43 60.36 -62.02
N ALA A 275 -64.48 60.37 -60.70
CA ALA A 275 -64.05 59.23 -59.91
C ALA A 275 -64.83 57.97 -60.32
N PRO A 276 -64.14 56.89 -60.69
CA PRO A 276 -64.85 55.68 -61.13
C PRO A 276 -65.65 55.01 -60.02
N GLY A 277 -65.38 55.31 -58.75
CA GLY A 277 -66.11 54.72 -57.66
C GLY A 277 -65.73 55.33 -56.34
N PRO A 278 -66.36 54.84 -55.26
CA PRO A 278 -66.08 55.36 -53.93
C PRO A 278 -64.70 54.95 -53.42
N ILE A 279 -64.31 55.63 -52.34
CA ILE A 279 -63.03 55.41 -51.68
C ILE A 279 -62.86 53.96 -51.30
N GLY A 280 -61.65 53.43 -51.52
CA GLY A 280 -61.34 52.05 -51.22
C GLY A 280 -61.65 51.06 -52.32
N THR A 281 -62.25 51.50 -53.42
CA THR A 281 -62.46 50.62 -54.55
C THR A 281 -61.18 50.51 -55.37
N VAL A 282 -60.97 49.33 -55.98
CA VAL A 282 -59.78 49.05 -56.79
C VAL A 282 -60.12 49.18 -58.27
N ILE A 283 -59.26 49.86 -59.01
CA ILE A 283 -59.41 50.10 -60.44
C ILE A 283 -58.24 49.46 -61.18
N VAL A 284 -58.51 48.94 -62.38
CA VAL A 284 -57.50 48.31 -63.22
C VAL A 284 -57.69 48.75 -64.65
N THR A 285 -56.58 48.87 -65.38
CA THR A 285 -56.61 49.24 -66.79
C THR A 285 -55.63 48.39 -67.58
N PRO A 286 -56.03 47.86 -68.75
CA PRO A 286 -55.10 47.07 -69.57
C PRO A 286 -54.08 47.94 -70.29
N GLN A 287 -53.20 47.29 -71.06
CA GLN A 287 -52.18 47.99 -71.83
C GLN A 287 -51.91 47.27 -73.14
N ILE A 288 -51.35 48.01 -74.09
CA ILE A 288 -50.97 47.45 -75.38
C ILE A 288 -49.82 46.48 -75.19
N SER A 289 -48.99 46.71 -74.18
CA SER A 289 -47.87 45.83 -73.86
C SER A 289 -47.67 45.83 -72.35
N GLY A 290 -47.19 44.69 -71.84
CA GLY A 290 -46.97 44.54 -70.43
C GLY A 290 -48.23 44.20 -69.66
N PRO A 291 -48.07 43.98 -68.36
CA PRO A 291 -49.21 43.63 -67.50
C PRO A 291 -50.14 44.81 -67.21
N GLN A 292 -51.34 44.46 -66.77
CA GLN A 292 -52.36 45.43 -66.38
C GLN A 292 -51.93 46.21 -65.15
N GLN A 293 -52.33 47.48 -65.10
CA GLN A 293 -51.99 48.39 -64.02
C GLN A 293 -53.17 48.56 -63.08
N TYR A 294 -52.94 48.22 -61.82
CA TYR A 294 -53.92 48.29 -60.74
C TYR A 294 -53.77 49.61 -59.98
N SER A 295 -54.87 50.07 -59.41
CA SER A 295 -54.88 51.31 -58.66
C SER A 295 -56.01 51.27 -57.65
N LEU A 296 -55.91 52.15 -56.65
CA LEU A 296 -56.85 52.22 -55.55
C LEU A 296 -57.37 53.64 -55.39
N VAL A 297 -58.68 53.77 -55.22
CA VAL A 297 -59.32 55.06 -55.01
C VAL A 297 -59.08 55.53 -53.58
N LEU A 298 -58.65 56.78 -53.45
CA LEU A 298 -58.39 57.42 -52.18
C LEU A 298 -59.20 58.70 -52.08
N GLY A 299 -59.35 59.22 -50.87
CA GLY A 299 -60.12 60.43 -50.67
C GLY A 299 -59.66 61.57 -51.55
N ASP A 300 -58.36 61.61 -51.87
CA ASP A 300 -57.78 62.67 -52.69
C ASP A 300 -57.38 62.20 -54.08
N GLY A 301 -57.68 60.97 -54.47
CA GLY A 301 -57.29 60.52 -55.80
C GLY A 301 -57.16 59.00 -55.87
N VAL A 302 -56.24 58.55 -56.72
CA VAL A 302 -55.96 57.13 -56.91
C VAL A 302 -54.47 56.84 -56.78
N GLN A 303 -54.15 55.76 -56.07
CA GLN A 303 -52.78 55.31 -55.82
C GLN A 303 -52.53 53.99 -56.55
N THR A 304 -51.47 53.93 -57.35
CA THR A 304 -51.11 52.71 -58.07
C THR A 304 -50.57 51.66 -57.12
N LEU A 305 -50.96 50.40 -57.33
CA LEU A 305 -50.55 49.30 -56.46
C LEU A 305 -49.87 48.15 -57.21
N PRO A 306 -48.88 47.50 -56.59
CA PRO A 306 -48.23 46.35 -57.20
C PRO A 306 -49.15 45.12 -57.24
N PRO A 307 -48.88 44.19 -58.15
CA PRO A 307 -49.74 43.00 -58.27
C PRO A 307 -49.96 42.22 -56.97
N LEU A 308 -48.89 41.95 -56.23
CA LEU A 308 -49.01 41.19 -54.98
C LEU A 308 -49.86 41.92 -53.96
N VAL A 309 -49.73 43.25 -53.89
CA VAL A 309 -50.53 44.03 -52.95
C VAL A 309 -51.99 44.00 -53.35
N ALA A 310 -52.27 44.11 -54.65
CA ALA A 310 -53.65 44.05 -55.13
C ALA A 310 -54.33 42.74 -54.74
N GLN A 311 -53.60 41.62 -54.78
CA GLN A 311 -54.21 40.36 -54.38
C GLN A 311 -54.64 40.36 -52.91
N ILE A 312 -53.91 41.05 -52.05
CA ILE A 312 -54.29 41.09 -50.64
C ILE A 312 -55.65 41.78 -50.50
N LEU A 313 -55.82 42.91 -51.19
CA LEU A 313 -57.10 43.62 -51.15
C LEU A 313 -58.19 42.80 -51.81
N GLN A 314 -57.89 42.21 -52.96
CA GLN A 314 -58.84 41.35 -53.67
C GLN A 314 -59.25 40.16 -52.82
N ASN A 315 -58.31 39.57 -52.08
CA ASN A 315 -58.64 38.41 -51.26
C ASN A 315 -59.59 38.75 -50.11
N ALA A 316 -59.64 40.00 -49.69
CA ALA A 316 -60.54 40.40 -48.61
C ALA A 316 -60.88 41.88 -48.70
N ALA A 319 -64.16 38.98 -47.61
CA ALA A 319 -65.20 39.35 -48.57
C ALA A 319 -64.87 40.67 -49.26
N GLY A 320 -65.56 40.96 -50.35
CA GLY A 320 -65.37 42.19 -51.09
C GLY A 320 -65.97 42.07 -52.47
N ASN A 321 -65.61 43.03 -53.32
CA ASN A 321 -66.07 43.00 -54.70
C ASN A 321 -65.48 41.82 -55.44
N THR A 322 -66.24 41.32 -56.41
CA THR A 322 -65.80 40.16 -57.19
C THR A 322 -64.58 40.48 -58.06
N LYS A 323 -64.58 41.65 -58.71
CA LYS A 323 -63.48 42.02 -59.61
C LYS A 323 -63.24 43.52 -59.52
N PRO A 324 -62.02 43.97 -59.80
CA PRO A 324 -61.76 45.41 -59.84
C PRO A 324 -62.45 46.10 -61.01
N LEU A 325 -62.61 47.41 -60.86
CA LEU A 325 -63.25 48.24 -61.90
C LEU A 325 -62.35 48.43 -63.10
N THR A 326 -62.76 47.91 -64.25
CA THR A 326 -62.01 48.05 -65.49
C THR A 326 -62.27 49.44 -66.07
N VAL A 327 -61.21 50.18 -66.41
CA VAL A 327 -61.36 51.53 -66.94
C VAL A 327 -60.43 51.77 -68.12
N GLU A 328 -60.79 52.79 -68.90
CA GLU A 328 -60.00 53.20 -70.06
C GLU A 328 -58.68 53.86 -69.66
N PRO A 329 -57.60 53.59 -70.41
CA PRO A 329 -56.29 54.19 -70.09
C PRO A 329 -56.26 55.72 -70.13
N SER A 330 -56.95 56.33 -71.10
CA SER A 330 -56.95 57.79 -71.24
C SER A 330 -57.60 58.49 -70.06
N THR A 331 -58.79 58.05 -69.65
CA THR A 331 -59.42 58.67 -68.48
C THR A 331 -58.57 58.48 -67.23
N LEU A 332 -57.98 57.30 -67.07
CA LEU A 332 -57.09 57.05 -65.93
C LEU A 332 -55.86 57.93 -65.98
N ALA A 333 -55.32 58.17 -67.17
CA ALA A 333 -54.16 59.04 -67.33
C ALA A 333 -54.48 60.48 -66.95
N LYS A 334 -55.70 60.93 -67.21
CA LYS A 334 -56.14 62.27 -66.86
C LYS A 334 -56.46 62.39 -65.38
N MET A 335 -56.80 61.30 -64.72
CA MET A 335 -57.16 61.30 -63.31
C MET A 335 -55.99 61.72 -62.40
N PRO A 336 -56.28 62.33 -61.25
CA PRO A 336 -55.24 62.78 -60.30
C PRO A 336 -54.57 61.64 -59.54
N VAL A 337 -53.27 61.48 -59.79
CA VAL A 337 -52.43 60.46 -59.17
C VAL A 337 -52.02 60.91 -57.77
N VAL A 338 -52.13 59.98 -56.81
CA VAL A 338 -51.81 60.20 -55.40
C VAL A 338 -50.82 59.16 -54.90
N ASN A 339 -50.00 59.59 -53.92
CA ASN A 339 -49.00 58.77 -53.22
C ASN A 339 -49.11 59.07 -51.72
N ARG A 340 -49.98 58.33 -51.05
CA ARG A 340 -50.34 58.54 -49.65
C ARG A 340 -50.14 57.30 -48.76
N LEU A 341 -50.43 56.10 -49.24
CA LEU A 341 -50.20 54.89 -48.45
C LEU A 341 -48.80 54.33 -48.73
N ASP A 342 -48.22 53.71 -47.71
CA ASP A 342 -46.89 53.12 -47.79
C ASP A 342 -46.95 51.60 -47.92
N LEU A 343 -46.27 51.08 -48.96
CA LEU A 343 -46.22 49.66 -49.30
C LEU A 343 -44.87 49.02 -49.01
N SER A 344 -44.02 49.69 -48.23
CA SER A 344 -42.67 49.22 -47.92
C SER A 344 -42.56 47.80 -47.39
N ALA A 345 -43.59 47.28 -46.73
CA ALA A 345 -43.51 45.92 -46.20
C ALA A 345 -43.79 44.80 -47.20
N TYR A 346 -44.63 45.01 -48.18
CA TYR A 346 -44.97 43.91 -49.09
C TYR A 346 -43.89 43.64 -50.13
N PRO A 347 -43.50 42.38 -50.34
CA PRO A 347 -42.49 42.03 -51.33
C PRO A 347 -43.10 41.92 -52.73
N ASP A 348 -42.23 41.63 -53.70
CA ASP A 348 -42.63 41.47 -55.10
C ASP A 348 -43.11 40.06 -55.46
N ASN A 349 -42.68 39.04 -54.74
CA ASN A 349 -43.03 37.67 -55.05
C ASN A 349 -43.17 36.89 -53.76
N PRO A 350 -43.71 35.67 -53.80
CA PRO A 350 -43.79 34.88 -52.58
C PRO A 350 -42.41 34.65 -51.97
N LEU A 351 -42.36 34.78 -50.64
CA LEU A 351 -41.10 34.70 -49.91
C LEU A 351 -40.40 33.35 -50.07
N GLU A 352 -39.07 33.42 -50.22
CA GLU A 352 -38.19 32.24 -50.26
C GLU A 352 -37.72 32.04 -48.82
N VAL A 353 -38.49 31.28 -48.05
CA VAL A 353 -38.17 31.07 -46.64
C VAL A 353 -36.96 30.16 -46.49
N VAL A 354 -35.93 30.68 -45.82
CA VAL A 354 -34.69 29.94 -45.58
C VAL A 354 -34.94 28.87 -44.52
N ASP A 355 -34.57 27.63 -44.82
CA ASP A 355 -34.76 26.54 -43.88
C ASP A 355 -33.73 26.63 -42.74
N ILE A 356 -34.23 26.91 -41.54
CA ILE A 356 -33.41 27.08 -40.35
C ILE A 356 -32.58 25.85 -39.99
N ARG A 357 -32.96 24.67 -40.44
CA ARG A 357 -32.14 23.49 -40.16
C ARG A 357 -30.82 23.55 -40.91
N GLU A 358 -30.82 24.06 -42.13
CA GLU A 358 -29.58 24.19 -42.88
C GLU A 358 -28.79 25.41 -42.46
N HIS A 359 -29.46 26.50 -42.08
CA HIS A 359 -28.79 27.72 -41.62
C HIS A 359 -29.22 28.02 -40.18
N PRO A 360 -28.59 27.38 -39.20
CA PRO A 360 -28.92 27.59 -37.79
C PRO A 360 -28.39 28.89 -37.24
N SER A 361 -27.76 29.73 -38.05
CA SER A 361 -27.20 30.99 -37.60
C SER A 361 -27.59 32.14 -38.51
N THR A 362 -27.89 33.27 -37.88
CA THR A 362 -28.22 34.53 -38.55
C THR A 362 -27.52 35.64 -37.80
N CYS A 363 -26.93 36.57 -38.55
CA CYS A 363 -26.21 37.69 -37.96
C CYS A 363 -26.71 39.02 -38.50
N TRP A 364 -26.58 40.05 -37.67
CA TRP A 364 -26.82 41.43 -38.05
C TRP A 364 -25.47 42.07 -38.26
N TRP A 365 -25.28 42.69 -39.42
CA TRP A 365 -24.00 43.29 -39.80
C TRP A 365 -24.12 44.80 -40.00
N TRP A 366 -23.26 45.54 -39.32
CA TRP A 366 -23.17 46.99 -39.39
C TRP A 366 -21.81 47.34 -40.00
N GLU A 367 -21.84 48.20 -41.03
CA GLU A 367 -20.63 48.55 -41.75
C GLU A 367 -20.58 50.04 -42.02
N ARG A 368 -19.42 50.65 -41.81
CA ARG A 368 -19.25 52.08 -42.07
C ARG A 368 -17.81 52.39 -42.46
N THR A 369 -17.66 53.34 -43.38
CA THR A 369 -16.37 53.81 -43.85
C THR A 369 -16.15 55.23 -43.34
N ALA A 370 -14.93 55.54 -42.89
CA ALA A 370 -14.63 56.88 -42.38
C ALA A 370 -15.04 57.96 -43.38
N GLY A 371 -15.78 58.94 -42.88
CA GLY A 371 -16.28 60.05 -43.67
C GLY A 371 -17.65 59.84 -44.30
N GLU A 372 -18.17 58.61 -44.29
CA GLU A 372 -19.49 58.38 -44.85
C GLU A 372 -20.58 59.00 -43.98
N ASN A 373 -21.64 59.45 -44.64
CA ASN A 373 -22.75 60.08 -43.94
C ASN A 373 -23.54 59.09 -43.07
N ARG A 374 -23.61 57.82 -43.46
CA ARG A 374 -24.35 56.84 -42.70
C ARG A 374 -23.74 55.45 -42.84
N ALA A 375 -23.98 54.62 -41.81
CA ALA A 375 -23.57 53.23 -41.81
C ALA A 375 -24.56 52.37 -42.60
N ARG A 376 -24.06 51.24 -43.09
CA ARG A 376 -24.83 50.28 -43.86
C ARG A 376 -25.22 49.08 -42.99
N VAL A 377 -26.50 48.72 -43.00
CA VAL A 377 -27.02 47.60 -42.22
C VAL A 377 -27.45 46.48 -43.15
N ARG A 378 -27.03 45.26 -42.84
CA ARG A 378 -27.33 44.09 -43.66
C ARG A 378 -27.59 42.89 -42.74
N VAL A 379 -28.13 41.82 -43.30
CA VAL A 379 -28.38 40.59 -42.55
C VAL A 379 -27.75 39.41 -43.27
N VAL A 380 -27.09 38.54 -42.51
CA VAL A 380 -26.40 37.37 -43.04
C VAL A 380 -26.93 36.11 -42.36
N SER A 381 -26.94 35.01 -43.11
CA SER A 381 -27.33 33.72 -42.56
C SER A 381 -26.43 32.64 -43.14
N GLY A 382 -26.35 31.51 -42.43
CA GLY A 382 -25.52 30.42 -42.87
C GLY A 382 -25.47 29.24 -41.92
N PRO A 383 -24.74 28.20 -42.31
CA PRO A 383 -24.64 27.01 -41.45
C PRO A 383 -23.86 27.24 -40.17
N THR A 384 -22.93 28.21 -40.16
CA THR A 384 -22.13 28.51 -38.99
C THR A 384 -21.76 29.98 -39.02
N ILE A 385 -21.37 30.47 -37.85
CA ILE A 385 -20.96 31.85 -37.63
C ILE A 385 -19.98 32.27 -38.73
N PRO A 386 -20.03 33.52 -39.17
CA PRO A 386 -19.15 33.97 -40.25
C PRO A 386 -17.70 34.14 -39.83
N VAL A 387 -17.07 33.07 -39.36
CA VAL A 387 -15.68 33.09 -38.95
C VAL A 387 -14.96 31.95 -39.67
N ALA A 388 -13.72 32.21 -40.07
CA ALA A 388 -12.94 31.22 -40.79
C ALA A 388 -12.75 29.93 -39.99
N ALA A 389 -12.77 28.81 -40.71
CA ALA A 389 -12.60 27.50 -40.10
C ALA A 389 -11.28 27.37 -39.35
N THR A 390 -10.22 28.01 -39.86
CA THR A 390 -8.93 27.95 -39.21
C THR A 390 -8.94 28.63 -37.84
N GLU A 391 -9.53 29.82 -37.75
CA GLU A 391 -9.55 30.59 -36.52
C GLU A 391 -10.75 30.28 -35.63
N MET A 392 -11.61 29.35 -36.04
CA MET A 392 -12.77 28.98 -35.24
C MET A 392 -12.38 28.59 -33.83
N ASN A 393 -11.17 28.07 -33.64
CA ASN A 393 -10.71 27.67 -32.31
C ASN A 393 -10.37 28.81 -31.36
N LYS A 394 -10.04 30.01 -31.84
CA LYS A 394 -9.61 31.08 -30.94
C LYS A 394 -10.72 32.10 -30.64
N VAL A 395 -11.95 31.64 -30.48
CA VAL A 395 -13.02 32.46 -29.91
C VAL A 395 -12.89 32.50 -28.39
N VAL A 396 -13.11 33.67 -27.81
CA VAL A 396 -13.03 33.89 -26.36
C VAL A 396 -14.39 33.57 -25.74
N SER A 397 -14.38 32.84 -24.63
CA SER A 397 -15.61 32.51 -23.90
C SER A 397 -15.68 33.30 -22.60
N LEU A 398 -16.71 34.14 -22.46
CA LEU A 398 -16.85 34.97 -21.29
C LEU A 398 -17.55 34.21 -20.14
N VAL A 399 -17.39 34.73 -18.92
CA VAL A 399 -18.04 34.12 -17.76
C VAL A 399 -19.53 34.43 -17.77
N LYS A 400 -19.88 35.69 -18.06
CA LYS A 400 -21.25 36.18 -18.10
C LYS A 400 -22.01 35.90 -16.79
N ALA A 401 -21.62 36.65 -15.76
CA ALA A 401 -22.26 36.51 -14.45
C ALA A 401 -23.69 37.05 -14.45
N ASP A 402 -23.98 38.00 -15.34
CA ASP A 402 -25.34 38.52 -15.51
C ASP A 402 -26.25 37.50 -16.19
N THR A 403 -27.32 37.13 -15.49
CA THR A 403 -28.29 36.16 -16.00
C THR A 403 -29.29 36.77 -16.98
N SER A 404 -29.36 38.10 -17.08
CA SER A 404 -30.27 38.72 -18.02
C SER A 404 -29.69 38.69 -19.42
N GLY A 405 -30.54 38.98 -20.40
CA GLY A 405 -30.16 38.98 -21.80
C GLY A 405 -29.28 40.13 -22.26
N ARG A 406 -28.92 41.04 -21.37
CA ARG A 406 -28.21 42.25 -21.75
C ARG A 406 -26.71 42.01 -21.94
N GLN A 407 -26.24 40.77 -22.04
CA GLN A 407 -24.81 40.54 -22.20
C GLN A 407 -24.56 39.32 -23.06
N ALA A 408 -23.47 39.37 -23.82
CA ALA A 408 -23.10 38.31 -24.75
C ALA A 408 -22.36 37.16 -24.07
N ASP A 409 -22.38 36.00 -24.75
CA ASP A 409 -21.69 34.79 -24.31
C ASP A 409 -20.28 34.64 -24.84
N GLN A 410 -20.01 35.09 -26.06
CA GLN A 410 -18.70 34.93 -26.69
C GLN A 410 -18.30 36.19 -27.43
N VAL A 411 -16.99 36.35 -27.62
CA VAL A 411 -16.43 37.50 -28.31
C VAL A 411 -15.34 36.99 -29.24
N TYR A 412 -15.26 37.58 -30.43
CA TYR A 412 -14.22 37.24 -31.40
C TYR A 412 -13.67 38.50 -32.04
N PHE A 413 -12.35 38.58 -32.12
CA PHE A 413 -11.67 39.73 -32.72
C PHE A 413 -11.07 39.29 -34.06
N GLY A 414 -11.75 39.64 -35.14
CA GLY A 414 -11.28 39.31 -36.46
C GLY A 414 -10.18 40.24 -36.91
N PRO A 415 -9.74 40.04 -38.15
CA PRO A 415 -8.71 40.91 -38.72
C PRO A 415 -9.15 42.35 -38.82
N ASP A 416 -8.20 43.26 -38.58
CA ASP A 416 -8.44 44.70 -38.60
C ASP A 416 -9.56 45.15 -37.66
N HIS A 417 -9.52 44.67 -36.42
CA HIS A 417 -10.48 45.08 -35.40
C HIS A 417 -10.07 46.45 -34.86
N ALA A 418 -10.88 47.05 -33.98
CA ALA A 418 -10.55 48.35 -33.43
C ALA A 418 -10.58 48.32 -31.91
N ASN A 419 -9.49 48.82 -31.29
CA ASN A 419 -9.33 48.88 -29.85
C ASN A 419 -9.89 50.15 -29.21
N PHE A 420 -9.61 51.32 -29.81
CA PHE A 420 -10.06 52.60 -29.28
C PHE A 420 -11.28 53.03 -30.10
N VAL A 421 -12.39 53.27 -29.42
CA VAL A 421 -13.66 53.53 -30.05
C VAL A 421 -14.42 54.67 -29.39
N ALA A 422 -15.20 55.37 -30.21
CA ALA A 422 -16.06 56.46 -29.77
C ALA A 422 -17.48 56.14 -30.22
N VAL A 423 -18.48 56.57 -29.44
CA VAL A 423 -19.87 56.31 -29.76
C VAL A 423 -20.66 57.60 -29.73
N THR A 424 -21.77 57.60 -30.44
CA THR A 424 -22.65 58.77 -30.54
C THR A 424 -23.00 59.32 -29.16
N SER A 433 -20.97 65.19 -26.45
CA SER A 433 -22.02 64.21 -26.18
C SER A 433 -21.48 62.79 -26.38
N GLU A 434 -20.41 62.68 -27.15
CA GLU A 434 -19.76 61.40 -27.43
C GLU A 434 -19.07 60.85 -26.18
N SER A 435 -18.91 59.52 -26.17
CA SER A 435 -18.26 58.77 -25.10
C SER A 435 -17.15 57.91 -25.68
N LEU A 436 -16.03 57.80 -24.96
CA LEU A 436 -14.86 57.06 -25.40
C LEU A 436 -14.71 55.77 -24.61
N TRP A 437 -14.36 54.69 -25.31
CA TRP A 437 -14.20 53.38 -24.71
C TRP A 437 -12.95 52.69 -25.26
N TRP A 438 -12.35 51.85 -24.41
CA TRP A 438 -11.18 51.04 -24.73
C TRP A 438 -11.56 49.57 -24.55
N VAL A 439 -11.37 48.76 -25.59
CA VAL A 439 -11.73 47.35 -25.53
C VAL A 439 -10.46 46.51 -25.51
N THR A 440 -10.33 45.65 -24.49
CA THR A 440 -9.17 44.80 -24.30
C THR A 440 -9.32 43.47 -25.06
N ASP A 441 -8.19 42.80 -25.25
CA ASP A 441 -8.19 41.50 -25.92
C ASP A 441 -9.03 40.49 -25.15
N ALA A 442 -9.15 40.66 -23.85
CA ALA A 442 -9.97 39.77 -23.02
C ALA A 442 -11.46 40.06 -23.16
N GLY A 443 -11.84 41.09 -23.90
CA GLY A 443 -13.23 41.42 -24.10
C GLY A 443 -13.88 42.31 -23.08
N ALA A 444 -13.12 43.03 -22.27
CA ALA A 444 -13.70 43.96 -21.32
C ALA A 444 -13.59 45.36 -21.91
N ARG A 445 -14.50 46.24 -21.53
CA ARG A 445 -14.51 47.62 -21.99
C ARG A 445 -14.33 48.57 -20.82
N PHE A 446 -13.52 49.61 -21.03
CA PHE A 446 -13.22 50.58 -19.99
C PHE A 446 -13.44 51.99 -20.52
N GLY A 447 -14.07 52.85 -19.72
CA GLY A 447 -14.31 54.23 -20.15
C GLY A 447 -13.09 55.10 -19.94
N VAL A 448 -12.81 55.96 -20.92
CA VAL A 448 -11.67 56.88 -20.88
C VAL A 448 -12.15 58.32 -20.86
N GLU A 449 -11.52 59.15 -20.03
CA GLU A 449 -11.87 60.56 -19.95
C GLU A 449 -11.51 61.30 -21.24
N ASP A 450 -12.32 62.32 -21.53
CA ASP A 450 -12.18 63.18 -22.70
C ASP A 450 -11.06 64.21 -22.58
N SER A 451 -10.60 64.50 -21.37
CA SER A 451 -9.61 65.54 -21.11
C SER A 451 -8.18 65.15 -21.49
N LYS A 452 -7.39 66.20 -21.72
CA LYS A 452 -5.99 66.07 -22.12
C LYS A 452 -5.19 65.23 -21.15
N GLU A 453 -5.52 65.30 -19.86
CA GLU A 453 -4.79 64.52 -18.87
C GLU A 453 -4.78 63.04 -19.23
N ALA A 454 -5.97 62.45 -19.37
CA ALA A 454 -6.06 61.05 -19.73
C ALA A 454 -5.52 60.78 -21.12
N ARG A 455 -5.84 61.62 -22.09
CA ARG A 455 -5.39 61.48 -23.48
C ARG A 455 -3.91 61.74 -23.66
N ASP A 456 -3.18 62.03 -22.60
CA ASP A 456 -1.73 62.21 -22.64
C ASP A 456 -1.04 61.14 -21.83
N ALA A 457 -1.46 60.94 -20.58
CA ALA A 457 -0.79 59.98 -19.71
C ALA A 457 -0.94 58.58 -20.27
N LEU A 458 -2.12 58.23 -20.78
CA LEU A 458 -2.33 56.90 -21.33
C LEU A 458 -1.98 56.80 -22.80
N GLY A 459 -1.57 57.89 -23.44
CA GLY A 459 -1.42 57.88 -24.88
C GLY A 459 -2.77 58.15 -25.50
N LEU A 460 -3.18 57.29 -26.42
CA LEU A 460 -4.52 57.38 -27.00
C LEU A 460 -4.82 58.78 -27.55
N THR A 461 -3.78 59.50 -27.98
CA THR A 461 -3.98 60.85 -28.50
C THR A 461 -4.58 60.86 -29.89
N LEU A 462 -4.45 59.78 -30.66
CA LEU A 462 -5.05 59.71 -31.98
C LEU A 462 -6.57 59.78 -31.91
N THR A 463 -7.20 59.91 -33.07
CA THR A 463 -8.67 59.94 -33.17
C THR A 463 -9.27 58.54 -33.15
N PRO A 464 -10.29 58.29 -32.33
CA PRO A 464 -10.90 56.96 -32.27
C PRO A 464 -11.78 56.65 -33.46
N SER A 465 -12.04 55.35 -33.63
CA SER A 465 -12.94 54.84 -34.65
C SER A 465 -14.38 54.82 -34.11
N LEU A 466 -15.34 54.87 -35.03
CA LEU A 466 -16.76 54.87 -34.67
C LEU A 466 -17.29 53.45 -34.46
N ALA A 467 -18.24 53.31 -33.53
CA ALA A 467 -18.87 52.02 -33.30
C ALA A 467 -20.31 52.22 -32.82
N PRO A 468 -21.18 51.22 -33.01
CA PRO A 468 -22.58 51.32 -32.60
C PRO A 468 -22.83 50.87 -31.17
N TRP A 469 -23.64 51.68 -30.46
CA TRP A 469 -23.96 51.38 -29.06
C TRP A 469 -24.73 50.08 -28.87
N VAL A 470 -25.58 49.68 -29.82
CA VAL A 470 -26.33 48.44 -29.68
C VAL A 470 -25.47 47.20 -29.58
N ALA A 471 -24.25 47.23 -30.11
CA ALA A 471 -23.30 46.13 -30.02
C ALA A 471 -22.31 46.27 -28.87
N LEU A 472 -21.65 47.41 -28.77
CA LEU A 472 -20.64 47.65 -27.75
C LEU A 472 -21.17 47.44 -26.34
N ARG A 473 -22.42 47.79 -26.09
CA ARG A 473 -23.02 47.61 -24.77
C ARG A 473 -23.09 46.15 -24.34
N LEU A 474 -22.97 45.20 -25.26
CA LEU A 474 -23.06 43.79 -24.92
C LEU A 474 -21.85 43.27 -24.15
N LEU A 475 -20.74 43.99 -24.14
CA LEU A 475 -19.52 43.60 -23.42
C LEU A 475 -19.52 44.06 -21.97
N PRO A 476 -18.88 43.27 -21.09
CA PRO A 476 -18.80 43.63 -19.66
C PRO A 476 -17.93 44.85 -19.41
N GLN A 477 -18.36 45.67 -18.44
CA GLN A 477 -17.77 46.98 -18.15
C GLN A 477 -16.88 47.03 -16.91
N GLY A 478 -15.75 47.72 -17.04
CA GLY A 478 -14.82 47.97 -15.96
C GLY A 478 -14.84 49.43 -15.53
N PRO A 479 -14.09 49.77 -14.48
CA PRO A 479 -14.07 51.16 -13.99
C PRO A 479 -13.43 52.13 -14.97
N THR A 480 -13.78 53.42 -14.83
CA THR A 480 -13.24 54.46 -15.69
C THR A 480 -11.80 54.78 -15.33
N LEU A 481 -10.97 55.04 -16.34
CA LEU A 481 -9.55 55.35 -16.15
C LEU A 481 -9.29 56.86 -15.94
N SER A 482 -9.84 57.45 -14.88
CA SER A 482 -9.57 58.86 -14.59
C SER A 482 -8.37 59.00 -13.66
N ARG A 483 -7.66 60.14 -13.77
CA ARG A 483 -6.52 60.40 -12.90
C ARG A 483 -6.90 60.49 -11.43
N ALA A 484 -8.14 60.89 -11.14
CA ALA A 484 -8.62 60.96 -9.77
C ALA A 484 -8.81 59.58 -9.15
N ASP A 485 -9.11 58.59 -9.97
CA ASP A 485 -9.31 57.22 -9.52
C ASP A 485 -8.03 56.47 -9.19
N ALA A 486 -6.92 56.74 -9.86
CA ALA A 486 -5.68 56.01 -9.62
C ALA A 486 -4.88 56.48 -8.40
N LEU A 487 -5.04 57.64 -7.89
CA LEU A 487 -4.40 58.22 -6.76
C LEU A 487 -4.91 57.69 -5.43
N VAL A 488 -5.02 56.42 -5.25
CA VAL A 488 -5.50 55.71 -4.12
C VAL A 488 -4.57 54.63 -3.63
N GLU A 489 -4.45 54.43 -2.35
CA GLU A 489 -3.75 53.47 -1.58
C GLU A 489 -4.60 52.32 -1.09
N HIS A 490 -4.03 51.14 -0.95
CA HIS A 490 -4.76 50.03 -0.36
C HIS A 490 -3.82 49.12 0.40
N ASP A 491 -4.36 48.47 1.43
CA ASP A 491 -3.63 47.45 2.15
C ASP A 491 -4.25 46.08 1.96
N THR A 492 -5.45 46.02 1.37
CA THR A 492 -6.15 44.76 1.10
C THR A 492 -7.24 45.07 0.09
N LEU A 493 -7.37 44.28 -0.91
CA LEU A 493 -8.41 44.54 -1.88
C LEU A 493 -9.70 43.79 -1.56
N PRO A 494 -10.86 44.30 -1.99
CA PRO A 494 -12.13 43.59 -1.75
C PRO A 494 -12.20 42.35 -2.61
N MET A 495 -12.86 41.31 -2.10
CA MET A 495 -12.99 40.04 -2.82
C MET A 495 -14.25 39.97 -3.67
N ASP A 496 -14.11 39.37 -4.86
CA ASP A 496 -15.23 39.18 -5.80
C ASP A 496 -16.20 38.13 -5.30
N MET A 497 -17.48 38.50 -5.22
CA MET A 497 -18.56 37.64 -4.74
C MET A 497 -19.15 36.67 -5.77
N THR A 498 -18.74 36.65 -7.04
CA THR A 498 -19.31 35.71 -8.01
C THR A 498 -18.27 35.27 -9.05
N PRO A 499 -17.32 34.45 -8.63
CA PRO A 499 -16.31 33.93 -9.55
C PRO A 499 -16.86 32.70 -10.30
N ALA A 500 -16.05 32.17 -11.20
CA ALA A 500 -16.38 30.95 -11.94
C ALA A 500 -15.16 30.05 -11.98
N GLU A 501 -15.41 28.74 -12.11
CA GLU A 501 -14.34 27.75 -12.08
C GLU A 501 -13.46 27.72 -13.31
N LEU A 502 -12.16 27.52 -13.07
CA LEU A 502 -11.15 27.33 -14.09
C LEU A 502 -10.89 25.83 -14.16
N VAL A 503 -11.06 25.22 -15.32
CA VAL A 503 -10.90 23.78 -15.47
C VAL A 503 -9.67 23.48 -16.31
N VAL A 504 -8.78 22.64 -15.77
CA VAL A 504 -7.55 22.27 -16.46
C VAL A 504 -7.83 21.21 -17.51
N SER B 74 26.33 1.31 -47.98
CA SER B 74 25.79 -0.04 -48.03
C SER B 74 26.20 -0.83 -46.80
N PHE B 75 27.33 -0.45 -46.20
CA PHE B 75 27.80 -1.11 -44.99
C PHE B 75 27.22 -0.44 -43.76
N ILE B 76 26.95 0.86 -43.84
CA ILE B 76 26.42 1.61 -42.71
C ILE B 76 24.97 1.21 -42.45
N SER B 77 24.14 1.17 -43.50
CA SER B 77 22.74 0.79 -43.38
C SER B 77 22.37 -0.23 -44.44
N PRO B 78 22.64 -1.50 -44.18
CA PRO B 78 22.31 -2.57 -45.11
C PRO B 78 20.86 -2.48 -45.54
N SER B 79 20.59 -2.89 -46.77
CA SER B 79 19.24 -2.84 -47.31
C SER B 79 19.19 -3.77 -48.51
N GLY B 80 18.03 -3.80 -49.17
CA GLY B 80 17.89 -4.64 -50.33
C GLY B 80 16.74 -4.18 -51.20
N GLN B 81 16.77 -4.64 -52.45
CA GLN B 81 15.79 -4.27 -53.46
C GLN B 81 15.16 -5.52 -54.04
N LEU B 82 13.92 -5.39 -54.49
CA LEU B 82 13.24 -6.52 -55.11
C LEU B 82 14.05 -7.05 -56.28
N ASN B 83 13.97 -8.36 -56.49
CA ASN B 83 14.78 -9.01 -57.50
C ASN B 83 13.99 -10.14 -58.15
N GLU B 84 14.61 -10.78 -59.13
CA GLU B 84 14.02 -11.91 -59.84
C GLU B 84 13.76 -13.09 -58.93
N SER B 85 14.61 -13.30 -57.93
CA SER B 85 14.43 -14.42 -57.03
C SER B 85 13.07 -14.35 -56.34
N PRO B 86 12.35 -15.47 -56.25
CA PRO B 86 11.00 -15.46 -55.69
C PRO B 86 10.86 -15.59 -54.18
N ILE B 87 11.92 -15.88 -53.43
CA ILE B 87 11.83 -16.00 -51.99
C ILE B 87 12.49 -14.77 -51.37
N ILE B 88 11.69 -13.98 -50.65
CA ILE B 88 12.16 -12.73 -50.06
C ILE B 88 11.67 -12.62 -48.61
N ALA B 89 12.40 -11.83 -47.83
CA ALA B 89 12.07 -11.61 -46.42
C ALA B 89 12.25 -10.15 -46.04
N ASP B 90 11.37 -9.66 -45.18
CA ASP B 90 11.42 -8.28 -44.71
C ASP B 90 12.63 -8.09 -43.80
N ARG B 91 13.49 -7.13 -44.16
CA ARG B 91 14.68 -6.85 -43.36
C ARG B 91 14.38 -6.38 -41.94
N ASP B 92 13.27 -5.71 -41.71
CA ASP B 92 12.98 -5.25 -40.36
C ASP B 92 12.41 -6.33 -39.44
N SER B 93 11.73 -7.33 -39.98
CA SER B 93 11.06 -8.32 -39.14
C SER B 93 11.31 -9.76 -39.53
N GLY B 94 11.98 -10.05 -40.63
CA GLY B 94 12.22 -11.43 -40.98
C GLY B 94 10.99 -12.22 -41.39
N ALA B 95 9.88 -11.56 -41.65
CA ALA B 95 8.72 -12.26 -42.18
C ALA B 95 9.05 -12.82 -43.56
N LEU B 96 8.55 -14.03 -43.84
CA LEU B 96 8.77 -14.69 -45.12
C LEU B 96 7.61 -14.44 -46.08
N TYR B 97 7.95 -14.10 -47.32
CA TYR B 97 6.99 -13.91 -48.39
C TYR B 97 7.46 -14.69 -49.61
N VAL B 98 6.50 -15.20 -50.38
CA VAL B 98 6.77 -15.93 -51.61
C VAL B 98 6.03 -15.25 -52.75
N ARG B 99 6.69 -15.15 -53.89
CA ARG B 99 6.15 -14.48 -55.06
C ARG B 99 5.63 -15.48 -56.09
N VAL B 100 4.41 -15.43 -56.48
CA VAL B 100 3.74 -16.18 -57.46
C VAL B 100 3.03 -15.28 -58.43
N GLY B 101 3.23 -15.36 -59.69
CA GLY B 101 2.73 -14.47 -60.59
C GLY B 101 3.27 -13.12 -60.34
N ASP B 102 2.40 -12.17 -60.03
CA ASP B 102 2.79 -10.81 -59.66
C ASP B 102 2.27 -10.46 -58.26
N ARG B 103 2.01 -11.39 -57.40
CA ARG B 103 1.43 -11.31 -56.12
C ARG B 103 2.25 -11.92 -55.02
N LEU B 104 2.35 -11.30 -53.85
CA LEU B 104 3.13 -11.84 -52.74
C LEU B 104 2.23 -12.54 -51.74
N TYR B 105 2.51 -13.74 -51.37
CA TYR B 105 1.86 -14.59 -50.45
C TYR B 105 2.65 -14.82 -49.20
N PRO B 106 2.17 -14.55 -47.99
CA PRO B 106 2.96 -14.89 -46.81
C PRO B 106 3.05 -16.40 -46.64
N ALA B 107 4.27 -16.91 -46.53
CA ALA B 107 4.53 -18.34 -46.38
C ALA B 107 4.78 -18.70 -44.92
N LEU B 108 4.31 -19.89 -44.52
CA LEU B 108 4.50 -20.31 -43.13
C LEU B 108 5.95 -20.68 -42.82
N ASN B 109 6.72 -21.18 -43.79
CA ASN B 109 8.09 -21.60 -43.48
C ASN B 109 8.89 -21.76 -44.75
N LEU B 110 10.22 -21.85 -44.57
CA LEU B 110 11.14 -21.97 -45.69
C LEU B 110 10.95 -23.25 -46.50
N ALA B 111 10.65 -24.37 -45.84
CA ALA B 111 10.46 -25.61 -46.57
C ALA B 111 9.33 -25.50 -47.58
N SER B 112 8.18 -24.99 -47.16
CA SER B 112 7.07 -24.81 -48.08
C SER B 112 7.35 -23.72 -49.12
N ALA B 113 8.12 -22.70 -48.78
CA ALA B 113 8.45 -21.68 -49.77
C ALA B 113 9.30 -22.24 -50.90
N ARG B 114 10.29 -23.06 -50.58
CA ARG B 114 11.11 -23.69 -51.61
C ARG B 114 10.29 -24.64 -52.47
N LEU B 115 9.48 -25.46 -51.82
CA LEU B 115 8.67 -26.46 -52.50
C LEU B 115 7.59 -25.86 -53.40
N ILE B 116 7.06 -24.68 -53.07
CA ILE B 116 6.10 -24.03 -53.97
C ILE B 116 6.80 -23.42 -55.17
N THR B 117 7.89 -22.69 -54.95
CA THR B 117 8.56 -22.07 -56.09
C THR B 117 9.38 -23.07 -56.89
N GLY B 118 9.90 -24.11 -56.27
CA GLY B 118 10.70 -25.10 -56.97
C GLY B 118 12.18 -24.83 -57.02
N ARG B 119 12.66 -23.76 -56.39
CA ARG B 119 14.07 -23.43 -56.41
C ARG B 119 14.72 -23.69 -55.05
N PRO B 120 15.80 -24.44 -54.98
CA PRO B 120 16.49 -24.62 -53.70
C PRO B 120 17.31 -23.38 -53.39
N ASP B 121 16.72 -22.43 -52.66
CA ASP B 121 17.36 -21.15 -52.35
C ASP B 121 17.02 -20.70 -50.94
N ASN B 122 17.80 -19.67 -50.45
CA ASN B 122 17.60 -18.98 -49.19
C ASN B 122 16.97 -17.60 -49.41
N PRO B 123 16.21 -17.13 -48.44
CA PRO B 123 15.52 -15.84 -48.60
C PRO B 123 16.44 -14.65 -48.76
N HIS B 124 16.06 -13.79 -49.71
CA HIS B 124 16.74 -12.54 -50.03
C HIS B 124 16.08 -11.41 -49.24
N LEU B 125 16.87 -10.66 -48.46
CA LEU B 125 16.33 -9.57 -47.65
C LEU B 125 15.95 -8.36 -48.51
N VAL B 126 14.76 -7.82 -48.27
CA VAL B 126 14.22 -6.68 -49.00
C VAL B 126 13.81 -5.55 -48.07
N ARG B 127 13.97 -4.32 -48.55
CA ARG B 127 13.57 -3.14 -47.80
C ARG B 127 12.08 -3.17 -47.50
N SER B 128 11.72 -2.93 -46.25
CA SER B 128 10.33 -3.00 -45.81
C SER B 128 9.40 -2.01 -46.52
N SER B 129 9.88 -0.83 -46.87
CA SER B 129 9.04 0.15 -47.57
C SER B 129 8.66 -0.28 -48.98
N GLN B 130 9.36 -1.24 -49.57
CA GLN B 130 9.02 -1.72 -50.90
C GLN B 130 7.95 -2.80 -50.87
N ILE B 131 8.04 -3.73 -49.91
CA ILE B 131 7.05 -4.80 -49.78
C ILE B 131 5.65 -4.23 -49.56
N ALA B 132 5.55 -3.12 -48.85
CA ALA B 132 4.25 -2.48 -48.62
C ALA B 132 3.53 -2.04 -49.90
N THR B 133 4.23 -1.94 -51.03
CA THR B 133 3.59 -1.51 -52.27
C THR B 133 3.00 -2.65 -53.08
N MET B 134 3.48 -3.87 -52.95
CA MET B 134 3.00 -4.98 -53.75
C MET B 134 1.71 -5.61 -53.19
N PRO B 135 0.88 -6.16 -54.07
CA PRO B 135 -0.37 -6.82 -53.65
C PRO B 135 -0.11 -8.08 -52.83
N ARG B 136 -1.09 -8.44 -52.00
CA ARG B 136 -0.99 -9.60 -51.11
C ARG B 136 -2.07 -10.65 -51.38
N GLY B 137 -1.99 -11.73 -50.60
CA GLY B 137 -2.90 -12.85 -50.64
C GLY B 137 -2.87 -13.59 -49.31
N PRO B 138 -3.79 -14.54 -49.12
CA PRO B 138 -3.81 -15.37 -47.94
C PRO B 138 -2.56 -16.17 -47.68
N LEU B 139 -2.46 -16.77 -46.49
CA LEU B 139 -1.31 -17.61 -46.14
C LEU B 139 -1.27 -18.91 -46.93
N VAL B 140 -0.11 -19.39 -47.25
CA VAL B 140 0.26 -20.55 -47.97
C VAL B 140 1.32 -21.41 -47.34
N GLY B 141 1.27 -22.72 -47.61
CA GLY B 141 2.25 -23.68 -47.15
C GLY B 141 1.70 -24.78 -46.25
N ILE B 142 2.65 -25.53 -45.69
CA ILE B 142 2.39 -26.64 -44.78
C ILE B 142 2.69 -26.18 -43.35
N PRO B 143 1.76 -26.28 -42.43
CA PRO B 143 2.03 -25.83 -41.06
C PRO B 143 3.03 -26.73 -40.34
N GLY B 144 3.94 -26.11 -39.58
CA GLY B 144 4.93 -26.86 -38.81
C GLY B 144 6.08 -27.49 -39.55
N ALA B 145 6.18 -27.33 -40.86
CA ALA B 145 7.28 -27.91 -41.61
C ALA B 145 8.63 -27.30 -41.20
N PRO B 146 9.73 -28.00 -41.49
CA PRO B 146 11.08 -27.51 -41.14
C PRO B 146 11.35 -26.18 -41.82
N SER B 147 12.28 -25.41 -41.24
CA SER B 147 12.63 -24.10 -41.77
C SER B 147 14.13 -23.88 -41.92
N SER B 148 14.90 -24.95 -42.07
CA SER B 148 16.33 -24.84 -42.28
C SER B 148 16.83 -26.16 -42.85
N PHE B 149 17.81 -26.08 -43.75
CA PHE B 149 18.38 -27.30 -44.35
C PHE B 149 19.89 -27.27 -44.37
N SER B 150 20.48 -28.38 -43.91
CA SER B 150 21.92 -28.58 -43.94
C SER B 150 22.15 -30.07 -44.12
N PRO B 151 21.98 -30.57 -45.34
CA PRO B 151 22.13 -32.01 -45.57
C PRO B 151 23.53 -32.50 -45.23
N LYS B 152 23.58 -33.58 -44.45
CA LYS B 152 24.82 -34.22 -44.02
C LYS B 152 24.64 -35.73 -44.08
N SER B 153 25.63 -36.42 -44.65
CA SER B 153 25.59 -37.87 -44.78
C SER B 153 27.02 -38.35 -44.51
N PRO B 154 27.30 -38.70 -43.26
CA PRO B 154 28.65 -39.08 -42.87
C PRO B 154 29.04 -40.45 -43.39
N PRO B 155 30.32 -40.80 -43.27
CA PRO B 155 30.83 -42.09 -43.75
C PRO B 155 30.26 -43.30 -43.03
N ALA B 156 29.92 -43.18 -41.75
CA ALA B 156 29.39 -44.30 -40.97
C ALA B 156 28.16 -43.87 -40.18
N SER B 157 27.24 -44.82 -40.04
CA SER B 157 25.98 -44.67 -39.34
C SER B 157 25.98 -45.47 -38.04
N SER B 158 25.55 -44.83 -36.96
CA SER B 158 25.50 -45.41 -35.63
C SER B 158 24.22 -44.96 -34.95
N TRP B 159 23.49 -45.91 -34.38
CA TRP B 159 22.24 -45.62 -33.69
C TRP B 159 22.20 -46.44 -32.42
N LEU B 160 21.63 -45.87 -31.36
CA LEU B 160 21.45 -46.57 -30.09
C LEU B 160 20.10 -46.27 -29.47
N VAL B 161 19.58 -47.28 -28.77
CA VAL B 161 18.35 -47.22 -28.00
C VAL B 161 18.74 -47.61 -26.58
N CYS B 162 18.55 -46.70 -25.63
CA CYS B 162 18.99 -46.94 -24.27
C CYS B 162 17.88 -46.80 -23.25
N ASP B 163 17.92 -47.68 -22.25
CA ASP B 163 17.02 -47.68 -21.12
C ASP B 163 17.76 -47.19 -19.88
N THR B 164 17.04 -46.50 -19.01
CA THR B 164 17.55 -46.08 -17.71
C THR B 164 16.45 -46.40 -16.71
N VAL B 165 16.81 -47.10 -15.64
CA VAL B 165 15.83 -47.48 -14.63
C VAL B 165 15.98 -46.60 -13.39
N ALA B 166 14.85 -46.12 -12.89
CA ALA B 166 14.82 -45.25 -11.72
C ALA B 166 15.20 -46.01 -10.45
N THR B 167 15.79 -45.30 -9.50
CA THR B 167 16.17 -45.89 -8.23
C THR B 167 14.93 -46.17 -7.40
N GLN B 175 10.80 -46.65 -9.32
CA GLN B 175 10.11 -47.44 -10.33
C GLN B 175 9.96 -46.64 -11.62
N GLY B 176 9.79 -47.34 -12.72
CA GLY B 176 9.63 -46.74 -14.03
C GLY B 176 10.93 -46.72 -14.83
N VAL B 177 10.77 -46.68 -16.15
CA VAL B 177 11.88 -46.69 -17.10
C VAL B 177 11.74 -45.53 -18.08
N THR B 178 12.88 -45.00 -18.53
CA THR B 178 12.90 -43.92 -19.51
C THR B 178 13.72 -44.38 -20.71
N VAL B 179 13.32 -43.93 -21.90
CA VAL B 179 13.96 -44.32 -23.15
C VAL B 179 14.67 -43.14 -23.80
N THR B 180 15.93 -43.33 -24.14
CA THR B 180 16.76 -42.33 -24.81
C THR B 180 17.28 -42.88 -26.13
N VAL B 181 17.18 -42.09 -27.18
CA VAL B 181 17.67 -42.46 -28.51
C VAL B 181 18.89 -41.59 -28.82
N ILE B 182 19.95 -42.22 -29.31
CA ILE B 182 21.20 -41.54 -29.63
C ILE B 182 21.52 -41.75 -31.11
N ASP B 183 21.89 -40.66 -31.78
CA ASP B 183 22.31 -40.67 -33.17
C ASP B 183 23.75 -40.19 -33.20
N GLY B 184 24.64 -41.04 -33.69
CA GLY B 184 26.06 -40.76 -33.72
C GLY B 184 26.87 -41.78 -32.94
N THR B 185 28.17 -41.58 -32.96
CA THR B 185 29.10 -42.49 -32.27
C THR B 185 29.04 -42.40 -30.75
N PRO B 186 28.78 -43.50 -30.06
CA PRO B 186 28.73 -43.48 -28.59
C PRO B 186 30.12 -43.33 -27.99
N ASP B 187 30.13 -42.95 -26.71
CA ASP B 187 31.37 -42.82 -25.92
C ASP B 187 31.44 -43.96 -24.91
N LEU B 188 32.49 -44.77 -25.02
CA LEU B 188 32.73 -45.93 -24.16
C LEU B 188 33.65 -45.63 -22.98
N THR B 189 33.98 -44.37 -22.74
CA THR B 189 34.83 -44.00 -21.60
C THR B 189 34.15 -44.30 -20.27
N GLY B 190 34.98 -44.51 -19.25
CA GLY B 190 34.51 -44.80 -17.91
C GLY B 190 34.26 -46.28 -17.67
N HIS B 191 33.40 -46.57 -16.69
CA HIS B 191 33.07 -47.96 -16.39
C HIS B 191 32.20 -48.61 -17.43
N ARG B 192 31.85 -47.89 -18.50
CA ARG B 192 31.03 -48.48 -19.54
C ARG B 192 31.79 -49.67 -20.14
N GLN B 193 31.05 -50.69 -20.55
CA GLN B 193 31.66 -51.87 -21.12
C GLN B 193 30.71 -52.57 -22.06
N ILE B 194 31.27 -53.34 -22.97
CA ILE B 194 30.48 -54.16 -23.87
C ILE B 194 30.11 -55.45 -23.15
N LEU B 195 28.89 -55.92 -23.41
CA LEU B 195 28.35 -57.11 -22.76
C LEU B 195 28.69 -58.37 -23.56
N SER B 196 29.98 -58.56 -23.79
CA SER B 196 30.51 -59.69 -24.53
C SER B 196 30.94 -60.84 -23.60
N GLY B 197 31.36 -61.94 -24.22
CA GLY B 197 31.85 -63.11 -23.51
C GLY B 197 30.85 -63.75 -22.56
N SER B 198 31.28 -63.98 -21.33
CA SER B 198 30.48 -64.59 -20.27
C SER B 198 29.61 -63.60 -19.51
N ASP B 199 29.67 -62.32 -19.83
CA ASP B 199 28.86 -61.34 -19.13
C ASP B 199 27.41 -61.41 -19.62
N ALA B 200 26.47 -61.12 -18.71
CA ALA B 200 25.06 -61.15 -19.07
C ALA B 200 24.29 -60.31 -18.06
N VAL B 201 23.04 -60.02 -18.42
CA VAL B 201 22.12 -59.27 -17.57
C VAL B 201 20.72 -59.86 -17.72
N VAL B 202 19.97 -59.84 -16.62
CA VAL B 202 18.60 -60.38 -16.57
C VAL B 202 17.61 -59.24 -16.37
N LEU B 203 16.52 -59.26 -17.14
CA LEU B 203 15.47 -58.26 -17.06
C LEU B 203 14.10 -58.92 -17.17
N ARG B 204 13.08 -58.20 -16.72
CA ARG B 204 11.69 -58.64 -16.72
C ARG B 204 10.85 -57.93 -17.77
N TYR B 205 10.00 -58.69 -18.46
CA TYR B 205 9.03 -58.10 -19.39
C TYR B 205 7.93 -59.10 -19.67
N GLY B 206 6.71 -58.59 -19.77
CA GLY B 206 5.57 -59.43 -20.06
C GLY B 206 5.38 -60.55 -19.07
N GLY B 207 5.85 -60.38 -17.83
CA GLY B 207 5.73 -61.39 -16.83
C GLY B 207 6.79 -62.49 -16.86
N ASP B 208 7.70 -62.47 -17.84
CA ASP B 208 8.74 -63.47 -17.98
C ASP B 208 10.12 -62.85 -17.83
N ALA B 209 11.08 -63.70 -17.47
CA ALA B 209 12.46 -63.30 -17.28
C ALA B 209 13.24 -63.55 -18.57
N TRP B 210 14.07 -62.60 -18.95
CA TRP B 210 14.86 -62.69 -20.17
C TRP B 210 16.33 -62.47 -19.87
N VAL B 211 17.19 -63.27 -20.50
CA VAL B 211 18.64 -63.17 -20.37
C VAL B 211 19.17 -62.53 -21.64
N ILE B 212 19.95 -61.47 -21.48
CA ILE B 212 20.49 -60.72 -22.62
C ILE B 212 22.01 -60.81 -22.64
N ARG B 213 22.55 -61.29 -23.76
CA ARG B 213 24.00 -61.31 -23.92
C ARG B 213 24.35 -61.57 -25.38
N GLU B 214 25.58 -61.24 -25.73
CA GLU B 214 26.14 -61.51 -27.04
C GLU B 214 25.19 -61.14 -28.18
N GLY B 215 24.45 -60.05 -28.01
CA GLY B 215 23.56 -59.58 -29.04
C GLY B 215 22.21 -60.27 -29.16
N ARG B 216 21.82 -61.11 -28.21
CA ARG B 216 20.53 -61.78 -28.29
C ARG B 216 19.91 -61.87 -26.91
N ARG B 217 18.62 -62.19 -26.89
CA ARG B 217 17.87 -62.40 -25.66
C ARG B 217 17.21 -63.77 -25.67
N SER B 218 17.21 -64.45 -24.53
CA SER B 218 16.58 -65.75 -24.41
C SER B 218 15.78 -65.86 -23.12
N ARG B 219 14.62 -66.50 -23.23
CA ARG B 219 13.71 -66.68 -22.11
C ARG B 219 14.21 -67.75 -21.13
N ILE B 220 14.01 -67.49 -19.83
CA ILE B 220 14.41 -68.38 -18.76
C ILE B 220 13.26 -68.52 -17.76
N GLU B 221 13.18 -69.72 -17.12
CA GLU B 221 12.12 -70.03 -16.16
C GLU B 221 12.67 -70.20 -14.74
N PRO B 222 11.96 -69.68 -13.73
CA PRO B 222 12.47 -69.74 -12.36
C PRO B 222 12.43 -71.12 -11.70
N THR B 223 11.60 -72.03 -12.20
CA THR B 223 11.49 -73.38 -11.64
C THR B 223 12.56 -74.35 -12.14
N ASN B 224 13.16 -74.09 -13.30
CA ASN B 224 14.13 -75.01 -13.91
C ASN B 224 15.52 -74.94 -13.27
N ARG B 225 15.60 -75.50 -12.05
CA ARG B 225 16.86 -75.55 -11.30
C ARG B 225 17.93 -76.32 -12.08
N ALA B 226 17.52 -77.33 -12.84
CA ALA B 226 18.47 -78.09 -13.64
C ALA B 226 19.22 -77.21 -14.61
N VAL B 227 18.60 -76.13 -15.08
CA VAL B 227 19.25 -75.18 -15.97
C VAL B 227 19.92 -74.06 -15.19
N LEU B 228 19.25 -73.55 -14.15
CA LEU B 228 19.78 -72.45 -13.37
C LEU B 228 21.07 -72.83 -12.64
N LEU B 229 21.09 -74.01 -12.03
CA LEU B 229 22.24 -74.44 -11.24
C LEU B 229 23.54 -74.56 -12.03
N PRO B 230 23.59 -75.23 -13.18
CA PRO B 230 24.86 -75.28 -13.92
C PRO B 230 25.23 -73.94 -14.52
N LEU B 231 24.25 -73.10 -14.82
CA LEU B 231 24.49 -71.79 -15.40
C LEU B 231 24.98 -70.79 -14.37
N GLY B 232 24.69 -71.02 -13.08
CA GLY B 232 25.13 -70.14 -12.01
C GLY B 232 24.14 -69.10 -11.54
N LEU B 233 22.87 -69.22 -11.88
CA LEU B 233 21.84 -68.27 -11.49
C LEU B 233 21.14 -68.74 -10.21
N THR B 234 20.29 -67.85 -9.67
CA THR B 234 19.54 -68.12 -8.46
C THR B 234 18.07 -67.76 -8.67
N PRO B 235 17.15 -68.54 -8.12
CA PRO B 235 15.73 -68.24 -8.33
C PRO B 235 15.32 -66.86 -7.87
N GLU B 236 15.85 -66.41 -6.74
CA GLU B 236 15.54 -65.07 -6.26
C GLU B 236 16.06 -64.02 -7.24
N GLN B 237 17.31 -64.18 -7.65
CA GLN B 237 17.97 -63.29 -8.60
C GLN B 237 17.27 -63.25 -9.96
N VAL B 238 16.58 -64.32 -10.34
CA VAL B 238 15.81 -64.33 -11.59
C VAL B 238 14.45 -63.67 -11.43
N SER B 239 13.77 -63.91 -10.32
CA SER B 239 12.44 -63.36 -10.07
C SER B 239 12.43 -61.89 -9.66
N GLN B 240 13.47 -61.40 -9.00
CA GLN B 240 13.54 -60.01 -8.58
C GLN B 240 14.19 -59.07 -9.60
N ALA B 241 14.42 -59.49 -10.84
CA ALA B 241 15.04 -58.62 -11.83
C ALA B 241 14.14 -57.43 -12.16
N ARG B 242 14.78 -56.30 -12.49
CA ARG B 242 14.08 -55.06 -12.80
C ARG B 242 13.35 -55.10 -14.15
N PRO B 243 12.38 -54.21 -14.35
CA PRO B 243 11.62 -54.16 -15.60
C PRO B 243 12.43 -53.69 -16.80
N MET B 244 11.82 -53.88 -17.99
CA MET B 244 12.39 -53.54 -19.29
C MET B 244 11.39 -52.76 -20.13
N SER B 245 11.85 -51.72 -20.84
CA SER B 245 10.96 -50.95 -21.70
C SER B 245 10.56 -51.70 -22.96
N ARG B 246 9.33 -51.44 -23.43
CA ARG B 246 8.87 -52.02 -24.69
C ARG B 246 9.75 -51.64 -25.87
N ALA B 247 10.31 -50.43 -25.86
CA ALA B 247 11.18 -49.94 -26.93
C ALA B 247 12.43 -50.79 -27.09
N LEU B 248 12.97 -51.31 -26.00
CA LEU B 248 14.15 -52.17 -26.07
C LEU B 248 13.78 -53.61 -26.37
N PHE B 249 12.66 -54.07 -25.83
CA PHE B 249 12.22 -55.44 -26.08
C PHE B 249 12.05 -55.75 -27.56
N ASP B 250 11.48 -54.81 -28.33
CA ASP B 250 11.31 -55.05 -29.77
C ASP B 250 12.61 -54.98 -30.55
N ALA B 251 13.62 -54.26 -30.07
CA ALA B 251 14.87 -54.15 -30.81
C ALA B 251 15.75 -55.41 -30.72
N LEU B 252 15.77 -56.08 -29.58
CA LEU B 252 16.60 -57.27 -29.41
C LEU B 252 15.99 -58.52 -30.05
N PRO B 253 16.70 -59.18 -30.97
CA PRO B 253 16.18 -60.41 -31.58
C PRO B 253 16.20 -61.56 -30.59
N VAL B 254 15.20 -62.43 -30.71
CA VAL B 254 15.04 -63.59 -29.82
C VAL B 254 15.88 -64.77 -30.27
N GLY B 255 16.38 -65.49 -29.27
CA GLY B 255 17.13 -66.72 -29.44
C GLY B 255 16.33 -67.88 -28.88
N PRO B 256 16.85 -69.10 -29.00
CA PRO B 256 16.14 -70.25 -28.44
C PRO B 256 16.11 -70.22 -26.92
N GLU B 257 15.00 -70.69 -26.35
CA GLU B 257 14.83 -70.69 -24.90
C GLU B 257 15.88 -71.54 -24.20
N LEU B 258 16.27 -71.11 -23.02
CA LEU B 258 17.22 -71.84 -22.17
C LEU B 258 16.46 -73.00 -21.54
N LEU B 259 16.47 -74.14 -22.20
CA LEU B 259 15.78 -75.33 -21.72
C LEU B 259 16.70 -76.52 -21.89
N VAL B 260 16.37 -77.61 -21.22
CA VAL B 260 17.16 -78.82 -21.38
C VAL B 260 17.04 -79.26 -22.83
N PRO B 261 18.16 -79.42 -23.55
CA PRO B 261 18.06 -79.80 -24.96
C PRO B 261 17.30 -81.11 -25.14
N GLU B 262 16.18 -81.03 -25.86
CA GLU B 262 15.34 -82.18 -26.10
C GLU B 262 15.89 -83.00 -27.25
N VAL B 263 15.94 -84.32 -27.08
CA VAL B 263 16.46 -85.21 -28.11
C VAL B 263 15.30 -86.05 -28.65
N PRO B 264 15.06 -86.03 -29.96
CA PRO B 264 13.97 -86.82 -30.54
C PRO B 264 14.24 -88.32 -30.52
N ASN B 265 13.16 -89.09 -30.38
CA ASN B 265 13.24 -90.56 -30.35
C ASN B 265 14.22 -91.08 -29.30
N ALA B 266 14.32 -90.39 -28.16
CA ALA B 266 15.24 -90.81 -27.11
C ALA B 266 14.90 -92.22 -26.66
N GLY B 267 15.94 -93.01 -26.38
CA GLY B 267 15.79 -94.42 -26.07
C GLY B 267 15.60 -95.34 -27.26
N GLY B 268 15.44 -94.81 -28.47
CA GLY B 268 15.26 -95.63 -29.64
C GLY B 268 16.57 -96.23 -30.11
N PRO B 269 16.46 -97.22 -31.01
CA PRO B 269 17.66 -97.87 -31.52
C PRO B 269 18.34 -97.00 -32.56
N ALA B 270 19.68 -97.06 -32.57
CA ALA B 270 20.45 -96.28 -33.52
C ALA B 270 20.42 -96.88 -34.92
N THR B 271 20.49 -95.99 -35.91
CA THR B 271 20.50 -96.33 -37.32
C THR B 271 21.83 -96.91 -37.78
N PHE B 272 22.91 -96.69 -37.03
CA PHE B 272 24.23 -97.13 -37.41
C PHE B 272 24.76 -98.23 -36.49
N PRO B 273 25.57 -99.13 -37.03
CA PRO B 273 26.12 -100.23 -36.23
C PRO B 273 27.23 -99.79 -35.30
N GLY B 274 27.37 -100.55 -34.21
CA GLY B 274 28.40 -100.27 -33.23
C GLY B 274 28.04 -99.21 -32.22
N ALA B 275 26.81 -98.70 -32.26
CA ALA B 275 26.39 -97.68 -31.32
C ALA B 275 26.49 -98.20 -29.89
N PRO B 276 27.20 -97.52 -29.00
CA PRO B 276 27.34 -98.00 -27.62
C PRO B 276 26.03 -98.04 -26.84
N GLY B 277 24.98 -97.37 -27.31
CA GLY B 277 23.72 -97.37 -26.60
C GLY B 277 22.60 -96.70 -27.39
N PRO B 278 21.42 -96.67 -26.80
CA PRO B 278 20.27 -96.04 -27.45
C PRO B 278 20.38 -94.53 -27.49
N ILE B 279 19.50 -93.96 -28.32
CA ILE B 279 19.40 -92.52 -28.54
C ILE B 279 19.21 -91.77 -27.22
N GLY B 280 19.91 -90.64 -27.09
CA GLY B 280 19.87 -89.81 -25.91
C GLY B 280 20.83 -90.20 -24.80
N THR B 281 21.53 -91.32 -24.93
CA THR B 281 22.55 -91.68 -23.95
C THR B 281 23.79 -90.80 -24.19
N VAL B 282 24.55 -90.57 -23.13
CA VAL B 282 25.75 -89.73 -23.19
C VAL B 282 26.99 -90.61 -23.13
N ILE B 283 27.96 -90.33 -24.01
CA ILE B 283 29.21 -91.07 -24.12
C ILE B 283 30.37 -90.11 -23.90
N VAL B 284 31.42 -90.57 -23.20
CA VAL B 284 32.60 -89.76 -22.93
C VAL B 284 33.86 -90.58 -23.19
N THR B 285 34.90 -89.91 -23.69
CA THR B 285 36.20 -90.52 -23.95
C THR B 285 37.36 -89.64 -23.48
N PRO B 286 38.35 -90.20 -22.75
CA PRO B 286 39.50 -89.40 -22.32
C PRO B 286 40.44 -89.06 -23.47
N GLN B 287 41.46 -88.25 -23.19
CA GLN B 287 42.46 -87.87 -24.18
C GLN B 287 43.84 -87.80 -23.52
N ILE B 288 44.87 -87.91 -24.37
CA ILE B 288 46.26 -87.84 -23.91
C ILE B 288 46.55 -86.47 -23.35
N SER B 289 45.91 -85.44 -23.89
CA SER B 289 46.06 -84.06 -23.44
C SER B 289 44.73 -83.36 -23.63
N GLY B 290 44.47 -82.37 -22.78
CA GLY B 290 43.23 -81.64 -22.83
C GLY B 290 42.08 -82.36 -22.15
N PRO B 291 40.92 -81.71 -22.15
CA PRO B 291 39.73 -82.27 -21.50
C PRO B 291 39.08 -83.44 -22.23
N GLN B 292 38.26 -84.16 -21.46
CA GLN B 292 37.49 -85.30 -21.94
C GLN B 292 36.40 -84.84 -22.90
N GLN B 293 36.22 -85.61 -23.98
CA GLN B 293 35.25 -85.30 -25.02
C GLN B 293 33.93 -86.01 -24.75
N TYR B 294 32.91 -85.21 -24.44
CA TYR B 294 31.54 -85.67 -24.21
C TYR B 294 30.80 -85.76 -25.54
N SER B 295 29.85 -86.69 -25.59
CA SER B 295 29.06 -86.88 -26.81
C SER B 295 27.73 -87.52 -26.43
N LEU B 296 26.76 -87.36 -27.32
CA LEU B 296 25.42 -87.90 -27.14
C LEU B 296 25.02 -88.70 -28.37
N VAL B 297 24.31 -89.80 -28.13
CA VAL B 297 23.83 -90.69 -29.19
C VAL B 297 22.61 -90.09 -29.88
N LEU B 298 22.76 -89.77 -31.16
CA LEU B 298 21.66 -89.32 -32.00
C LEU B 298 21.14 -90.50 -32.79
N GLY B 299 20.05 -90.30 -33.52
CA GLY B 299 19.51 -91.39 -34.32
C GLY B 299 20.49 -91.88 -35.38
N ASP B 300 21.13 -90.96 -36.08
CA ASP B 300 22.03 -91.31 -37.18
C ASP B 300 23.50 -91.20 -36.80
N GLY B 301 23.82 -90.98 -35.54
CA GLY B 301 25.22 -90.85 -35.15
C GLY B 301 25.34 -90.24 -33.76
N VAL B 302 26.48 -89.60 -33.54
CA VAL B 302 26.77 -88.92 -32.28
C VAL B 302 27.24 -87.50 -32.59
N GLN B 303 26.97 -86.60 -31.65
CA GLN B 303 27.39 -85.21 -31.76
C GLN B 303 28.15 -84.80 -30.49
N THR B 304 29.27 -84.10 -30.68
CA THR B 304 30.08 -83.63 -29.56
C THR B 304 29.39 -82.48 -28.83
N LEU B 305 29.47 -82.50 -27.50
CA LEU B 305 28.83 -81.50 -26.66
C LEU B 305 29.81 -80.83 -25.71
N PRO B 306 29.70 -79.52 -25.50
CA PRO B 306 30.56 -78.84 -24.54
C PRO B 306 30.25 -79.27 -23.10
N PRO B 307 31.23 -79.12 -22.21
CA PRO B 307 31.06 -79.53 -20.81
C PRO B 307 29.80 -79.00 -20.14
N LEU B 308 29.54 -77.70 -20.29
CA LEU B 308 28.39 -77.05 -19.69
C LEU B 308 27.08 -77.63 -20.21
N VAL B 309 27.02 -77.94 -21.49
CA VAL B 309 25.80 -78.54 -22.03
C VAL B 309 25.64 -79.95 -21.49
N ALA B 310 26.75 -80.68 -21.39
CA ALA B 310 26.72 -82.02 -20.81
C ALA B 310 26.25 -81.99 -19.35
N GLN B 311 26.69 -81.01 -18.57
CA GLN B 311 26.23 -80.92 -17.18
C GLN B 311 24.73 -80.69 -17.08
N ILE B 312 24.14 -80.00 -18.05
CA ILE B 312 22.70 -79.80 -18.04
C ILE B 312 22.00 -81.13 -18.34
N LEU B 313 22.49 -81.84 -19.36
CA LEU B 313 21.92 -83.14 -19.69
C LEU B 313 22.12 -84.13 -18.56
N GLN B 314 23.22 -83.98 -17.83
CA GLN B 314 23.50 -84.85 -16.70
C GLN B 314 22.47 -84.70 -15.59
N ASN B 315 21.64 -83.67 -15.61
CA ASN B 315 20.57 -83.52 -14.64
C ASN B 315 19.25 -83.88 -15.32
N ALA B 316 18.50 -84.77 -14.69
CA ALA B 316 17.23 -85.23 -15.25
C ALA B 316 16.20 -84.11 -15.25
N ALA B 319 15.87 -90.36 -11.59
CA ALA B 319 17.03 -89.54 -11.91
C ALA B 319 17.87 -90.25 -12.99
N GLY B 320 18.80 -89.51 -13.60
CA GLY B 320 19.66 -90.07 -14.62
C GLY B 320 20.86 -90.83 -14.08
N ASN B 321 21.69 -91.29 -15.03
CA ASN B 321 22.90 -92.04 -14.70
C ASN B 321 23.93 -91.19 -13.97
N THR B 322 24.64 -91.82 -13.03
CA THR B 322 25.68 -91.11 -12.29
C THR B 322 26.92 -90.88 -13.15
N LYS B 323 27.05 -91.59 -14.27
CA LYS B 323 28.19 -91.45 -15.14
C LYS B 323 27.74 -91.68 -16.58
N PRO B 324 28.35 -91.02 -17.56
CA PRO B 324 28.15 -91.41 -18.95
C PRO B 324 28.90 -92.69 -19.30
N LEU B 325 28.63 -93.19 -20.51
CA LEU B 325 29.27 -94.38 -21.03
C LEU B 325 30.73 -94.09 -21.40
N THR B 326 31.68 -94.70 -20.70
CA THR B 326 33.09 -94.50 -21.00
C THR B 326 33.46 -95.37 -22.19
N VAL B 327 34.10 -94.78 -23.21
CA VAL B 327 34.46 -95.53 -24.41
C VAL B 327 35.86 -95.18 -24.91
N GLU B 328 36.39 -96.08 -25.72
CA GLU B 328 37.72 -95.94 -26.33
C GLU B 328 37.74 -94.83 -27.39
N PRO B 329 38.82 -94.06 -27.48
CA PRO B 329 38.90 -92.98 -28.48
C PRO B 329 38.80 -93.47 -29.92
N SER B 330 39.42 -94.61 -30.23
CA SER B 330 39.43 -95.15 -31.59
C SER B 330 38.04 -95.58 -32.05
N THR B 331 37.31 -96.36 -31.25
CA THR B 331 35.96 -96.74 -31.65
C THR B 331 35.08 -95.51 -31.81
N LEU B 332 35.22 -94.53 -30.93
CA LEU B 332 34.46 -93.29 -31.04
C LEU B 332 34.81 -92.55 -32.32
N ALA B 333 36.08 -92.56 -32.70
CA ALA B 333 36.53 -91.94 -33.94
C ALA B 333 36.03 -92.67 -35.17
N LYS B 334 35.81 -93.98 -35.06
CA LYS B 334 35.29 -94.76 -36.18
C LYS B 334 33.80 -94.54 -36.40
N MET B 335 33.03 -94.27 -35.34
CA MET B 335 31.61 -94.02 -35.48
C MET B 335 31.32 -92.76 -36.30
N PRO B 336 30.19 -92.75 -37.02
CA PRO B 336 29.78 -91.57 -37.79
C PRO B 336 29.31 -90.43 -36.91
N VAL B 337 29.77 -89.22 -37.22
CA VAL B 337 29.43 -87.99 -36.49
C VAL B 337 28.36 -87.20 -37.22
N VAL B 338 27.37 -86.71 -36.46
CA VAL B 338 26.24 -85.95 -36.98
C VAL B 338 26.10 -84.67 -36.17
N ASN B 339 25.53 -83.63 -36.79
CA ASN B 339 25.25 -82.34 -36.14
C ASN B 339 23.79 -81.97 -36.40
N ARG B 340 22.94 -82.13 -35.40
CA ARG B 340 21.51 -81.85 -35.58
C ARG B 340 20.83 -81.06 -34.46
N LEU B 341 21.43 -80.92 -33.26
CA LEU B 341 20.84 -80.16 -32.16
C LEU B 341 21.48 -78.78 -32.01
N ASP B 342 20.64 -77.76 -31.78
CA ASP B 342 21.09 -76.38 -31.58
C ASP B 342 21.62 -76.15 -30.17
N LEU B 343 22.85 -75.64 -30.08
CA LEU B 343 23.53 -75.37 -28.82
C LEU B 343 24.00 -73.93 -28.67
N SER B 344 23.70 -73.07 -29.63
CA SER B 344 24.16 -71.68 -29.64
C SER B 344 23.80 -70.85 -28.41
N ALA B 345 22.70 -71.16 -27.73
CA ALA B 345 22.33 -70.36 -26.56
C ALA B 345 23.18 -70.60 -25.32
N TYR B 346 23.54 -71.83 -25.02
CA TYR B 346 24.30 -72.09 -23.80
C TYR B 346 25.71 -71.52 -23.84
N PRO B 347 26.15 -70.83 -22.78
CA PRO B 347 27.51 -70.28 -22.73
C PRO B 347 28.53 -71.36 -22.39
N ASP B 348 29.79 -70.92 -22.33
CA ASP B 348 30.92 -71.79 -22.01
C ASP B 348 31.19 -71.95 -20.51
N ASN B 349 30.87 -70.94 -19.70
CA ASN B 349 31.15 -70.95 -18.27
C ASN B 349 30.01 -70.27 -17.52
N PRO B 350 29.97 -70.35 -16.19
CA PRO B 350 28.88 -69.69 -15.46
C PRO B 350 28.85 -68.19 -15.73
N LEU B 351 27.64 -67.67 -15.88
CA LEU B 351 27.43 -66.28 -16.22
C LEU B 351 28.03 -65.31 -15.20
N GLU B 352 28.59 -64.21 -15.73
CA GLU B 352 29.05 -63.08 -14.93
C GLU B 352 27.91 -62.06 -14.94
N VAL B 353 26.96 -62.23 -14.04
CA VAL B 353 25.78 -61.36 -14.01
C VAL B 353 26.13 -59.96 -13.51
N VAL B 354 25.83 -58.96 -14.33
CA VAL B 354 26.05 -57.55 -14.05
C VAL B 354 25.04 -57.08 -13.00
N ASP B 355 25.55 -56.52 -11.90
CA ASP B 355 24.70 -56.04 -10.80
C ASP B 355 24.09 -54.69 -11.16
N ILE B 356 22.84 -54.73 -11.62
CA ILE B 356 22.07 -53.58 -12.10
C ILE B 356 22.07 -52.38 -11.16
N ARG B 357 22.25 -52.60 -9.86
CA ARG B 357 22.27 -51.46 -8.94
C ARG B 357 23.41 -50.50 -9.25
N GLU B 358 24.54 -51.01 -9.71
CA GLU B 358 25.68 -50.17 -10.07
C GLU B 358 25.66 -49.78 -11.53
N HIS B 359 25.04 -50.59 -12.40
CA HIS B 359 24.93 -50.30 -13.82
C HIS B 359 23.45 -50.22 -14.19
N PRO B 360 22.83 -49.07 -13.95
CA PRO B 360 21.39 -48.89 -14.20
C PRO B 360 21.02 -48.68 -15.66
N SER B 361 21.97 -48.69 -16.58
CA SER B 361 21.68 -48.45 -17.99
C SER B 361 22.25 -49.52 -18.91
N THR B 362 21.45 -49.91 -19.89
CA THR B 362 21.77 -50.91 -20.90
C THR B 362 21.32 -50.38 -22.26
N CYS B 363 22.17 -50.53 -23.27
CA CYS B 363 21.86 -50.01 -24.60
C CYS B 363 22.12 -51.02 -25.70
N TRP B 364 21.23 -50.99 -26.70
CA TRP B 364 21.37 -51.79 -27.91
C TRP B 364 22.03 -50.89 -28.93
N TRP B 365 23.05 -51.40 -29.61
CA TRP B 365 23.82 -50.60 -30.56
C TRP B 365 23.88 -51.29 -31.93
N TRP B 366 23.58 -50.53 -32.97
CA TRP B 366 23.64 -50.96 -34.37
C TRP B 366 24.69 -50.13 -35.08
N GLU B 367 25.58 -50.81 -35.81
CA GLU B 367 26.69 -50.16 -36.49
C GLU B 367 26.87 -50.69 -37.89
N ARG B 368 27.10 -49.79 -38.83
CA ARG B 368 27.35 -50.14 -40.23
C ARG B 368 28.21 -49.08 -40.91
N THR B 369 29.26 -49.52 -41.60
CA THR B 369 30.07 -48.65 -42.42
C THR B 369 29.48 -48.64 -43.82
N ALA B 370 29.52 -47.47 -44.48
CA ALA B 370 28.96 -47.38 -45.82
C ALA B 370 29.62 -48.37 -46.77
N GLY B 371 28.78 -49.06 -47.55
CA GLY B 371 29.21 -50.07 -48.49
C GLY B 371 29.38 -51.46 -47.91
N GLU B 372 29.38 -51.61 -46.59
CA GLU B 372 29.47 -52.94 -46.01
C GLU B 372 28.19 -53.73 -46.22
N ASN B 373 28.35 -55.04 -46.43
CA ASN B 373 27.21 -55.90 -46.71
C ASN B 373 26.27 -56.08 -45.53
N ARG B 374 26.76 -56.00 -44.29
CA ARG B 374 25.89 -56.20 -43.13
C ARG B 374 26.28 -55.31 -41.96
N ALA B 375 25.27 -54.95 -41.17
CA ALA B 375 25.46 -54.18 -39.95
C ALA B 375 25.85 -55.07 -38.77
N ARG B 376 26.50 -54.45 -37.79
CA ARG B 376 26.94 -55.10 -36.56
C ARG B 376 26.03 -54.69 -35.39
N VAL B 377 25.53 -55.67 -34.65
CA VAL B 377 24.66 -55.41 -33.50
C VAL B 377 25.41 -55.82 -32.23
N ARG B 378 25.40 -54.92 -31.23
CA ARG B 378 26.10 -55.12 -29.97
C ARG B 378 25.26 -54.58 -28.83
N VAL B 379 25.65 -54.89 -27.60
CA VAL B 379 24.97 -54.40 -26.41
C VAL B 379 25.98 -53.75 -25.48
N VAL B 380 25.61 -52.59 -24.92
CA VAL B 380 26.47 -51.84 -24.01
C VAL B 380 25.72 -51.57 -22.72
N SER B 381 26.47 -51.54 -21.61
CA SER B 381 25.91 -51.21 -20.30
C SER B 381 26.88 -50.35 -19.52
N GLY B 382 26.37 -49.64 -18.52
CA GLY B 382 27.19 -48.79 -17.70
C GLY B 382 26.43 -47.97 -16.68
N PRO B 383 27.15 -47.12 -15.95
CA PRO B 383 26.50 -46.28 -14.93
C PRO B 383 25.69 -45.14 -15.50
N THR B 384 25.97 -44.69 -16.71
CA THR B 384 25.27 -43.58 -17.33
C THR B 384 25.23 -43.78 -18.84
N ILE B 385 24.25 -43.14 -19.47
CA ILE B 385 24.06 -43.19 -20.91
C ILE B 385 25.39 -42.88 -21.58
N PRO B 386 25.70 -43.51 -22.70
CA PRO B 386 27.00 -43.36 -23.33
C PRO B 386 27.24 -42.02 -24.02
N VAL B 387 27.14 -40.92 -23.28
CA VAL B 387 27.39 -39.59 -23.81
C VAL B 387 28.37 -38.91 -22.86
N ALA B 388 29.28 -38.11 -23.42
CA ALA B 388 30.28 -37.43 -22.61
C ALA B 388 29.66 -36.49 -21.59
N ALA B 389 30.16 -36.55 -20.36
CA ALA B 389 29.64 -35.77 -19.25
C ALA B 389 29.64 -34.27 -19.53
N THR B 390 30.60 -33.78 -20.32
CA THR B 390 30.63 -32.37 -20.66
C THR B 390 29.49 -31.97 -21.59
N GLU B 391 28.99 -32.90 -22.39
CA GLU B 391 27.92 -32.64 -23.34
C GLU B 391 26.55 -33.09 -22.86
N MET B 392 26.49 -33.75 -21.71
CA MET B 392 25.24 -34.22 -21.12
C MET B 392 24.18 -33.14 -20.99
N ASN B 393 24.59 -31.88 -20.87
CA ASN B 393 23.64 -30.78 -20.74
C ASN B 393 22.79 -30.47 -21.97
N LYS B 394 23.15 -30.95 -23.16
CA LYS B 394 22.38 -30.58 -24.35
C LYS B 394 21.53 -31.72 -24.92
N VAL B 395 21.02 -32.61 -24.06
CA VAL B 395 19.98 -33.54 -24.46
C VAL B 395 18.65 -32.81 -24.69
N VAL B 396 17.88 -33.29 -25.67
CA VAL B 396 16.58 -32.71 -26.03
C VAL B 396 15.46 -33.57 -25.45
N SER B 397 14.47 -32.93 -24.82
CA SER B 397 13.35 -33.64 -24.22
C SER B 397 12.09 -33.49 -25.06
N LEU B 398 11.51 -34.61 -25.49
CA LEU B 398 10.32 -34.57 -26.33
C LEU B 398 9.05 -34.37 -25.50
N VAL B 399 7.99 -33.88 -26.16
CA VAL B 399 6.71 -33.68 -25.50
C VAL B 399 6.02 -35.03 -25.25
N LYS B 400 6.12 -35.95 -26.20
CA LYS B 400 5.53 -37.28 -26.12
C LYS B 400 4.02 -37.26 -25.92
N ALA B 401 3.29 -36.96 -26.99
CA ALA B 401 1.82 -36.97 -26.95
C ALA B 401 1.27 -38.37 -26.77
N ASP B 402 1.82 -39.34 -27.51
CA ASP B 402 1.42 -40.73 -27.41
C ASP B 402 2.09 -41.39 -26.22
N THR B 403 1.31 -41.62 -25.16
CA THR B 403 1.79 -42.23 -23.93
C THR B 403 2.10 -43.72 -24.06
N SER B 404 1.72 -44.36 -25.15
CA SER B 404 2.02 -45.78 -25.30
C SER B 404 3.50 -45.99 -25.57
N GLY B 405 3.92 -47.25 -25.52
CA GLY B 405 5.31 -47.63 -25.74
C GLY B 405 5.78 -47.56 -27.18
N ARG B 406 5.59 -46.40 -27.80
CA ARG B 406 5.96 -46.23 -29.20
C ARG B 406 6.67 -44.91 -29.48
N GLN B 407 7.02 -44.13 -28.47
CA GLN B 407 7.76 -42.90 -28.71
C GLN B 407 8.77 -42.70 -27.60
N ALA B 408 9.96 -42.24 -27.96
CA ALA B 408 11.01 -42.00 -26.99
C ALA B 408 10.78 -40.73 -26.19
N ASP B 409 11.43 -40.67 -25.03
CA ASP B 409 11.39 -39.52 -24.13
C ASP B 409 12.47 -38.50 -24.41
N GLN B 410 13.67 -38.95 -24.78
CA GLN B 410 14.79 -38.05 -25.01
C GLN B 410 15.50 -38.40 -26.31
N VAL B 411 16.12 -37.39 -26.91
CA VAL B 411 16.86 -37.55 -28.16
C VAL B 411 18.18 -36.81 -28.03
N TYR B 412 19.23 -37.37 -28.63
CA TYR B 412 20.53 -36.73 -28.65
C TYR B 412 21.20 -36.91 -29.99
N PHE B 413 21.77 -35.84 -30.53
CA PHE B 413 22.47 -35.85 -31.81
C PHE B 413 23.95 -35.64 -31.53
N GLY B 414 24.69 -36.74 -31.41
CA GLY B 414 26.11 -36.69 -31.14
C GLY B 414 26.91 -36.27 -32.36
N PRO B 415 28.24 -36.32 -32.24
CA PRO B 415 29.09 -35.98 -33.37
C PRO B 415 28.91 -36.95 -34.52
N ASP B 416 29.09 -36.44 -35.74
CA ASP B 416 28.97 -37.25 -36.95
C ASP B 416 27.56 -37.83 -37.15
N HIS B 417 26.55 -37.15 -36.65
CA HIS B 417 25.17 -37.60 -36.83
C HIS B 417 24.74 -37.46 -38.28
N ALA B 418 23.59 -38.05 -38.62
CA ALA B 418 23.07 -38.01 -39.98
C ALA B 418 21.71 -37.35 -40.05
N ASN B 419 21.56 -36.38 -40.94
CA ASN B 419 20.29 -35.66 -41.13
C ASN B 419 19.36 -36.30 -42.16
N PHE B 420 19.89 -36.72 -43.30
CA PHE B 420 19.08 -37.31 -44.36
C PHE B 420 19.28 -38.82 -44.31
N VAL B 421 18.19 -39.56 -44.19
CA VAL B 421 18.25 -41.00 -43.98
C VAL B 421 17.30 -41.76 -44.89
N ALA B 422 17.68 -43.01 -45.19
CA ALA B 422 16.87 -43.92 -45.99
C ALA B 422 16.76 -45.23 -45.22
N VAL B 423 15.62 -45.90 -45.32
CA VAL B 423 15.37 -47.15 -44.61
C VAL B 423 14.97 -48.26 -45.55
N THR B 424 15.25 -49.48 -45.13
CA THR B 424 14.96 -50.68 -45.92
C THR B 424 13.51 -50.71 -46.36
N SER B 433 10.62 -50.36 -52.10
CA SER B 433 11.78 -51.06 -51.56
C SER B 433 12.51 -50.21 -50.52
N GLU B 434 12.18 -48.91 -50.48
CA GLU B 434 12.81 -48.00 -49.54
C GLU B 434 11.89 -46.81 -49.30
N SER B 435 12.26 -46.00 -48.32
CA SER B 435 11.57 -44.76 -47.99
C SER B 435 12.60 -43.76 -47.49
N LEU B 436 12.34 -42.48 -47.74
CA LEU B 436 13.25 -41.40 -47.36
C LEU B 436 12.66 -40.59 -46.22
N TRP B 437 13.52 -40.13 -45.32
CA TRP B 437 13.09 -39.35 -44.16
C TRP B 437 14.08 -38.23 -43.87
N TRP B 438 13.55 -37.15 -43.28
CA TRP B 438 14.32 -36.00 -42.84
C TRP B 438 14.11 -35.82 -41.34
N VAL B 439 15.20 -35.69 -40.58
CA VAL B 439 15.12 -35.55 -39.12
C VAL B 439 15.66 -34.18 -38.72
N THR B 440 14.85 -33.41 -37.98
CA THR B 440 15.20 -32.07 -37.53
C THR B 440 15.86 -32.09 -36.16
N ASP B 441 16.49 -30.96 -35.82
CA ASP B 441 17.14 -30.83 -34.52
C ASP B 441 16.17 -31.01 -33.36
N ALA B 442 14.90 -30.69 -33.56
CA ALA B 442 13.89 -30.88 -32.53
C ALA B 442 13.53 -32.35 -32.34
N GLY B 443 14.00 -33.22 -33.22
CA GLY B 443 13.72 -34.62 -33.13
C GLY B 443 12.52 -35.11 -33.91
N ALA B 444 11.89 -34.26 -34.71
CA ALA B 444 10.75 -34.69 -35.50
C ALA B 444 11.26 -35.21 -36.84
N ARG B 445 10.51 -36.14 -37.42
CA ARG B 445 10.83 -36.70 -38.72
C ARG B 445 9.73 -36.45 -39.73
N PHE B 446 10.11 -36.17 -40.98
CA PHE B 446 9.15 -35.89 -42.04
C PHE B 446 9.46 -36.77 -43.24
N GLY B 447 8.44 -37.41 -43.80
CA GLY B 447 8.66 -38.25 -44.98
C GLY B 447 8.84 -37.39 -46.23
N VAL B 448 9.72 -37.82 -47.13
CA VAL B 448 10.02 -37.09 -48.35
C VAL B 448 9.86 -38.00 -49.57
N GLU B 449 9.22 -37.48 -50.61
CA GLU B 449 9.06 -38.22 -51.86
C GLU B 449 10.36 -38.20 -52.65
N ASP B 450 10.69 -39.33 -53.27
CA ASP B 450 11.93 -39.48 -54.04
C ASP B 450 11.85 -38.92 -55.45
N SER B 451 10.73 -38.35 -55.88
CA SER B 451 10.61 -37.80 -57.23
C SER B 451 11.46 -36.56 -57.42
N LYS B 452 11.85 -36.32 -58.68
CA LYS B 452 12.70 -35.20 -59.06
C LYS B 452 12.30 -33.88 -58.42
N GLU B 453 11.00 -33.58 -58.43
CA GLU B 453 10.51 -32.32 -57.88
C GLU B 453 10.96 -32.11 -56.44
N ALA B 454 10.64 -33.04 -55.56
CA ALA B 454 11.05 -32.90 -54.17
C ALA B 454 12.58 -32.96 -54.02
N ARG B 455 13.21 -33.90 -54.70
CA ARG B 455 14.66 -34.08 -54.67
C ARG B 455 15.42 -32.98 -55.37
N ASP B 456 14.74 -31.94 -55.86
CA ASP B 456 15.37 -30.79 -56.49
C ASP B 456 15.02 -29.52 -55.74
N ALA B 457 13.72 -29.25 -55.57
CA ALA B 457 13.31 -28.02 -54.90
C ALA B 457 13.87 -27.95 -53.49
N LEU B 458 13.84 -29.06 -52.76
CA LEU B 458 14.37 -29.04 -51.40
C LEU B 458 15.87 -29.29 -51.36
N GLY B 459 16.51 -29.53 -52.50
CA GLY B 459 17.90 -29.96 -52.49
C GLY B 459 17.92 -31.46 -52.29
N LEU B 460 18.60 -31.93 -51.26
CA LEU B 460 18.60 -33.35 -50.91
C LEU B 460 18.98 -34.24 -52.10
N THR B 461 19.75 -33.72 -53.04
CA THR B 461 20.17 -34.50 -54.19
C THR B 461 21.24 -35.52 -53.80
N LEU B 462 21.82 -35.40 -52.61
CA LEU B 462 22.84 -36.31 -52.11
C LEU B 462 22.26 -37.70 -51.87
N THR B 463 23.16 -38.67 -51.66
CA THR B 463 22.74 -40.04 -51.34
C THR B 463 22.49 -40.19 -49.84
N PRO B 464 21.30 -40.63 -49.44
CA PRO B 464 21.00 -40.77 -48.01
C PRO B 464 21.76 -41.90 -47.33
N SER B 465 21.90 -41.75 -46.02
CA SER B 465 22.54 -42.74 -45.16
C SER B 465 21.51 -43.73 -44.66
N LEU B 466 21.96 -44.95 -44.36
CA LEU B 466 21.07 -46.00 -43.86
C LEU B 466 20.83 -45.90 -42.35
N ALA B 467 19.64 -46.29 -41.93
CA ALA B 467 19.31 -46.32 -40.50
C ALA B 467 18.32 -47.46 -40.23
N PRO B 468 18.37 -48.06 -39.05
CA PRO B 468 17.48 -49.18 -38.71
C PRO B 468 16.06 -48.73 -38.35
N TRP B 469 15.08 -49.31 -39.06
CA TRP B 469 13.68 -48.95 -38.84
C TRP B 469 13.24 -49.12 -37.38
N VAL B 470 13.69 -50.18 -36.72
CA VAL B 470 13.31 -50.44 -35.33
C VAL B 470 13.69 -49.30 -34.40
N ALA B 471 14.65 -48.46 -34.78
CA ALA B 471 15.03 -47.30 -33.99
C ALA B 471 14.40 -46.01 -34.47
N LEU B 472 14.41 -45.77 -35.77
CA LEU B 472 13.88 -44.54 -36.35
C LEU B 472 12.40 -44.33 -36.06
N ARG B 473 11.60 -45.40 -36.00
CA ARG B 473 10.17 -45.26 -35.74
C ARG B 473 9.85 -44.64 -34.38
N LEU B 474 10.80 -44.56 -33.46
CA LEU B 474 10.57 -43.99 -32.14
C LEU B 474 10.40 -42.48 -32.15
N LEU B 475 10.67 -41.84 -33.19
CA LEU B 475 10.52 -40.40 -33.28
C LEU B 475 9.14 -40.01 -33.82
N PRO B 476 8.59 -38.87 -33.35
CA PRO B 476 7.29 -38.42 -33.81
C PRO B 476 7.31 -38.02 -35.29
N GLN B 477 6.23 -38.34 -35.99
CA GLN B 477 6.10 -38.12 -37.43
C GLN B 477 5.28 -36.90 -37.82
N GLY B 478 5.87 -36.08 -38.70
CA GLY B 478 5.23 -34.90 -39.24
C GLY B 478 4.62 -35.15 -40.61
N PRO B 479 4.00 -34.11 -41.19
CA PRO B 479 3.40 -34.26 -42.52
C PRO B 479 4.44 -34.42 -43.62
N THR B 480 4.15 -35.29 -44.58
CA THR B 480 5.09 -35.56 -45.67
C THR B 480 5.24 -34.35 -46.59
N LEU B 481 6.49 -34.02 -46.93
CA LEU B 481 6.80 -32.92 -47.83
C LEU B 481 6.51 -33.34 -49.26
N SER B 482 5.54 -32.68 -49.90
CA SER B 482 5.23 -32.94 -51.29
C SER B 482 4.62 -31.70 -51.94
N ARG B 483 4.89 -31.46 -53.17
CA ARG B 483 4.42 -30.38 -53.95
C ARG B 483 2.92 -30.30 -53.96
N ALA B 484 2.29 -31.46 -54.05
CA ALA B 484 0.82 -31.51 -54.09
C ALA B 484 0.21 -31.05 -52.78
N ASP B 485 0.94 -31.19 -51.68
CA ASP B 485 0.47 -30.77 -50.36
C ASP B 485 0.72 -29.31 -50.04
N ALA B 486 1.81 -28.72 -50.55
CA ALA B 486 2.13 -27.34 -50.24
C ALA B 486 1.28 -26.32 -50.99
N LEU B 487 0.64 -26.62 -52.06
CA LEU B 487 -0.20 -25.82 -52.89
C LEU B 487 -1.58 -25.57 -52.31
N VAL B 488 -1.70 -25.11 -51.11
CA VAL B 488 -2.88 -24.84 -50.36
C VAL B 488 -2.87 -23.49 -49.70
N GLU B 489 -3.97 -22.82 -49.56
CA GLU B 489 -4.28 -21.58 -48.95
C GLU B 489 -5.00 -21.71 -47.63
N HIS B 490 -4.72 -20.81 -46.69
CA HIS B 490 -5.46 -20.81 -45.44
C HIS B 490 -5.62 -19.40 -44.90
N ASP B 491 -6.74 -19.18 -44.22
CA ASP B 491 -7.01 -17.94 -43.51
C ASP B 491 -6.88 -18.11 -42.01
N THR B 492 -6.91 -19.35 -41.53
CA THR B 492 -6.79 -19.67 -40.11
C THR B 492 -6.43 -21.14 -40.00
N LEU B 493 -5.42 -21.45 -39.22
CA LEU B 493 -5.04 -22.84 -39.03
C LEU B 493 -5.80 -23.48 -37.87
N PRO B 494 -5.92 -24.80 -37.87
CA PRO B 494 -6.61 -25.47 -36.76
C PRO B 494 -5.80 -25.38 -35.48
N MET B 495 -6.50 -25.39 -34.35
CA MET B 495 -5.83 -25.36 -33.06
C MET B 495 -5.33 -26.76 -32.68
N ASP B 496 -4.22 -26.81 -31.95
CA ASP B 496 -3.60 -28.07 -31.56
C ASP B 496 -4.09 -28.55 -30.20
N MET B 497 -4.80 -29.67 -30.19
CA MET B 497 -5.26 -30.24 -28.93
C MET B 497 -4.09 -30.90 -28.20
N THR B 498 -4.28 -31.14 -26.91
CA THR B 498 -3.29 -31.75 -26.04
C THR B 498 -1.86 -31.20 -26.10
N PRO B 499 -1.68 -29.90 -25.95
CA PRO B 499 -0.33 -29.33 -25.89
C PRO B 499 0.27 -29.54 -24.50
N ALA B 500 1.51 -29.07 -24.31
CA ALA B 500 2.16 -29.16 -23.01
C ALA B 500 2.66 -27.80 -22.55
N GLU B 501 2.78 -27.66 -21.24
CA GLU B 501 3.21 -26.40 -20.64
C GLU B 501 4.69 -26.10 -20.80
N LEU B 502 4.99 -24.86 -21.14
CA LEU B 502 6.35 -24.34 -21.23
C LEU B 502 6.66 -23.70 -19.88
N VAL B 503 7.66 -24.21 -19.17
CA VAL B 503 7.99 -23.70 -17.84
C VAL B 503 9.23 -22.81 -17.92
N VAL B 504 9.10 -21.60 -17.41
CA VAL B 504 10.20 -20.64 -17.42
C VAL B 504 11.18 -20.98 -16.32
N SER C 74 54.32 3.82 -7.24
CA SER C 74 54.22 3.79 -5.79
C SER C 74 53.33 4.90 -5.29
N PHE C 75 53.22 5.97 -6.07
CA PHE C 75 52.35 7.08 -5.75
C PHE C 75 50.94 6.85 -6.28
N ILE C 76 50.83 6.13 -7.39
CA ILE C 76 49.53 5.88 -8.00
C ILE C 76 48.70 4.95 -7.14
N SER C 77 49.31 3.85 -6.66
CA SER C 77 48.60 2.89 -5.83
C SER C 77 49.54 2.39 -4.73
N PRO C 78 49.76 3.19 -3.70
CA PRO C 78 50.68 2.82 -2.62
C PRO C 78 50.34 1.46 -2.01
N SER C 79 51.36 0.79 -1.51
CA SER C 79 51.24 -0.57 -0.99
C SER C 79 52.38 -0.79 0.01
N GLY C 80 52.67 -2.04 0.32
CA GLY C 80 53.73 -2.34 1.27
C GLY C 80 54.11 -3.80 1.22
N GLN C 81 55.16 -4.12 1.97
CA GLN C 81 55.71 -5.47 2.03
C GLN C 81 56.22 -5.77 3.44
N LEU C 82 56.25 -7.05 3.79
CA LEU C 82 56.72 -7.48 5.10
C LEU C 82 58.20 -7.16 5.29
N ASN C 83 58.55 -6.67 6.49
CA ASN C 83 59.93 -6.35 6.81
C ASN C 83 60.23 -6.78 8.24
N GLU C 84 61.37 -6.29 8.74
CA GLU C 84 61.83 -6.59 10.08
C GLU C 84 60.87 -6.14 11.18
N SER C 85 60.09 -5.08 10.93
CA SER C 85 59.14 -4.60 11.93
C SER C 85 58.14 -5.68 12.35
N PRO C 86 57.85 -5.79 13.65
CA PRO C 86 56.93 -6.82 14.14
C PRO C 86 55.46 -6.45 14.23
N ILE C 87 55.09 -5.18 14.11
CA ILE C 87 53.71 -4.74 14.18
C ILE C 87 53.30 -4.35 12.76
N ILE C 88 52.28 -5.02 12.24
CA ILE C 88 51.82 -4.78 10.88
C ILE C 88 50.31 -4.63 10.85
N ALA C 89 49.83 -3.97 9.79
CA ALA C 89 48.41 -3.71 9.58
C ALA C 89 48.05 -3.88 8.11
N ASP C 90 46.82 -4.32 7.88
CA ASP C 90 46.31 -4.55 6.53
C ASP C 90 46.07 -3.22 5.82
N ARG C 91 46.73 -3.07 4.68
CA ARG C 91 46.66 -1.88 3.84
C ARG C 91 45.25 -1.44 3.48
N ASP C 92 44.30 -2.36 3.43
CA ASP C 92 42.94 -1.98 3.05
C ASP C 92 41.87 -2.27 4.10
N SER C 93 42.15 -3.05 5.13
CA SER C 93 41.16 -3.37 6.15
C SER C 93 41.50 -2.78 7.52
N GLY C 94 42.71 -2.27 7.72
CA GLY C 94 43.10 -1.66 8.97
C GLY C 94 43.25 -2.58 10.16
N ALA C 95 43.07 -3.88 10.01
CA ALA C 95 43.21 -4.78 11.13
C ALA C 95 44.65 -4.78 11.63
N LEU C 96 44.84 -4.90 12.94
CA LEU C 96 46.16 -4.91 13.55
C LEU C 96 46.61 -6.33 13.83
N TYR C 97 47.83 -6.66 13.41
CA TYR C 97 48.43 -7.96 13.65
C TYR C 97 49.81 -7.81 14.25
N VAL C 98 50.20 -8.79 15.05
CA VAL C 98 51.49 -8.80 15.71
C VAL C 98 52.11 -10.17 15.48
N ARG C 99 53.39 -10.19 15.14
CA ARG C 99 54.11 -11.44 14.91
C ARG C 99 54.86 -11.91 16.15
N VAL C 100 54.86 -13.16 16.42
CA VAL C 100 55.48 -13.90 17.44
C VAL C 100 56.15 -15.09 16.83
N GLY C 101 57.43 -15.14 16.67
CA GLY C 101 58.09 -16.13 15.98
C GLY C 101 57.80 -16.14 14.54
N ASP C 102 57.20 -17.22 14.04
CA ASP C 102 56.78 -17.32 12.64
C ASP C 102 55.27 -17.33 12.48
N ARG C 103 54.53 -16.83 13.46
CA ARG C 103 53.08 -16.85 13.42
C ARG C 103 52.53 -15.44 13.70
N LEU C 104 51.43 -15.09 13.03
CA LEU C 104 50.78 -13.79 13.22
C LEU C 104 49.53 -13.93 14.09
N TYR C 105 49.43 -13.08 15.11
CA TYR C 105 48.28 -13.06 16.00
C TYR C 105 47.52 -11.74 15.87
N PRO C 106 46.20 -11.76 15.69
CA PRO C 106 45.45 -10.50 15.64
C PRO C 106 45.41 -9.88 17.04
N ALA C 107 45.82 -8.61 17.13
CA ALA C 107 45.89 -7.91 18.42
C ALA C 107 44.72 -6.94 18.59
N LEU C 108 44.23 -6.85 19.82
CA LEU C 108 43.08 -6.00 20.15
C LEU C 108 43.39 -4.50 20.07
N ASN C 109 44.61 -4.06 20.30
CA ASN C 109 44.87 -2.63 20.25
C ASN C 109 46.36 -2.36 20.24
N LEU C 110 46.70 -1.12 19.91
CA LEU C 110 48.10 -0.69 19.84
C LEU C 110 48.81 -0.81 21.18
N ALA C 111 48.14 -0.48 22.27
CA ALA C 111 48.78 -0.59 23.58
C ALA C 111 49.29 -2.00 23.84
N SER C 112 48.44 -3.00 23.65
CA SER C 112 48.89 -4.37 23.86
C SER C 112 49.89 -4.84 22.81
N ALA C 113 49.84 -4.31 21.58
CA ALA C 113 50.83 -4.69 20.58
C ALA C 113 52.22 -4.20 20.94
N ARG C 114 52.33 -2.96 21.42
CA ARG C 114 53.63 -2.44 21.86
C ARG C 114 54.15 -3.21 23.05
N LEU C 115 53.29 -3.44 24.03
CA LEU C 115 53.68 -4.14 25.25
C LEU C 115 54.09 -5.59 25.00
N ILE C 116 53.48 -6.25 24.02
CA ILE C 116 53.86 -7.63 23.71
C ILE C 116 55.19 -7.70 22.97
N THR C 117 55.41 -6.84 21.98
CA THR C 117 56.67 -6.92 21.23
C THR C 117 57.82 -6.23 21.95
N GLY C 118 57.55 -5.18 22.71
CA GLY C 118 58.59 -4.48 23.42
C GLY C 118 59.26 -3.36 22.65
N ARG C 119 58.76 -3.01 21.48
CA ARG C 119 59.32 -1.94 20.68
C ARG C 119 58.35 -0.78 20.59
N PRO C 120 58.73 0.42 20.96
CA PRO C 120 57.83 1.56 20.84
C PRO C 120 57.77 2.01 19.39
N ASP C 121 56.70 1.64 18.69
CA ASP C 121 56.58 1.91 17.26
C ASP C 121 55.12 2.00 16.85
N ASN C 122 54.91 2.32 15.57
CA ASN C 122 53.62 2.45 14.90
C ASN C 122 53.42 1.30 13.91
N PRO C 123 52.19 0.93 13.64
CA PRO C 123 51.95 -0.19 12.72
C PRO C 123 52.41 0.13 11.31
N HIS C 124 52.95 -0.90 10.64
CA HIS C 124 53.41 -0.82 9.27
C HIS C 124 52.36 -1.42 8.34
N LEU C 125 51.94 -0.65 7.33
CA LEU C 125 50.95 -1.11 6.38
C LEU C 125 51.50 -2.15 5.42
N VAL C 126 50.82 -3.30 5.31
CA VAL C 126 51.24 -4.40 4.44
C VAL C 126 50.11 -4.83 3.51
N ARG C 127 50.49 -5.21 2.29
CA ARG C 127 49.57 -5.70 1.28
C ARG C 127 48.68 -6.82 1.83
N SER C 128 47.37 -6.66 1.66
CA SER C 128 46.42 -7.63 2.20
C SER C 128 46.61 -9.05 1.66
N SER C 129 47.05 -9.19 0.42
CA SER C 129 47.28 -10.52 -0.14
C SER C 129 48.50 -11.21 0.47
N GLN C 130 49.38 -10.45 1.12
CA GLN C 130 50.57 -11.03 1.73
C GLN C 130 50.26 -11.64 3.09
N ILE C 131 49.51 -10.92 3.93
CA ILE C 131 49.10 -11.38 5.24
C ILE C 131 48.34 -12.69 5.21
N ALA C 132 47.56 -12.92 4.15
CA ALA C 132 46.80 -14.17 4.00
C ALA C 132 47.67 -15.41 3.88
N THR C 133 48.95 -15.28 3.54
CA THR C 133 49.80 -16.46 3.38
C THR C 133 50.37 -16.98 4.70
N MET C 134 50.55 -16.14 5.71
CA MET C 134 51.15 -16.57 6.96
C MET C 134 50.15 -17.20 7.93
N PRO C 135 50.61 -18.10 8.79
CA PRO C 135 49.73 -18.77 9.76
C PRO C 135 49.18 -17.82 10.81
N ARG C 136 48.03 -18.18 11.37
CA ARG C 136 47.34 -17.38 12.38
C ARG C 136 47.23 -18.08 13.73
N GLY C 137 46.62 -17.35 14.68
CA GLY C 137 46.37 -17.79 16.04
C GLY C 137 45.23 -17.00 16.65
N PRO C 138 44.76 -17.41 17.84
CA PRO C 138 43.69 -16.69 18.53
C PRO C 138 44.05 -15.24 18.88
N LEU C 139 43.05 -14.48 19.31
CA LEU C 139 43.24 -13.09 19.69
C LEU C 139 44.10 -12.91 20.94
N VAL C 140 44.88 -11.82 20.97
CA VAL C 140 45.77 -11.51 22.08
C VAL C 140 45.70 -10.04 22.48
N GLY C 141 46.05 -9.77 23.73
CA GLY C 141 46.11 -8.44 24.32
C GLY C 141 45.18 -8.20 25.48
N ILE C 142 45.04 -6.92 25.82
CA ILE C 142 44.19 -6.39 26.89
C ILE C 142 42.99 -5.70 26.27
N PRO C 143 41.76 -6.13 26.57
CA PRO C 143 40.60 -5.49 25.96
C PRO C 143 40.38 -4.07 26.49
N GLY C 144 40.04 -3.15 25.60
CA GLY C 144 39.76 -1.78 26.00
C GLY C 144 40.94 -0.87 26.28
N ALA C 145 42.17 -1.35 26.13
CA ALA C 145 43.34 -0.51 26.40
C ALA C 145 43.40 0.68 25.42
N PRO C 146 44.20 1.69 25.74
CA PRO C 146 44.33 2.85 24.84
C PRO C 146 44.84 2.44 23.47
N SER C 147 44.54 3.27 22.48
CA SER C 147 44.91 3.00 21.09
C SER C 147 45.63 4.16 20.41
N SER C 148 46.18 5.10 21.16
CA SER C 148 46.93 6.18 20.54
C SER C 148 47.76 6.86 21.62
N PHE C 149 49.09 6.86 21.44
CA PHE C 149 50.00 7.48 22.40
C PHE C 149 50.64 8.74 21.83
N SER C 150 50.54 9.82 22.61
CA SER C 150 51.15 11.11 22.25
C SER C 150 51.48 11.79 23.57
N PRO C 151 52.66 11.54 24.13
CA PRO C 151 52.97 12.11 25.43
C PRO C 151 53.08 13.62 25.42
N LYS C 152 52.46 14.23 26.43
CA LYS C 152 52.46 15.67 26.64
C LYS C 152 52.64 15.93 28.14
N SER C 153 53.55 16.84 28.48
CA SER C 153 53.82 17.16 29.89
C SER C 153 54.34 18.59 29.96
N PRO C 154 53.43 19.55 30.15
CA PRO C 154 53.81 20.94 30.19
C PRO C 154 54.46 21.33 31.50
N PRO C 155 55.05 22.53 31.57
CA PRO C 155 55.71 22.99 32.80
C PRO C 155 54.77 23.36 33.94
N ALA C 156 53.57 23.84 33.66
CA ALA C 156 52.60 24.25 34.67
C ALA C 156 51.38 23.34 34.60
N SER C 157 50.99 22.82 35.77
CA SER C 157 49.85 21.93 35.92
C SER C 157 48.73 22.65 36.66
N SER C 158 47.52 22.57 36.12
CA SER C 158 46.34 23.19 36.67
C SER C 158 45.18 22.21 36.59
N TRP C 159 44.45 22.05 37.70
CA TRP C 159 43.30 21.17 37.77
C TRP C 159 42.19 21.90 38.50
N LEU C 160 40.95 21.66 38.07
CA LEU C 160 39.79 22.22 38.72
C LEU C 160 38.66 21.21 38.84
N VAL C 161 37.92 21.30 39.93
CA VAL C 161 36.72 20.52 40.18
C VAL C 161 35.59 21.53 40.26
N CYS C 162 34.64 21.44 39.35
CA CYS C 162 33.53 22.38 39.28
C CYS C 162 32.20 21.73 39.62
N ASP C 163 31.46 22.40 40.49
CA ASP C 163 30.13 22.01 40.94
C ASP C 163 29.16 22.99 40.32
N THR C 164 28.04 22.50 39.80
CA THR C 164 27.02 23.37 39.23
C THR C 164 25.64 22.86 39.62
N VAL C 165 24.80 23.79 40.05
CA VAL C 165 23.46 23.49 40.55
C VAL C 165 22.42 24.04 39.58
N ALA C 166 21.39 23.24 39.33
CA ALA C 166 20.32 23.58 38.43
C ALA C 166 19.20 24.31 39.17
N THR C 167 18.39 25.04 38.41
CA THR C 167 17.28 25.81 38.97
C THR C 167 16.00 24.98 38.96
N GLN C 175 16.77 21.69 41.74
CA GLN C 175 17.31 20.57 42.50
C GLN C 175 18.34 19.79 41.67
N GLY C 176 19.21 19.08 42.36
CA GLY C 176 20.25 18.29 41.72
C GLY C 176 21.48 19.07 41.35
N VAL C 177 22.63 18.39 41.35
CA VAL C 177 23.93 18.97 41.08
C VAL C 177 24.71 18.08 40.13
N THR C 178 25.61 18.70 39.35
CA THR C 178 26.47 17.98 38.42
C THR C 178 27.92 18.34 38.75
N VAL C 179 28.82 17.38 38.54
CA VAL C 179 30.24 17.53 38.81
C VAL C 179 31.04 17.48 37.52
N THR C 180 31.86 18.50 37.28
CA THR C 180 32.70 18.61 36.10
C THR C 180 34.16 18.76 36.50
N VAL C 181 35.03 17.97 35.87
CA VAL C 181 36.47 17.99 36.10
C VAL C 181 37.13 18.67 34.91
N ILE C 182 38.01 19.63 35.19
CA ILE C 182 38.71 20.39 34.16
C ILE C 182 40.21 20.23 34.32
N ASP C 183 40.89 19.99 33.20
CA ASP C 183 42.32 19.84 33.09
C ASP C 183 42.85 20.95 32.20
N GLY C 184 43.81 21.71 32.70
CA GLY C 184 44.37 22.83 31.98
C GLY C 184 43.97 24.16 32.60
N THR C 185 44.47 25.24 32.03
CA THR C 185 44.21 26.57 32.55
C THR C 185 42.77 27.02 32.34
N PRO C 186 42.12 27.55 33.37
CA PRO C 186 40.74 28.01 33.27
C PRO C 186 40.65 29.38 32.59
N ASP C 187 39.43 29.73 32.20
CA ASP C 187 39.14 31.01 31.57
C ASP C 187 38.39 31.90 32.56
N LEU C 188 38.99 33.03 32.90
CA LEU C 188 38.48 34.00 33.86
C LEU C 188 37.74 35.18 33.24
N THR C 189 37.53 35.18 31.93
CA THR C 189 36.80 36.27 31.28
C THR C 189 35.30 36.21 31.63
N GLY C 190 34.65 37.35 31.46
CA GLY C 190 33.23 37.51 31.77
C GLY C 190 33.00 37.88 33.23
N HIS C 191 31.77 37.63 33.69
CA HIS C 191 31.46 37.91 35.09
C HIS C 191 32.15 36.95 36.05
N ARG C 192 32.95 36.01 35.56
CA ARG C 192 33.63 35.12 36.47
C ARG C 192 34.57 35.96 37.33
N GLN C 193 34.78 35.50 38.56
CA GLN C 193 35.67 36.23 39.45
C GLN C 193 36.29 35.30 40.47
N ILE C 194 37.48 35.67 40.93
CA ILE C 194 38.11 34.95 42.03
C ILE C 194 37.42 35.35 43.31
N LEU C 195 37.26 34.41 44.22
CA LEU C 195 36.62 34.63 45.51
C LEU C 195 37.71 34.83 46.54
N SER C 196 37.73 36.00 47.19
CA SER C 196 38.77 36.28 48.17
C SER C 196 38.34 37.42 49.08
N GLY C 197 39.09 37.58 50.15
CA GLY C 197 38.83 38.65 51.12
C GLY C 197 37.49 38.53 51.80
N SER C 198 36.64 39.52 51.58
CA SER C 198 35.30 39.59 52.15
C SER C 198 34.25 38.78 51.40
N ASP C 199 34.54 38.33 50.18
CA ASP C 199 33.57 37.56 49.42
C ASP C 199 33.46 36.14 49.98
N ALA C 200 32.24 35.60 50.01
CA ALA C 200 32.00 34.26 50.52
C ALA C 200 30.70 33.73 49.93
N VAL C 201 30.50 32.42 50.06
CA VAL C 201 29.30 31.74 49.60
C VAL C 201 28.94 30.64 50.59
N VAL C 202 27.65 30.41 50.78
CA VAL C 202 27.12 29.43 51.71
C VAL C 202 26.48 28.28 50.95
N LEU C 203 26.78 27.05 51.36
CA LEU C 203 26.22 25.85 50.74
C LEU C 203 25.89 24.82 51.82
N ARG C 204 25.02 23.89 51.45
CA ARG C 204 24.53 22.84 52.33
C ARG C 204 25.09 21.47 52.00
N TYR C 205 25.49 20.73 53.03
CA TYR C 205 25.92 19.36 52.86
C TYR C 205 25.81 18.61 54.17
N GLY C 206 25.34 17.36 54.08
CA GLY C 206 25.20 16.50 55.24
C GLY C 206 24.32 17.09 56.31
N GLY C 207 23.38 17.95 55.94
CA GLY C 207 22.52 18.57 56.92
C GLY C 207 23.07 19.82 57.58
N ASP C 208 24.31 20.21 57.25
CA ASP C 208 24.94 21.36 57.86
C ASP C 208 25.26 22.44 56.82
N ALA C 209 25.32 23.68 57.28
CA ALA C 209 25.65 24.81 56.44
C ALA C 209 27.14 25.09 56.53
N TRP C 210 27.76 25.43 55.41
CA TRP C 210 29.19 25.67 55.36
C TRP C 210 29.49 26.99 54.66
N VAL C 211 30.44 27.75 55.21
CA VAL C 211 30.88 29.01 54.64
C VAL C 211 32.19 28.75 53.91
N ILE C 212 32.25 29.18 52.65
CA ILE C 212 33.43 28.97 51.80
C ILE C 212 34.12 30.28 51.51
N ARG C 213 35.39 30.38 51.90
CA ARG C 213 36.19 31.56 51.61
C ARG C 213 37.66 31.22 51.82
N GLU C 214 38.51 32.03 51.19
CA GLU C 214 39.97 31.87 51.25
C GLU C 214 40.42 30.42 51.17
N GLY C 215 39.76 29.63 50.33
CA GLY C 215 40.14 28.25 50.16
C GLY C 215 39.79 27.28 51.27
N ARG C 216 38.88 27.63 52.17
CA ARG C 216 38.53 26.70 53.23
C ARG C 216 37.03 26.72 53.46
N ARG C 217 36.51 25.61 53.99
CA ARG C 217 35.11 25.49 54.36
C ARG C 217 34.99 25.43 55.88
N SER C 218 34.07 26.20 56.45
CA SER C 218 33.85 26.24 57.88
C SER C 218 32.37 26.10 58.19
N ARG C 219 32.07 25.28 59.21
CA ARG C 219 30.70 25.02 59.62
C ARG C 219 30.11 26.22 60.38
N ILE C 220 28.81 26.44 60.17
CA ILE C 220 28.06 27.53 60.81
C ILE C 220 26.73 27.00 61.31
N GLU C 221 26.24 27.57 62.41
CA GLU C 221 24.96 27.16 63.00
C GLU C 221 23.94 28.29 62.88
N PRO C 222 22.75 27.99 62.32
CA PRO C 222 21.76 29.04 62.05
C PRO C 222 21.15 29.72 63.27
N THR C 223 21.16 29.08 64.44
CA THR C 223 20.59 29.66 65.65
C THR C 223 21.50 30.63 66.39
N ASN C 224 22.81 30.58 66.18
CA ASN C 224 23.76 31.44 66.91
C ASN C 224 23.80 32.86 66.33
N ARG C 225 22.73 33.61 66.61
CA ARG C 225 22.61 34.99 66.14
C ARG C 225 23.77 35.86 66.59
N ALA C 226 24.35 35.56 67.75
CA ALA C 226 25.47 36.35 68.23
C ALA C 226 26.64 36.28 67.26
N VAL C 227 26.76 35.21 66.48
CA VAL C 227 27.76 35.10 65.44
C VAL C 227 27.23 35.66 64.12
N LEU C 228 26.03 35.24 63.72
CA LEU C 228 25.46 35.66 62.45
C LEU C 228 25.29 37.17 62.38
N LEU C 229 24.86 37.78 63.47
CA LEU C 229 24.59 39.22 63.46
C LEU C 229 25.81 40.09 63.21
N PRO C 230 26.91 39.99 63.95
CA PRO C 230 28.07 40.82 63.61
C PRO C 230 28.69 40.45 62.29
N LEU C 231 28.55 39.19 61.89
CA LEU C 231 29.10 38.73 60.62
C LEU C 231 28.28 39.23 59.44
N GLY C 232 27.03 39.59 59.65
CA GLY C 232 26.17 40.09 58.60
C GLY C 232 25.31 39.07 57.91
N LEU C 233 25.13 37.90 58.50
CA LEU C 233 24.32 36.83 57.93
C LEU C 233 22.90 36.90 58.47
N THR C 234 22.02 36.09 57.88
CA THR C 234 20.62 36.01 58.25
C THR C 234 20.22 34.55 58.39
N PRO C 235 19.45 34.18 59.42
CA PRO C 235 19.08 32.78 59.58
C PRO C 235 18.32 32.22 58.41
N GLU C 236 17.50 33.02 57.75
CA GLU C 236 16.79 32.54 56.57
C GLU C 236 17.80 32.21 55.46
N GLN C 237 18.71 33.14 55.21
CA GLN C 237 19.77 33.01 54.23
C GLN C 237 20.70 31.84 54.50
N VAL C 238 20.88 31.45 55.75
CA VAL C 238 21.71 30.30 56.11
C VAL C 238 20.96 28.98 55.94
N SER C 239 19.69 28.94 56.28
CA SER C 239 18.90 27.72 56.19
C SER C 239 18.39 27.41 54.78
N GLN C 240 18.17 28.40 53.93
CA GLN C 240 17.70 28.18 52.57
C GLN C 240 18.79 27.92 51.53
N ALA C 241 20.05 27.81 51.93
CA ALA C 241 21.15 27.62 50.98
C ALA C 241 21.01 26.33 50.16
N ARG C 242 21.57 26.37 48.94
CA ARG C 242 21.56 25.27 47.99
C ARG C 242 22.51 24.13 48.35
N PRO C 243 22.22 22.92 47.87
CA PRO C 243 23.09 21.77 48.14
C PRO C 243 24.45 21.85 47.44
N MET C 244 25.34 20.98 47.91
CA MET C 244 26.72 20.85 47.46
C MET C 244 27.04 19.39 47.20
N SER C 245 27.79 19.11 46.14
CA SER C 245 28.16 17.74 45.79
C SER C 245 29.28 17.18 46.65
N ARG C 246 29.19 15.86 46.91
CA ARG C 246 30.18 15.14 47.69
C ARG C 246 31.60 15.30 47.15
N ALA C 247 31.74 15.41 45.84
CA ALA C 247 33.06 15.60 45.23
C ALA C 247 33.73 16.88 45.70
N LEU C 248 33.01 17.98 45.65
CA LEU C 248 33.56 19.27 46.11
C LEU C 248 33.72 19.31 47.61
N PHE C 249 32.78 18.72 48.34
CA PHE C 249 32.84 18.69 49.80
C PHE C 249 34.11 18.00 50.32
N ASP C 250 34.53 16.91 49.70
CA ASP C 250 35.76 16.24 50.12
C ASP C 250 37.02 16.95 49.63
N ALA C 251 36.95 17.63 48.50
CA ALA C 251 38.12 18.34 47.98
C ALA C 251 38.52 19.52 48.85
N LEU C 252 37.57 20.33 49.28
CA LEU C 252 37.88 21.51 50.10
C LEU C 252 38.35 21.15 51.50
N PRO C 253 39.49 21.71 51.95
CA PRO C 253 39.97 21.44 53.30
C PRO C 253 39.15 22.18 54.34
N VAL C 254 38.95 21.56 55.49
CA VAL C 254 38.17 22.14 56.59
C VAL C 254 39.03 23.07 57.44
N GLY C 255 38.36 24.05 58.03
CA GLY C 255 38.95 25.02 58.93
C GLY C 255 38.19 25.02 60.25
N PRO C 256 38.61 25.86 61.20
CA PRO C 256 37.90 25.92 62.47
C PRO C 256 36.49 26.48 62.31
N GLU C 257 35.57 25.94 63.11
CA GLU C 257 34.17 26.34 63.04
C GLU C 257 33.97 27.79 63.49
N LEU C 258 33.04 28.47 62.82
CA LEU C 258 32.69 29.85 63.14
C LEU C 258 31.79 29.85 64.38
N LEU C 259 32.42 29.88 65.55
CA LEU C 259 31.72 29.86 66.81
C LEU C 259 32.39 30.87 67.73
N VAL C 260 31.71 31.21 68.83
CA VAL C 260 32.32 32.14 69.76
C VAL C 260 33.58 31.50 70.35
N PRO C 261 34.73 32.15 70.26
CA PRO C 261 35.97 31.56 70.78
C PRO C 261 35.89 31.34 72.28
N GLU C 262 36.00 30.08 72.70
CA GLU C 262 35.95 29.75 74.12
C GLU C 262 37.31 30.07 74.73
N VAL C 263 37.30 30.74 75.88
CA VAL C 263 38.52 31.21 76.54
C VAL C 263 38.83 30.32 77.74
N PRO C 264 40.05 29.81 77.87
CA PRO C 264 40.43 28.99 79.02
C PRO C 264 40.52 29.83 80.28
N ASN C 265 40.23 29.19 81.42
CA ASN C 265 40.24 29.84 82.73
C ASN C 265 39.30 31.03 82.81
N ALA C 266 38.31 31.10 81.93
CA ALA C 266 37.36 32.20 81.95
C ALA C 266 36.68 32.25 83.31
N GLY C 267 36.56 33.46 83.88
CA GLY C 267 35.99 33.61 85.19
C GLY C 267 36.90 33.27 86.35
N GLY C 268 38.15 32.90 86.08
CA GLY C 268 39.11 32.57 87.11
C GLY C 268 40.08 33.71 87.37
N PRO C 269 40.99 33.51 88.31
CA PRO C 269 41.99 34.53 88.62
C PRO C 269 43.17 34.48 87.66
N ALA C 270 43.88 35.60 87.58
CA ALA C 270 45.05 35.70 86.72
C ALA C 270 46.29 35.15 87.41
N THR C 271 47.19 34.61 86.59
CA THR C 271 48.48 34.06 87.00
C THR C 271 49.52 35.14 87.24
N PHE C 272 49.33 36.34 86.70
CA PHE C 272 50.24 37.46 86.80
C PHE C 272 49.59 38.63 87.53
N PRO C 273 50.40 39.40 88.27
CA PRO C 273 49.87 40.54 89.01
C PRO C 273 49.56 41.73 88.13
N GLY C 274 48.65 42.57 88.63
CA GLY C 274 48.25 43.77 87.94
C GLY C 274 47.15 43.56 86.93
N ALA C 275 46.60 42.36 86.82
CA ALA C 275 45.50 42.11 85.90
C ALA C 275 44.32 42.98 86.31
N PRO C 276 43.79 43.82 85.41
CA PRO C 276 42.69 44.72 85.79
C PRO C 276 41.38 44.01 86.18
N GLY C 277 41.23 42.72 85.93
CA GLY C 277 40.01 42.03 86.28
C GLY C 277 40.07 40.53 86.10
N PRO C 278 38.93 39.87 86.24
CA PRO C 278 38.89 38.42 86.05
C PRO C 278 39.17 38.03 84.61
N ILE C 279 39.73 36.83 84.46
CA ILE C 279 40.09 36.29 83.16
C ILE C 279 38.87 36.13 82.27
N GLY C 280 39.07 36.42 80.99
CA GLY C 280 38.02 36.36 79.99
C GLY C 280 37.35 37.70 79.69
N THR C 281 37.69 38.75 80.43
CA THR C 281 37.12 40.07 80.18
C THR C 281 37.90 40.78 79.07
N VAL C 282 37.21 41.69 78.39
CA VAL C 282 37.80 42.47 77.31
C VAL C 282 38.31 43.79 77.87
N ILE C 283 39.51 44.17 77.46
CA ILE C 283 40.16 45.40 77.90
C ILE C 283 40.51 46.22 76.67
N VAL C 284 40.27 47.53 76.74
CA VAL C 284 40.54 48.45 75.64
C VAL C 284 41.40 49.61 76.11
N THR C 285 42.24 50.11 75.20
CA THR C 285 43.08 51.27 75.47
C THR C 285 43.01 52.25 74.30
N PRO C 286 42.33 53.39 74.45
CA PRO C 286 42.29 54.38 73.38
C PRO C 286 43.64 55.00 73.14
N GLN C 287 43.81 55.57 71.95
CA GLN C 287 45.04 56.21 71.54
C GLN C 287 44.76 57.52 70.82
N ILE C 288 45.70 58.45 70.97
CA ILE C 288 45.60 59.74 70.29
C ILE C 288 45.77 59.55 68.80
N SER C 289 46.65 58.64 68.40
CA SER C 289 46.90 58.32 67.00
C SER C 289 46.38 56.91 66.71
N GLY C 290 45.55 56.80 65.68
CA GLY C 290 44.94 55.55 65.28
C GLY C 290 43.75 55.15 66.14
N PRO C 291 43.06 54.11 65.69
CA PRO C 291 41.87 53.61 66.40
C PRO C 291 42.19 52.90 67.72
N GLN C 292 41.12 52.63 68.46
CA GLN C 292 41.20 51.96 69.76
C GLN C 292 41.76 50.55 69.62
N GLN C 293 42.54 50.14 70.61
CA GLN C 293 43.16 48.83 70.64
C GLN C 293 42.44 47.95 71.66
N TYR C 294 41.85 46.86 71.18
CA TYR C 294 41.13 45.90 72.01
C TYR C 294 42.03 44.74 72.37
N SER C 295 41.80 44.18 73.56
CA SER C 295 42.61 43.06 74.03
C SER C 295 41.77 42.20 74.96
N LEU C 296 42.17 40.93 75.05
CA LEU C 296 41.54 39.94 75.91
C LEU C 296 42.54 39.53 76.96
N VAL C 297 42.14 39.61 78.23
CA VAL C 297 43.00 39.23 79.35
C VAL C 297 42.88 37.73 79.61
N LEU C 298 43.93 37.00 79.23
CA LEU C 298 44.04 35.57 79.44
C LEU C 298 44.76 35.31 80.76
N GLY C 299 44.63 34.06 81.23
CA GLY C 299 45.25 33.70 82.51
C GLY C 299 46.70 34.13 82.62
N ASP C 300 47.46 33.99 81.54
CA ASP C 300 48.88 34.33 81.58
C ASP C 300 49.23 35.66 80.93
N GLY C 301 48.25 36.42 80.48
CA GLY C 301 48.52 37.70 79.87
C GLY C 301 47.43 38.09 78.88
N VAL C 302 47.59 39.28 78.32
CA VAL C 302 46.66 39.81 77.33
C VAL C 302 47.08 39.37 75.94
N GLN C 303 46.10 39.18 75.05
CA GLN C 303 46.33 39.00 73.62
C GLN C 303 45.48 40.00 72.85
N THR C 304 46.05 40.65 71.85
CA THR C 304 45.34 41.65 71.06
C THR C 304 44.24 41.02 70.21
N LEU C 305 43.13 41.76 70.04
CA LEU C 305 41.96 41.35 69.28
C LEU C 305 41.67 42.29 68.11
N PRO C 306 41.20 41.77 66.98
CA PRO C 306 40.68 42.63 65.92
C PRO C 306 39.28 43.14 66.26
N PRO C 307 38.89 44.29 65.70
CA PRO C 307 37.57 44.88 66.01
C PRO C 307 36.37 43.94 65.85
N LEU C 308 36.28 43.23 64.72
CA LEU C 308 35.17 42.33 64.47
C LEU C 308 35.11 41.19 65.47
N VAL C 309 36.26 40.68 65.89
CA VAL C 309 36.28 39.61 66.88
C VAL C 309 35.85 40.15 68.24
N ALA C 310 36.24 41.38 68.54
CA ALA C 310 35.81 42.01 69.79
C ALA C 310 34.30 42.21 69.84
N GLN C 311 33.68 42.56 68.71
CA GLN C 311 32.23 42.68 68.68
C GLN C 311 31.54 41.34 68.95
N ILE C 312 32.13 40.23 68.52
CA ILE C 312 31.53 38.93 68.83
C ILE C 312 31.65 38.68 70.33
N LEU C 313 32.84 38.90 70.88
CA LEU C 313 33.05 38.71 72.31
C LEU C 313 32.19 39.67 73.11
N GLN C 314 31.89 40.85 72.55
CA GLN C 314 31.03 41.83 73.20
C GLN C 314 29.59 41.35 73.32
N ASN C 315 29.22 40.24 72.68
CA ASN C 315 27.90 39.65 72.82
C ASN C 315 27.99 38.42 73.72
N ALA C 316 27.10 38.35 74.71
CA ALA C 316 27.08 37.21 75.63
C ALA C 316 26.48 35.97 74.98
N ALA C 319 22.63 40.19 79.92
CA ALA C 319 23.63 40.39 78.89
C ALA C 319 25.02 40.59 79.50
N GLY C 320 26.06 40.65 78.67
CA GLY C 320 27.39 40.97 79.13
C GLY C 320 27.56 42.44 79.51
N ASN C 321 28.81 42.80 79.78
CA ASN C 321 29.13 44.17 80.16
C ASN C 321 28.86 45.13 79.02
N THR C 322 28.34 46.32 79.37
CA THR C 322 28.03 47.33 78.36
C THR C 322 29.29 47.84 77.64
N LYS C 323 30.43 47.88 78.34
CA LYS C 323 31.68 48.32 77.72
C LYS C 323 32.87 47.60 78.35
N PRO C 324 33.97 47.44 77.60
CA PRO C 324 35.18 46.86 78.16
C PRO C 324 35.87 47.82 79.12
N LEU C 325 36.83 47.28 79.87
CA LEU C 325 37.62 48.07 80.81
C LEU C 325 38.61 48.97 80.06
N THR C 326 38.52 50.28 80.31
CA THR C 326 39.41 51.27 79.69
C THR C 326 40.68 51.40 80.53
N VAL C 327 41.85 51.25 79.89
CA VAL C 327 43.12 51.32 80.61
C VAL C 327 44.16 52.14 79.85
N GLU C 328 45.17 52.59 80.61
CA GLU C 328 46.28 53.37 80.09
C GLU C 328 47.20 52.54 79.19
N PRO C 329 47.69 53.12 78.09
CA PRO C 329 48.61 52.40 77.19
C PRO C 329 49.86 51.86 77.85
N SER C 330 50.49 52.65 78.73
CA SER C 330 51.77 52.27 79.34
C SER C 330 51.65 51.04 80.24
N THR C 331 50.68 51.03 81.16
CA THR C 331 50.50 49.84 82.00
C THR C 331 50.18 48.61 81.16
N LEU C 332 49.37 48.77 80.12
CA LEU C 332 49.05 47.64 79.25
C LEU C 332 50.29 47.16 78.49
N ALA C 333 51.15 48.09 78.08
CA ALA C 333 52.40 47.74 77.41
C ALA C 333 53.37 47.02 78.35
N LYS C 334 53.27 47.29 79.64
CA LYS C 334 54.14 46.63 80.63
C LYS C 334 53.65 45.24 80.99
N MET C 335 52.33 45.00 80.92
CA MET C 335 51.77 43.69 81.21
C MET C 335 52.19 42.63 80.19
N PRO C 336 52.26 41.37 80.61
CA PRO C 336 52.68 40.29 79.71
C PRO C 336 51.67 40.03 78.60
N VAL C 337 52.19 39.60 77.44
CA VAL C 337 51.41 39.34 76.24
C VAL C 337 51.41 37.84 75.91
N VAL C 338 50.26 37.36 75.44
CA VAL C 338 50.03 35.96 75.08
C VAL C 338 49.47 35.90 73.66
N ASN C 339 49.61 34.72 73.02
CA ASN C 339 49.10 34.48 71.65
C ASN C 339 48.54 33.06 71.52
N ARG C 340 47.87 32.59 72.58
CA ARG C 340 47.34 31.23 72.64
C ARG C 340 46.08 30.97 71.82
N LEU C 341 45.13 31.91 71.73
CA LEU C 341 43.91 31.65 70.96
C LEU C 341 44.11 31.84 69.45
N ASP C 342 43.30 31.11 68.69
CA ASP C 342 43.28 31.14 67.22
C ASP C 342 42.08 31.90 66.66
N LEU C 343 42.35 32.95 65.90
CA LEU C 343 41.35 33.83 65.29
C LEU C 343 41.36 33.76 63.76
N SER C 344 42.07 32.80 63.19
CA SER C 344 42.23 32.66 61.74
C SER C 344 40.97 32.70 60.89
N ALA C 345 39.84 32.20 61.37
CA ALA C 345 38.65 32.18 60.50
C ALA C 345 37.82 33.47 60.44
N TYR C 346 37.77 34.29 61.48
CA TYR C 346 36.91 35.48 61.40
C TYR C 346 37.43 36.52 60.42
N PRO C 347 36.56 37.06 59.56
CA PRO C 347 36.99 38.06 58.58
C PRO C 347 37.15 39.45 59.21
N ASP C 348 37.67 40.36 58.40
CA ASP C 348 37.86 41.75 58.82
C ASP C 348 36.58 42.58 58.74
N ASN C 349 35.66 42.26 57.82
CA ASN C 349 34.45 43.05 57.65
C ASN C 349 33.26 42.15 57.35
N PRO C 350 32.03 42.65 57.38
CA PRO C 350 30.88 41.80 57.08
C PRO C 350 30.96 41.15 55.70
N LEU C 351 30.54 39.89 55.64
CA LEU C 351 30.61 39.10 54.42
C LEU C 351 29.78 39.67 53.28
N GLU C 352 30.37 39.63 52.07
CA GLU C 352 29.70 39.99 50.82
C GLU C 352 29.21 38.68 50.21
N VAL C 353 28.05 38.22 50.67
CA VAL C 353 27.52 36.94 50.22
C VAL C 353 27.06 36.99 48.77
N VAL C 354 27.65 36.10 47.96
CA VAL C 354 27.37 35.94 46.53
C VAL C 354 25.98 35.36 46.35
N ASP C 355 25.13 36.06 45.58
CA ASP C 355 23.78 35.62 45.27
C ASP C 355 23.81 34.51 44.22
N ILE C 356 23.80 33.27 44.71
CA ILE C 356 23.91 32.07 43.88
C ILE C 356 22.96 32.04 42.70
N ARG C 357 21.83 32.74 42.79
CA ARG C 357 20.90 32.75 41.65
C ARG C 357 21.56 33.27 40.38
N GLU C 358 22.50 34.21 40.51
CA GLU C 358 23.23 34.71 39.34
C GLU C 358 24.55 33.99 39.09
N HIS C 359 25.16 33.40 40.11
CA HIS C 359 26.41 32.67 39.96
C HIS C 359 26.20 31.21 40.40
N PRO C 360 25.63 30.38 39.52
CA PRO C 360 25.33 28.99 39.87
C PRO C 360 26.52 28.05 39.76
N SER C 361 27.69 28.52 39.38
CA SER C 361 28.86 27.68 39.20
C SER C 361 29.98 28.13 40.12
N THR C 362 30.52 27.18 40.89
CA THR C 362 31.60 27.39 41.84
C THR C 362 32.63 26.31 41.58
N CYS C 363 33.90 26.68 41.55
CA CYS C 363 34.96 25.74 41.27
C CYS C 363 36.12 25.88 42.24
N TRP C 364 36.71 24.75 42.58
CA TRP C 364 37.90 24.67 43.41
C TRP C 364 39.07 24.53 42.45
N TRP C 365 40.11 25.33 42.67
CA TRP C 365 41.23 25.38 41.75
C TRP C 365 42.54 25.13 42.45
N TRP C 366 43.33 24.22 41.87
CA TRP C 366 44.66 23.84 42.33
C TRP C 366 45.66 24.21 41.25
N GLU C 367 46.72 24.89 41.64
CA GLU C 367 47.74 25.39 40.73
C GLU C 367 49.12 25.09 41.29
N ARG C 368 50.02 24.61 40.43
CA ARG C 368 51.38 24.33 40.87
C ARG C 368 52.35 24.46 39.70
N THR C 369 53.55 24.94 40.02
CA THR C 369 54.64 25.08 39.06
C THR C 369 55.71 24.06 39.42
N ALA C 370 56.30 23.44 38.41
CA ALA C 370 57.35 22.45 38.64
C ALA C 370 58.47 23.01 39.51
N GLY C 371 58.85 22.24 40.52
CA GLY C 371 59.89 22.59 41.47
C GLY C 371 59.44 23.39 42.67
N GLU C 372 58.23 23.94 42.65
CA GLU C 372 57.74 24.67 43.81
C GLU C 372 57.37 23.69 44.93
N ASN C 373 57.69 24.06 46.16
CA ASN C 373 57.41 23.17 47.28
C ASN C 373 55.92 23.03 47.57
N ARG C 374 55.11 24.04 47.24
CA ARG C 374 53.68 23.94 47.53
C ARG C 374 52.85 24.59 46.43
N ALA C 375 51.68 24.01 46.21
CA ALA C 375 50.69 24.47 45.25
C ALA C 375 49.81 25.55 45.85
N ARG C 376 49.18 26.32 44.96
CA ARG C 376 48.22 27.36 45.33
C ARG C 376 46.81 26.84 45.16
N VAL C 377 45.99 26.98 46.19
CA VAL C 377 44.59 26.55 46.18
C VAL C 377 43.72 27.79 46.23
N ARG C 378 42.74 27.87 45.33
CA ARG C 378 41.86 29.03 45.23
C ARG C 378 40.45 28.55 44.90
N VAL C 379 39.50 29.47 44.97
CA VAL C 379 38.10 29.22 44.65
C VAL C 379 37.62 30.23 43.62
N VAL C 380 36.87 29.77 42.63
CA VAL C 380 36.31 30.61 41.58
C VAL C 380 34.81 30.38 41.49
N SER C 381 34.09 31.44 41.12
CA SER C 381 32.65 31.37 40.90
C SER C 381 32.24 32.24 39.72
N GLY C 382 31.08 31.93 39.14
CA GLY C 382 30.58 32.66 38.00
C GLY C 382 29.28 32.11 37.45
N PRO C 383 28.84 32.68 36.32
CA PRO C 383 27.59 32.23 35.72
C PRO C 383 27.67 30.89 34.98
N THR C 384 28.84 30.47 34.55
CA THR C 384 29.02 29.22 33.82
C THR C 384 30.41 28.67 34.11
N ILE C 385 30.57 27.39 33.81
CA ILE C 385 31.84 26.71 33.99
C ILE C 385 32.94 27.57 33.37
N PRO C 386 34.12 27.63 33.98
CA PRO C 386 35.19 28.49 33.48
C PRO C 386 35.82 28.00 32.19
N VAL C 387 35.03 27.88 31.13
CA VAL C 387 35.51 27.44 29.82
C VAL C 387 34.89 28.36 28.77
N ALA C 388 35.69 28.70 27.76
CA ALA C 388 35.22 29.62 26.74
C ALA C 388 34.05 29.07 25.94
N ALA C 389 33.15 29.99 25.56
CA ALA C 389 31.93 29.63 24.85
C ALA C 389 32.21 28.93 23.54
N THR C 390 33.36 29.21 22.92
CA THR C 390 33.72 28.56 21.67
C THR C 390 34.06 27.10 21.88
N GLU C 391 34.59 26.75 23.05
CA GLU C 391 34.94 25.38 23.38
C GLU C 391 33.82 24.63 24.07
N MET C 392 32.84 25.34 24.60
CA MET C 392 31.78 24.74 25.39
C MET C 392 31.14 23.53 24.74
N ASN C 393 31.11 23.48 23.42
CA ASN C 393 30.52 22.34 22.73
C ASN C 393 31.37 21.07 22.72
N LYS C 394 32.62 21.10 23.17
CA LYS C 394 33.45 19.91 23.14
C LYS C 394 33.69 19.28 24.51
N VAL C 395 32.79 19.52 25.47
CA VAL C 395 32.80 18.77 26.72
C VAL C 395 32.43 17.32 26.47
N VAL C 396 33.09 16.40 27.20
CA VAL C 396 32.88 14.96 27.06
C VAL C 396 31.95 14.49 28.16
N SER C 397 30.91 13.73 27.80
CA SER C 397 29.94 13.22 28.77
C SER C 397 30.18 11.73 29.02
N LEU C 398 30.60 11.38 30.24
CA LEU C 398 30.87 9.99 30.57
C LEU C 398 29.58 9.19 30.71
N VAL C 399 29.71 7.86 30.68
CA VAL C 399 28.55 6.99 30.86
C VAL C 399 28.12 6.98 32.32
N LYS C 400 29.09 6.97 33.23
CA LYS C 400 28.88 6.98 34.68
C LYS C 400 28.05 5.78 35.14
N ALA C 401 28.67 4.61 35.02
CA ALA C 401 28.02 3.38 35.50
C ALA C 401 27.98 3.34 37.02
N ASP C 402 28.91 4.02 37.67
CA ASP C 402 28.96 4.10 39.14
C ASP C 402 28.12 5.27 39.62
N THR C 403 27.01 4.96 40.29
CA THR C 403 26.09 5.96 40.83
C THR C 403 26.61 6.68 42.06
N SER C 404 27.67 6.17 42.71
CA SER C 404 28.17 6.87 43.88
C SER C 404 28.87 8.16 43.48
N GLY C 405 29.18 8.98 44.48
CA GLY C 405 29.81 10.27 44.25
C GLY C 405 31.24 10.22 43.76
N ARG C 406 31.86 9.06 43.69
CA ARG C 406 33.25 8.93 43.28
C ARG C 406 33.48 9.05 41.78
N GLN C 407 32.48 9.36 40.95
CA GLN C 407 32.74 9.51 39.53
C GLN C 407 32.09 10.77 39.00
N ALA C 408 32.84 11.51 38.19
CA ALA C 408 32.36 12.75 37.60
C ALA C 408 31.33 12.50 36.50
N ASP C 409 30.56 13.54 36.19
CA ASP C 409 29.57 13.54 35.12
C ASP C 409 30.10 14.07 33.80
N GLN C 410 31.10 14.96 33.83
CA GLN C 410 31.65 15.54 32.61
C GLN C 410 33.14 15.78 32.78
N VAL C 411 33.86 15.79 31.66
CA VAL C 411 35.30 16.01 31.64
C VAL C 411 35.65 16.95 30.49
N TYR C 412 36.60 17.84 30.72
CA TYR C 412 37.05 18.75 29.68
C TYR C 412 38.55 18.96 29.78
N PHE C 413 39.23 18.92 28.64
CA PHE C 413 40.67 19.13 28.57
C PHE C 413 40.93 20.44 27.81
N GLY C 414 41.44 21.43 28.52
CA GLY C 414 41.75 22.70 27.91
C GLY C 414 43.15 22.70 27.34
N PRO C 415 43.64 23.88 26.98
CA PRO C 415 45.01 23.98 26.48
C PRO C 415 46.04 23.65 27.56
N ASP C 416 47.19 23.15 27.11
CA ASP C 416 48.29 22.78 28.00
C ASP C 416 47.87 21.73 29.03
N HIS C 417 47.08 20.75 28.61
CA HIS C 417 46.70 19.67 29.50
C HIS C 417 47.83 18.66 29.60
N ALA C 418 47.70 17.70 30.52
CA ALA C 418 48.72 16.67 30.71
C ALA C 418 48.15 15.27 30.55
N ASN C 419 48.77 14.48 29.67
CA ASN C 419 48.38 13.10 29.45
C ASN C 419 49.03 12.14 30.44
N PHE C 420 50.32 12.30 30.68
CA PHE C 420 51.09 11.47 31.60
C PHE C 420 51.22 12.19 32.93
N VAL C 421 50.75 11.55 34.01
CA VAL C 421 50.69 12.18 35.32
C VAL C 421 51.18 11.27 36.43
N ALA C 422 51.75 11.88 37.47
CA ALA C 422 52.22 11.20 38.66
C ALA C 422 51.57 11.84 39.87
N VAL C 423 51.30 11.03 40.91
CA VAL C 423 50.66 11.50 42.12
C VAL C 423 51.46 11.05 43.33
N THR C 424 51.33 11.80 44.41
CA THR C 424 52.03 11.48 45.65
C THR C 424 51.75 10.04 46.10
N SER C 433 56.59 5.14 46.43
CA SER C 433 55.35 5.64 47.02
C SER C 433 54.50 6.37 45.98
N GLU C 434 55.14 6.90 44.94
CA GLU C 434 54.42 7.55 43.86
C GLU C 434 53.74 6.52 42.96
N SER C 435 52.70 6.96 42.26
CA SER C 435 51.96 6.16 41.30
C SER C 435 51.87 6.90 39.98
N LEU C 436 51.96 6.17 38.88
CA LEU C 436 51.92 6.75 37.54
C LEU C 436 50.60 6.40 36.86
N TRP C 437 50.00 7.38 36.21
CA TRP C 437 48.73 7.21 35.51
C TRP C 437 48.78 7.85 34.13
N TRP C 438 48.07 7.23 33.19
CA TRP C 438 47.92 7.71 31.82
C TRP C 438 46.44 8.02 31.60
N VAL C 439 46.13 9.26 31.21
CA VAL C 439 44.75 9.69 31.02
C VAL C 439 44.48 9.88 29.52
N THR C 440 43.52 9.14 29.00
CA THR C 440 43.17 9.18 27.59
C THR C 440 42.24 10.34 27.27
N ASP C 441 42.18 10.68 25.98
CA ASP C 441 41.34 11.77 25.50
C ASP C 441 39.87 11.53 25.80
N ALA C 442 39.46 10.27 25.88
CA ALA C 442 38.08 9.92 26.19
C ALA C 442 37.75 10.01 27.67
N GLY C 443 38.72 10.38 28.50
CA GLY C 443 38.50 10.55 29.91
C GLY C 443 38.70 9.34 30.79
N ALA C 444 39.28 8.26 30.29
CA ALA C 444 39.59 7.12 31.13
C ALA C 444 41.03 7.21 31.59
N ARG C 445 41.32 6.66 32.76
CA ARG C 445 42.68 6.63 33.30
C ARG C 445 43.18 5.20 33.44
N PHE C 446 44.46 4.98 33.12
CA PHE C 446 45.08 3.66 33.19
C PHE C 446 46.38 3.75 33.96
N GLY C 447 46.62 2.77 34.85
CA GLY C 447 47.86 2.75 35.60
C GLY C 447 49.00 2.18 34.77
N VAL C 448 50.19 2.76 34.93
CA VAL C 448 51.39 2.33 34.20
C VAL C 448 52.44 1.85 35.18
N GLU C 449 53.06 0.71 34.88
CA GLU C 449 54.10 0.20 35.75
C GLU C 449 55.31 1.13 35.77
N ASP C 450 55.96 1.20 36.93
CA ASP C 450 57.15 2.02 37.10
C ASP C 450 58.39 1.43 36.44
N SER C 451 58.39 0.14 36.17
CA SER C 451 59.57 -0.56 35.66
C SER C 451 59.99 -0.17 34.24
N LYS C 452 61.30 -0.30 34.02
CA LYS C 452 61.94 0.06 32.76
C LYS C 452 61.31 -0.63 31.57
N GLU C 453 61.00 -1.92 31.73
CA GLU C 453 60.37 -2.68 30.65
C GLU C 453 59.06 -2.02 30.23
N ALA C 454 58.14 -1.81 31.17
CA ALA C 454 56.87 -1.21 30.82
C ALA C 454 57.07 0.18 30.21
N ARG C 455 57.95 0.99 30.79
CA ARG C 455 58.20 2.32 30.24
C ARG C 455 58.82 2.24 28.85
N ASP C 456 59.95 1.56 28.72
CA ASP C 456 60.62 1.46 27.43
C ASP C 456 59.71 0.93 26.33
N ALA C 457 58.83 -0.01 26.65
CA ALA C 457 57.95 -0.51 25.59
C ALA C 457 56.91 0.52 25.17
N LEU C 458 56.36 1.28 26.10
CA LEU C 458 55.34 2.25 25.71
C LEU C 458 55.96 3.57 25.25
N GLY C 459 57.09 3.94 25.83
CA GLY C 459 57.73 5.22 25.56
C GLY C 459 57.87 5.90 26.91
N LEU C 460 57.06 6.92 27.12
CA LEU C 460 56.94 7.55 28.43
C LEU C 460 58.27 7.78 29.15
N THR C 461 59.34 8.09 28.43
CA THR C 461 60.61 8.30 29.10
C THR C 461 60.68 9.67 29.78
N LEU C 462 59.97 10.65 29.23
CA LEU C 462 59.94 11.97 29.84
C LEU C 462 59.36 11.91 31.26
N THR C 463 59.65 12.94 32.05
CA THR C 463 59.16 13.01 33.43
C THR C 463 57.69 13.40 33.50
N PRO C 464 56.88 12.68 34.27
CA PRO C 464 55.46 13.00 34.36
C PRO C 464 55.16 14.27 35.14
N SER C 465 53.99 14.84 34.85
CA SER C 465 53.46 16.02 35.52
C SER C 465 52.74 15.61 36.79
N LEU C 466 52.62 16.54 37.74
CA LEU C 466 51.96 16.30 39.01
C LEU C 466 50.46 16.63 38.95
N ALA C 467 49.67 15.89 39.70
CA ALA C 467 48.24 16.13 39.79
C ALA C 467 47.72 15.72 41.17
N PRO C 468 46.66 16.36 41.67
CA PRO C 468 46.13 16.04 42.99
C PRO C 468 45.18 14.84 42.96
N TRP C 469 45.38 13.93 43.90
CA TRP C 469 44.57 12.71 43.99
C TRP C 469 43.08 12.96 44.18
N VAL C 470 42.70 14.03 44.88
CA VAL C 470 41.29 14.33 45.10
C VAL C 470 40.52 14.66 43.83
N ALA C 471 41.22 15.03 42.75
CA ALA C 471 40.61 15.26 41.45
C ALA C 471 40.74 14.07 40.50
N LEU C 472 41.94 13.56 40.36
CA LEU C 472 42.21 12.46 39.44
C LEU C 472 41.34 11.23 39.73
N ARG C 473 41.05 10.94 40.99
CA ARG C 473 40.24 9.77 41.30
C ARG C 473 38.84 9.81 40.73
N LEU C 474 38.33 10.98 40.35
CA LEU C 474 36.98 11.06 39.81
C LEU C 474 36.85 10.48 38.40
N LEU C 475 37.94 10.28 37.70
CA LEU C 475 37.89 9.66 36.37
C LEU C 475 37.82 8.14 36.47
N PRO C 476 37.09 7.49 35.56
CA PRO C 476 36.97 6.02 35.57
C PRO C 476 38.27 5.31 35.25
N GLN C 477 38.51 4.22 35.97
CA GLN C 477 39.76 3.46 35.94
C GLN C 477 39.68 2.18 35.11
N GLY C 478 40.71 1.96 34.29
CA GLY C 478 40.88 0.75 33.51
C GLY C 478 41.99 -0.13 34.07
N PRO C 479 42.23 -1.29 33.46
CA PRO C 479 43.30 -2.17 33.92
C PRO C 479 44.68 -1.57 33.70
N THR C 480 45.63 -1.99 34.53
CA THR C 480 47.01 -1.51 34.43
C THR C 480 47.76 -2.15 33.26
N LEU C 481 48.60 -1.34 32.62
CA LEU C 481 49.41 -1.77 31.47
C LEU C 481 50.68 -2.49 31.91
N SER C 482 50.51 -3.73 32.37
CA SER C 482 51.63 -4.55 32.82
C SER C 482 51.93 -5.69 31.85
N ARG C 483 53.19 -5.79 31.42
CA ARG C 483 53.58 -6.83 30.48
C ARG C 483 53.19 -8.22 30.97
N ALA C 484 53.24 -8.42 32.28
CA ALA C 484 52.90 -9.69 32.91
C ALA C 484 51.48 -10.15 32.65
N ASP C 485 50.56 -9.25 32.28
CA ASP C 485 49.18 -9.64 32.00
C ASP C 485 48.73 -9.44 30.55
N ALA C 486 49.55 -8.84 29.70
CA ALA C 486 49.18 -8.67 28.29
C ALA C 486 49.39 -9.94 27.48
N LEU C 487 50.22 -10.86 27.98
CA LEU C 487 50.56 -12.12 27.32
C LEU C 487 49.47 -13.19 27.51
N VAL C 488 48.27 -12.91 26.99
CA VAL C 488 47.15 -13.85 27.11
C VAL C 488 46.41 -14.02 25.79
N GLU C 489 45.79 -15.18 25.64
CA GLU C 489 44.99 -15.57 24.47
C GLU C 489 43.53 -15.80 24.87
N HIS C 490 42.63 -15.50 23.94
CA HIS C 490 41.21 -15.74 24.19
C HIS C 490 40.52 -16.15 22.90
N ASP C 491 39.48 -16.97 23.05
CA ASP C 491 38.65 -17.32 21.91
C ASP C 491 37.54 -16.29 21.76
N THR C 492 36.97 -15.86 22.89
CA THR C 492 35.90 -14.89 22.93
C THR C 492 36.07 -14.08 24.20
N LEU C 493 35.53 -12.88 24.22
CA LEU C 493 35.67 -12.05 25.40
C LEU C 493 34.40 -12.00 26.22
N PRO C 494 34.50 -11.70 27.52
CA PRO C 494 33.31 -11.59 28.36
C PRO C 494 32.52 -10.35 27.99
N MET C 495 31.20 -10.45 28.12
CA MET C 495 30.33 -9.32 27.78
C MET C 495 30.25 -8.31 28.92
N ASP C 496 30.06 -7.05 28.55
CA ASP C 496 29.95 -5.94 29.49
C ASP C 496 28.53 -5.75 29.99
N MET C 497 28.32 -5.95 31.29
CA MET C 497 27.01 -5.74 31.89
C MET C 497 26.72 -4.24 32.04
N THR C 498 25.44 -3.92 32.11
CA THR C 498 24.97 -2.54 32.26
C THR C 498 25.55 -1.49 31.31
N PRO C 499 25.42 -1.70 30.00
CA PRO C 499 25.89 -0.71 29.03
C PRO C 499 24.91 0.45 28.94
N ALA C 500 25.28 1.49 28.19
CA ALA C 500 24.42 2.65 28.00
C ALA C 500 24.14 2.89 26.52
N GLU C 501 22.96 3.44 26.25
CA GLU C 501 22.48 3.63 24.89
C GLU C 501 23.22 4.70 24.09
N LEU C 502 23.48 4.37 22.84
CA LEU C 502 24.08 5.27 21.86
C LEU C 502 22.92 5.86 21.06
N VAL C 503 22.73 7.19 21.13
CA VAL C 503 21.63 7.86 20.45
C VAL C 503 22.15 8.60 19.23
N VAL C 504 21.52 8.37 18.09
CA VAL C 504 21.91 9.00 16.84
C VAL C 504 21.29 10.39 16.73
N SER D 74 19.44 32.15 -36.68
CA SER D 74 18.23 31.44 -37.07
C SER D 74 18.25 30.03 -36.51
N PHE D 75 19.43 29.42 -36.50
CA PHE D 75 19.60 28.09 -35.95
C PHE D 75 19.89 28.12 -34.46
N ILE D 76 20.50 29.19 -33.97
CA ILE D 76 20.82 29.27 -32.55
C ILE D 76 19.56 29.49 -31.74
N SER D 77 18.68 30.38 -32.18
CA SER D 77 17.44 30.70 -31.47
C SER D 77 16.32 30.99 -32.45
N PRO D 78 15.72 29.95 -33.02
CA PRO D 78 14.61 30.14 -33.96
C PRO D 78 13.37 30.65 -33.23
N SER D 79 12.40 31.14 -34.02
CA SER D 79 11.17 31.68 -33.45
C SER D 79 10.13 30.63 -33.09
N GLY D 80 10.24 29.41 -33.64
CA GLY D 80 9.30 28.34 -33.35
C GLY D 80 9.44 27.70 -31.99
N GLN D 81 10.54 27.92 -31.28
CA GLN D 81 10.74 27.29 -29.97
C GLN D 81 10.02 28.04 -28.83
N LEU D 82 8.70 27.89 -28.84
CA LEU D 82 7.79 28.40 -27.82
C LEU D 82 7.59 27.34 -26.73
N ASN D 83 6.71 27.65 -25.77
CA ASN D 83 6.33 26.71 -24.70
C ASN D 83 7.53 26.21 -23.89
N GLU D 84 8.50 27.07 -23.66
CA GLU D 84 9.64 26.66 -22.84
C GLU D 84 9.25 26.51 -21.37
N SER D 85 8.17 27.14 -20.93
CA SER D 85 7.73 27.06 -19.54
C SER D 85 6.26 27.47 -19.48
N PRO D 86 5.57 27.17 -18.38
CA PRO D 86 4.15 27.54 -18.29
C PRO D 86 3.88 28.97 -17.90
N ILE D 87 4.85 29.69 -17.35
CA ILE D 87 4.68 31.09 -16.95
C ILE D 87 5.55 31.93 -17.88
N ILE D 88 4.91 32.85 -18.61
CA ILE D 88 5.62 33.71 -19.55
C ILE D 88 5.16 35.14 -19.33
N ALA D 89 6.01 36.07 -19.74
CA ALA D 89 5.77 37.50 -19.63
C ALA D 89 6.12 38.19 -20.94
N ASP D 90 5.31 39.20 -21.29
CA ASP D 90 5.54 39.99 -22.50
C ASP D 90 6.82 40.80 -22.34
N ARG D 91 7.78 40.53 -23.21
CA ARG D 91 9.10 41.18 -23.20
C ARG D 91 9.03 42.69 -23.32
N ASP D 92 7.96 43.24 -23.90
CA ASP D 92 7.82 44.68 -24.06
C ASP D 92 6.85 45.31 -23.07
N SER D 93 5.66 44.75 -22.95
CA SER D 93 4.60 45.26 -22.08
C SER D 93 4.73 44.85 -20.63
N GLY D 94 5.58 43.87 -20.31
CA GLY D 94 5.70 43.44 -18.93
C GLY D 94 4.53 42.67 -18.39
N ALA D 95 3.48 42.48 -19.18
CA ALA D 95 2.31 41.73 -18.73
C ALA D 95 2.71 40.29 -18.42
N LEU D 96 1.98 39.69 -17.48
CA LEU D 96 2.24 38.33 -17.02
C LEU D 96 1.11 37.41 -17.47
N TYR D 97 1.48 36.29 -18.10
CA TYR D 97 0.54 35.31 -18.61
C TYR D 97 0.84 33.92 -18.07
N VAL D 98 -0.20 33.09 -17.99
CA VAL D 98 -0.11 31.71 -17.54
C VAL D 98 -0.79 30.81 -18.55
N ARG D 99 -0.23 29.63 -18.76
CA ARG D 99 -0.74 28.66 -19.73
C ARG D 99 -1.47 27.50 -19.07
N VAL D 100 -2.68 27.20 -19.56
CA VAL D 100 -3.46 26.07 -19.09
C VAL D 100 -4.08 25.41 -20.31
N GLY D 101 -3.83 24.13 -20.50
CA GLY D 101 -4.29 23.44 -21.68
C GLY D 101 -3.58 23.98 -22.90
N ASP D 102 -4.35 24.64 -23.77
CA ASP D 102 -3.82 25.24 -25.00
C ASP D 102 -4.09 26.74 -25.08
N ARG D 103 -4.62 27.36 -24.03
CA ARG D 103 -4.93 28.77 -23.97
C ARG D 103 -3.95 29.53 -23.10
N LEU D 104 -3.87 30.85 -23.31
CA LEU D 104 -3.10 31.74 -22.46
C LEU D 104 -4.06 32.67 -21.72
N TYR D 105 -3.99 32.66 -20.38
CA TYR D 105 -4.80 33.47 -19.51
C TYR D 105 -3.94 34.58 -18.88
N PRO D 106 -4.44 35.81 -18.79
CA PRO D 106 -3.69 36.84 -18.07
C PRO D 106 -3.86 36.65 -16.58
N ALA D 107 -2.76 36.61 -15.83
CA ALA D 107 -2.81 36.39 -14.40
C ALA D 107 -2.62 37.68 -13.61
N LEU D 108 -3.32 37.78 -12.48
CA LEU D 108 -3.25 38.97 -11.63
C LEU D 108 -1.89 39.18 -10.97
N ASN D 109 -1.19 38.11 -10.61
CA ASN D 109 0.09 38.25 -9.93
C ASN D 109 0.83 36.92 -9.94
N LEU D 110 2.13 37.00 -9.63
CA LEU D 110 2.98 35.81 -9.60
C LEU D 110 2.53 34.77 -8.58
N ALA D 111 2.05 35.20 -7.43
CA ALA D 111 1.62 34.24 -6.42
C ALA D 111 0.54 33.30 -6.96
N SER D 112 -0.46 33.84 -7.64
CA SER D 112 -1.52 33.01 -8.19
C SER D 112 -1.08 32.24 -9.43
N ALA D 113 -0.11 32.74 -10.18
CA ALA D 113 0.40 32.00 -11.33
C ALA D 113 1.12 30.73 -10.92
N ARG D 114 1.90 30.79 -9.85
CA ARG D 114 2.58 29.60 -9.34
C ARG D 114 1.59 28.55 -8.86
N LEU D 115 0.59 28.96 -8.09
CA LEU D 115 -0.41 28.00 -7.60
C LEU D 115 -1.17 27.34 -8.74
N ILE D 116 -1.52 28.07 -9.78
CA ILE D 116 -2.26 27.46 -10.89
C ILE D 116 -1.38 26.47 -11.66
N THR D 117 -0.16 26.87 -12.01
CA THR D 117 0.70 25.97 -12.78
C THR D 117 1.27 24.84 -11.94
N GLY D 118 1.56 25.10 -10.67
CA GLY D 118 2.14 24.10 -9.80
C GLY D 118 3.65 24.01 -9.86
N ARG D 119 4.32 25.02 -10.41
CA ARG D 119 5.78 25.03 -10.48
C ARG D 119 6.36 26.28 -9.83
N PRO D 120 7.43 26.15 -9.08
CA PRO D 120 8.07 27.29 -8.43
C PRO D 120 9.04 28.02 -9.36
N ASP D 121 8.57 28.33 -10.55
CA ASP D 121 9.36 28.99 -11.59
C ASP D 121 9.19 30.51 -11.55
N ASN D 122 9.91 31.20 -12.44
CA ASN D 122 9.88 32.64 -12.61
C ASN D 122 9.49 32.95 -14.06
N PRO D 123 8.83 34.08 -14.30
CA PRO D 123 8.39 34.39 -15.66
C PRO D 123 9.49 34.48 -16.69
N HIS D 124 9.27 33.76 -17.80
CA HIS D 124 10.12 33.73 -18.98
C HIS D 124 9.73 34.88 -19.91
N LEU D 125 10.71 35.53 -20.53
CA LEU D 125 10.41 36.66 -21.40
C LEU D 125 10.20 36.18 -22.84
N VAL D 126 9.05 36.54 -23.42
CA VAL D 126 8.67 36.12 -24.76
C VAL D 126 8.32 37.32 -25.64
N ARG D 127 8.68 37.22 -26.91
CA ARG D 127 8.42 38.25 -27.90
C ARG D 127 6.92 38.51 -28.04
N SER D 128 6.53 39.78 -27.91
CA SER D 128 5.12 40.18 -27.95
C SER D 128 4.37 39.71 -29.20
N SER D 129 5.04 39.65 -30.34
CA SER D 129 4.37 39.19 -31.57
C SER D 129 3.88 37.75 -31.48
N GLN D 130 4.51 36.91 -30.67
CA GLN D 130 4.09 35.52 -30.55
C GLN D 130 2.87 35.38 -29.64
N ILE D 131 2.84 36.15 -28.56
CA ILE D 131 1.73 36.10 -27.60
C ILE D 131 0.41 36.41 -28.28
N ALA D 132 0.41 37.33 -29.25
CA ALA D 132 -0.81 37.68 -29.98
C ALA D 132 -1.37 36.56 -30.84
N THR D 133 -0.61 35.51 -31.12
CA THR D 133 -1.10 34.41 -31.94
C THR D 133 -1.90 33.35 -31.18
N MET D 134 -1.72 33.22 -29.87
CA MET D 134 -2.41 32.21 -29.07
C MET D 134 -3.75 32.71 -28.53
N PRO D 135 -4.70 31.79 -28.34
CA PRO D 135 -6.03 32.16 -27.82
C PRO D 135 -6.05 32.59 -26.36
N ARG D 136 -6.84 33.64 -26.09
CA ARG D 136 -7.03 34.24 -24.79
C ARG D 136 -8.07 33.52 -23.92
N GLY D 137 -8.25 34.09 -22.71
CA GLY D 137 -9.21 33.68 -21.71
C GLY D 137 -9.41 34.83 -20.73
N PRO D 138 -10.42 34.77 -19.87
CA PRO D 138 -10.63 35.83 -18.89
C PRO D 138 -9.53 35.85 -17.83
N LEU D 139 -9.57 36.88 -16.95
CA LEU D 139 -8.58 36.99 -15.88
C LEU D 139 -8.71 35.86 -14.85
N VAL D 140 -7.56 35.47 -14.29
CA VAL D 140 -7.50 34.41 -13.28
C VAL D 140 -6.59 34.80 -12.13
N GLY D 141 -6.84 34.19 -10.97
CA GLY D 141 -6.05 34.39 -9.76
C GLY D 141 -6.76 35.02 -8.59
N ILE D 142 -5.94 35.39 -7.60
CA ILE D 142 -6.30 36.02 -6.34
C ILE D 142 -5.89 37.49 -6.38
N PRO D 143 -6.80 38.43 -6.19
CA PRO D 143 -6.44 39.85 -6.28
C PRO D 143 -5.54 40.31 -5.13
N GLY D 144 -4.54 41.14 -5.46
CA GLY D 144 -3.64 41.68 -4.46
C GLY D 144 -2.64 40.74 -3.80
N ALA D 145 -2.54 39.50 -4.24
CA ALA D 145 -1.57 38.57 -3.66
C ALA D 145 -0.13 39.05 -3.86
N PRO D 146 0.81 38.54 -3.06
CA PRO D 146 2.22 38.97 -3.16
C PRO D 146 2.80 38.72 -4.54
N SER D 147 3.83 39.51 -4.89
CA SER D 147 4.42 39.48 -6.22
C SER D 147 5.90 39.09 -6.26
N SER D 148 6.50 38.65 -5.15
CA SER D 148 7.90 38.26 -5.16
C SER D 148 8.19 37.37 -3.96
N PHE D 149 8.89 36.27 -4.18
CA PHE D 149 9.24 35.31 -3.13
C PHE D 149 10.74 35.09 -3.01
N SER D 150 11.26 35.30 -1.81
CA SER D 150 12.67 35.08 -1.51
C SER D 150 12.79 34.66 -0.05
N PRO D 151 12.53 33.39 0.25
CA PRO D 151 12.55 32.94 1.65
C PRO D 151 13.85 33.29 2.35
N LYS D 152 13.75 33.54 3.66
CA LYS D 152 14.88 33.96 4.48
C LYS D 152 14.79 33.32 5.85
N SER D 153 15.94 33.05 6.46
CA SER D 153 15.99 32.41 7.78
C SER D 153 17.24 32.87 8.53
N PRO D 154 17.14 33.98 9.24
CA PRO D 154 18.28 34.48 9.99
C PRO D 154 18.61 33.62 11.19
N PRO D 155 19.76 33.86 11.82
CA PRO D 155 20.19 32.99 12.94
C PRO D 155 19.33 33.10 14.18
N ALA D 156 18.69 34.25 14.40
CA ALA D 156 17.85 34.46 15.56
C ALA D 156 16.68 35.35 15.18
N SER D 157 15.57 35.18 15.89
CA SER D 157 14.34 35.93 15.67
C SER D 157 14.14 36.98 16.76
N SER D 158 13.99 38.24 16.36
CA SER D 158 13.87 39.38 17.25
C SER D 158 12.68 40.24 16.84
N TRP D 159 11.81 40.54 17.79
CA TRP D 159 10.62 41.35 17.54
C TRP D 159 10.50 42.41 18.62
N LEU D 160 10.00 43.58 18.24
CA LEU D 160 9.73 44.66 19.18
C LEU D 160 8.38 45.30 18.91
N VAL D 161 7.74 45.74 19.99
CA VAL D 161 6.51 46.51 19.94
C VAL D 161 6.84 47.81 20.65
N CYS D 162 6.82 48.93 19.93
CA CYS D 162 7.22 50.21 20.48
C CYS D 162 6.07 51.20 20.53
N ASP D 163 6.11 52.03 21.58
CA ASP D 163 5.13 53.06 21.86
C ASP D 163 5.86 54.38 22.05
N THR D 164 5.44 55.42 21.32
CA THR D 164 6.07 56.73 21.41
C THR D 164 5.01 57.80 21.61
N VAL D 165 5.15 58.59 22.67
CA VAL D 165 4.21 59.65 23.02
C VAL D 165 4.75 60.98 22.53
N ALA D 166 3.84 61.88 22.17
CA ALA D 166 4.16 63.21 21.66
C ALA D 166 3.51 64.29 22.50
N THR D 167 3.91 65.53 22.24
CA THR D 167 3.38 66.70 22.96
C THR D 167 2.90 67.73 21.96
N GLN D 175 0.08 63.84 24.90
CA GLN D 175 -1.18 63.51 24.25
C GLN D 175 -0.95 62.82 22.90
N GLY D 176 -1.63 61.70 22.69
CA GLY D 176 -1.51 60.94 21.46
C GLY D 176 -0.26 60.07 21.41
N VAL D 177 -0.40 58.87 20.85
CA VAL D 177 0.68 57.90 20.75
C VAL D 177 0.71 57.32 19.34
N THR D 178 1.87 56.75 18.99
CA THR D 178 1.97 55.94 17.79
C THR D 178 2.60 54.61 18.17
N VAL D 179 2.16 53.54 17.51
CA VAL D 179 2.66 52.20 17.74
C VAL D 179 3.51 51.76 16.57
N THR D 180 4.72 51.31 16.84
CA THR D 180 5.63 50.86 15.80
C THR D 180 6.05 49.42 16.08
N VAL D 181 6.08 48.61 15.03
CA VAL D 181 6.51 47.22 15.12
C VAL D 181 7.85 47.12 14.40
N ILE D 182 8.86 46.61 15.09
CA ILE D 182 10.20 46.44 14.54
C ILE D 182 10.49 44.95 14.46
N ASP D 183 11.03 44.52 13.34
CA ASP D 183 11.42 43.15 13.08
C ASP D 183 12.91 43.16 12.80
N GLY D 184 13.67 42.40 13.59
CA GLY D 184 15.11 42.34 13.50
C GLY D 184 15.77 42.87 14.76
N THR D 185 17.10 42.91 14.72
CA THR D 185 17.85 43.36 15.88
C THR D 185 17.73 44.86 16.12
N PRO D 186 17.38 45.28 17.32
CA PRO D 186 17.28 46.71 17.63
C PRO D 186 18.65 47.34 17.76
N ASP D 187 18.70 48.66 17.57
CA ASP D 187 19.95 49.41 17.72
C ASP D 187 19.95 50.08 19.10
N LEU D 188 20.92 49.71 19.93
CA LEU D 188 21.08 50.21 21.29
C LEU D 188 22.19 51.26 21.45
N THR D 189 22.79 51.73 20.36
CA THR D 189 23.82 52.74 20.46
C THR D 189 23.24 54.08 20.91
N GLY D 190 24.13 54.94 21.40
CA GLY D 190 23.76 56.26 21.87
C GLY D 190 23.22 56.34 23.29
N HIS D 191 22.26 57.24 23.49
CA HIS D 191 21.67 57.47 24.80
C HIS D 191 20.70 56.38 25.23
N ARG D 192 20.28 55.52 24.31
CA ARG D 192 19.33 54.46 24.64
C ARG D 192 19.90 53.53 25.70
N GLN D 193 19.02 52.90 26.46
CA GLN D 193 19.45 51.98 27.50
C GLN D 193 18.39 50.91 27.76
N ILE D 194 18.85 49.79 28.32
CA ILE D 194 17.99 48.70 28.74
C ILE D 194 17.54 48.94 30.17
N LEU D 195 16.24 48.80 30.41
CA LEU D 195 15.66 49.03 31.72
C LEU D 195 15.94 47.86 32.65
N SER D 196 16.71 48.11 33.70
CA SER D 196 17.10 47.09 34.67
C SER D 196 17.46 47.78 35.98
N GLY D 197 17.56 46.98 37.04
CA GLY D 197 17.90 47.53 38.34
C GLY D 197 16.82 48.44 38.92
N SER D 198 17.25 49.52 39.56
CA SER D 198 16.34 50.48 40.18
C SER D 198 15.58 51.36 39.19
N ASP D 199 15.95 51.38 37.91
CA ASP D 199 15.25 52.21 36.96
C ASP D 199 13.82 51.72 36.75
N ALA D 200 12.90 52.67 36.57
CA ALA D 200 11.49 52.35 36.35
C ALA D 200 10.83 53.49 35.59
N VAL D 201 9.60 53.24 35.14
CA VAL D 201 8.80 54.23 34.43
C VAL D 201 7.33 54.06 34.79
N VAL D 202 6.59 55.16 34.79
CA VAL D 202 5.18 55.19 35.18
C VAL D 202 4.33 55.64 34.00
N LEU D 203 3.24 54.91 33.75
CA LEU D 203 2.31 55.23 32.66
C LEU D 203 0.88 55.06 33.14
N ARG D 204 -0.05 55.65 32.39
CA ARG D 204 -1.47 55.63 32.69
C ARG D 204 -2.26 54.82 31.67
N TYR D 205 -3.26 54.07 32.16
CA TYR D 205 -4.16 53.32 31.29
C TYR D 205 -5.44 53.01 32.04
N GLY D 206 -6.56 53.39 31.43
CA GLY D 206 -7.86 53.25 32.06
C GLY D 206 -7.98 53.99 33.37
N GLY D 207 -7.21 55.06 33.53
CA GLY D 207 -7.20 55.85 34.75
C GLY D 207 -6.21 55.37 35.80
N ASP D 208 -5.96 54.07 35.86
CA ASP D 208 -5.02 53.51 36.81
C ASP D 208 -3.57 53.82 36.42
N ALA D 209 -2.70 53.86 37.42
CA ALA D 209 -1.28 54.08 37.20
C ALA D 209 -0.54 52.75 37.30
N TRP D 210 0.39 52.54 36.38
CA TRP D 210 1.14 51.29 36.35
C TRP D 210 2.64 51.58 36.39
N VAL D 211 3.35 50.81 37.22
CA VAL D 211 4.79 50.92 37.36
C VAL D 211 5.42 49.79 36.57
N ILE D 212 6.33 50.12 35.66
CA ILE D 212 7.02 49.14 34.84
C ILE D 212 8.44 48.99 35.33
N ARG D 213 8.79 47.78 35.74
CA ARG D 213 10.12 47.45 36.24
C ARG D 213 10.28 45.94 36.13
N GLU D 214 11.52 45.49 36.15
CA GLU D 214 11.81 44.06 36.19
C GLU D 214 11.07 43.30 35.09
N GLY D 215 10.80 43.96 33.97
CA GLY D 215 10.10 43.32 32.88
C GLY D 215 8.62 43.05 33.08
N ARG D 216 7.98 43.69 34.05
CA ARG D 216 6.56 43.47 34.28
C ARG D 216 5.91 44.81 34.64
N ARG D 217 4.58 44.84 34.59
CA ARG D 217 3.80 46.01 34.98
C ARG D 217 3.04 45.69 36.26
N SER D 218 3.06 46.61 37.22
CA SER D 218 2.37 46.45 38.49
C SER D 218 1.57 47.71 38.81
N ARG D 219 0.35 47.51 39.29
CA ARG D 219 -0.56 48.59 39.62
C ARG D 219 -0.21 49.28 40.94
N ILE D 220 -0.50 50.58 40.99
CA ILE D 220 -0.27 51.42 42.18
C ILE D 220 -1.39 52.45 42.28
N GLU D 221 -1.57 53.01 43.49
CA GLU D 221 -2.62 54.00 43.70
C GLU D 221 -2.10 55.32 44.28
N PRO D 222 -2.65 56.44 43.81
CA PRO D 222 -2.14 57.77 44.22
C PRO D 222 -2.49 58.20 45.65
N THR D 223 -3.48 57.59 46.28
CA THR D 223 -3.91 57.98 47.63
C THR D 223 -3.00 57.45 48.74
N ASN D 224 -2.41 56.27 48.56
CA ASN D 224 -1.59 55.60 49.57
C ASN D 224 -0.21 56.25 49.78
N ARG D 225 -0.20 57.28 50.63
CA ARG D 225 1.03 58.01 50.97
C ARG D 225 2.07 57.08 51.60
N ALA D 226 1.62 56.12 52.39
CA ALA D 226 2.52 55.19 53.07
C ALA D 226 3.37 54.37 52.11
N VAL D 227 2.87 54.05 50.93
CA VAL D 227 3.67 53.29 49.96
C VAL D 227 4.44 54.22 49.02
N LEU D 228 3.85 55.34 48.62
CA LEU D 228 4.51 56.26 47.70
C LEU D 228 5.79 56.84 48.29
N LEU D 229 5.73 57.36 49.51
CA LEU D 229 6.88 58.01 50.12
C LEU D 229 8.11 57.12 50.27
N PRO D 230 8.03 55.92 50.84
CA PRO D 230 9.26 55.11 50.96
C PRO D 230 9.83 54.68 49.62
N LEU D 231 9.01 54.49 48.59
CA LEU D 231 9.53 54.11 47.28
C LEU D 231 10.21 55.26 46.57
N GLY D 232 9.84 56.50 46.91
CA GLY D 232 10.40 57.67 46.29
C GLY D 232 9.50 58.36 45.29
N LEU D 233 8.22 58.03 45.26
CA LEU D 233 7.24 58.63 44.38
C LEU D 233 6.56 59.79 45.09
N THR D 234 5.73 60.53 44.34
CA THR D 234 4.98 61.65 44.90
C THR D 234 3.61 61.67 44.23
N PRO D 235 2.55 62.01 44.97
CA PRO D 235 1.21 62.00 44.37
C PRO D 235 1.13 62.80 43.08
N GLU D 236 1.77 63.97 43.04
CA GLU D 236 1.76 64.77 41.82
C GLU D 236 2.42 64.03 40.67
N GLN D 237 3.58 63.45 40.95
CA GLN D 237 4.34 62.70 39.96
C GLN D 237 3.54 61.55 39.35
N VAL D 238 2.77 60.83 40.17
CA VAL D 238 1.91 59.75 39.66
C VAL D 238 0.73 60.28 38.87
N SER D 239 0.09 61.33 39.35
CA SER D 239 -1.05 61.90 38.65
C SER D 239 -0.69 62.42 37.26
N GLN D 240 0.49 63.00 37.09
CA GLN D 240 0.93 63.55 35.82
C GLN D 240 1.44 62.55 34.80
N ALA D 241 1.54 61.25 35.12
CA ALA D 241 2.06 60.29 34.15
C ALA D 241 1.25 60.28 32.85
N ARG D 242 1.96 60.05 31.74
CA ARG D 242 1.41 60.02 30.38
C ARG D 242 0.66 58.73 30.03
N PRO D 243 -0.11 58.76 28.95
CA PRO D 243 -0.87 57.59 28.50
C PRO D 243 -0.02 56.43 28.01
N MET D 244 -0.70 55.28 27.84
CA MET D 244 -0.13 54.02 27.39
C MET D 244 -1.01 53.44 26.30
N SER D 245 -0.39 52.92 25.24
CA SER D 245 -1.13 52.30 24.14
C SER D 245 -1.62 50.89 24.46
N ARG D 246 -2.78 50.56 23.90
CA ARG D 246 -3.34 49.21 24.05
C ARG D 246 -2.37 48.14 23.58
N ALA D 247 -1.59 48.44 22.54
CA ALA D 247 -0.61 47.49 22.02
C ALA D 247 0.44 47.11 23.06
N LEU D 248 0.90 48.08 23.83
CA LEU D 248 1.88 47.82 24.88
C LEU D 248 1.23 47.27 26.15
N PHE D 249 0.00 47.66 26.44
CA PHE D 249 -0.71 47.16 27.61
C PHE D 249 -0.96 45.67 27.54
N ASP D 250 -1.36 45.16 26.38
CA ASP D 250 -1.57 43.72 26.22
C ASP D 250 -0.26 42.94 26.17
N ALA D 251 0.83 43.57 25.74
CA ALA D 251 2.12 42.88 25.61
C ALA D 251 2.82 42.67 26.96
N LEU D 252 2.93 43.68 27.79
CA LEU D 252 3.64 43.54 29.07
C LEU D 252 2.90 42.63 30.05
N PRO D 253 3.54 41.57 30.57
CA PRO D 253 2.88 40.68 31.52
C PRO D 253 2.66 41.34 32.87
N VAL D 254 1.53 41.03 33.48
CA VAL D 254 1.12 41.59 34.77
C VAL D 254 1.86 40.93 35.93
N GLY D 255 2.35 41.75 36.85
CA GLY D 255 3.02 41.32 38.06
C GLY D 255 2.17 41.57 39.28
N PRO D 256 2.66 41.20 40.45
CA PRO D 256 1.90 41.43 41.69
C PRO D 256 1.77 42.91 42.02
N GLU D 257 0.59 43.27 42.55
CA GLU D 257 0.26 44.64 42.86
C GLU D 257 1.01 45.18 44.07
N LEU D 258 1.45 46.43 43.98
CA LEU D 258 2.17 47.14 45.05
C LEU D 258 1.18 47.69 46.07
N LEU D 259 1.02 46.98 47.19
CA LEU D 259 0.10 47.35 48.25
C LEU D 259 0.78 47.14 49.58
N VAL D 260 0.21 47.72 50.64
CA VAL D 260 0.76 47.50 51.97
C VAL D 260 0.63 46.02 52.35
N PRO D 261 1.68 45.37 52.86
CA PRO D 261 1.59 43.97 53.22
C PRO D 261 0.45 43.74 54.22
N GLU D 262 -0.40 42.76 53.90
CA GLU D 262 -1.57 42.47 54.72
C GLU D 262 -1.26 41.38 55.74
N VAL D 263 -0.80 41.79 56.92
CA VAL D 263 -0.48 40.84 57.99
C VAL D 263 -1.76 40.14 58.47
N PRO D 264 -1.76 38.81 58.57
CA PRO D 264 -2.96 38.10 59.01
C PRO D 264 -3.24 38.23 60.51
N ASN D 265 -4.53 38.37 60.84
CA ASN D 265 -5.01 38.46 62.22
C ASN D 265 -4.23 39.47 63.07
N ALA D 266 -3.96 40.63 62.48
CA ALA D 266 -3.19 41.67 63.18
C ALA D 266 -3.81 42.00 64.54
N GLY D 267 -2.94 42.43 65.47
CA GLY D 267 -3.38 42.87 66.78
C GLY D 267 -3.59 41.84 67.87
N GLY D 268 -3.78 40.56 67.53
CA GLY D 268 -3.97 39.57 68.57
C GLY D 268 -2.69 39.19 69.30
N PRO D 269 -2.84 38.37 70.35
CA PRO D 269 -1.69 37.91 71.12
C PRO D 269 -0.90 36.81 70.43
N ALA D 270 0.40 36.76 70.73
CA ALA D 270 1.25 35.73 70.16
C ALA D 270 1.13 34.40 70.92
N THR D 271 1.34 33.32 70.18
CA THR D 271 1.27 31.95 70.71
C THR D 271 2.53 31.57 71.49
N PHE D 272 3.69 31.95 70.98
CA PHE D 272 4.97 31.62 71.60
C PHE D 272 5.31 32.56 72.77
N PRO D 273 6.08 32.06 73.72
CA PRO D 273 6.45 32.84 74.90
C PRO D 273 7.55 33.85 74.65
N GLY D 274 7.51 34.92 75.45
CA GLY D 274 8.50 35.97 75.39
C GLY D 274 8.33 36.95 74.27
N ALA D 275 7.21 36.91 73.55
CA ALA D 275 7.01 37.84 72.45
C ALA D 275 7.10 39.26 72.97
N PRO D 276 7.95 40.12 72.38
CA PRO D 276 8.09 41.48 72.86
C PRO D 276 6.86 42.36 72.69
N GLY D 277 5.89 41.96 71.87
CA GLY D 277 4.71 42.76 71.66
C GLY D 277 3.63 42.01 70.90
N PRO D 278 2.54 42.72 70.61
CA PRO D 278 1.44 42.11 69.87
C PRO D 278 1.79 41.84 68.42
N ILE D 279 1.06 40.88 67.86
CA ILE D 279 1.25 40.43 66.49
C ILE D 279 1.19 41.60 65.52
N GLY D 280 2.19 41.69 64.65
CA GLY D 280 2.33 42.75 63.67
C GLY D 280 3.24 43.89 64.07
N THR D 281 3.86 43.86 65.25
CA THR D 281 4.82 44.89 65.62
C THR D 281 6.18 44.59 65.00
N VAL D 282 6.97 45.66 64.80
CA VAL D 282 8.30 45.57 64.19
C VAL D 282 9.36 45.63 65.28
N ILE D 283 10.33 44.72 65.21
CA ILE D 283 11.40 44.61 66.18
C ILE D 283 12.76 44.77 65.48
N VAL D 284 13.71 45.44 66.14
CA VAL D 284 15.02 45.67 65.55
C VAL D 284 16.12 45.48 66.59
N THR D 285 17.31 45.07 66.10
CA THR D 285 18.51 44.86 66.87
C THR D 285 19.29 46.16 67.07
N PRO D 286 19.97 46.31 68.21
CA PRO D 286 20.74 47.53 68.45
C PRO D 286 21.94 47.65 67.52
N GLN D 287 22.31 48.90 67.24
CA GLN D 287 23.37 49.22 66.28
C GLN D 287 24.77 48.90 66.78
N ILE D 288 24.99 48.82 68.09
CA ILE D 288 26.31 48.54 68.64
C ILE D 288 26.81 47.14 68.34
N SER D 289 25.93 46.25 67.88
CA SER D 289 26.31 44.88 67.55
C SER D 289 26.20 44.60 66.05
N GLY D 290 26.77 45.50 65.24
CA GLY D 290 26.76 45.35 63.79
C GLY D 290 25.50 45.77 63.07
N PRO D 291 25.49 45.55 61.76
CA PRO D 291 24.35 45.94 60.92
C PRO D 291 23.01 45.48 61.49
N GLN D 292 22.10 46.43 61.62
CA GLN D 292 20.78 46.20 62.19
C GLN D 292 19.89 45.36 61.28
N GLN D 293 19.18 44.40 61.89
CA GLN D 293 18.27 43.50 61.20
C GLN D 293 16.86 43.75 61.71
N TYR D 294 15.94 44.06 60.79
CA TYR D 294 14.54 44.27 61.12
C TYR D 294 13.78 42.95 61.07
N SER D 295 12.73 42.85 61.89
CA SER D 295 11.94 41.63 61.93
C SER D 295 10.51 41.96 62.33
N LEU D 296 9.60 41.05 61.97
CA LEU D 296 8.17 41.16 62.21
C LEU D 296 7.73 40.01 63.09
N VAL D 297 6.96 40.31 64.14
CA VAL D 297 6.44 39.27 65.02
C VAL D 297 5.10 38.77 64.52
N LEU D 298 5.05 37.49 64.19
CA LEU D 298 3.86 36.81 63.73
C LEU D 298 3.27 36.00 64.88
N GLY D 299 2.25 35.20 64.56
CA GLY D 299 1.57 34.42 65.59
C GLY D 299 2.46 33.37 66.21
N ASP D 300 3.17 32.61 65.38
CA ASP D 300 3.99 31.51 65.88
C ASP D 300 5.49 31.79 65.85
N GLY D 301 5.91 33.02 65.60
CA GLY D 301 7.33 33.31 65.59
C GLY D 301 7.60 34.65 64.91
N VAL D 302 8.86 34.84 64.52
CA VAL D 302 9.27 36.06 63.85
C VAL D 302 9.80 35.76 62.45
N GLN D 303 9.61 36.73 61.55
CA GLN D 303 10.09 36.66 60.18
C GLN D 303 11.00 37.86 59.93
N THR D 304 12.02 37.68 59.09
CA THR D 304 12.92 38.78 58.79
C THR D 304 12.29 39.71 57.75
N LEU D 305 12.65 41.00 57.81
CA LEU D 305 12.15 42.00 56.87
C LEU D 305 13.26 42.75 56.15
N PRO D 306 13.11 43.01 54.84
CA PRO D 306 14.07 43.86 54.15
C PRO D 306 13.95 45.29 54.65
N PRO D 307 15.06 46.04 54.65
CA PRO D 307 15.04 47.42 55.16
C PRO D 307 13.95 48.32 54.59
N LEU D 308 13.62 48.17 53.31
CA LEU D 308 12.58 48.99 52.69
C LEU D 308 11.18 48.62 53.16
N VAL D 309 10.87 47.34 53.26
CA VAL D 309 9.54 46.92 53.71
C VAL D 309 9.30 47.31 55.15
N ALA D 310 10.32 47.31 55.99
CA ALA D 310 10.16 47.74 57.38
C ALA D 310 9.67 49.19 57.47
N GLN D 311 10.17 50.05 56.60
CA GLN D 311 9.70 51.45 56.59
C GLN D 311 8.23 51.56 56.19
N ILE D 312 7.80 50.80 55.18
CA ILE D 312 6.40 50.82 54.77
C ILE D 312 5.49 50.40 55.91
N LEU D 313 5.81 49.28 56.56
CA LEU D 313 4.99 48.81 57.66
C LEU D 313 4.92 49.82 58.80
N GLN D 314 6.05 50.44 59.16
CA GLN D 314 6.02 51.45 60.22
C GLN D 314 5.27 52.69 59.80
N ASN D 315 5.48 53.14 58.56
CA ASN D 315 4.76 54.31 58.07
C ASN D 315 3.26 54.06 58.01
N ALA D 316 2.87 52.89 57.49
CA ALA D 316 1.46 52.54 57.39
C ALA D 316 0.85 52.26 58.75
N GLY D 317 1.47 51.39 59.54
CA GLY D 317 0.93 51.05 60.84
C GLY D 317 1.28 52.00 61.96
N SER D 318 1.80 53.18 61.62
CA SER D 318 2.22 54.18 62.59
C SER D 318 1.14 54.45 63.64
N ALA D 319 0.01 55.01 63.22
CA ALA D 319 -1.07 55.40 64.14
C ALA D 319 -0.53 56.25 65.28
N GLY D 320 0.53 57.01 64.98
CA GLY D 320 1.22 57.87 65.93
C GLY D 320 2.61 57.38 66.31
N ASN D 321 2.91 56.10 66.12
CA ASN D 321 4.24 55.60 66.43
C ASN D 321 5.22 55.91 65.31
N THR D 322 6.50 56.02 65.67
CA THR D 322 7.51 56.33 64.66
C THR D 322 8.78 55.49 64.75
N LYS D 323 8.95 54.65 65.77
CA LYS D 323 10.16 53.85 65.88
C LYS D 323 9.82 52.44 66.38
N PRO D 324 10.64 51.45 66.02
CA PRO D 324 10.37 50.07 66.41
C PRO D 324 10.93 49.71 67.79
N LEU D 325 10.55 48.50 68.24
CA LEU D 325 11.03 47.95 69.50
C LEU D 325 12.45 47.41 69.36
N THR D 326 13.28 47.66 70.36
CA THR D 326 14.67 47.20 70.38
C THR D 326 14.81 45.99 71.30
N VAL D 327 15.49 44.94 70.83
CA VAL D 327 15.72 43.73 71.63
C VAL D 327 17.19 43.33 71.58
N GLU D 328 17.68 42.82 72.70
CA GLU D 328 19.06 42.36 72.82
C GLU D 328 19.30 41.08 72.01
N PRO D 329 20.47 40.93 71.39
CA PRO D 329 20.75 39.72 70.61
C PRO D 329 20.57 38.42 71.36
N SER D 330 20.92 38.42 72.65
CA SER D 330 20.78 37.23 73.49
C SER D 330 19.33 36.76 73.64
N THR D 331 18.39 37.69 73.79
CA THR D 331 17.00 37.28 73.90
C THR D 331 16.36 36.99 72.55
N LEU D 332 16.77 37.72 71.52
CA LEU D 332 16.22 37.49 70.17
C LEU D 332 16.49 36.06 69.70
N ALA D 333 17.68 35.53 70.00
CA ALA D 333 18.06 34.17 69.63
C ALA D 333 17.16 33.10 70.20
N LYS D 334 16.36 33.41 71.21
CA LYS D 334 15.48 32.43 71.83
C LYS D 334 14.12 32.29 71.15
N MET D 335 13.72 33.25 70.34
CA MET D 335 12.42 33.19 69.66
C MET D 335 12.48 32.35 68.38
N PRO D 336 11.45 31.53 68.14
CA PRO D 336 11.40 30.68 66.95
C PRO D 336 11.20 31.45 65.65
N VAL D 337 11.90 30.98 64.60
CA VAL D 337 11.86 31.54 63.26
C VAL D 337 10.71 30.93 62.46
N VAL D 338 10.00 31.79 61.73
CA VAL D 338 8.84 31.43 60.91
C VAL D 338 8.95 32.16 59.58
N ASN D 339 8.36 31.55 58.54
CA ASN D 339 8.33 32.10 57.18
C ASN D 339 6.92 31.95 56.63
N ARG D 340 6.18 33.07 56.55
CA ARG D 340 4.80 33.04 56.07
C ARG D 340 4.42 34.14 55.08
N LEU D 341 5.07 35.29 55.05
CA LEU D 341 4.73 36.37 54.11
C LEU D 341 5.72 36.41 52.94
N ASP D 342 5.18 36.54 51.72
CA ASP D 342 5.98 36.61 50.50
C ASP D 342 6.20 38.04 50.07
N LEU D 343 7.25 38.66 50.62
CA LEU D 343 7.64 40.05 50.36
C LEU D 343 8.44 40.22 49.06
N SER D 344 8.54 39.17 48.25
CA SER D 344 9.28 39.22 46.99
C SER D 344 8.81 40.30 46.03
N ALA D 345 7.54 40.70 46.11
CA ALA D 345 7.02 41.72 45.20
C ALA D 345 7.63 43.10 45.39
N TYR D 346 8.14 43.42 46.54
CA TYR D 346 8.66 44.78 46.69
C TYR D 346 10.13 44.91 46.32
N PRO D 347 10.50 46.07 45.76
CA PRO D 347 11.89 46.34 45.42
C PRO D 347 12.74 46.50 46.68
N ASP D 348 14.03 46.27 46.54
CA ASP D 348 14.94 46.38 47.68
C ASP D 348 15.53 47.76 47.92
N ASN D 349 15.34 48.73 47.03
CA ASN D 349 15.89 50.06 47.25
C ASN D 349 15.05 51.08 46.47
N PRO D 350 15.17 52.36 46.79
CA PRO D 350 14.37 53.39 46.11
C PRO D 350 14.45 53.36 44.58
N LEU D 351 13.29 53.53 43.95
CA LEU D 351 13.16 53.51 42.50
C LEU D 351 13.74 54.77 41.85
N GLU D 352 14.34 54.61 40.68
CA GLU D 352 14.89 55.69 39.87
C GLU D 352 13.97 55.91 38.66
N VAL D 353 12.90 56.66 38.88
CA VAL D 353 11.92 56.93 37.83
C VAL D 353 12.53 57.82 36.74
N VAL D 354 12.52 57.32 35.51
CA VAL D 354 13.01 58.03 34.32
C VAL D 354 12.00 59.09 33.91
N ASP D 355 12.49 60.31 33.62
CA ASP D 355 11.62 61.39 33.20
C ASP D 355 11.19 61.24 31.74
N ILE D 356 9.89 60.97 31.53
CA ILE D 356 9.31 60.76 30.21
C ILE D 356 9.59 61.93 29.27
N ARG D 357 9.75 63.13 29.80
CA ARG D 357 10.06 64.27 28.96
C ARG D 357 11.39 64.09 28.24
N GLU D 358 12.31 63.35 28.83
CA GLU D 358 13.60 63.07 28.22
C GLU D 358 13.59 61.81 27.36
N HIS D 359 12.95 60.73 27.84
CA HIS D 359 12.83 59.46 27.11
C HIS D 359 11.37 59.16 26.80
N PRO D 360 10.81 59.78 25.77
CA PRO D 360 9.41 59.60 25.43
C PRO D 360 9.09 58.32 24.68
N SER D 361 10.01 57.35 24.66
CA SER D 361 9.79 56.09 23.96
C SER D 361 10.19 54.90 24.80
N THR D 362 9.35 53.86 24.78
CA THR D 362 9.58 52.63 25.50
C THR D 362 9.14 51.47 24.63
N CYS D 363 9.86 50.33 24.71
CA CYS D 363 9.54 49.18 23.88
C CYS D 363 9.70 47.88 24.65
N TRP D 364 8.92 46.89 24.24
CA TRP D 364 8.99 45.53 24.76
C TRP D 364 9.73 44.69 23.74
N TRP D 365 10.76 43.98 24.17
CA TRP D 365 11.61 43.19 23.29
C TRP D 365 11.60 41.71 23.63
N TRP D 366 11.36 40.88 22.62
CA TRP D 366 11.35 39.43 22.71
C TRP D 366 12.36 38.88 21.74
N GLU D 367 13.18 37.93 22.18
CA GLU D 367 14.19 37.33 21.31
C GLU D 367 14.44 35.88 21.67
N ARG D 368 14.65 35.05 20.65
CA ARG D 368 14.94 33.64 20.81
C ARG D 368 15.98 33.22 19.79
N THR D 369 16.97 32.44 20.23
CA THR D 369 18.05 31.99 19.37
C THR D 369 17.76 30.57 18.90
N ALA D 370 18.03 30.29 17.64
CA ALA D 370 17.77 28.95 17.12
C ALA D 370 18.51 27.91 17.95
N GLY D 371 17.78 26.88 18.37
CA GLY D 371 18.33 25.83 19.20
C GLY D 371 18.18 26.03 20.69
N GLU D 372 17.72 27.20 21.13
CA GLU D 372 17.53 27.45 22.55
C GLU D 372 16.17 27.02 23.04
N ASN D 373 16.11 26.78 24.34
CA ASN D 373 14.91 26.32 25.03
C ASN D 373 14.12 27.46 25.67
N ARG D 374 14.67 28.66 25.74
CA ARG D 374 14.00 29.78 26.40
C ARG D 374 14.18 31.04 25.58
N ALA D 375 13.23 31.96 25.71
CA ALA D 375 13.27 33.25 25.02
C ALA D 375 13.45 34.39 26.02
N ARG D 376 14.35 35.31 25.71
CA ARG D 376 14.60 36.47 26.56
C ARG D 376 13.56 37.56 26.30
N VAL D 377 13.11 38.21 27.36
CA VAL D 377 12.15 39.31 27.26
C VAL D 377 12.67 40.50 28.07
N ARG D 378 12.69 41.68 27.45
CA ARG D 378 13.26 42.86 28.10
C ARG D 378 12.51 44.12 27.68
N VAL D 379 12.75 45.21 28.40
CA VAL D 379 12.17 46.52 28.12
C VAL D 379 13.27 47.52 27.80
N VAL D 380 13.03 48.33 26.77
CA VAL D 380 14.01 49.31 26.29
C VAL D 380 13.37 50.69 26.24
N SER D 381 14.16 51.72 26.54
CA SER D 381 13.68 53.09 26.49
C SER D 381 14.80 54.02 26.02
N GLY D 382 14.40 55.18 25.49
CA GLY D 382 15.35 56.15 25.01
C GLY D 382 14.72 57.37 24.39
N PRO D 383 15.54 58.23 23.76
CA PRO D 383 15.01 59.44 23.16
C PRO D 383 14.18 59.20 21.91
N THR D 384 14.40 58.10 21.20
CA THR D 384 13.67 57.79 19.97
C THR D 384 13.63 56.28 19.79
N ILE D 385 12.82 55.84 18.84
CA ILE D 385 12.67 54.44 18.49
C ILE D 385 14.05 53.81 18.30
N PRO D 386 14.22 52.54 18.67
CA PRO D 386 15.53 51.88 18.59
C PRO D 386 15.99 51.52 17.18
N VAL D 387 16.14 52.50 16.29
CA VAL D 387 16.63 52.26 14.93
C VAL D 387 17.73 53.26 14.63
N ALA D 388 18.66 52.84 13.78
CA ALA D 388 19.78 53.70 13.41
C ALA D 388 19.30 54.98 12.75
N ALA D 389 19.97 56.08 13.08
CA ALA D 389 19.61 57.39 12.56
C ALA D 389 19.58 57.41 11.03
N THR D 390 20.50 56.70 10.37
CA THR D 390 20.53 56.70 8.92
C THR D 390 19.31 56.00 8.32
N GLU D 391 18.83 54.94 8.95
CA GLU D 391 17.70 54.18 8.45
C GLU D 391 16.34 54.75 8.84
N MET D 392 16.31 55.77 9.69
CA MET D 392 15.04 56.36 10.12
C MET D 392 14.19 56.83 8.96
N ASN D 393 14.81 57.16 7.82
CA ASN D 393 14.04 57.59 6.67
C ASN D 393 13.27 56.47 5.99
N LYS D 394 13.62 55.21 6.19
CA LYS D 394 12.96 54.11 5.50
C LYS D 394 12.02 53.31 6.39
N VAL D 395 11.29 53.99 7.28
CA VAL D 395 10.12 53.43 7.95
C VAL D 395 8.93 53.49 7.01
N VAL D 396 8.07 52.46 7.06
CA VAL D 396 6.89 52.37 6.22
C VAL D 396 5.66 52.77 7.03
N SER D 397 4.84 53.67 6.48
CA SER D 397 3.61 54.11 7.13
C SER D 397 2.42 53.33 6.60
N LEU D 398 1.78 52.53 7.46
CA LEU D 398 0.65 51.73 7.02
C LEU D 398 -0.65 52.52 6.98
N VAL D 399 -1.59 52.03 6.17
CA VAL D 399 -2.95 52.54 6.19
C VAL D 399 -3.61 51.95 7.43
N LYS D 400 -4.68 52.57 7.93
CA LYS D 400 -5.26 52.02 9.16
C LYS D 400 -6.79 51.97 9.10
N ALA D 401 -7.31 50.99 8.37
CA ALA D 401 -8.75 50.80 8.26
C ALA D 401 -9.38 50.41 9.61
N ASP D 402 -8.69 49.57 10.38
CA ASP D 402 -9.17 49.13 11.68
C ASP D 402 -8.82 50.16 12.76
N THR D 403 -9.85 50.86 13.24
CA THR D 403 -9.73 51.89 14.26
C THR D 403 -9.85 51.34 15.68
N SER D 404 -9.93 50.03 15.87
CA SER D 404 -10.07 49.47 17.21
C SER D 404 -8.75 49.44 17.97
N GLY D 405 -7.65 49.90 17.37
CA GLY D 405 -6.35 49.91 18.01
C GLY D 405 -5.53 48.65 17.86
N ARG D 406 -6.13 47.53 17.46
CA ARG D 406 -5.33 46.32 17.27
C ARG D 406 -4.58 46.33 15.95
N GLN D 407 -4.17 47.50 15.47
CA GLN D 407 -3.33 47.55 14.27
C GLN D 407 -2.29 48.65 14.44
N ALA D 408 -1.04 48.34 14.10
CA ALA D 408 0.03 49.31 14.24
C ALA D 408 -0.03 50.43 13.21
N ASP D 409 0.68 51.52 13.50
CA ASP D 409 0.80 52.66 12.60
C ASP D 409 2.02 52.60 11.69
N GLN D 410 3.15 52.06 12.16
CA GLN D 410 4.37 52.01 11.37
C GLN D 410 5.06 50.66 11.54
N VAL D 411 5.80 50.26 10.50
CA VAL D 411 6.54 49.00 10.46
C VAL D 411 7.94 49.27 9.96
N TYR D 412 8.93 48.59 10.55
CA TYR D 412 10.32 48.71 10.13
C TYR D 412 10.99 47.35 10.05
N PHE D 413 11.48 46.99 8.87
CA PHE D 413 12.18 45.74 8.65
C PHE D 413 13.69 45.97 8.72
N GLY D 414 14.25 45.83 9.92
CA GLY D 414 15.67 46.02 10.11
C GLY D 414 16.48 44.87 9.57
N PRO D 415 17.78 44.90 9.82
CA PRO D 415 18.67 43.82 9.37
C PRO D 415 18.38 42.49 10.02
N ASP D 416 18.61 41.43 9.26
CA ASP D 416 18.41 40.05 9.71
C ASP D 416 16.97 39.75 10.10
N HIS D 417 16.02 40.33 9.35
CA HIS D 417 14.61 40.09 9.58
C HIS D 417 14.18 38.74 9.04
N ALA D 418 12.92 38.36 9.29
CA ALA D 418 12.39 37.09 8.81
C ALA D 418 11.15 37.28 7.96
N ASN D 419 10.97 36.41 6.98
CA ASN D 419 9.83 36.42 6.07
C ASN D 419 8.80 35.34 6.35
N PHE D 420 9.21 34.08 6.32
CA PHE D 420 8.34 32.94 6.55
C PHE D 420 8.31 32.66 8.04
N VAL D 421 7.15 32.91 8.68
CA VAL D 421 7.02 32.84 10.13
C VAL D 421 5.92 31.90 10.59
N ALA D 422 6.13 31.29 11.76
CA ALA D 422 5.18 30.42 12.42
C ALA D 422 4.77 31.01 13.77
N VAL D 423 3.48 30.98 14.09
CA VAL D 423 2.92 31.55 15.32
C VAL D 423 3.16 30.65 16.53
N THR D 424 3.54 31.26 17.66
CA THR D 424 3.81 30.56 18.93
C THR D 424 3.31 31.42 20.09
N GLY D 425 3.19 30.80 21.25
CA GLY D 425 2.75 31.50 22.45
C GLY D 425 3.68 32.64 22.84
N ASN D 426 3.15 33.56 23.65
CA ASN D 426 3.87 34.76 24.07
C ASN D 426 4.77 34.58 25.29
N ASN D 427 4.48 33.65 26.17
CA ASN D 427 5.30 33.47 27.36
C ASN D 427 6.71 33.02 26.98
N PRO D 428 7.68 33.27 27.86
CA PRO D 428 9.08 32.92 27.56
C PRO D 428 9.34 31.42 27.47
N GLY D 429 8.43 30.56 27.89
CA GLY D 429 8.65 29.12 27.86
C GLY D 429 7.82 28.36 26.85
N ALA D 430 7.11 29.03 25.95
CA ALA D 430 6.27 28.37 24.96
C ALA D 430 7.10 27.56 23.96
N GLN D 431 6.54 26.42 23.52
CA GLN D 431 7.19 25.52 22.58
C GLN D 431 6.32 25.11 21.40
N THR D 432 5.09 25.59 21.30
CA THR D 432 4.21 25.19 20.20
C THR D 432 4.57 25.88 18.88
N SER D 433 3.85 25.45 17.83
CA SER D 433 3.94 25.99 16.48
C SER D 433 2.60 25.65 15.82
N GLU D 434 1.73 26.65 15.65
CA GLU D 434 0.35 26.41 15.21
C GLU D 434 -0.03 26.85 13.79
N SER D 435 0.59 27.87 13.19
CA SER D 435 0.20 28.24 11.83
C SER D 435 1.33 28.98 11.14
N LEU D 436 1.34 28.89 9.80
CA LEU D 436 2.38 29.49 8.97
C LEU D 436 1.85 30.76 8.31
N TRP D 437 2.70 31.80 8.28
CA TRP D 437 2.36 33.09 7.72
C TRP D 437 3.51 33.65 6.91
N TRP D 438 3.19 34.37 5.85
CA TRP D 438 4.16 35.06 5.00
C TRP D 438 4.01 36.56 5.16
N VAL D 439 5.12 37.26 5.44
CA VAL D 439 5.11 38.71 5.64
C VAL D 439 5.90 39.42 4.55
N THR D 440 5.23 40.28 3.78
CA THR D 440 5.87 41.01 2.70
C THR D 440 6.56 42.25 3.24
N ASP D 441 7.52 42.77 2.47
CA ASP D 441 8.21 43.99 2.90
C ASP D 441 7.33 45.22 2.84
N ALA D 442 6.11 45.12 2.28
CA ALA D 442 5.15 46.22 2.36
C ALA D 442 4.38 46.19 3.66
N GLY D 443 4.56 45.15 4.47
CA GLY D 443 3.92 45.02 5.76
C GLY D 443 2.53 44.42 5.81
N ALA D 444 2.32 43.29 5.15
CA ALA D 444 1.03 42.62 5.17
C ALA D 444 1.29 41.13 5.33
N ARG D 445 0.43 40.45 6.09
CA ARG D 445 0.58 39.01 6.34
C ARG D 445 -0.47 38.19 5.59
N PHE D 446 -0.01 37.14 4.90
CA PHE D 446 -0.87 36.24 4.14
C PHE D 446 -0.75 34.84 4.72
N GLY D 447 -1.87 34.19 5.00
CA GLY D 447 -1.83 32.84 5.55
C GLY D 447 -1.57 31.82 4.45
N VAL D 448 -0.80 30.78 4.80
CA VAL D 448 -0.44 29.70 3.88
C VAL D 448 -0.98 28.37 4.37
N GLU D 449 -1.78 27.70 3.55
CA GLU D 449 -2.28 26.38 3.89
C GLU D 449 -1.14 25.39 3.81
N ASP D 450 -0.90 24.65 4.88
CA ASP D 450 0.30 23.84 4.99
C ASP D 450 0.23 22.50 4.24
N SER D 451 -0.63 22.37 3.23
CA SER D 451 -0.66 21.13 2.46
C SER D 451 0.59 20.98 1.61
N LYS D 452 1.01 19.72 1.45
CA LYS D 452 2.20 19.42 0.69
C LYS D 452 2.19 20.05 -0.70
N GLU D 453 1.02 20.16 -1.33
CA GLU D 453 0.94 20.80 -2.63
C GLU D 453 1.12 22.31 -2.57
N ALA D 454 0.59 22.97 -1.53
CA ALA D 454 0.75 24.41 -1.44
C ALA D 454 2.18 24.80 -1.11
N ARG D 455 2.80 24.07 -0.18
CA ARG D 455 4.16 24.38 0.23
C ARG D 455 5.13 24.25 -0.92
N ASP D 456 5.02 23.17 -1.69
CA ASP D 456 5.91 22.96 -2.82
C ASP D 456 5.63 23.87 -4.01
N ALA D 457 4.37 24.19 -4.26
CA ALA D 457 4.09 25.09 -5.38
C ALA D 457 4.65 26.49 -5.13
N LEU D 458 4.49 27.01 -3.92
CA LEU D 458 5.04 28.33 -3.61
C LEU D 458 6.55 28.31 -3.47
N GLY D 459 7.15 27.18 -3.10
CA GLY D 459 8.58 27.12 -2.90
C GLY D 459 8.94 27.39 -1.44
N LEU D 460 8.08 26.93 -0.54
CA LEU D 460 8.20 27.10 0.89
C LEU D 460 8.47 25.78 1.61
N THR D 461 9.17 24.86 0.96
CA THR D 461 9.62 23.63 1.60
C THR D 461 10.92 24.01 2.31
N LEU D 462 10.73 24.61 3.48
CA LEU D 462 11.80 25.17 4.30
C LEU D 462 11.26 25.25 5.72
N THR D 463 12.19 25.37 6.72
CA THR D 463 11.70 25.48 8.10
C THR D 463 11.39 26.91 8.50
N PRO D 464 10.19 27.18 9.03
CA PRO D 464 9.81 28.53 9.42
C PRO D 464 10.39 29.03 10.73
N SER D 465 10.57 30.35 10.81
CA SER D 465 11.05 31.03 12.01
C SER D 465 9.87 31.31 12.95
N LEU D 466 10.11 31.24 14.25
CA LEU D 466 9.04 31.44 15.23
C LEU D 466 8.79 32.93 15.49
N ALA D 467 7.54 33.28 15.82
CA ALA D 467 7.18 34.64 16.17
C ALA D 467 6.07 34.67 17.20
N PRO D 468 5.99 35.72 18.03
CA PRO D 468 4.96 35.80 19.05
C PRO D 468 3.66 36.44 18.56
N TRP D 469 2.55 35.83 18.93
CA TRP D 469 1.24 36.31 18.50
C TRP D 469 0.95 37.74 18.93
N VAL D 470 1.38 38.15 20.12
CA VAL D 470 1.13 39.52 20.56
C VAL D 470 1.74 40.58 19.68
N ALA D 471 2.78 40.26 18.92
CA ALA D 471 3.40 41.20 17.99
C ALA D 471 2.89 41.05 16.57
N LEU D 472 2.81 39.81 16.09
CA LEU D 472 2.38 39.53 14.73
C LEU D 472 0.94 39.96 14.45
N ARG D 473 0.04 39.88 15.43
CA ARG D 473 -1.34 40.27 15.18
C ARG D 473 -1.51 41.72 14.76
N LEU D 474 -0.53 42.58 14.99
CA LEU D 474 -0.66 43.98 14.64
C LEU D 474 -0.52 44.26 13.15
N LEU D 475 -0.09 43.30 12.34
CA LEU D 475 -0.01 43.53 10.90
C LEU D 475 -1.34 43.18 10.19
N PRO D 476 -1.74 43.97 9.20
CA PRO D 476 -2.98 43.72 8.47
C PRO D 476 -2.94 42.39 7.72
N GLN D 477 -4.08 41.71 7.68
CA GLN D 477 -4.22 40.38 7.09
C GLN D 477 -4.87 40.37 5.71
N GLY D 478 -4.21 39.70 4.77
CA GLY D 478 -4.68 39.52 3.41
C GLY D 478 -5.39 38.19 3.20
N PRO D 479 -5.75 37.91 1.94
CA PRO D 479 -6.41 36.64 1.60
C PRO D 479 -5.51 35.43 1.71
N THR D 480 -6.10 34.29 2.06
CA THR D 480 -5.37 33.03 2.19
C THR D 480 -4.86 32.52 0.84
N LEU D 481 -3.66 31.95 0.84
CA LEU D 481 -3.03 31.37 -0.36
C LEU D 481 -3.29 29.87 -0.41
N SER D 482 -3.96 29.40 -1.46
CA SER D 482 -4.22 27.97 -1.62
C SER D 482 -4.53 27.65 -3.07
N ARG D 483 -4.21 26.43 -3.48
CA ARG D 483 -4.43 26.01 -4.86
C ARG D 483 -5.91 26.07 -5.24
N ALA D 484 -6.77 25.50 -4.40
CA ALA D 484 -8.21 25.54 -4.66
C ALA D 484 -8.77 26.94 -4.64
N ASP D 485 -8.05 27.89 -4.07
CA ASP D 485 -8.48 29.29 -4.00
C ASP D 485 -8.10 30.12 -5.21
N ALA D 486 -6.98 29.82 -5.87
CA ALA D 486 -6.55 30.58 -7.04
C ALA D 486 -7.19 30.13 -8.35
N LEU D 487 -7.69 28.90 -8.45
CA LEU D 487 -8.34 28.38 -9.64
C LEU D 487 -9.72 28.96 -9.89
N VAL D 488 -9.83 30.25 -10.18
CA VAL D 488 -11.12 30.88 -10.46
C VAL D 488 -10.95 31.93 -11.54
N GLU D 489 -12.04 32.18 -12.27
CA GLU D 489 -12.10 33.16 -13.35
C GLU D 489 -12.95 34.35 -12.97
N HIS D 490 -12.58 35.52 -13.48
CA HIS D 490 -13.34 36.74 -13.23
C HIS D 490 -13.45 37.54 -14.52
N ASP D 491 -14.65 38.04 -14.81
CA ASP D 491 -14.82 38.90 -15.99
C ASP D 491 -14.21 40.27 -15.72
N THR D 492 -14.60 40.88 -14.60
CA THR D 492 -14.08 42.16 -14.16
C THR D 492 -14.05 42.13 -12.64
N LEU D 493 -13.19 42.95 -12.08
CA LEU D 493 -13.03 42.94 -10.65
C LEU D 493 -13.69 44.15 -10.01
N PRO D 494 -14.43 43.96 -8.92
CA PRO D 494 -15.20 45.06 -8.33
C PRO D 494 -14.31 46.03 -7.56
N MET D 495 -14.28 47.28 -8.03
CA MET D 495 -13.53 48.32 -7.33
C MET D 495 -14.37 48.85 -6.19
N ASP D 496 -13.78 48.95 -5.01
CA ASP D 496 -14.49 49.47 -3.85
C ASP D 496 -13.50 49.90 -2.78
N SER E 74 39.22 -8.39 -34.44
CA SER E 74 38.53 -9.20 -33.45
C SER E 74 38.01 -8.33 -32.32
N PHE E 75 38.87 -7.48 -31.78
CA PHE E 75 38.48 -6.61 -30.68
C PHE E 75 37.37 -5.66 -31.09
N ILE E 76 37.19 -5.45 -32.40
CA ILE E 76 36.13 -4.58 -32.89
C ILE E 76 34.77 -5.13 -32.47
N SER E 77 34.62 -6.45 -32.49
CA SER E 77 33.40 -7.12 -32.10
C SER E 77 33.68 -8.61 -31.98
N PRO E 78 34.22 -9.06 -30.85
CA PRO E 78 34.55 -10.48 -30.70
C PRO E 78 33.33 -11.39 -30.70
N SER E 79 33.56 -12.59 -31.24
CA SER E 79 32.53 -13.61 -31.39
C SER E 79 31.76 -13.95 -30.13
N GLY E 80 32.36 -13.77 -28.95
CA GLY E 80 31.70 -14.08 -27.69
C GLY E 80 30.64 -13.12 -27.19
N GLN E 81 30.44 -11.96 -27.80
CA GLN E 81 29.44 -10.98 -27.31
C GLN E 81 28.03 -11.36 -27.76
N LEU E 82 27.57 -12.50 -27.24
CA LEU E 82 26.24 -13.05 -27.46
C LEU E 82 25.26 -12.57 -26.39
N ASN E 83 24.02 -13.07 -26.49
CA ASN E 83 22.94 -12.76 -25.55
C ASN E 83 22.59 -11.28 -25.48
N GLU E 84 22.72 -10.58 -26.59
CA GLU E 84 22.35 -9.17 -26.61
C GLU E 84 20.84 -8.99 -26.50
N SER E 85 20.06 -9.95 -26.99
CA SER E 85 18.61 -9.93 -26.92
C SER E 85 18.08 -11.35 -26.90
N PRO E 86 16.93 -11.58 -26.24
CA PRO E 86 16.36 -12.93 -26.21
C PRO E 86 15.68 -13.38 -27.50
N ILE E 87 15.53 -12.52 -28.50
CA ILE E 87 14.92 -12.90 -29.78
C ILE E 87 16.02 -12.80 -30.83
N ILE E 88 16.41 -13.94 -31.41
CA ILE E 88 17.47 -13.99 -32.39
C ILE E 88 17.00 -14.74 -33.63
N ALA E 89 17.60 -14.41 -34.77
CA ALA E 89 17.29 -15.02 -36.04
C ALA E 89 18.57 -15.46 -36.76
N ASP E 90 18.48 -16.60 -37.42
CA ASP E 90 19.60 -17.17 -38.16
C ASP E 90 19.98 -16.27 -39.33
N ARG E 91 21.21 -15.74 -39.28
CA ARG E 91 21.75 -14.83 -40.28
C ARG E 91 21.87 -15.45 -41.68
N ASP E 92 21.66 -16.73 -41.84
CA ASP E 92 21.72 -17.40 -43.14
C ASP E 92 20.42 -18.04 -43.58
N SER E 93 19.66 -18.62 -42.66
CA SER E 93 18.42 -19.32 -42.96
C SER E 93 17.16 -18.55 -42.59
N GLY E 94 17.27 -17.43 -41.89
CA GLY E 94 16.10 -16.67 -41.53
C GLY E 94 15.19 -17.33 -40.50
N ALA E 95 15.58 -18.48 -39.98
CA ALA E 95 14.81 -19.13 -38.92
C ALA E 95 14.83 -18.24 -37.69
N LEU E 96 13.75 -18.30 -36.92
CA LEU E 96 13.61 -17.46 -35.73
C LEU E 96 13.60 -18.33 -34.47
N TYR E 97 14.43 -17.95 -33.50
CA TYR E 97 14.58 -18.64 -32.23
C TYR E 97 14.32 -17.69 -31.07
N VAL E 98 13.80 -18.25 -29.98
CA VAL E 98 13.52 -17.51 -28.76
C VAL E 98 14.27 -18.16 -27.61
N ARG E 99 14.85 -17.32 -26.75
CA ARG E 99 15.64 -17.76 -25.61
C ARG E 99 14.87 -17.66 -24.31
N VAL E 100 14.83 -18.75 -23.55
CA VAL E 100 14.21 -18.77 -22.23
C VAL E 100 15.04 -19.69 -21.37
N GLY E 101 15.39 -19.24 -20.17
CA GLY E 101 16.27 -20.01 -19.33
C GLY E 101 17.66 -20.00 -19.95
N ASP E 102 18.12 -21.19 -20.34
CA ASP E 102 19.41 -21.36 -20.97
C ASP E 102 19.32 -22.07 -22.31
N ARG E 103 18.12 -22.41 -22.77
CA ARG E 103 17.88 -23.10 -24.03
C ARG E 103 17.32 -22.17 -25.09
N LEU E 104 17.41 -22.60 -26.35
CA LEU E 104 16.83 -21.90 -27.48
C LEU E 104 15.66 -22.73 -28.02
N TYR E 105 14.51 -22.09 -28.18
CA TYR E 105 13.34 -22.74 -28.72
C TYR E 105 12.97 -22.15 -30.08
N PRO E 106 12.70 -22.96 -31.09
CA PRO E 106 12.26 -22.40 -32.37
C PRO E 106 10.83 -21.92 -32.23
N ALA E 107 10.58 -20.65 -32.56
CA ALA E 107 9.25 -20.07 -32.44
C ALA E 107 8.55 -19.99 -33.78
N LEU E 108 7.24 -20.22 -33.76
CA LEU E 108 6.44 -20.18 -34.97
C LEU E 108 6.34 -18.80 -35.61
N ASN E 109 6.36 -17.74 -34.81
CA ASN E 109 6.22 -16.41 -35.40
C ASN E 109 6.63 -15.34 -34.41
N LEU E 110 6.85 -14.14 -34.96
CA LEU E 110 7.27 -12.99 -34.16
C LEU E 110 6.26 -12.61 -33.09
N ALA E 111 4.97 -12.74 -33.36
CA ALA E 111 3.97 -12.42 -32.36
C ALA E 111 4.13 -13.27 -31.09
N SER E 112 4.26 -14.58 -31.25
CA SER E 112 4.43 -15.43 -30.08
C SER E 112 5.81 -15.28 -29.43
N ALA E 113 6.82 -14.88 -30.21
CA ALA E 113 8.13 -14.62 -29.62
C ALA E 113 8.11 -13.42 -28.67
N ARG E 114 7.41 -12.36 -29.03
CA ARG E 114 7.30 -11.20 -28.15
C ARG E 114 6.52 -11.52 -26.88
N LEU E 115 5.42 -12.24 -27.00
CA LEU E 115 4.64 -12.62 -25.82
C LEU E 115 5.44 -13.49 -24.86
N ILE E 116 6.20 -14.46 -25.37
CA ILE E 116 6.98 -15.31 -24.47
C ILE E 116 8.08 -14.51 -23.77
N THR E 117 8.82 -13.68 -24.50
CA THR E 117 9.91 -12.94 -23.87
C THR E 117 9.46 -11.67 -23.17
N GLY E 118 8.29 -11.12 -23.52
CA GLY E 118 7.80 -9.91 -22.88
C GLY E 118 8.46 -8.62 -23.31
N ARG E 119 9.18 -8.60 -24.42
CA ARG E 119 9.80 -7.37 -24.89
C ARG E 119 9.33 -7.03 -26.29
N PRO E 120 9.04 -5.77 -26.58
CA PRO E 120 8.63 -5.37 -27.93
C PRO E 120 9.85 -5.15 -28.84
N ASP E 121 10.70 -6.15 -28.91
CA ASP E 121 11.96 -6.10 -29.66
C ASP E 121 11.80 -6.66 -31.08
N ASN E 122 12.84 -6.43 -31.89
CA ASN E 122 12.98 -6.89 -33.26
C ASN E 122 14.07 -7.96 -33.31
N PRO E 123 13.91 -9.00 -34.13
CA PRO E 123 14.91 -10.07 -34.16
C PRO E 123 16.32 -9.57 -34.45
N HIS E 124 17.26 -10.13 -33.69
CA HIS E 124 18.68 -9.82 -33.77
C HIS E 124 19.38 -10.94 -34.52
N LEU E 125 20.13 -10.59 -35.57
CA LEU E 125 20.80 -11.59 -36.41
C LEU E 125 22.05 -12.16 -35.77
N VAL E 126 22.14 -13.50 -35.74
CA VAL E 126 23.27 -14.23 -35.17
C VAL E 126 23.79 -15.24 -36.20
N ARG E 127 25.12 -15.37 -36.27
CA ARG E 127 25.73 -16.30 -37.20
C ARG E 127 25.30 -17.74 -36.91
N SER E 128 24.86 -18.44 -37.96
CA SER E 128 24.31 -19.78 -37.85
C SER E 128 25.19 -20.76 -37.06
N SER E 129 26.50 -20.67 -37.19
CA SER E 129 27.39 -21.58 -36.46
C SER E 129 27.34 -21.40 -34.95
N GLN E 130 26.96 -20.25 -34.44
CA GLN E 130 26.86 -20.07 -32.99
C GLN E 130 25.60 -20.73 -32.42
N ILE E 131 24.50 -20.69 -33.17
CA ILE E 131 23.23 -21.27 -32.76
C ILE E 131 23.28 -22.78 -32.61
N ALA E 132 24.26 -23.44 -33.24
CA ALA E 132 24.44 -24.88 -33.08
C ALA E 132 25.09 -25.27 -31.76
N THR E 133 25.70 -24.32 -31.06
CA THR E 133 26.40 -24.55 -29.81
C THR E 133 25.50 -24.52 -28.58
N MET E 134 24.20 -24.23 -28.71
CA MET E 134 23.31 -24.14 -27.56
C MET E 134 22.19 -25.18 -27.63
N PRO E 135 21.72 -25.65 -26.48
CA PRO E 135 20.68 -26.68 -26.44
C PRO E 135 19.35 -26.20 -27.00
N ARG E 136 18.57 -27.17 -27.51
CA ARG E 136 17.28 -26.92 -28.15
C ARG E 136 16.10 -27.44 -27.33
N GLY E 137 14.92 -27.29 -27.95
CA GLY E 137 13.65 -27.71 -27.41
C GLY E 137 12.61 -27.77 -28.53
N PRO E 138 11.45 -28.35 -28.26
CA PRO E 138 10.40 -28.42 -29.27
C PRO E 138 9.83 -27.07 -29.69
N LEU E 139 8.93 -27.05 -30.68
CA LEU E 139 8.32 -25.80 -31.14
C LEU E 139 7.44 -25.14 -30.08
N VAL E 140 7.36 -23.81 -30.16
CA VAL E 140 6.56 -23.01 -29.24
C VAL E 140 5.84 -21.89 -29.97
N GLY E 141 4.69 -21.47 -29.43
CA GLY E 141 3.90 -20.37 -29.95
C GLY E 141 2.50 -20.73 -30.39
N ILE E 142 1.87 -19.77 -31.04
CA ILE E 142 0.51 -19.84 -31.58
C ILE E 142 0.60 -20.00 -33.09
N PRO E 143 -0.03 -21.02 -33.68
CA PRO E 143 0.08 -21.20 -35.13
C PRO E 143 -0.72 -20.15 -35.89
N GLY E 144 -0.11 -19.58 -36.94
CA GLY E 144 -0.79 -18.61 -37.77
C GLY E 144 -0.89 -17.18 -37.27
N ALA E 145 -0.34 -16.88 -36.10
CA ALA E 145 -0.39 -15.51 -35.58
C ALA E 145 0.32 -14.52 -36.51
N PRO E 146 -0.01 -13.23 -36.37
CA PRO E 146 0.60 -12.20 -37.23
C PRO E 146 2.12 -12.21 -37.16
N SER E 147 2.74 -11.97 -38.31
CA SER E 147 4.20 -12.01 -38.45
C SER E 147 4.88 -10.65 -38.34
N SER E 148 4.14 -9.54 -38.31
CA SER E 148 4.80 -8.24 -38.20
C SER E 148 3.85 -7.23 -37.57
N PHE E 149 4.43 -6.20 -36.95
CA PHE E 149 3.65 -5.15 -36.28
C PHE E 149 4.13 -3.76 -36.66
N SER E 150 3.17 -2.85 -36.84
CA SER E 150 3.42 -1.44 -37.16
C SER E 150 2.16 -0.65 -36.82
N PRO E 151 2.08 -0.04 -35.64
CA PRO E 151 0.87 0.71 -35.28
C PRO E 151 0.72 2.00 -36.08
N LYS E 152 -0.52 2.27 -36.51
CA LYS E 152 -0.84 3.48 -37.25
C LYS E 152 -2.11 4.10 -36.67
N SER E 153 -2.18 5.42 -36.72
CA SER E 153 -3.32 6.18 -36.16
C SER E 153 -3.66 7.33 -37.11
N PRO E 154 -4.64 7.14 -37.98
CA PRO E 154 -5.01 8.19 -38.91
C PRO E 154 -5.82 9.30 -38.25
N PRO E 155 -5.95 10.46 -38.89
CA PRO E 155 -6.73 11.55 -38.31
C PRO E 155 -8.22 11.25 -38.25
N ALA E 156 -8.73 10.38 -39.11
CA ALA E 156 -10.15 10.03 -39.13
C ALA E 156 -10.30 8.59 -39.55
N SER E 157 -11.38 7.96 -39.09
CA SER E 157 -11.71 6.57 -39.40
C SER E 157 -12.86 6.51 -40.40
N SER E 158 -12.66 5.75 -41.48
CA SER E 158 -13.64 5.60 -42.55
C SER E 158 -13.77 4.14 -42.94
N TRP E 159 -15.01 3.65 -43.07
CA TRP E 159 -15.27 2.27 -43.42
C TRP E 159 -16.41 2.22 -44.42
N LEU E 160 -16.34 1.29 -45.37
CA LEU E 160 -17.40 1.11 -46.36
C LEU E 160 -17.69 -0.35 -46.59
N VAL E 161 -18.96 -0.64 -46.84
CA VAL E 161 -19.45 -1.96 -47.21
C VAL E 161 -20.08 -1.80 -48.58
N CYS E 162 -19.54 -2.50 -49.58
CA CYS E 162 -19.99 -2.37 -50.96
C CYS E 162 -20.58 -3.66 -51.50
N ASP E 163 -21.59 -3.48 -52.34
CA ASP E 163 -22.30 -4.55 -53.03
C ASP E 163 -22.20 -4.32 -54.53
N THR E 164 -22.18 -5.40 -55.30
CA THR E 164 -22.07 -5.28 -56.75
C THR E 164 -22.74 -6.48 -57.40
N VAL E 165 -23.63 -6.19 -58.36
CA VAL E 165 -24.43 -7.20 -59.03
C VAL E 165 -23.97 -7.40 -60.47
N ALA E 166 -23.86 -8.67 -60.86
CA ALA E 166 -23.47 -9.07 -62.21
C ALA E 166 -24.65 -8.98 -63.17
N THR E 167 -24.36 -9.10 -64.46
CA THR E 167 -25.40 -9.04 -65.49
C THR E 167 -26.35 -10.23 -65.35
N GLN E 175 -27.87 -12.12 -61.83
CA GLN E 175 -27.63 -13.24 -60.93
C GLN E 175 -26.24 -13.19 -60.29
N GLY E 176 -26.21 -13.27 -58.97
CA GLY E 176 -24.98 -13.28 -58.19
C GLY E 176 -24.49 -11.89 -57.81
N VAL E 177 -23.92 -11.80 -56.60
CA VAL E 177 -23.40 -10.55 -56.06
C VAL E 177 -22.10 -10.82 -55.30
N THR E 178 -21.28 -9.78 -55.17
CA THR E 178 -20.03 -9.88 -54.44
C THR E 178 -19.98 -8.75 -53.43
N VAL E 179 -19.49 -9.05 -52.23
CA VAL E 179 -19.40 -8.09 -51.14
C VAL E 179 -17.95 -7.65 -50.97
N THR E 180 -17.71 -6.35 -50.92
CA THR E 180 -16.38 -5.81 -50.75
C THR E 180 -16.37 -4.89 -49.54
N VAL E 181 -15.33 -5.01 -48.71
CA VAL E 181 -15.15 -4.16 -47.54
C VAL E 181 -13.97 -3.25 -47.81
N ILE E 182 -14.15 -1.96 -47.58
CA ILE E 182 -13.11 -0.97 -47.80
C ILE E 182 -12.79 -0.30 -46.47
N ASP E 183 -11.51 -0.12 -46.21
CA ASP E 183 -11.02 0.58 -45.03
C ASP E 183 -10.19 1.76 -45.52
N GLY E 184 -10.55 2.96 -45.08
CA GLY E 184 -9.89 4.18 -45.52
C GLY E 184 -10.81 5.05 -46.36
N THR E 185 -10.27 6.18 -46.79
CA THR E 185 -11.06 7.15 -47.55
C THR E 185 -11.43 6.64 -48.94
N PRO E 186 -12.71 6.72 -49.32
CA PRO E 186 -13.14 6.27 -50.64
C PRO E 186 -12.77 7.29 -51.71
N ASP E 187 -12.79 6.84 -52.97
CA ASP E 187 -12.51 7.69 -54.12
C ASP E 187 -13.82 7.92 -54.87
N LEU E 188 -14.28 9.17 -54.88
CA LEU E 188 -15.52 9.61 -55.50
C LEU E 188 -15.34 10.25 -56.88
N THR E 189 -14.13 10.21 -57.45
CA THR E 189 -13.89 10.76 -58.77
C THR E 189 -14.60 9.93 -59.85
N GLY E 190 -14.75 10.57 -61.01
CA GLY E 190 -15.44 9.96 -62.13
C GLY E 190 -16.95 10.14 -62.07
N HIS E 191 -17.67 9.17 -62.63
CA HIS E 191 -19.13 9.22 -62.64
C HIS E 191 -19.78 8.84 -61.32
N ARG E 192 -19.00 8.57 -60.28
CA ARG E 192 -19.54 8.20 -58.97
C ARG E 192 -20.32 9.36 -58.37
N GLN E 193 -21.32 9.04 -57.54
CA GLN E 193 -22.15 10.08 -56.95
C GLN E 193 -22.66 9.65 -55.58
N ILE E 194 -23.04 10.63 -54.79
CA ILE E 194 -23.67 10.44 -53.49
C ILE E 194 -25.17 10.66 -53.62
N LEU E 195 -25.97 9.69 -53.21
CA LEU E 195 -27.42 9.82 -53.29
C LEU E 195 -27.91 10.83 -52.28
N SER E 196 -28.70 11.80 -52.72
CA SER E 196 -29.29 12.81 -51.85
C SER E 196 -30.57 13.33 -52.47
N GLY E 197 -31.44 13.88 -51.62
CA GLY E 197 -32.69 14.45 -52.07
C GLY E 197 -33.61 13.50 -52.84
N SER E 198 -33.82 13.78 -54.12
CA SER E 198 -34.69 12.96 -54.98
C SER E 198 -34.03 11.69 -55.49
N ASP E 199 -32.72 11.52 -55.32
CA ASP E 199 -32.05 10.32 -55.79
C ASP E 199 -32.52 9.09 -55.02
N ALA E 200 -32.72 7.98 -55.74
CA ALA E 200 -33.16 6.75 -55.10
C ALA E 200 -32.81 5.56 -55.98
N VAL E 201 -32.87 4.37 -55.38
CA VAL E 201 -32.64 3.11 -56.07
C VAL E 201 -33.53 2.04 -55.42
N VAL E 202 -33.94 1.05 -56.21
CA VAL E 202 -34.83 -0.01 -55.75
C VAL E 202 -34.14 -1.36 -55.88
N LEU E 203 -34.28 -2.19 -54.83
CA LEU E 203 -33.64 -3.50 -54.78
C LEU E 203 -34.61 -4.53 -54.20
N ARG E 204 -34.30 -5.80 -54.40
CA ARG E 204 -35.08 -6.92 -53.92
C ARG E 204 -34.40 -7.67 -52.78
N TYR E 205 -35.17 -8.07 -51.78
CA TYR E 205 -34.64 -8.93 -50.72
C TYR E 205 -35.78 -9.68 -50.03
N GLY E 206 -35.63 -10.99 -49.92
CA GLY E 206 -36.64 -11.81 -49.28
C GLY E 206 -38.00 -11.73 -49.92
N GLY E 207 -38.06 -11.41 -51.22
CA GLY E 207 -39.30 -11.25 -51.93
C GLY E 207 -39.89 -9.85 -51.89
N ASP E 208 -39.46 -9.01 -50.95
CA ASP E 208 -39.94 -7.65 -50.82
C ASP E 208 -39.10 -6.68 -51.64
N ALA E 209 -39.73 -5.58 -52.05
CA ALA E 209 -39.07 -4.52 -52.79
C ALA E 209 -38.74 -3.40 -51.82
N TRP E 210 -37.50 -2.92 -51.85
CA TRP E 210 -37.05 -1.90 -50.93
C TRP E 210 -36.55 -0.67 -51.69
N VAL E 211 -36.94 0.50 -51.23
CA VAL E 211 -36.52 1.77 -51.81
C VAL E 211 -35.42 2.33 -50.91
N ILE E 212 -34.25 2.57 -51.48
CA ILE E 212 -33.12 3.10 -50.72
C ILE E 212 -32.98 4.58 -51.02
N ARG E 213 -33.10 5.42 -50.00
CA ARG E 213 -32.95 6.85 -50.22
C ARG E 213 -32.71 7.55 -48.90
N GLU E 214 -32.17 8.75 -49.00
CA GLU E 214 -31.95 9.63 -47.85
C GLU E 214 -31.27 8.92 -46.69
N GLY E 215 -30.42 7.95 -47.00
CA GLY E 215 -29.71 7.21 -45.99
C GLY E 215 -30.48 6.09 -45.31
N ARG E 216 -31.67 5.74 -45.76
CA ARG E 216 -32.43 4.67 -45.14
C ARG E 216 -33.09 3.81 -46.20
N ARG E 217 -33.64 2.68 -45.78
CA ARG E 217 -34.37 1.79 -46.67
C ARG E 217 -35.81 1.66 -46.18
N SER E 218 -36.76 1.65 -47.10
CA SER E 218 -38.17 1.53 -46.77
C SER E 218 -38.87 0.58 -47.72
N ARG E 219 -39.77 -0.24 -47.17
CA ARG E 219 -40.50 -1.23 -47.94
C ARG E 219 -41.61 -0.58 -48.77
N ILE E 220 -41.92 -1.19 -49.92
CA ILE E 220 -42.97 -0.72 -50.80
C ILE E 220 -43.75 -1.91 -51.39
N GLU E 221 -45.03 -1.66 -51.67
CA GLU E 221 -45.92 -2.69 -52.23
C GLU E 221 -46.07 -2.52 -53.73
N PRO E 222 -45.73 -3.54 -54.54
CA PRO E 222 -45.82 -3.40 -56.00
C PRO E 222 -47.23 -3.31 -56.57
N THR E 223 -48.24 -3.72 -55.81
CA THR E 223 -49.65 -3.66 -56.23
C THR E 223 -50.30 -2.29 -56.00
N ASN E 224 -49.76 -1.46 -55.11
CA ASN E 224 -50.36 -0.18 -54.74
C ASN E 224 -50.10 0.95 -55.74
N ARG E 225 -50.79 0.87 -56.88
CA ARG E 225 -50.67 1.89 -57.94
C ARG E 225 -50.94 3.30 -57.42
N ALA E 226 -51.82 3.44 -56.44
CA ALA E 226 -52.12 4.75 -55.87
C ALA E 226 -50.88 5.40 -55.26
N VAL E 227 -49.94 4.60 -54.77
CA VAL E 227 -48.69 5.11 -54.22
C VAL E 227 -47.60 5.14 -55.28
N LEU E 228 -47.51 4.08 -56.09
CA LEU E 228 -46.46 3.99 -57.11
C LEU E 228 -46.57 5.09 -58.17
N LEU E 229 -47.76 5.33 -58.70
CA LEU E 229 -47.90 6.32 -59.77
C LEU E 229 -47.53 7.74 -59.35
N PRO E 230 -48.07 8.32 -58.28
CA PRO E 230 -47.68 9.69 -57.93
C PRO E 230 -46.22 9.80 -57.53
N LEU E 231 -45.65 8.74 -56.99
CA LEU E 231 -44.25 8.74 -56.57
C LEU E 231 -43.29 8.67 -57.75
N GLY E 232 -43.75 8.26 -58.92
CA GLY E 232 -42.92 8.18 -60.11
C GLY E 232 -42.37 6.81 -60.44
N LEU E 233 -42.86 5.76 -59.79
CA LEU E 233 -42.44 4.39 -60.03
C LEU E 233 -43.40 3.73 -61.02
N THR E 234 -43.18 2.44 -61.30
CA THR E 234 -44.05 1.71 -62.20
C THR E 234 -44.02 0.25 -61.79
N PRO E 235 -45.16 -0.45 -61.83
CA PRO E 235 -45.17 -1.84 -61.38
C PRO E 235 -44.14 -2.73 -62.05
N GLU E 236 -43.94 -2.57 -63.36
CA GLU E 236 -42.95 -3.39 -64.05
C GLU E 236 -41.54 -3.11 -63.53
N GLN E 237 -41.18 -1.83 -63.46
CA GLN E 237 -39.87 -1.42 -62.96
C GLN E 237 -39.56 -1.97 -61.57
N VAL E 238 -40.56 -1.97 -60.68
CA VAL E 238 -40.38 -2.51 -59.33
C VAL E 238 -40.28 -4.02 -59.36
N SER E 239 -41.14 -4.67 -60.14
CA SER E 239 -41.17 -6.13 -60.19
C SER E 239 -39.86 -6.76 -60.67
N GLN E 240 -39.11 -6.10 -61.55
CA GLN E 240 -37.85 -6.65 -62.06
C GLN E 240 -36.60 -6.13 -61.36
N ALA E 241 -36.72 -5.58 -60.16
CA ALA E 241 -35.55 -5.10 -59.43
C ALA E 241 -34.59 -6.25 -59.11
N ARG E 242 -33.29 -5.92 -59.07
CA ARG E 242 -32.22 -6.89 -58.82
C ARG E 242 -32.05 -7.25 -57.34
N PRO E 243 -31.39 -8.38 -57.07
CA PRO E 243 -31.17 -8.83 -55.69
C PRO E 243 -30.23 -7.92 -54.89
N MET E 244 -30.30 -8.10 -53.56
CA MET E 244 -29.51 -7.36 -52.58
C MET E 244 -28.76 -8.34 -51.68
N SER E 245 -27.51 -8.03 -51.37
CA SER E 245 -26.71 -8.89 -50.49
C SER E 245 -27.11 -8.78 -49.03
N ARG E 246 -27.02 -9.91 -48.31
CA ARG E 246 -27.31 -9.92 -46.88
C ARG E 246 -26.45 -8.94 -46.09
N ALA E 247 -25.19 -8.79 -46.50
CA ALA E 247 -24.28 -7.86 -45.84
C ALA E 247 -24.79 -6.43 -45.88
N LEU E 248 -25.28 -5.98 -47.02
CA LEU E 248 -25.80 -4.63 -47.16
C LEU E 248 -27.17 -4.46 -46.52
N PHE E 249 -28.01 -5.48 -46.57
CA PHE E 249 -29.33 -5.42 -45.98
C PHE E 249 -29.28 -5.16 -44.47
N ASP E 250 -28.39 -5.80 -43.74
CA ASP E 250 -28.26 -5.54 -42.31
C ASP E 250 -27.63 -4.18 -42.01
N ALA E 251 -26.76 -3.69 -42.87
CA ALA E 251 -26.09 -2.42 -42.61
C ALA E 251 -27.01 -1.21 -42.73
N LEU E 252 -27.90 -1.19 -43.70
CA LEU E 252 -28.80 -0.04 -43.88
C LEU E 252 -29.95 -0.01 -42.86
N PRO E 253 -30.13 1.12 -42.16
CA PRO E 253 -31.21 1.24 -41.18
C PRO E 253 -32.59 1.40 -41.82
N VAL E 254 -33.58 0.80 -41.17
CA VAL E 254 -34.98 0.79 -41.63
C VAL E 254 -35.68 2.11 -41.33
N GLY E 255 -36.50 2.54 -42.29
CA GLY E 255 -37.32 3.73 -42.19
C GLY E 255 -38.80 3.37 -42.23
N PRO E 256 -39.68 4.36 -42.05
CA PRO E 256 -41.11 4.10 -42.11
C PRO E 256 -41.58 3.63 -43.48
N GLU E 257 -42.52 2.69 -43.46
CA GLU E 257 -43.04 2.08 -44.68
C GLU E 257 -43.88 3.06 -45.51
N LEU E 258 -43.74 2.94 -46.83
CA LEU E 258 -44.47 3.78 -47.80
C LEU E 258 -45.86 3.20 -48.04
N LEU E 259 -46.88 3.80 -47.43
CA LEU E 259 -48.25 3.34 -47.55
C LEU E 259 -49.15 4.55 -47.72
N VAL E 260 -50.39 4.30 -48.14
CA VAL E 260 -51.40 5.36 -48.12
C VAL E 260 -51.64 5.80 -46.69
N PRO E 261 -51.61 7.09 -46.38
CA PRO E 261 -51.84 7.54 -45.01
C PRO E 261 -53.16 7.01 -44.48
N GLU E 262 -53.14 6.54 -43.24
CA GLU E 262 -54.30 5.94 -42.59
C GLU E 262 -55.05 7.00 -41.79
N VAL E 263 -55.95 7.73 -42.45
CA VAL E 263 -56.77 8.74 -41.78
C VAL E 263 -57.79 8.08 -40.87
N PRO E 264 -57.82 8.41 -39.58
CA PRO E 264 -58.77 7.76 -38.66
C PRO E 264 -60.21 8.21 -38.85
N ASN E 265 -61.12 7.27 -38.57
CA ASN E 265 -62.57 7.51 -38.62
C ASN E 265 -63.04 8.12 -39.93
N ALA E 266 -62.33 7.85 -41.02
CA ALA E 266 -62.68 8.42 -42.32
C ALA E 266 -64.17 8.28 -42.64
N GLY E 267 -64.75 9.33 -43.21
CA GLY E 267 -66.16 9.32 -43.58
C GLY E 267 -67.16 9.84 -42.56
N GLY E 268 -66.84 9.88 -41.28
CA GLY E 268 -67.76 10.39 -40.31
C GLY E 268 -67.91 11.91 -40.39
N PRO E 269 -68.82 12.44 -39.58
CA PRO E 269 -69.06 13.88 -39.55
C PRO E 269 -68.01 14.63 -38.75
N ALA E 270 -67.93 15.94 -39.01
CA ALA E 270 -67.00 16.81 -38.30
C ALA E 270 -67.58 17.35 -37.00
N THR E 271 -66.67 17.63 -36.06
CA THR E 271 -67.01 18.21 -34.77
C THR E 271 -67.27 19.72 -34.86
N PHE E 272 -66.42 20.44 -35.56
CA PHE E 272 -66.52 21.88 -35.67
C PHE E 272 -67.56 22.33 -36.69
N PRO E 273 -68.10 23.52 -36.52
CA PRO E 273 -69.11 24.06 -37.43
C PRO E 273 -68.54 24.61 -38.72
N GLY E 274 -69.33 24.48 -39.78
CA GLY E 274 -68.95 24.98 -41.09
C GLY E 274 -67.99 24.10 -41.85
N ALA E 275 -67.89 22.82 -41.46
CA ALA E 275 -66.99 21.92 -42.15
C ALA E 275 -67.42 21.74 -43.61
N PRO E 276 -66.47 21.68 -44.54
CA PRO E 276 -66.82 21.54 -45.96
C PRO E 276 -67.50 20.22 -46.30
N GLY E 277 -67.25 19.17 -45.53
CA GLY E 277 -67.79 17.87 -45.83
C GLY E 277 -67.38 16.85 -44.79
N PRO E 278 -67.53 15.57 -45.11
CA PRO E 278 -67.14 14.52 -44.18
C PRO E 278 -65.63 14.47 -43.97
N ILE E 279 -65.28 13.88 -42.82
CA ILE E 279 -63.90 13.69 -42.43
C ILE E 279 -63.15 12.88 -43.47
N GLY E 280 -61.92 13.33 -43.78
CA GLY E 280 -61.09 12.69 -44.77
C GLY E 280 -61.15 13.31 -46.15
N THR E 281 -61.97 14.34 -46.36
CA THR E 281 -62.02 15.01 -47.65
C THR E 281 -60.90 16.05 -47.78
N VAL E 282 -60.50 16.30 -49.02
CA VAL E 282 -59.42 17.24 -49.36
C VAL E 282 -60.01 18.54 -49.90
N ILE E 283 -59.44 19.67 -49.46
CA ILE E 283 -59.90 21.00 -49.85
C ILE E 283 -58.71 21.83 -50.33
N VAL E 284 -58.91 22.62 -51.39
CA VAL E 284 -57.86 23.45 -51.97
C VAL E 284 -58.34 24.88 -52.20
N THR E 285 -57.41 25.82 -52.02
CA THR E 285 -57.66 27.24 -52.23
C THR E 285 -57.77 27.60 -53.72
N PRO E 286 -58.59 28.59 -54.05
CA PRO E 286 -58.75 29.00 -55.45
C PRO E 286 -57.50 29.64 -56.05
N GLN E 287 -57.19 29.21 -57.28
CA GLN E 287 -55.97 29.56 -58.00
C GLN E 287 -55.75 31.06 -58.16
N ILE E 288 -56.81 31.87 -58.19
CA ILE E 288 -56.63 33.31 -58.35
C ILE E 288 -56.16 34.00 -57.07
N SER E 289 -56.27 33.35 -55.91
CA SER E 289 -55.86 33.98 -54.66
C SER E 289 -54.36 33.90 -54.45
N GLY E 290 -53.67 33.00 -55.14
CA GLY E 290 -52.25 32.80 -54.97
C GLY E 290 -51.88 31.35 -55.10
N PRO E 291 -50.65 30.97 -54.76
CA PRO E 291 -50.27 29.57 -54.84
C PRO E 291 -51.22 28.72 -54.01
N GLN E 292 -51.70 27.65 -54.64
CA GLN E 292 -52.70 26.77 -54.05
C GLN E 292 -52.19 25.96 -52.86
N GLN E 293 -52.96 25.98 -51.78
CA GLN E 293 -52.65 25.27 -50.54
C GLN E 293 -53.64 24.11 -50.39
N TYR E 294 -53.13 22.91 -50.21
CA TYR E 294 -53.96 21.74 -49.97
C TYR E 294 -54.15 21.52 -48.48
N SER E 295 -55.30 20.98 -48.12
CA SER E 295 -55.60 20.71 -46.71
C SER E 295 -56.52 19.51 -46.59
N LEU E 296 -56.43 18.85 -45.44
CA LEU E 296 -57.20 17.67 -45.10
C LEU E 296 -58.06 18.01 -43.89
N VAL E 297 -59.34 17.66 -43.94
CA VAL E 297 -60.25 17.92 -42.82
C VAL E 297 -60.35 16.72 -41.90
N LEU E 298 -59.92 16.91 -40.66
CA LEU E 298 -59.96 15.93 -39.59
C LEU E 298 -61.19 16.20 -38.72
N GLY E 299 -61.38 15.34 -37.73
CA GLY E 299 -62.54 15.47 -36.86
C GLY E 299 -62.63 16.84 -36.21
N ASP E 300 -61.55 17.30 -35.60
CA ASP E 300 -61.55 18.54 -34.83
C ASP E 300 -60.94 19.72 -35.56
N GLY E 301 -60.63 19.60 -36.85
CA GLY E 301 -60.05 20.71 -37.57
C GLY E 301 -59.46 20.29 -38.89
N VAL E 302 -58.56 21.12 -39.41
CA VAL E 302 -57.89 20.87 -40.69
C VAL E 302 -56.38 20.86 -40.50
N GLN E 303 -55.71 19.98 -41.26
CA GLN E 303 -54.27 19.86 -41.26
C GLN E 303 -53.77 20.18 -42.67
N THR E 304 -52.65 20.89 -42.77
CA THR E 304 -52.11 21.21 -44.09
C THR E 304 -51.41 20.00 -44.70
N LEU E 305 -51.48 19.89 -46.03
CA LEU E 305 -50.88 18.80 -46.78
C LEU E 305 -49.81 19.26 -47.76
N PRO E 306 -48.76 18.47 -47.96
CA PRO E 306 -47.81 18.74 -49.03
C PRO E 306 -48.40 18.32 -50.37
N PRO E 307 -47.99 18.96 -51.47
CA PRO E 307 -48.55 18.63 -52.78
C PRO E 307 -48.53 17.17 -53.19
N LEU E 308 -47.47 16.45 -52.90
CA LEU E 308 -47.36 15.04 -53.27
C LEU E 308 -48.30 14.14 -52.48
N VAL E 309 -48.54 14.44 -51.20
CA VAL E 309 -49.42 13.60 -50.41
C VAL E 309 -50.88 13.81 -50.80
N ALA E 310 -51.25 15.04 -51.11
CA ALA E 310 -52.63 15.32 -51.53
C ALA E 310 -53.03 14.49 -52.74
N GLN E 311 -52.10 14.30 -53.68
CA GLN E 311 -52.37 13.48 -54.85
C GLN E 311 -52.58 12.02 -54.49
N ILE E 312 -51.79 11.51 -53.54
CA ILE E 312 -51.96 10.13 -53.09
C ILE E 312 -53.34 9.93 -52.46
N LEU E 313 -53.74 10.85 -51.58
CA LEU E 313 -55.05 10.73 -50.93
C LEU E 313 -56.18 10.84 -51.94
N GLN E 314 -56.06 11.75 -52.92
CA GLN E 314 -57.08 11.86 -53.95
C GLN E 314 -57.19 10.57 -54.75
N ASN E 315 -56.05 10.01 -55.15
CA ASN E 315 -56.04 8.80 -55.95
C ASN E 315 -56.60 7.60 -55.19
N ALA E 316 -56.13 7.36 -53.97
CA ALA E 316 -56.59 6.19 -53.22
C ALA E 316 -58.04 6.32 -52.80
N GLY E 317 -58.45 7.46 -52.26
CA GLY E 317 -59.83 7.65 -51.87
C GLY E 317 -60.72 8.10 -53.01
N SER E 318 -60.22 7.97 -54.24
CA SER E 318 -60.95 8.43 -55.42
C SER E 318 -62.34 7.82 -55.49
N ALA E 319 -62.42 6.50 -55.61
CA ALA E 319 -63.70 5.80 -55.77
C ALA E 319 -64.52 6.42 -56.90
N GLY E 320 -63.81 6.97 -57.89
CA GLY E 320 -64.40 7.66 -59.02
C GLY E 320 -64.25 9.17 -58.98
N ASN E 321 -64.06 9.76 -57.80
CA ASN E 321 -63.86 11.21 -57.73
C ASN E 321 -62.48 11.59 -58.23
N THR E 322 -62.40 12.72 -58.93
CA THR E 322 -61.14 13.18 -59.47
C THR E 322 -60.67 14.54 -58.96
N LYS E 323 -61.48 15.26 -58.18
CA LYS E 323 -61.02 16.58 -57.76
C LYS E 323 -61.44 16.92 -56.33
N PRO E 324 -60.67 17.77 -55.66
CA PRO E 324 -60.99 18.20 -54.30
C PRO E 324 -62.01 19.34 -54.30
N LEU E 325 -62.51 19.65 -53.10
CA LEU E 325 -63.42 20.77 -52.92
C LEU E 325 -62.63 22.07 -52.89
N THR E 326 -63.30 23.17 -53.23
CA THR E 326 -62.68 24.49 -53.22
C THR E 326 -63.48 25.42 -52.30
N VAL E 327 -62.78 26.24 -51.50
CA VAL E 327 -63.45 27.16 -50.59
C VAL E 327 -62.72 28.49 -50.55
N GLU E 328 -63.49 29.53 -50.26
CA GLU E 328 -62.97 30.88 -50.16
C GLU E 328 -62.12 31.08 -48.89
N PRO E 329 -61.05 31.87 -48.96
CA PRO E 329 -60.21 32.10 -47.78
C PRO E 329 -60.98 32.60 -46.56
N SER E 330 -62.03 33.38 -46.78
CA SER E 330 -62.88 33.88 -45.70
C SER E 330 -63.51 32.77 -44.89
N THR E 331 -63.67 31.58 -45.46
CA THR E 331 -64.18 30.43 -44.74
C THR E 331 -63.07 29.68 -44.02
N LEU E 332 -61.90 29.55 -44.63
CA LEU E 332 -60.78 28.88 -43.99
C LEU E 332 -60.39 29.55 -42.68
N ALA E 333 -60.38 30.88 -42.66
CA ALA E 333 -60.02 31.63 -41.46
C ALA E 333 -60.92 31.33 -40.27
N LYS E 334 -62.09 30.73 -40.51
CA LYS E 334 -63.04 30.41 -39.46
C LYS E 334 -62.96 28.97 -38.97
N MET E 335 -61.98 28.20 -39.42
CA MET E 335 -61.83 26.81 -38.99
C MET E 335 -60.52 26.60 -38.22
N PRO E 336 -60.55 25.75 -37.19
CA PRO E 336 -59.36 25.49 -36.37
C PRO E 336 -58.30 24.62 -37.02
N VAL E 337 -57.05 25.05 -36.87
CA VAL E 337 -55.88 24.34 -37.36
C VAL E 337 -55.50 23.25 -36.37
N VAL E 338 -55.15 22.08 -36.88
CA VAL E 338 -54.84 20.90 -36.09
C VAL E 338 -53.67 20.15 -36.74
N ASN E 339 -52.95 19.39 -35.92
CA ASN E 339 -51.83 18.57 -36.36
C ASN E 339 -51.88 17.20 -35.67
N ARG E 340 -52.29 16.17 -36.43
CA ARG E 340 -52.43 14.82 -35.90
C ARG E 340 -51.94 13.72 -36.84
N LEU E 341 -51.37 14.04 -38.00
CA LEU E 341 -50.77 13.05 -38.88
C LEU E 341 -49.29 13.39 -39.14
N ASP E 342 -48.47 12.35 -39.28
CA ASP E 342 -47.04 12.54 -39.48
C ASP E 342 -46.69 13.07 -40.87
N LEU E 343 -46.98 12.31 -41.92
CA LEU E 343 -46.67 12.69 -43.30
C LEU E 343 -45.19 13.08 -43.51
N SER E 344 -44.29 12.64 -42.64
CA SER E 344 -42.87 12.95 -42.78
C SER E 344 -42.11 11.97 -43.67
N ALA E 345 -42.65 10.77 -43.85
CA ALA E 345 -42.00 9.73 -44.65
C ALA E 345 -41.94 10.02 -46.15
N TYR E 346 -42.96 10.60 -46.71
CA TYR E 346 -42.94 10.81 -48.16
C TYR E 346 -42.07 11.99 -48.59
N PRO E 347 -41.38 11.85 -49.73
CA PRO E 347 -40.58 12.95 -50.28
C PRO E 347 -41.47 14.03 -50.84
N ASP E 348 -40.90 15.22 -51.03
CA ASP E 348 -41.67 16.33 -51.56
C ASP E 348 -41.81 16.34 -53.09
N ASN E 349 -41.08 15.52 -53.83
CA ASN E 349 -41.21 15.51 -55.28
C ASN E 349 -40.86 14.12 -55.80
N PRO E 350 -41.31 13.78 -57.01
CA PRO E 350 -41.06 12.44 -57.56
C PRO E 350 -39.60 12.02 -57.56
N LEU E 351 -39.38 10.73 -57.36
CA LEU E 351 -38.05 10.13 -57.29
C LEU E 351 -37.28 10.14 -58.60
N GLU E 352 -35.96 10.34 -58.49
CA GLU E 352 -35.01 10.31 -59.60
C GLU E 352 -34.34 8.95 -59.63
N VAL E 353 -35.13 7.91 -59.91
CA VAL E 353 -34.62 6.53 -59.89
C VAL E 353 -33.43 6.35 -60.81
N VAL E 354 -32.30 5.95 -60.21
CA VAL E 354 -31.04 5.68 -60.89
C VAL E 354 -31.12 4.34 -61.62
N ASP E 355 -30.56 4.29 -62.83
CA ASP E 355 -30.56 3.07 -63.61
C ASP E 355 -29.47 2.11 -63.13
N ILE E 356 -29.90 0.98 -62.56
CA ILE E 356 -29.00 -0.04 -62.04
C ILE E 356 -28.14 -0.64 -63.14
N ARG E 357 -28.59 -0.56 -64.39
CA ARG E 357 -27.81 -1.03 -65.52
C ARG E 357 -26.55 -0.20 -65.70
N GLU E 358 -26.62 1.09 -65.37
CA GLU E 358 -25.49 2.00 -65.46
C GLU E 358 -24.66 1.98 -64.19
N HIS E 359 -25.30 1.97 -63.02
CA HIS E 359 -24.64 1.92 -61.74
C HIS E 359 -24.92 0.64 -60.96
N PRO E 360 -24.22 -0.44 -61.30
CA PRO E 360 -24.40 -1.72 -60.64
C PRO E 360 -23.73 -1.86 -59.28
N SER E 361 -23.17 -0.78 -58.74
CA SER E 361 -22.46 -0.82 -57.47
C SER E 361 -22.97 0.26 -56.52
N THR E 362 -23.14 -0.12 -55.26
CA THR E 362 -23.63 0.77 -54.21
C THR E 362 -22.92 0.44 -52.91
N CYS E 363 -22.69 1.45 -52.08
CA CYS E 363 -21.98 1.23 -50.83
C CYS E 363 -22.59 2.04 -49.70
N TRP E 364 -22.50 1.48 -48.49
CA TRP E 364 -22.83 2.18 -47.25
C TRP E 364 -21.52 2.75 -46.70
N TRP E 365 -21.51 4.05 -46.40
CA TRP E 365 -20.30 4.71 -45.91
C TRP E 365 -20.50 5.33 -44.53
N TRP E 366 -19.59 5.02 -43.62
CA TRP E 366 -19.57 5.52 -42.25
C TRP E 366 -18.25 6.24 -42.01
N GLU E 367 -18.29 7.38 -41.33
CA GLU E 367 -17.06 8.10 -41.02
C GLU E 367 -17.18 8.92 -39.75
N ARG E 368 -16.08 9.00 -39.01
CA ARG E 368 -15.99 9.78 -37.79
C ARG E 368 -14.66 10.50 -37.74
N THR E 369 -14.66 11.78 -37.40
CA THR E 369 -13.44 12.56 -37.26
C THR E 369 -13.05 12.57 -35.79
N ALA E 370 -11.75 12.41 -35.51
CA ALA E 370 -11.33 12.42 -34.12
C ALA E 370 -11.66 13.77 -33.50
N GLY E 371 -12.21 13.71 -32.28
CA GLY E 371 -12.61 14.91 -31.57
C GLY E 371 -14.00 15.39 -31.91
N GLU E 372 -14.83 14.53 -32.49
CA GLU E 372 -16.20 14.89 -32.82
C GLU E 372 -17.19 13.98 -32.10
N ASN E 373 -18.32 14.54 -31.76
CA ASN E 373 -19.37 13.86 -31.03
C ASN E 373 -20.33 13.05 -31.93
N ARG E 374 -20.29 13.23 -33.24
CA ARG E 374 -21.22 12.55 -34.13
C ARG E 374 -20.52 11.80 -35.26
N ALA E 375 -21.10 10.66 -35.62
CA ALA E 375 -20.63 9.85 -36.74
C ALA E 375 -21.57 10.05 -37.93
N ARG E 376 -20.98 10.30 -39.09
CA ARG E 376 -21.72 10.60 -40.32
C ARG E 376 -21.92 9.36 -41.18
N VAL E 377 -23.13 9.19 -41.72
CA VAL E 377 -23.50 8.05 -42.55
C VAL E 377 -24.04 8.54 -43.90
N ARG E 378 -23.56 7.94 -44.98
CA ARG E 378 -23.97 8.32 -46.33
C ARG E 378 -24.02 7.08 -47.22
N VAL E 379 -24.73 7.18 -48.34
CA VAL E 379 -24.86 6.10 -49.31
C VAL E 379 -24.27 6.54 -50.65
N VAL E 380 -23.46 5.68 -51.27
CA VAL E 380 -22.78 5.99 -52.52
C VAL E 380 -23.17 4.99 -53.59
N SER E 381 -23.22 5.45 -54.84
CA SER E 381 -23.48 4.61 -55.99
C SER E 381 -22.55 5.01 -57.13
N GLY E 382 -22.29 4.08 -58.05
CA GLY E 382 -21.42 4.36 -59.17
C GLY E 382 -21.26 3.18 -60.12
N PRO E 383 -20.47 3.38 -61.17
CA PRO E 383 -20.26 2.30 -62.13
C PRO E 383 -19.39 1.17 -61.58
N THR E 384 -18.51 1.48 -60.63
CA THR E 384 -17.60 0.50 -60.05
C THR E 384 -17.32 0.89 -58.61
N ILE E 385 -16.66 -0.02 -57.89
CA ILE E 385 -16.28 0.18 -56.50
C ILE E 385 -15.52 1.51 -56.39
N PRO E 386 -15.69 2.24 -55.29
CA PRO E 386 -15.04 3.54 -55.08
C PRO E 386 -13.56 3.42 -54.73
N VAL E 387 -12.79 2.75 -55.58
CA VAL E 387 -11.35 2.62 -55.41
C VAL E 387 -10.68 3.13 -56.67
N ALA E 388 -9.55 3.80 -56.50
CA ALA E 388 -8.83 4.37 -57.63
C ALA E 388 -8.49 3.33 -58.68
N ALA E 389 -8.60 3.74 -59.95
CA ALA E 389 -8.35 2.85 -61.07
C ALA E 389 -6.95 2.24 -61.05
N THR E 390 -5.95 2.97 -60.54
CA THR E 390 -4.61 2.41 -60.44
C THR E 390 -4.48 1.36 -59.36
N GLU E 391 -5.24 1.48 -58.28
CA GLU E 391 -5.17 0.54 -57.16
C GLU E 391 -6.12 -0.64 -57.30
N MET E 392 -6.97 -0.64 -58.32
CA MET E 392 -7.91 -1.73 -58.53
C MET E 392 -7.21 -3.08 -58.62
N ASN E 393 -5.95 -3.11 -59.02
CA ASN E 393 -5.21 -4.37 -59.09
C ASN E 393 -4.82 -4.93 -57.73
N LYS E 394 -4.72 -4.12 -56.68
CA LYS E 394 -4.27 -4.62 -55.38
C LYS E 394 -5.41 -4.79 -54.38
N VAL E 395 -6.59 -5.18 -54.84
CA VAL E 395 -7.61 -5.75 -53.96
C VAL E 395 -7.21 -7.16 -53.58
N VAL E 396 -7.48 -7.55 -52.34
CA VAL E 396 -7.13 -8.88 -51.84
C VAL E 396 -8.36 -9.77 -51.88
N SER E 397 -8.21 -10.97 -52.45
CA SER E 397 -9.32 -11.92 -52.52
C SER E 397 -9.20 -12.93 -51.39
N LEU E 398 -10.18 -12.96 -50.50
CA LEU E 398 -10.17 -13.85 -49.34
C LEU E 398 -10.71 -15.24 -49.67
N VAL E 399 -10.26 -16.21 -48.86
CA VAL E 399 -10.87 -17.53 -48.90
C VAL E 399 -12.22 -17.42 -48.20
N LYS E 400 -13.14 -18.34 -48.49
CA LYS E 400 -14.45 -18.19 -47.84
C LYS E 400 -14.96 -19.52 -47.29
N ALA E 401 -14.45 -19.87 -46.12
CA ALA E 401 -14.84 -21.09 -45.42
C ALA E 401 -16.29 -21.04 -44.97
N ASP E 402 -16.73 -19.89 -44.48
CA ASP E 402 -18.10 -19.70 -43.99
C ASP E 402 -19.06 -19.40 -45.13
N THR E 403 -19.91 -20.38 -45.43
CA THR E 403 -20.92 -20.31 -46.49
C THR E 403 -22.25 -19.72 -46.03
N SER E 404 -22.34 -19.25 -44.78
CA SER E 404 -23.60 -18.68 -44.30
C SER E 404 -23.90 -17.32 -44.89
N GLY E 405 -22.99 -16.74 -45.68
CA GLY E 405 -23.26 -15.45 -46.29
C GLY E 405 -23.08 -14.23 -45.42
N ARG E 406 -22.23 -14.32 -44.40
CA ARG E 406 -21.95 -13.19 -43.52
C ARG E 406 -20.44 -13.03 -43.35
N GLN E 407 -19.72 -13.16 -44.46
CA GLN E 407 -18.28 -12.98 -44.53
C GLN E 407 -17.99 -12.42 -45.91
N ALA E 408 -17.23 -11.33 -45.98
CA ALA E 408 -16.97 -10.71 -47.26
C ALA E 408 -16.06 -11.55 -48.15
N ASP E 409 -16.15 -11.26 -49.45
CA ASP E 409 -15.35 -11.89 -50.50
C ASP E 409 -14.04 -11.17 -50.78
N GLN E 410 -14.01 -9.84 -50.64
CA GLN E 410 -12.81 -9.07 -50.97
C GLN E 410 -12.60 -7.98 -49.94
N VAL E 411 -11.33 -7.61 -49.74
CA VAL E 411 -10.93 -6.58 -48.79
C VAL E 411 -9.94 -5.63 -49.45
N TYR E 412 -10.06 -4.35 -49.17
CA TYR E 412 -9.14 -3.33 -49.67
C TYR E 412 -8.75 -2.34 -48.60
N PHE E 413 -7.45 -2.14 -48.44
CA PHE E 413 -6.89 -1.19 -47.47
C PHE E 413 -6.38 0.04 -48.19
N GLY E 414 -7.21 1.08 -48.23
CA GLY E 414 -6.80 2.32 -48.86
C GLY E 414 -5.91 3.14 -47.95
N PRO E 415 -5.60 4.36 -48.38
CA PRO E 415 -4.79 5.27 -47.56
C PRO E 415 -5.49 5.65 -46.27
N ASP E 416 -4.68 5.93 -45.24
CA ASP E 416 -5.19 6.28 -43.91
C ASP E 416 -6.03 5.17 -43.28
N HIS E 417 -5.66 3.92 -43.52
CA HIS E 417 -6.37 2.83 -42.90
C HIS E 417 -5.94 2.71 -41.43
N ALA E 418 -6.59 1.82 -40.68
CA ALA E 418 -6.25 1.62 -39.27
C ALA E 418 -6.02 0.15 -38.96
N ASN E 419 -4.92 -0.12 -38.25
CA ASN E 419 -4.51 -1.45 -37.84
C ASN E 419 -5.05 -1.88 -36.48
N PHE E 420 -5.00 -0.98 -35.50
CA PHE E 420 -5.46 -1.28 -34.14
C PHE E 420 -6.82 -0.61 -33.98
N VAL E 421 -7.85 -1.42 -33.73
CA VAL E 421 -9.22 -0.92 -33.72
C VAL E 421 -9.99 -1.37 -32.49
N ALA E 422 -10.87 -0.48 -32.01
CA ALA E 422 -11.78 -0.73 -30.89
C ALA E 422 -13.20 -0.73 -31.44
N VAL E 423 -13.94 -1.82 -31.21
CA VAL E 423 -15.31 -1.94 -31.75
C VAL E 423 -16.26 -0.99 -31.04
N THR E 424 -17.19 -0.40 -31.81
CA THR E 424 -18.17 0.56 -31.30
C THR E 424 -19.54 0.28 -31.92
N GLY E 425 -20.56 0.95 -31.39
CA GLY E 425 -21.90 0.78 -31.91
C GLY E 425 -22.08 1.32 -33.31
N ASN E 426 -23.07 0.76 -34.01
CA ASN E 426 -23.35 1.13 -35.41
C ASN E 426 -24.07 2.47 -35.56
N ASN E 427 -24.91 2.85 -34.61
CA ASN E 427 -25.69 4.07 -34.76
C ASN E 427 -24.77 5.29 -34.85
N PRO E 428 -25.21 6.35 -35.54
CA PRO E 428 -24.37 7.54 -35.72
C PRO E 428 -23.99 8.28 -34.44
N GLY E 429 -24.60 7.97 -33.29
CA GLY E 429 -24.29 8.65 -32.04
C GLY E 429 -23.62 7.82 -30.98
N ALA E 430 -23.22 6.60 -31.28
CA ALA E 430 -22.58 5.70 -30.31
C ALA E 430 -21.30 6.29 -29.75
N GLN E 431 -21.01 5.94 -28.48
CA GLN E 431 -19.83 6.42 -27.79
C GLN E 431 -19.04 5.35 -27.04
N THR E 432 -19.55 4.12 -26.94
CA THR E 432 -18.84 3.07 -26.24
C THR E 432 -17.59 2.63 -27.00
N SER E 433 -16.74 1.86 -26.32
CA SER E 433 -15.50 1.30 -26.86
C SER E 433 -15.25 -0.02 -26.14
N GLU E 434 -15.80 -1.09 -26.70
CA GLU E 434 -15.99 -2.36 -26.01
C GLU E 434 -14.88 -3.41 -26.12
N SER E 435 -14.15 -3.51 -27.23
CA SER E 435 -13.07 -4.50 -27.31
C SER E 435 -12.07 -4.14 -28.39
N LEU E 436 -10.83 -4.59 -28.22
CA LEU E 436 -9.71 -4.28 -29.11
C LEU E 436 -9.42 -5.42 -30.09
N TRP E 437 -9.19 -5.05 -31.35
CA TRP E 437 -8.89 -5.98 -32.43
C TRP E 437 -7.73 -5.48 -33.27
N TRP E 438 -6.91 -6.40 -33.75
CA TRP E 438 -5.78 -6.12 -34.64
C TRP E 438 -6.07 -6.69 -36.03
N VAL E 439 -6.08 -5.84 -37.04
CA VAL E 439 -6.43 -6.22 -38.41
C VAL E 439 -5.17 -6.31 -39.25
N THR E 440 -4.89 -7.49 -39.79
CA THR E 440 -3.70 -7.78 -40.57
C THR E 440 -3.84 -7.29 -42.02
N ASP E 441 -2.67 -7.08 -42.65
CA ASP E 441 -2.62 -6.64 -44.04
C ASP E 441 -3.26 -7.67 -44.96
N ALA E 442 -3.25 -8.92 -44.57
CA ALA E 442 -3.86 -10.00 -45.33
C ALA E 442 -5.38 -10.03 -45.19
N GLY E 443 -5.95 -9.26 -44.26
CA GLY E 443 -7.39 -9.20 -44.09
C GLY E 443 -7.96 -9.94 -42.90
N ALA E 444 -7.17 -10.71 -42.17
CA ALA E 444 -7.73 -11.40 -41.01
C ALA E 444 -7.61 -10.50 -39.80
N ARG E 445 -8.50 -10.71 -38.81
CA ARG E 445 -8.52 -9.96 -37.57
C ARG E 445 -8.25 -10.88 -36.38
N PHE E 446 -7.51 -10.36 -35.40
CA PHE E 446 -7.12 -11.11 -34.21
C PHE E 446 -7.52 -10.34 -32.96
N GLY E 447 -8.15 -11.00 -32.00
CA GLY E 447 -8.54 -10.30 -30.76
C GLY E 447 -7.36 -10.18 -29.81
N VAL E 448 -7.25 -9.02 -29.17
CA VAL E 448 -6.17 -8.72 -28.23
C VAL E 448 -6.71 -8.50 -26.83
N GLU E 449 -6.19 -9.25 -25.85
CA GLU E 449 -6.59 -9.03 -24.47
C GLU E 449 -5.95 -7.74 -23.98
N ASP E 450 -6.74 -6.83 -23.44
CA ASP E 450 -6.21 -5.52 -23.05
C ASP E 450 -5.41 -5.54 -21.74
N SER E 451 -5.00 -6.69 -21.23
CA SER E 451 -4.18 -6.69 -20.02
C SER E 451 -2.89 -5.94 -20.27
N LYS E 452 -2.45 -5.16 -19.27
CA LYS E 452 -1.27 -4.32 -19.45
C LYS E 452 -0.04 -5.09 -19.92
N GLU E 453 0.14 -6.32 -19.45
CA GLU E 453 1.31 -7.09 -19.90
C GLU E 453 1.22 -7.40 -21.38
N ALA E 454 0.04 -7.75 -21.88
CA ALA E 454 -0.11 -8.05 -23.30
C ALA E 454 0.01 -6.79 -24.13
N ARG E 455 -0.66 -5.72 -23.71
CA ARG E 455 -0.60 -4.44 -24.41
C ARG E 455 0.84 -3.95 -24.53
N ASP E 456 1.60 -4.02 -23.44
CA ASP E 456 2.99 -3.57 -23.45
C ASP E 456 3.91 -4.51 -24.20
N ALA E 457 3.77 -5.82 -23.99
CA ALA E 457 4.65 -6.76 -24.69
C ALA E 457 4.51 -6.65 -26.20
N LEU E 458 3.31 -6.47 -26.72
CA LEU E 458 3.13 -6.30 -28.15
C LEU E 458 3.50 -4.91 -28.65
N GLY E 459 3.72 -3.95 -27.76
CA GLY E 459 4.03 -2.59 -28.16
C GLY E 459 2.83 -1.80 -28.64
N LEU E 460 1.64 -2.13 -28.14
CA LEU E 460 0.38 -1.51 -28.48
C LEU E 460 -0.06 -0.52 -27.40
N THR E 461 0.87 0.27 -26.88
CA THR E 461 0.59 1.25 -25.83
C THR E 461 0.19 2.61 -26.40
N LEU E 462 -0.81 2.63 -27.27
CA LEU E 462 -1.30 3.86 -27.88
C LEU E 462 -2.82 3.76 -27.99
N THR E 463 -3.46 4.90 -28.20
CA THR E 463 -4.92 4.96 -28.32
C THR E 463 -5.47 4.35 -29.60
N PRO E 464 -6.34 3.35 -29.52
CA PRO E 464 -6.90 2.73 -30.72
C PRO E 464 -7.97 3.58 -31.40
N SER E 465 -8.16 3.31 -32.70
CA SER E 465 -9.16 3.97 -33.52
C SER E 465 -10.49 3.21 -33.45
N LEU E 466 -11.60 3.91 -33.68
CA LEU E 466 -12.93 3.31 -33.59
C LEU E 466 -13.39 2.72 -34.93
N ALA E 467 -14.22 1.67 -34.86
CA ALA E 467 -14.79 1.04 -36.04
C ALA E 467 -16.15 0.45 -35.70
N PRO E 468 -17.07 0.37 -36.68
CA PRO E 468 -18.40 -0.17 -36.42
C PRO E 468 -18.46 -1.69 -36.57
N TRP E 469 -19.28 -2.31 -35.73
CA TRP E 469 -19.42 -3.76 -35.74
C TRP E 469 -19.99 -4.32 -37.05
N VAL E 470 -20.97 -3.66 -37.64
CA VAL E 470 -21.54 -4.16 -38.90
C VAL E 470 -20.52 -4.33 -40.01
N ALA E 471 -19.42 -3.59 -39.96
CA ALA E 471 -18.37 -3.73 -40.96
C ALA E 471 -17.29 -4.72 -40.53
N LEU E 472 -16.80 -4.56 -39.31
CA LEU E 472 -15.73 -5.39 -38.78
C LEU E 472 -16.09 -6.86 -38.73
N ARG E 473 -17.36 -7.21 -38.51
CA ARG E 473 -17.74 -8.61 -38.45
C ARG E 473 -17.52 -9.36 -39.76
N LEU E 474 -17.35 -8.68 -40.87
CA LEU E 474 -17.20 -9.35 -42.14
C LEU E 474 -15.81 -9.95 -42.37
N LEU E 475 -14.83 -9.63 -41.54
CA LEU E 475 -13.48 -10.19 -41.68
C LEU E 475 -13.33 -11.49 -40.87
N PRO E 476 -12.60 -12.48 -41.41
CA PRO E 476 -12.39 -13.75 -40.70
C PRO E 476 -11.59 -13.56 -39.41
N GLN E 477 -11.92 -14.38 -38.41
CA GLN E 477 -11.33 -14.29 -37.08
C GLN E 477 -10.26 -15.34 -36.76
N GLY E 478 -9.10 -14.86 -36.30
CA GLY E 478 -8.00 -15.70 -35.88
C GLY E 478 -7.97 -15.95 -34.38
N PRO E 479 -6.98 -16.71 -33.91
CA PRO E 479 -6.84 -16.99 -32.48
C PRO E 479 -6.46 -15.78 -31.64
N THR E 480 -6.95 -15.76 -30.40
CA THR E 480 -6.68 -14.65 -29.48
C THR E 480 -5.21 -14.61 -29.05
N LEU E 481 -4.67 -13.40 -28.92
CA LEU E 481 -3.29 -13.16 -28.50
C LEU E 481 -3.20 -12.82 -27.02
N SER E 482 -2.46 -13.62 -26.25
CA SER E 482 -2.24 -13.30 -24.84
C SER E 482 -1.09 -14.13 -24.30
N ARG E 483 -0.45 -13.60 -23.26
CA ARG E 483 0.73 -14.25 -22.69
C ARG E 483 0.45 -15.67 -22.24
N ALA E 484 -0.68 -15.90 -21.59
CA ALA E 484 -1.06 -17.24 -21.14
C ALA E 484 -1.33 -18.21 -22.29
N ASP E 485 -1.70 -17.69 -23.46
CA ASP E 485 -2.00 -18.47 -24.64
C ASP E 485 -0.78 -18.86 -25.47
N ALA E 486 0.35 -18.17 -25.32
CA ALA E 486 1.55 -18.50 -26.09
C ALA E 486 2.54 -19.43 -25.38
N LEU E 487 2.46 -19.58 -24.06
CA LEU E 487 3.38 -20.45 -23.31
C LEU E 487 3.05 -21.95 -23.43
N VAL E 488 3.12 -22.49 -24.65
CA VAL E 488 2.85 -23.90 -24.87
C VAL E 488 3.84 -24.50 -25.87
N GLU E 489 4.14 -25.78 -25.69
CA GLU E 489 5.05 -26.55 -26.54
C GLU E 489 4.29 -27.52 -27.43
N HIS E 490 4.77 -27.74 -28.65
CA HIS E 490 4.14 -28.70 -29.56
C HIS E 490 5.20 -29.56 -30.22
N ASP E 491 4.97 -30.88 -30.23
CA ASP E 491 5.92 -31.76 -30.93
C ASP E 491 5.74 -31.61 -32.43
N THR E 492 4.50 -31.72 -32.89
CA THR E 492 4.15 -31.57 -34.29
C THR E 492 2.75 -30.97 -34.36
N LEU E 493 2.46 -30.36 -35.47
CA LEU E 493 1.21 -29.65 -35.64
C LEU E 493 0.26 -30.45 -36.55
N PRO E 494 -1.03 -30.51 -36.23
CA PRO E 494 -1.98 -31.31 -37.02
C PRO E 494 -2.42 -30.61 -38.29
N MET E 495 -1.95 -31.10 -39.43
CA MET E 495 -2.32 -30.53 -40.72
C MET E 495 -3.72 -30.96 -41.11
N ASP E 496 -4.53 -30.02 -41.56
CA ASP E 496 -5.88 -30.32 -42.01
C ASP E 496 -6.41 -29.19 -42.89
N SER F 74 47.53 22.61 -2.94
CA SER F 74 46.58 23.37 -2.13
C SER F 74 45.24 23.45 -2.83
N PHE F 75 45.26 23.63 -4.14
CA PHE F 75 44.02 23.70 -4.90
C PHE F 75 43.45 22.32 -5.16
N ILE F 76 44.32 21.32 -5.27
CA ILE F 76 43.88 19.95 -5.54
C ILE F 76 43.28 19.29 -4.30
N SER F 77 43.73 19.66 -3.10
CA SER F 77 43.18 19.04 -1.90
C SER F 77 43.40 19.91 -0.66
N PRO F 78 42.54 20.89 -0.42
CA PRO F 78 42.69 21.74 0.76
C PRO F 78 42.39 20.98 2.06
N SER F 79 42.76 21.64 3.16
CA SER F 79 42.61 21.08 4.50
C SER F 79 41.16 20.93 4.98
N GLY F 80 40.26 21.80 4.54
CA GLY F 80 38.88 21.76 5.01
C GLY F 80 37.98 20.67 4.46
N GLN F 81 38.41 19.89 3.46
CA GLN F 81 37.53 18.87 2.88
C GLN F 81 37.49 17.58 3.71
N LEU F 82 36.92 17.71 4.91
CA LEU F 82 36.67 16.63 5.85
C LEU F 82 35.28 16.04 5.60
N ASN F 83 34.88 15.09 6.44
CA ASN F 83 33.55 14.49 6.36
C ASN F 83 33.26 13.82 5.03
N GLU F 84 34.27 13.20 4.42
CA GLU F 84 34.04 12.50 3.17
C GLU F 84 33.30 11.18 3.38
N SER F 85 33.46 10.55 4.54
CA SER F 85 32.77 9.30 4.86
C SER F 85 32.67 9.16 6.38
N PRO F 86 31.74 8.34 6.87
CA PRO F 86 31.58 8.23 8.32
C PRO F 86 32.58 7.32 9.01
N ILE F 87 33.40 6.57 8.31
CA ILE F 87 34.40 5.70 8.92
C ILE F 87 35.75 6.27 8.56
N ILE F 88 36.49 6.76 9.54
CA ILE F 88 37.79 7.36 9.32
C ILE F 88 38.81 6.71 10.23
N ALA F 89 40.06 6.71 9.80
CA ALA F 89 41.17 6.15 10.54
C ALA F 89 42.32 7.12 10.66
N ASP F 90 42.93 7.17 11.83
CA ASP F 90 44.07 8.04 12.06
C ASP F 90 45.22 7.54 11.19
N ARG F 91 45.63 8.37 10.24
CA ARG F 91 46.68 8.00 9.30
C ARG F 91 47.99 7.63 9.97
N ASP F 92 48.26 8.17 11.15
CA ASP F 92 49.50 7.88 11.86
C ASP F 92 49.36 6.77 12.91
N SER F 93 48.35 6.86 13.76
CA SER F 93 48.14 5.91 14.84
C SER F 93 47.35 4.67 14.44
N GLY F 94 46.69 4.67 13.29
CA GLY F 94 45.92 3.51 12.92
C GLY F 94 44.64 3.31 13.70
N ALA F 95 44.30 4.23 14.60
CA ALA F 95 43.07 4.13 15.38
C ALA F 95 41.86 4.29 14.47
N LEU F 96 40.77 3.62 14.84
CA LEU F 96 39.53 3.62 14.07
C LEU F 96 38.47 4.41 14.82
N TYR F 97 37.82 5.34 14.11
CA TYR F 97 36.78 6.21 14.66
C TYR F 97 35.54 6.14 13.80
N VAL F 98 34.39 6.41 14.42
CA VAL F 98 33.11 6.44 13.72
C VAL F 98 32.42 7.75 14.04
N ARG F 99 31.77 8.32 13.04
CA ARG F 99 31.10 9.61 13.15
C ARG F 99 29.59 9.46 13.32
N VAL F 100 29.04 10.10 14.35
CA VAL F 100 27.61 10.08 14.60
C VAL F 100 27.21 11.50 14.98
N GLY F 101 26.21 12.04 14.30
CA GLY F 101 25.82 13.41 14.53
C GLY F 101 26.98 14.29 14.10
N ASP F 102 27.57 14.98 15.08
CA ASP F 102 28.73 15.83 14.89
C ASP F 102 29.94 15.36 15.70
N ARG F 103 29.81 14.29 16.46
CA ARG F 103 30.85 13.73 17.31
C ARG F 103 31.59 12.58 16.65
N LEU F 104 32.77 12.28 17.20
CA LEU F 104 33.56 11.12 16.79
C LEU F 104 33.72 10.21 17.99
N TYR F 105 33.33 8.95 17.81
CA TYR F 105 33.43 7.94 18.83
C TYR F 105 34.50 6.94 18.45
N PRO F 106 35.42 6.57 19.34
CA PRO F 106 36.39 5.53 19.00
C PRO F 106 35.69 4.18 18.99
N ALA F 107 35.82 3.45 17.88
CA ALA F 107 35.16 2.16 17.73
C ALA F 107 36.12 1.00 17.99
N LEU F 108 35.55 -0.07 18.53
CA LEU F 108 36.32 -1.27 18.86
C LEU F 108 36.80 -2.03 17.62
N ASN F 109 36.00 -2.07 16.55
CA ASN F 109 36.41 -2.84 15.38
C ASN F 109 35.56 -2.47 14.18
N LEU F 110 36.02 -2.91 13.01
CA LEU F 110 35.32 -2.60 11.75
C LEU F 110 33.92 -3.16 11.69
N ALA F 111 33.69 -4.36 12.23
CA ALA F 111 32.35 -4.93 12.19
C ALA F 111 31.36 -4.01 12.89
N SER F 112 31.69 -3.55 14.08
CA SER F 112 30.78 -2.65 14.80
C SER F 112 30.72 -1.26 14.20
N ALA F 113 31.78 -0.83 13.51
CA ALA F 113 31.72 0.47 12.84
C ALA F 113 30.73 0.46 11.70
N ARG F 114 30.68 -0.63 10.94
CA ARG F 114 29.70 -0.77 9.86
C ARG F 114 28.26 -0.82 10.39
N LEU F 115 27.98 -1.69 11.34
CA LEU F 115 26.62 -1.80 11.85
C LEU F 115 26.11 -0.49 12.44
N ILE F 116 26.96 0.25 13.14
CA ILE F 116 26.48 1.52 13.69
C ILE F 116 26.18 2.51 12.57
N THR F 117 27.04 2.57 11.56
CA THR F 117 26.86 3.53 10.48
C THR F 117 25.80 3.07 9.48
N GLY F 118 25.77 1.78 9.16
CA GLY F 118 24.83 1.26 8.20
C GLY F 118 25.34 1.24 6.77
N ARG F 119 26.62 1.54 6.54
CA ARG F 119 27.21 1.55 5.23
C ARG F 119 28.30 0.49 5.12
N PRO F 120 28.36 -0.26 4.01
CA PRO F 120 29.38 -1.29 3.83
C PRO F 120 30.70 -0.76 3.26
N ASP F 121 31.23 0.29 3.88
CA ASP F 121 32.45 0.95 3.44
C ASP F 121 33.70 0.40 4.17
N ASN F 122 34.87 0.96 3.83
CA ASN F 122 36.17 0.67 4.41
C ASN F 122 36.78 1.97 4.94
N PRO F 123 37.59 1.89 5.99
CA PRO F 123 38.13 3.11 6.60
C PRO F 123 38.94 3.98 5.65
N HIS F 124 38.71 5.29 5.80
CA HIS F 124 39.34 6.37 5.06
C HIS F 124 40.44 6.99 5.90
N LEU F 125 41.66 7.09 5.37
CA LEU F 125 42.76 7.64 6.15
C LEU F 125 42.72 9.16 6.21
N VAL F 126 42.79 9.71 7.43
CA VAL F 126 42.75 11.15 7.69
C VAL F 126 43.91 11.58 8.59
N ARG F 127 44.46 12.75 8.31
CA ARG F 127 45.58 13.30 9.09
C ARG F 127 45.19 13.57 10.55
N SER F 128 46.04 13.12 11.46
CA SER F 128 45.82 13.22 12.92
C SER F 128 45.54 14.64 13.44
N SER F 129 46.06 15.68 12.80
CA SER F 129 45.80 17.05 13.24
C SER F 129 44.34 17.46 13.12
N GLN F 130 43.59 16.85 12.21
CA GLN F 130 42.18 17.19 12.02
C GLN F 130 41.26 16.55 13.06
N ILE F 131 41.45 15.26 13.35
CA ILE F 131 40.60 14.56 14.31
C ILE F 131 40.72 15.08 15.74
N ALA F 132 41.79 15.79 16.07
CA ALA F 132 41.94 16.37 17.41
C ALA F 132 41.08 17.60 17.65
N THR F 133 40.47 18.17 16.62
CA THR F 133 39.62 19.34 16.69
C THR F 133 38.13 19.01 16.85
N MET F 134 37.75 17.75 16.85
CA MET F 134 36.36 17.32 16.94
C MET F 134 36.06 16.67 18.29
N PRO F 135 34.88 16.94 18.85
CA PRO F 135 34.50 16.39 20.16
C PRO F 135 34.49 14.86 20.19
N ARG F 136 35.03 14.34 21.29
CA ARG F 136 35.14 12.92 21.58
C ARG F 136 33.85 12.36 22.18
N GLY F 137 33.92 11.07 22.54
CA GLY F 137 32.84 10.33 23.18
C GLY F 137 33.38 9.03 23.73
N PRO F 138 32.58 8.31 24.51
CA PRO F 138 33.02 7.02 25.04
C PRO F 138 33.15 5.95 23.97
N LEU F 139 33.75 4.81 24.34
CA LEU F 139 33.89 3.70 23.40
C LEU F 139 32.55 3.12 23.01
N VAL F 140 32.48 2.59 21.78
CA VAL F 140 31.26 2.00 21.22
C VAL F 140 31.53 0.69 20.48
N GLY F 141 30.52 -0.15 20.40
CA GLY F 141 30.54 -1.39 19.66
C GLY F 141 30.46 -2.68 20.47
N ILE F 142 30.76 -3.76 19.76
CA ILE F 142 30.74 -5.13 20.27
C ILE F 142 32.19 -5.57 20.48
N PRO F 143 32.58 -5.98 21.68
CA PRO F 143 33.98 -6.39 21.89
C PRO F 143 34.28 -7.72 21.22
N GLY F 144 35.43 -7.80 20.55
CA GLY F 144 35.87 -9.03 19.90
C GLY F 144 35.24 -9.40 18.58
N ALA F 145 34.36 -8.58 18.01
CA ALA F 145 33.76 -8.89 16.74
C ALA F 145 34.80 -8.96 15.62
N PRO F 146 34.47 -9.59 14.49
CA PRO F 146 35.42 -9.74 13.39
C PRO F 146 35.93 -8.40 12.86
N SER F 147 37.20 -8.39 12.45
CA SER F 147 37.86 -7.19 11.97
C SER F 147 38.00 -7.10 10.44
N SER F 148 37.56 -8.09 9.68
CA SER F 148 37.67 -7.99 8.22
C SER F 148 36.64 -8.88 7.54
N PHE F 149 36.11 -8.42 6.41
CA PHE F 149 35.10 -9.16 5.66
C PHE F 149 35.49 -9.34 4.20
N SER F 150 35.33 -10.56 3.70
CA SER F 150 35.60 -10.92 2.30
C SER F 150 34.80 -12.18 1.96
N PRO F 151 33.54 -12.04 1.57
CA PRO F 151 32.73 -13.22 1.26
C PRO F 151 33.27 -14.01 0.08
N LYS F 152 33.25 -15.33 0.21
CA LYS F 152 33.72 -16.23 -0.83
C LYS F 152 32.70 -17.33 -1.03
N SER F 153 32.53 -17.76 -2.28
CA SER F 153 31.57 -18.80 -2.64
C SER F 153 32.27 -19.83 -3.53
N PRO F 154 32.60 -21.00 -3.01
CA PRO F 154 33.25 -22.01 -3.81
C PRO F 154 32.24 -22.80 -4.62
N PRO F 155 32.72 -23.61 -5.58
CA PRO F 155 31.80 -24.41 -6.40
C PRO F 155 31.14 -25.53 -5.63
N ALA F 156 31.80 -26.05 -4.59
CA ALA F 156 31.26 -27.14 -3.78
C ALA F 156 31.69 -26.96 -2.34
N SER F 157 30.88 -27.49 -1.43
CA SER F 157 31.15 -27.45 0.01
C SER F 157 31.65 -28.79 0.50
N SER F 158 32.78 -28.77 1.21
CA SER F 158 33.46 -29.95 1.72
C SER F 158 33.89 -29.74 3.16
N TRP F 159 33.54 -30.68 4.03
CA TRP F 159 33.89 -30.59 5.44
C TRP F 159 34.36 -31.97 5.89
N LEU F 160 35.35 -32.00 6.77
CA LEU F 160 35.87 -33.24 7.35
C LEU F 160 36.06 -33.12 8.85
N VAL F 161 35.76 -34.20 9.55
CA VAL F 161 36.02 -34.35 10.97
C VAL F 161 37.08 -35.44 11.07
N CYS F 162 38.22 -35.13 11.67
CA CYS F 162 39.32 -36.09 11.77
C CYS F 162 39.68 -36.42 13.21
N ASP F 163 40.08 -37.68 13.40
CA ASP F 163 40.51 -38.24 14.66
C ASP F 163 41.88 -38.86 14.48
N THR F 164 42.82 -38.52 15.35
CA THR F 164 44.17 -39.06 15.31
C THR F 164 44.55 -39.55 16.69
N VAL F 165 44.99 -40.80 16.79
CA VAL F 165 45.33 -41.41 18.07
C VAL F 165 46.84 -41.48 18.26
N ALA F 166 47.29 -41.10 19.44
CA ALA F 166 48.70 -41.10 19.82
C ALA F 166 49.13 -42.46 20.36
N THR F 167 50.45 -42.67 20.36
CA THR F 167 51.05 -43.92 20.84
C THR F 167 52.36 -43.64 21.57
N GLN F 175 46.02 -43.84 24.00
CA GLN F 175 45.73 -43.24 25.30
C GLN F 175 45.46 -41.74 25.19
N GLY F 176 45.40 -41.23 23.97
CA GLY F 176 45.16 -39.82 23.74
C GLY F 176 44.80 -39.57 22.28
N VAL F 177 43.86 -38.65 22.06
CA VAL F 177 43.38 -38.32 20.73
C VAL F 177 43.24 -36.81 20.58
N THR F 178 43.29 -36.35 19.33
CA THR F 178 43.08 -34.95 19.02
C THR F 178 42.09 -34.89 17.87
N VAL F 179 41.23 -33.88 17.88
CA VAL F 179 40.19 -33.70 16.87
C VAL F 179 40.52 -32.48 16.01
N THR F 180 40.52 -32.67 14.71
CA THR F 180 40.82 -31.62 13.74
C THR F 180 39.64 -31.47 12.79
N VAL F 181 39.27 -30.22 12.49
CA VAL F 181 38.21 -29.90 11.56
C VAL F 181 38.84 -29.30 10.32
N ILE F 182 38.51 -29.86 9.16
CA ILE F 182 39.05 -29.42 7.87
C ILE F 182 37.91 -28.86 7.03
N ASP F 183 38.14 -27.69 6.47
CA ASP F 183 37.20 -27.01 5.58
C ASP F 183 37.88 -26.84 4.23
N GLY F 184 37.30 -27.44 3.20
CA GLY F 184 37.83 -27.42 1.86
C GLY F 184 38.08 -28.82 1.33
N THR F 185 38.66 -28.87 0.14
CA THR F 185 38.94 -30.16 -0.49
C THR F 185 40.14 -30.86 0.16
N PRO F 186 39.99 -32.12 0.55
CA PRO F 186 41.10 -32.84 1.18
C PRO F 186 42.16 -33.25 0.16
N ASP F 187 43.29 -33.72 0.68
CA ASP F 187 44.40 -34.22 -0.13
C ASP F 187 44.49 -35.75 0.06
N LEU F 188 44.26 -36.50 -1.00
CA LEU F 188 44.26 -37.96 -1.00
C LEU F 188 45.57 -38.59 -1.48
N THR F 189 46.64 -37.82 -1.63
CA THR F 189 47.92 -38.37 -2.05
C THR F 189 48.54 -39.22 -0.95
N GLY F 190 49.58 -39.98 -1.34
CA GLY F 190 50.27 -40.87 -0.43
C GLY F 190 49.52 -42.16 -0.15
N HIS F 191 49.77 -42.76 1.01
CA HIS F 191 49.10 -43.99 1.40
C HIS F 191 47.64 -43.78 1.75
N ARG F 192 47.15 -42.54 1.72
CA ARG F 192 45.77 -42.29 2.06
C ARG F 192 44.88 -43.07 1.10
N GLN F 193 43.80 -43.62 1.61
CA GLN F 193 42.89 -44.41 0.80
C GLN F 193 41.48 -44.24 1.30
N ILE F 194 40.53 -44.31 0.38
CA ILE F 194 39.12 -44.29 0.75
C ILE F 194 38.71 -45.69 1.18
N LEU F 195 38.14 -45.79 2.37
CA LEU F 195 37.73 -47.07 2.91
C LEU F 195 36.52 -47.59 2.14
N SER F 196 36.66 -48.76 1.53
CA SER F 196 35.57 -49.32 0.73
C SER F 196 35.70 -50.84 0.61
N GLY F 197 34.61 -51.45 0.17
CA GLY F 197 34.54 -52.88 -0.05
C GLY F 197 34.81 -53.71 1.19
N SER F 198 35.81 -54.59 1.12
CA SER F 198 36.20 -55.45 2.24
C SER F 198 37.00 -54.75 3.32
N ASP F 199 37.49 -53.54 3.06
CA ASP F 199 38.30 -52.82 4.05
C ASP F 199 37.45 -52.39 5.25
N ALA F 200 38.06 -52.44 6.43
CA ALA F 200 37.37 -52.07 7.65
C ALA F 200 38.40 -51.68 8.71
N VAL F 201 37.90 -51.04 9.77
CA VAL F 201 38.69 -50.63 10.92
C VAL F 201 37.84 -50.81 12.17
N VAL F 202 38.49 -51.08 13.30
CA VAL F 202 37.81 -51.33 14.57
C VAL F 202 38.32 -50.37 15.62
N LEU F 203 37.38 -49.79 16.39
CA LEU F 203 37.69 -48.83 17.44
C LEU F 203 36.80 -49.09 18.65
N ARG F 204 37.22 -48.53 19.78
CA ARG F 204 36.52 -48.66 21.06
C ARG F 204 35.80 -47.38 21.48
N TYR F 205 34.60 -47.54 22.05
CA TYR F 205 33.88 -46.42 22.62
C TYR F 205 32.85 -46.94 23.62
N GLY F 206 32.88 -46.38 24.82
CA GLY F 206 31.98 -46.80 25.88
C GLY F 206 32.14 -48.24 26.29
N GLY F 207 33.33 -48.80 26.14
CA GLY F 207 33.63 -50.18 26.46
C GLY F 207 33.39 -51.14 25.29
N ASP F 208 32.36 -50.86 24.50
CA ASP F 208 32.03 -51.66 23.33
C ASP F 208 33.01 -51.43 22.18
N ALA F 209 33.05 -52.39 21.27
CA ALA F 209 33.87 -52.36 20.08
C ALA F 209 32.98 -52.13 18.87
N TRP F 210 33.40 -51.25 17.96
CA TRP F 210 32.61 -50.90 16.79
C TRP F 210 33.40 -51.13 15.51
N VAL F 211 32.73 -51.73 14.54
CA VAL F 211 33.29 -52.03 13.22
C VAL F 211 32.81 -50.98 12.25
N ILE F 212 33.74 -50.34 11.55
CA ILE F 212 33.41 -49.30 10.58
C ILE F 212 33.62 -49.83 9.17
N ARG F 213 32.59 -49.72 8.35
CA ARG F 213 32.67 -50.13 6.96
C ARG F 213 31.48 -49.54 6.22
N GLU F 214 31.61 -49.43 4.90
CA GLU F 214 30.53 -48.89 4.06
C GLU F 214 30.01 -47.56 4.59
N GLY F 215 30.85 -46.82 5.30
CA GLY F 215 30.43 -45.55 5.85
C GLY F 215 29.53 -45.62 7.06
N ARG F 216 29.43 -46.77 7.72
CA ARG F 216 28.58 -46.90 8.90
C ARG F 216 29.38 -47.57 10.00
N ARG F 217 28.91 -47.43 11.24
CA ARG F 217 29.47 -48.12 12.39
C ARG F 217 28.49 -49.17 12.91
N SER F 218 28.99 -50.39 13.14
CA SER F 218 28.19 -51.49 13.65
C SER F 218 28.87 -52.11 14.86
N ARG F 219 28.07 -52.51 15.85
CA ARG F 219 28.56 -53.10 17.08
C ARG F 219 28.83 -54.60 16.96
N ILE F 220 29.88 -55.05 17.66
CA ILE F 220 30.29 -56.46 17.71
C ILE F 220 30.81 -56.79 19.09
N GLU F 221 30.61 -58.06 19.51
CA GLU F 221 31.04 -58.51 20.84
C GLU F 221 32.18 -59.52 20.76
N PRO F 222 33.22 -59.36 21.59
CA PRO F 222 34.40 -60.24 21.53
C PRO F 222 34.15 -61.68 21.95
N THR F 223 33.05 -61.98 22.63
CA THR F 223 32.73 -63.34 23.07
C THR F 223 32.14 -64.21 21.97
N ASN F 224 31.56 -63.63 20.94
CA ASN F 224 30.88 -64.37 19.88
C ASN F 224 31.85 -64.94 18.84
N ARG F 225 32.56 -66.00 19.28
CA ARG F 225 33.54 -66.70 18.44
C ARG F 225 32.94 -67.22 17.16
N ALA F 226 31.67 -67.62 17.18
CA ALA F 226 31.00 -68.12 15.98
C ALA F 226 30.97 -67.10 14.86
N VAL F 227 30.94 -65.80 15.18
CA VAL F 227 30.94 -64.75 14.18
C VAL F 227 32.34 -64.20 13.92
N LEU F 228 33.15 -64.04 14.96
CA LEU F 228 34.49 -63.49 14.79
C LEU F 228 35.34 -64.33 13.83
N LEU F 229 35.34 -65.64 14.02
CA LEU F 229 36.17 -66.51 13.19
C LEU F 229 35.80 -66.48 11.71
N PRO F 230 34.55 -66.63 11.28
CA PRO F 230 34.26 -66.55 9.85
C PRO F 230 34.53 -65.18 9.26
N LEU F 231 34.39 -64.10 10.03
CA LEU F 231 34.67 -62.76 9.51
C LEU F 231 36.16 -62.51 9.39
N GLY F 232 36.99 -63.29 10.08
CA GLY F 232 38.42 -63.11 10.05
C GLY F 232 38.99 -62.31 11.20
N LEU F 233 38.20 -62.03 12.22
CA LEU F 233 38.61 -61.27 13.38
C LEU F 233 39.10 -62.21 14.48
N THR F 234 39.81 -61.65 15.46
CA THR F 234 40.35 -62.41 16.57
C THR F 234 39.95 -61.74 17.87
N PRO F 235 39.51 -62.52 18.87
CA PRO F 235 39.09 -61.91 20.14
C PRO F 235 40.12 -60.97 20.72
N GLU F 236 41.39 -61.32 20.67
CA GLU F 236 42.42 -60.45 21.21
C GLU F 236 42.51 -59.17 20.38
N GLN F 237 42.53 -59.32 19.06
CA GLN F 237 42.61 -58.20 18.14
C GLN F 237 41.47 -57.20 18.34
N VAL F 238 40.26 -57.69 18.63
CA VAL F 238 39.13 -56.82 18.95
C VAL F 238 39.31 -56.15 20.30
N SER F 239 39.75 -56.91 21.31
CA SER F 239 39.91 -56.36 22.65
C SER F 239 40.99 -55.27 22.73
N GLN F 240 42.01 -55.31 21.89
CA GLN F 240 43.08 -54.31 21.92
C GLN F 240 42.82 -53.10 21.03
N ALA F 241 41.62 -52.92 20.49
CA ALA F 241 41.33 -51.76 19.65
C ALA F 241 41.49 -50.45 20.43
N ARG F 242 41.91 -49.41 19.72
CA ARG F 242 42.16 -48.08 20.28
C ARG F 242 40.90 -47.26 20.52
N PRO F 243 41.03 -46.18 21.30
CA PRO F 243 39.91 -45.29 21.58
C PRO F 243 39.38 -44.53 20.38
N MET F 244 38.18 -43.96 20.56
CA MET F 244 37.46 -43.19 19.56
C MET F 244 36.96 -41.90 20.20
N SER F 245 37.17 -40.78 19.52
CA SER F 245 36.72 -39.50 20.06
C SER F 245 35.21 -39.31 19.96
N ARG F 246 34.65 -38.59 20.93
CA ARG F 246 33.23 -38.28 20.92
C ARG F 246 32.81 -37.57 19.64
N ALA F 247 33.68 -36.71 19.12
CA ALA F 247 33.41 -35.96 17.90
C ALA F 247 33.11 -36.88 16.72
N LEU F 248 33.92 -37.92 16.53
CA LEU F 248 33.69 -38.86 15.44
C LEU F 248 32.59 -39.86 15.74
N PHE F 249 32.39 -40.22 17.01
CA PHE F 249 31.35 -41.16 17.37
C PHE F 249 29.95 -40.66 16.99
N ASP F 250 29.69 -39.38 17.18
CA ASP F 250 28.40 -38.81 16.80
C ASP F 250 28.26 -38.64 15.29
N ALA F 251 29.35 -38.39 14.57
CA ALA F 251 29.25 -38.15 13.13
C ALA F 251 28.90 -39.41 12.33
N LEU F 252 29.47 -40.56 12.65
CA LEU F 252 29.18 -41.76 11.87
C LEU F 252 27.78 -42.32 12.14
N PRO F 253 26.99 -42.60 11.08
CA PRO F 253 25.66 -43.18 11.26
C PRO F 253 25.75 -44.63 11.73
N VAL F 254 24.75 -45.05 12.48
CA VAL F 254 24.70 -46.40 13.06
C VAL F 254 24.03 -47.40 12.13
N GLY F 255 24.65 -48.57 12.01
CA GLY F 255 24.15 -49.68 11.24
C GLY F 255 23.76 -50.85 12.13
N PRO F 256 23.09 -51.85 11.56
CA PRO F 256 22.70 -53.02 12.36
C PRO F 256 23.88 -53.80 12.91
N GLU F 257 23.69 -54.36 14.10
CA GLU F 257 24.73 -55.14 14.78
C GLU F 257 25.01 -56.46 14.08
N LEU F 258 26.28 -56.86 14.09
CA LEU F 258 26.77 -58.10 13.51
C LEU F 258 26.52 -59.25 14.49
N LEU F 259 25.39 -59.94 14.34
CA LEU F 259 25.01 -61.02 15.24
C LEU F 259 24.47 -62.20 14.44
N VAL F 260 24.37 -63.34 15.11
CA VAL F 260 23.87 -64.56 14.48
C VAL F 260 22.43 -64.37 14.02
N PRO F 261 22.09 -64.79 12.80
CA PRO F 261 20.72 -64.63 12.30
C PRO F 261 19.71 -65.30 13.22
N GLU F 262 18.69 -64.52 13.60
CA GLU F 262 17.62 -64.97 14.50
C GLU F 262 16.53 -65.69 13.69
N VAL F 263 16.77 -66.95 13.38
CA VAL F 263 15.79 -67.73 12.61
C VAL F 263 14.47 -67.86 13.38
N PRO F 264 13.35 -67.45 12.79
CA PRO F 264 12.07 -67.53 13.50
C PRO F 264 11.58 -68.96 13.71
N ASN F 265 10.89 -69.15 14.84
CA ASN F 265 10.27 -70.42 15.21
C ASN F 265 11.24 -71.60 15.10
N ALA F 266 12.49 -71.37 15.49
CA ALA F 266 13.53 -72.39 15.36
C ALA F 266 13.09 -73.73 15.94
N GLY F 267 13.60 -74.82 15.35
CA GLY F 267 13.29 -76.17 15.81
C GLY F 267 11.95 -76.76 15.43
N GLY F 268 10.99 -75.99 14.94
CA GLY F 268 9.70 -76.55 14.59
C GLY F 268 9.72 -77.34 13.30
N PRO F 269 8.62 -78.04 13.04
CA PRO F 269 8.47 -78.82 11.81
C PRO F 269 8.06 -77.95 10.63
N ALA F 270 8.35 -78.43 9.43
CA ALA F 270 8.00 -77.70 8.23
C ALA F 270 6.55 -77.90 7.81
N THR F 271 6.00 -76.86 7.17
CA THR F 271 4.64 -76.82 6.65
C THR F 271 4.52 -77.58 5.33
N PHE F 272 5.50 -77.45 4.46
CA PHE F 272 5.48 -78.09 3.16
C PHE F 272 5.95 -79.54 3.21
N PRO F 273 5.49 -80.35 2.26
CA PRO F 273 5.88 -81.76 2.20
C PRO F 273 7.29 -81.98 1.65
N GLY F 274 7.87 -83.10 2.09
CA GLY F 274 9.18 -83.51 1.63
C GLY F 274 10.34 -82.75 2.22
N ALA F 275 10.12 -81.94 3.23
CA ALA F 275 11.21 -81.21 3.85
C ALA F 275 12.26 -82.19 4.37
N PRO F 276 13.55 -81.99 4.05
CA PRO F 276 14.58 -82.93 4.50
C PRO F 276 14.80 -82.98 6.00
N GLY F 277 14.32 -82.00 6.76
CA GLY F 277 14.53 -82.00 8.19
C GLY F 277 13.81 -80.85 8.86
N PRO F 278 14.09 -80.64 10.15
CA PRO F 278 13.44 -79.56 10.88
C PRO F 278 13.89 -78.20 10.41
N ILE F 279 13.09 -77.20 10.78
CA ILE F 279 13.38 -75.82 10.44
C ILE F 279 14.75 -75.42 10.98
N GLY F 280 15.44 -74.56 10.23
CA GLY F 280 16.76 -74.13 10.61
C GLY F 280 17.88 -74.99 10.06
N THR F 281 17.56 -76.14 9.48
CA THR F 281 18.60 -76.97 8.87
C THR F 281 19.10 -76.32 7.58
N VAL F 282 20.37 -76.55 7.27
CA VAL F 282 20.99 -75.98 6.07
C VAL F 282 21.22 -77.10 5.04
N ILE F 283 20.91 -76.79 3.78
CA ILE F 283 21.03 -77.71 2.66
C ILE F 283 22.04 -77.17 1.66
N VAL F 284 22.75 -78.08 0.99
CA VAL F 284 23.70 -77.71 -0.05
C VAL F 284 23.58 -78.68 -1.23
N THR F 285 23.73 -78.15 -2.45
CA THR F 285 23.69 -78.96 -3.66
C THR F 285 25.03 -79.66 -3.90
N PRO F 286 25.01 -80.85 -4.51
CA PRO F 286 26.27 -81.55 -4.78
C PRO F 286 27.14 -80.82 -5.79
N GLN F 287 28.46 -80.99 -5.63
CA GLN F 287 29.46 -80.35 -6.47
C GLN F 287 29.54 -80.93 -7.88
N ILE F 288 28.90 -82.06 -8.13
CA ILE F 288 28.93 -82.72 -9.43
C ILE F 288 28.43 -81.82 -10.57
N SER F 289 27.70 -80.75 -10.27
CA SER F 289 27.21 -79.88 -11.33
C SER F 289 27.11 -78.44 -10.84
N GLY F 290 27.98 -77.59 -11.40
CA GLY F 290 28.03 -76.19 -11.08
C GLY F 290 28.40 -75.86 -9.64
N PRO F 291 28.55 -74.56 -9.35
CA PRO F 291 28.87 -74.13 -7.99
C PRO F 291 27.78 -74.54 -7.01
N GLN F 292 28.19 -74.77 -5.77
CA GLN F 292 27.25 -75.19 -4.74
C GLN F 292 26.36 -74.05 -4.27
N GLN F 293 25.07 -74.36 -4.14
CA GLN F 293 24.05 -73.44 -3.65
C GLN F 293 23.67 -73.83 -2.23
N TYR F 294 23.67 -72.87 -1.31
CA TYR F 294 23.25 -73.09 0.06
C TYR F 294 21.85 -72.55 0.28
N SER F 295 21.04 -73.28 1.05
CA SER F 295 19.69 -72.83 1.33
C SER F 295 19.25 -73.27 2.73
N LEU F 296 18.38 -72.45 3.32
CA LEU F 296 17.88 -72.63 4.68
C LEU F 296 16.46 -73.19 4.64
N VAL F 297 16.19 -74.22 5.43
CA VAL F 297 14.85 -74.77 5.55
C VAL F 297 14.05 -73.90 6.52
N LEU F 298 13.05 -73.19 5.99
CA LEU F 298 12.16 -72.35 6.75
C LEU F 298 10.82 -73.06 6.95
N GLY F 299 9.89 -72.36 7.61
CA GLY F 299 8.60 -72.95 7.90
C GLY F 299 7.80 -73.31 6.65
N ASP F 300 7.67 -72.37 5.72
CA ASP F 300 6.87 -72.58 4.53
C ASP F 300 7.68 -72.90 3.28
N GLY F 301 9.00 -73.00 3.38
CA GLY F 301 9.80 -73.29 2.20
C GLY F 301 11.28 -73.14 2.50
N VAL F 302 12.05 -72.80 1.45
CA VAL F 302 13.48 -72.62 1.59
C VAL F 302 13.88 -71.23 1.10
N GLN F 303 14.90 -70.68 1.74
CA GLN F 303 15.49 -69.38 1.39
C GLN F 303 16.94 -69.58 1.00
N THR F 304 17.39 -68.94 -0.08
CA THR F 304 18.78 -69.10 -0.50
C THR F 304 19.69 -68.26 0.41
N LEU F 305 20.80 -68.87 0.86
CA LEU F 305 21.78 -68.24 1.74
C LEU F 305 23.09 -67.89 1.06
N PRO F 306 23.65 -66.71 1.32
CA PRO F 306 24.97 -66.40 0.79
C PRO F 306 26.02 -67.30 1.43
N PRO F 307 27.08 -67.64 0.71
CA PRO F 307 28.09 -68.56 1.25
C PRO F 307 28.68 -68.19 2.60
N LEU F 308 28.89 -66.92 2.89
CA LEU F 308 29.45 -66.51 4.17
C LEU F 308 28.49 -66.75 5.33
N VAL F 309 27.21 -66.40 5.16
CA VAL F 309 26.20 -66.57 6.19
C VAL F 309 25.94 -68.05 6.49
N ALA F 310 26.02 -68.91 5.49
CA ALA F 310 25.85 -70.34 5.71
C ALA F 310 26.90 -70.88 6.68
N GLN F 311 28.14 -70.41 6.59
CA GLN F 311 29.17 -70.86 7.51
C GLN F 311 28.87 -70.41 8.94
N ILE F 312 28.40 -69.18 9.12
CA ILE F 312 28.05 -68.70 10.47
C ILE F 312 26.94 -69.55 11.07
N LEU F 313 25.87 -69.82 10.32
CA LEU F 313 24.78 -70.64 10.85
C LEU F 313 25.22 -72.06 11.18
N GLN F 314 26.08 -72.67 10.37
CA GLN F 314 26.58 -74.00 10.68
C GLN F 314 27.51 -73.98 11.89
N ASN F 315 28.37 -72.97 11.99
CA ASN F 315 29.27 -72.84 13.12
C ASN F 315 28.53 -72.55 14.42
N ALA F 316 27.59 -71.60 14.40
CA ALA F 316 26.86 -71.25 15.62
C ALA F 316 25.85 -72.32 15.99
N GLY F 317 25.03 -72.77 15.04
CA GLY F 317 24.05 -73.79 15.30
C GLY F 317 24.60 -75.20 15.22
N SER F 318 25.93 -75.32 15.28
CA SER F 318 26.59 -76.62 15.15
C SER F 318 26.05 -77.61 16.18
N ALA F 319 26.24 -77.31 17.47
CA ALA F 319 25.81 -78.21 18.55
C ALA F 319 26.31 -79.62 18.31
N GLY F 320 27.47 -79.73 17.67
CA GLY F 320 28.10 -80.98 17.31
C GLY F 320 28.02 -81.31 15.83
N ASN F 321 27.05 -80.79 15.11
CA ASN F 321 26.97 -81.05 13.67
C ASN F 321 28.02 -80.23 12.95
N THR F 322 28.66 -80.83 11.94
CA THR F 322 29.71 -80.13 11.23
C THR F 322 29.42 -79.85 9.75
N LYS F 323 28.42 -80.47 9.15
CA LYS F 323 28.15 -80.25 7.74
C LYS F 323 26.66 -80.28 7.42
N PRO F 324 26.25 -79.61 6.34
CA PRO F 324 24.86 -79.60 5.93
C PRO F 324 24.48 -80.89 5.17
N LEU F 325 23.20 -81.00 4.82
CA LEU F 325 22.68 -82.14 4.07
C LEU F 325 22.83 -81.91 2.57
N THR F 326 23.42 -82.89 1.88
CA THR F 326 23.57 -82.83 0.42
C THR F 326 22.27 -83.30 -0.23
N VAL F 327 21.59 -82.39 -0.93
CA VAL F 327 20.30 -82.67 -1.56
C VAL F 327 20.41 -82.48 -3.06
N GLU F 328 19.90 -83.46 -3.83
CA GLU F 328 19.94 -83.46 -5.29
C GLU F 328 18.93 -82.50 -5.93
N PRO F 329 19.27 -81.97 -7.11
CA PRO F 329 18.39 -81.01 -7.81
C PRO F 329 16.97 -81.49 -8.06
N SER F 330 16.79 -82.75 -8.46
CA SER F 330 15.45 -83.28 -8.72
C SER F 330 14.54 -83.20 -7.50
N THR F 331 15.04 -83.53 -6.32
CA THR F 331 14.21 -83.42 -5.13
C THR F 331 14.13 -81.99 -4.62
N LEU F 332 15.21 -81.23 -4.80
CA LEU F 332 15.24 -79.83 -4.36
C LEU F 332 14.24 -78.98 -5.13
N ALA F 333 14.12 -79.21 -6.43
CA ALA F 333 13.21 -78.43 -7.28
C ALA F 333 11.75 -78.51 -6.84
N LYS F 334 11.37 -79.54 -6.09
CA LYS F 334 9.99 -79.63 -5.61
C LYS F 334 9.70 -78.73 -4.42
N MET F 335 10.72 -78.29 -3.69
CA MET F 335 10.50 -77.42 -2.54
C MET F 335 10.27 -75.97 -2.98
N PRO F 336 9.19 -75.33 -2.51
CA PRO F 336 8.91 -73.95 -2.90
C PRO F 336 9.86 -72.94 -2.25
N VAL F 337 10.22 -71.90 -3.01
CA VAL F 337 11.08 -70.82 -2.54
C VAL F 337 10.27 -69.78 -1.77
N VAL F 338 10.71 -69.43 -0.57
CA VAL F 338 10.02 -68.49 0.32
C VAL F 338 11.04 -67.52 0.90
N ASN F 339 10.68 -66.24 0.94
CA ASN F 339 11.52 -65.17 1.47
C ASN F 339 10.93 -64.63 2.77
N ARG F 340 11.68 -64.72 3.86
CA ARG F 340 11.19 -64.23 5.16
C ARG F 340 12.18 -63.47 6.03
N LEU F 341 13.50 -63.54 5.81
CA LEU F 341 14.42 -62.80 6.67
C LEU F 341 15.52 -62.12 5.86
N ASP F 342 15.89 -60.90 6.29
CA ASP F 342 16.92 -60.10 5.64
C ASP F 342 18.32 -60.40 6.16
N LEU F 343 19.30 -60.39 5.24
CA LEU F 343 20.71 -60.66 5.51
C LEU F 343 21.63 -59.59 4.89
N SER F 344 21.17 -58.34 4.78
CA SER F 344 21.93 -57.24 4.18
C SER F 344 23.08 -56.75 5.05
N ALA F 345 23.13 -57.10 6.33
CA ALA F 345 24.19 -56.59 7.20
C ALA F 345 25.54 -57.25 6.94
N TYR F 346 25.59 -58.57 6.91
CA TYR F 346 26.88 -59.26 6.75
C TYR F 346 27.58 -58.97 5.44
N PRO F 347 28.92 -58.93 5.46
CA PRO F 347 29.72 -58.68 4.26
C PRO F 347 29.72 -59.88 3.33
N ASP F 348 30.19 -59.64 2.11
CA ASP F 348 30.31 -60.67 1.09
C ASP F 348 31.60 -61.49 1.20
N ASN F 349 32.64 -60.96 1.83
CA ASN F 349 33.90 -61.67 1.96
C ASN F 349 34.56 -61.28 3.27
N PRO F 350 35.55 -62.05 3.73
CA PRO F 350 36.24 -61.71 4.97
C PRO F 350 36.80 -60.28 4.95
N LEU F 351 36.73 -59.64 6.11
CA LEU F 351 37.14 -58.25 6.27
C LEU F 351 38.66 -58.08 6.17
N GLU F 352 39.07 -57.02 5.47
CA GLU F 352 40.48 -56.64 5.31
C GLU F 352 40.81 -55.60 6.37
N VAL F 353 41.03 -56.09 7.60
CA VAL F 353 41.31 -55.21 8.74
C VAL F 353 42.58 -54.40 8.53
N VAL F 354 42.43 -53.09 8.52
CA VAL F 354 43.53 -52.13 8.40
C VAL F 354 44.24 -52.03 9.74
N ASP F 355 45.58 -52.09 9.72
CA ASP F 355 46.36 -51.99 10.96
C ASP F 355 46.52 -50.53 11.38
N ILE F 356 45.79 -50.15 12.44
CA ILE F 356 45.80 -48.79 12.98
C ILE F 356 47.19 -48.34 13.39
N ARG F 357 48.08 -49.29 13.70
CA ARG F 357 49.45 -48.96 14.04
C ARG F 357 50.16 -48.26 12.90
N GLU F 358 49.79 -48.58 11.66
CA GLU F 358 50.35 -47.92 10.49
C GLU F 358 49.42 -46.87 9.91
N HIS F 359 48.14 -46.86 10.29
CA HIS F 359 47.17 -45.87 9.82
C HIS F 359 46.42 -45.30 11.03
N PRO F 360 47.09 -44.46 11.82
CA PRO F 360 46.50 -43.93 13.06
C PRO F 360 45.48 -42.83 12.88
N SER F 361 45.06 -42.51 11.66
CA SER F 361 44.12 -41.43 11.40
C SER F 361 42.99 -41.85 10.48
N THR F 362 41.77 -41.47 10.86
CA THR F 362 40.55 -41.76 10.11
C THR F 362 39.66 -40.52 10.16
N CYS F 363 38.96 -40.25 9.06
CA CYS F 363 38.12 -39.05 9.00
C CYS F 363 36.81 -39.35 8.28
N TRP F 364 35.78 -38.58 8.65
CA TRP F 364 34.47 -38.63 8.02
C TRP F 364 34.43 -37.44 7.06
N TRP F 365 34.10 -37.69 5.80
CA TRP F 365 34.07 -36.65 4.77
C TRP F 365 32.68 -36.49 4.18
N TRP F 366 32.17 -35.26 4.19
CA TRP F 366 30.88 -34.88 3.65
C TRP F 366 31.09 -33.86 2.55
N GLU F 367 30.46 -34.07 1.39
CA GLU F 367 30.59 -33.12 0.30
C GLU F 367 29.32 -33.07 -0.53
N ARG F 368 29.03 -31.87 -1.03
CA ARG F 368 27.88 -31.63 -1.88
C ARG F 368 28.24 -30.63 -2.96
N THR F 369 27.92 -30.97 -4.22
CA THR F 369 28.21 -30.10 -5.34
C THR F 369 27.02 -29.18 -5.56
N ALA F 370 27.29 -27.92 -5.89
CA ALA F 370 26.19 -27.00 -6.11
C ALA F 370 25.28 -27.51 -7.23
N GLY F 371 23.97 -27.40 -6.99
CA GLY F 371 22.96 -27.86 -7.91
C GLY F 371 22.54 -29.30 -7.77
N GLU F 372 23.21 -30.07 -6.92
CA GLU F 372 22.84 -31.46 -6.72
C GLU F 372 21.79 -31.63 -5.62
N ASN F 373 21.06 -32.73 -5.71
CA ASN F 373 20.02 -33.08 -4.76
C ASN F 373 20.50 -34.08 -3.72
N ARG F 374 21.75 -34.54 -3.80
CA ARG F 374 22.28 -35.52 -2.87
C ARG F 374 23.70 -35.19 -2.44
N ALA F 375 23.97 -35.37 -1.15
CA ALA F 375 25.32 -35.20 -0.63
C ALA F 375 26.02 -36.56 -0.58
N ARG F 376 27.34 -36.54 -0.66
CA ARG F 376 28.16 -37.74 -0.63
C ARG F 376 28.86 -37.90 0.71
N VAL F 377 28.78 -39.09 1.30
CA VAL F 377 29.41 -39.41 2.57
C VAL F 377 30.44 -40.52 2.37
N ARG F 378 31.67 -40.28 2.80
CA ARG F 378 32.74 -41.26 2.64
C ARG F 378 33.66 -41.22 3.86
N VAL F 379 34.33 -42.35 4.10
CA VAL F 379 35.29 -42.48 5.20
C VAL F 379 36.71 -42.53 4.62
N VAL F 380 37.61 -41.75 5.18
CA VAL F 380 38.98 -41.67 4.72
C VAL F 380 39.92 -42.15 5.83
N SER F 381 41.03 -42.76 5.46
CA SER F 381 42.01 -43.27 6.42
C SER F 381 43.42 -43.06 5.88
N GLY F 382 44.39 -42.97 6.77
CA GLY F 382 45.77 -42.75 6.37
C GLY F 382 46.75 -42.62 7.52
N PRO F 383 48.02 -42.36 7.18
CA PRO F 383 49.04 -42.16 8.21
C PRO F 383 49.03 -40.79 8.86
N THR F 384 48.44 -39.79 8.20
CA THR F 384 48.41 -38.42 8.70
C THR F 384 47.14 -37.73 8.25
N ILE F 385 46.90 -36.55 8.81
CA ILE F 385 45.76 -35.73 8.44
C ILE F 385 45.79 -35.52 6.93
N PRO F 386 44.64 -35.53 6.26
CA PRO F 386 44.61 -35.37 4.81
C PRO F 386 44.88 -33.94 4.33
N VAL F 387 46.05 -33.40 4.66
CA VAL F 387 46.46 -32.07 4.25
C VAL F 387 47.84 -32.15 3.61
N ALA F 388 48.10 -31.23 2.69
CA ALA F 388 49.39 -31.22 2.01
C ALA F 388 50.52 -30.96 3.00
N ALA F 389 51.62 -31.71 2.82
CA ALA F 389 52.76 -31.61 3.73
C ALA F 389 53.35 -30.21 3.83
N THR F 390 53.32 -29.42 2.76
CA THR F 390 53.84 -28.06 2.86
C THR F 390 52.96 -27.18 3.75
N GLU F 391 51.65 -27.39 3.74
CA GLU F 391 50.72 -26.60 4.52
C GLU F 391 50.55 -27.12 5.94
N MET F 392 51.18 -28.24 6.28
CA MET F 392 51.08 -28.80 7.62
C MET F 392 51.46 -27.79 8.69
N ASN F 393 52.32 -26.83 8.35
CA ASN F 393 52.74 -25.81 9.31
C ASN F 393 51.68 -24.77 9.65
N LYS F 394 50.70 -24.52 8.79
CA LYS F 394 49.72 -23.47 9.05
C LYS F 394 48.36 -24.02 9.48
N VAL F 395 48.35 -25.08 10.27
CA VAL F 395 47.17 -25.49 11.02
C VAL F 395 47.04 -24.60 12.25
N VAL F 396 45.82 -24.12 12.50
CA VAL F 396 45.56 -23.23 13.63
C VAL F 396 45.26 -24.04 14.88
N SER F 397 45.96 -23.75 15.97
CA SER F 397 45.75 -24.43 17.24
C SER F 397 44.86 -23.58 18.13
N LEU F 398 43.67 -24.08 18.45
CA LEU F 398 42.71 -23.35 19.27
C LEU F 398 42.93 -23.52 20.76
N VAL F 399 42.44 -22.54 21.51
CA VAL F 399 42.35 -22.68 22.96
C VAL F 399 41.16 -23.60 23.23
N LYS F 400 41.07 -24.15 24.42
CA LYS F 400 39.93 -25.04 24.65
C LYS F 400 39.32 -24.84 26.04
N ALA F 401 38.46 -23.84 26.14
CA ALA F 401 37.77 -23.54 27.39
C ALA F 401 36.77 -24.63 27.76
N ASP F 402 36.04 -25.14 26.78
CA ASP F 402 35.03 -26.17 26.99
C ASP F 402 35.65 -27.56 27.08
N THR F 403 35.57 -28.15 28.27
CA THR F 403 36.09 -29.48 28.57
C THR F 403 35.08 -30.60 28.36
N SER F 404 33.90 -30.30 27.84
CA SER F 404 32.90 -31.35 27.63
C SER F 404 33.22 -32.26 26.47
N GLY F 405 34.28 -31.98 25.72
CA GLY F 405 34.62 -32.80 24.57
C GLY F 405 33.80 -32.52 23.33
N ARG F 406 33.16 -31.37 23.26
CA ARG F 406 32.33 -30.96 22.13
C ARG F 406 32.94 -29.79 21.40
N GLN F 407 34.27 -29.65 21.46
CA GLN F 407 34.99 -28.59 20.79
C GLN F 407 36.30 -29.14 20.24
N ALA F 408 36.65 -28.72 19.02
CA ALA F 408 37.87 -29.19 18.37
C ALA F 408 39.14 -28.57 18.95
N ASP F 409 40.27 -29.24 18.67
CA ASP F 409 41.60 -28.79 19.06
C ASP F 409 42.31 -28.01 17.96
N GLN F 410 42.08 -28.34 16.70
CA GLN F 410 42.76 -27.69 15.59
C GLN F 410 41.78 -27.45 14.45
N VAL F 411 42.05 -26.42 13.67
CA VAL F 411 41.23 -26.06 12.52
C VAL F 411 42.13 -25.75 11.33
N TYR F 412 41.71 -26.20 10.14
CA TYR F 412 42.46 -25.95 8.91
C TYR F 412 41.54 -25.50 7.79
N PHE F 413 41.90 -24.40 7.14
CA PHE F 413 41.17 -23.82 6.02
C PHE F 413 41.95 -24.07 4.74
N GLY F 414 41.62 -25.16 4.06
CA GLY F 414 42.26 -25.51 2.82
C GLY F 414 41.76 -24.70 1.64
N PRO F 415 42.07 -25.15 0.44
CA PRO F 415 41.59 -24.46 -0.76
C PRO F 415 40.08 -24.55 -0.95
N ASP F 416 39.51 -23.48 -1.51
CA ASP F 416 38.06 -23.38 -1.75
C ASP F 416 37.24 -23.51 -0.47
N HIS F 417 37.71 -22.89 0.61
CA HIS F 417 36.97 -22.89 1.85
C HIS F 417 35.82 -21.89 1.77
N ALA F 418 34.87 -22.00 2.70
CA ALA F 418 33.69 -21.13 2.71
C ALA F 418 33.60 -20.30 3.99
N ASN F 419 33.40 -18.99 3.82
CA ASN F 419 33.27 -18.05 4.92
C ASN F 419 31.85 -17.87 5.43
N PHE F 420 30.88 -17.70 4.54
CA PHE F 420 29.49 -17.48 4.91
C PHE F 420 28.73 -18.80 4.70
N VAL F 421 28.12 -19.32 5.76
CA VAL F 421 27.52 -20.65 5.75
C VAL F 421 26.10 -20.68 6.31
N ALA F 422 25.31 -21.65 5.82
CA ALA F 422 23.95 -21.91 6.29
C ALA F 422 23.85 -23.34 6.82
N VAL F 423 23.37 -23.50 8.05
CA VAL F 423 23.25 -24.83 8.67
C VAL F 423 22.23 -25.69 7.96
N THR F 424 22.50 -27.01 7.87
CA THR F 424 21.62 -27.97 7.24
C THR F 424 21.68 -29.30 7.99
N GLY F 425 20.74 -30.19 7.69
CA GLY F 425 20.72 -31.50 8.30
C GLY F 425 21.94 -32.33 7.95
N ASN F 426 22.17 -33.39 8.74
CA ASN F 426 23.32 -34.27 8.57
C ASN F 426 23.13 -35.42 7.60
N ASN F 427 21.91 -35.88 7.38
CA ASN F 427 21.71 -36.98 6.44
C ASN F 427 22.02 -36.50 5.02
N PRO F 428 22.33 -37.44 4.11
CA PRO F 428 22.71 -37.05 2.75
C PRO F 428 21.58 -36.44 1.94
N GLY F 429 20.33 -36.57 2.37
CA GLY F 429 19.19 -36.03 1.65
C GLY F 429 18.58 -34.77 2.23
N ALA F 430 19.20 -34.14 3.23
CA ALA F 430 18.65 -32.93 3.83
C ALA F 430 18.61 -31.77 2.84
N GLN F 431 17.55 -30.96 2.93
CA GLN F 431 17.32 -29.84 2.03
C GLN F 431 17.05 -28.50 2.72
N THR F 432 16.96 -28.47 4.05
CA THR F 432 16.68 -27.24 4.77
C THR F 432 17.84 -26.24 4.71
N SER F 433 17.56 -25.02 5.21
CA SER F 433 18.54 -23.93 5.38
C SER F 433 18.02 -23.09 6.56
N GLU F 434 18.39 -23.50 7.77
CA GLU F 434 17.87 -22.90 9.00
C GLU F 434 18.51 -21.56 9.45
N SER F 435 19.84 -21.47 9.54
CA SER F 435 20.44 -20.24 10.05
C SER F 435 21.78 -19.91 9.40
N LEU F 436 22.10 -18.62 9.40
CA LEU F 436 23.30 -18.06 8.78
C LEU F 436 24.40 -17.82 9.80
N TRP F 437 25.64 -18.13 9.41
CA TRP F 437 26.81 -17.99 10.28
C TRP F 437 27.99 -17.47 9.47
N TRP F 438 28.92 -16.82 10.16
CA TRP F 438 30.17 -16.31 9.59
C TRP F 438 31.35 -16.95 10.30
N VAL F 439 32.29 -17.52 9.55
CA VAL F 439 33.46 -18.20 10.10
C VAL F 439 34.71 -17.37 9.84
N THR F 440 35.36 -16.93 10.90
CA THR F 440 36.56 -16.10 10.84
C THR F 440 37.82 -16.92 10.61
N ASP F 441 38.85 -16.23 10.14
CA ASP F 441 40.15 -16.84 9.87
C ASP F 441 40.76 -17.45 11.12
N ALA F 442 40.47 -16.89 12.28
CA ALA F 442 40.95 -17.41 13.56
C ALA F 442 40.15 -18.60 14.06
N GLY F 443 39.11 -19.03 13.36
CA GLY F 443 38.35 -20.20 13.75
C GLY F 443 37.07 -19.96 14.51
N ALA F 444 36.80 -18.76 15.01
CA ALA F 444 35.55 -18.57 15.72
C ALA F 444 34.42 -18.27 14.74
N ARG F 445 33.21 -18.67 15.10
CA ARG F 445 32.01 -18.44 14.32
C ARG F 445 31.07 -17.46 15.01
N PHE F 446 30.44 -16.60 14.23
CA PHE F 446 29.53 -15.58 14.74
C PHE F 446 28.19 -15.70 14.03
N GLY F 447 27.10 -15.61 14.78
CA GLY F 447 25.77 -15.72 14.18
C GLY F 447 25.32 -14.38 13.61
N VAL F 448 24.63 -14.44 12.48
CA VAL F 448 24.10 -13.25 11.80
C VAL F 448 22.59 -13.32 11.71
N GLU F 449 21.92 -12.27 12.19
CA GLU F 449 20.46 -12.20 12.13
C GLU F 449 20.01 -11.98 10.70
N ASP F 450 19.12 -12.83 10.21
CA ASP F 450 18.62 -12.77 8.84
C ASP F 450 17.60 -11.65 8.64
N SER F 451 18.10 -10.41 8.60
CA SER F 451 17.25 -9.25 8.32
C SER F 451 17.92 -8.34 7.31
N LYS F 452 17.11 -7.77 6.41
CA LYS F 452 17.60 -6.90 5.35
C LYS F 452 18.56 -5.81 5.83
N GLU F 453 18.28 -5.21 6.98
CA GLU F 453 19.17 -4.15 7.47
C GLU F 453 20.50 -4.69 7.95
N ALA F 454 20.51 -5.86 8.61
CA ALA F 454 21.77 -6.44 9.06
C ALA F 454 22.59 -6.97 7.87
N ARG F 455 21.94 -7.70 6.97
CA ARG F 455 22.60 -8.27 5.81
C ARG F 455 23.25 -7.21 4.94
N ASP F 456 22.52 -6.15 4.61
CA ASP F 456 23.08 -5.10 3.75
C ASP F 456 24.13 -4.25 4.47
N ALA F 457 23.99 -4.00 5.75
CA ALA F 457 24.98 -3.19 6.43
C ALA F 457 26.35 -3.87 6.42
N LEU F 458 26.39 -5.17 6.71
CA LEU F 458 27.66 -5.87 6.70
C LEU F 458 28.15 -6.15 5.29
N GLY F 459 27.26 -6.22 4.31
CA GLY F 459 27.66 -6.53 2.95
C GLY F 459 27.55 -8.01 2.64
N LEU F 460 26.58 -8.69 3.24
CA LEU F 460 26.34 -10.12 3.12
C LEU F 460 25.12 -10.45 2.27
N THR F 461 24.78 -9.59 1.32
CA THR F 461 23.68 -9.90 0.38
C THR F 461 24.32 -10.72 -0.72
N LEU F 462 24.33 -12.03 -0.47
CA LEU F 462 24.95 -13.04 -1.30
C LEU F 462 24.33 -14.37 -0.88
N THR F 463 24.50 -15.41 -1.71
CA THR F 463 23.90 -16.67 -1.30
C THR F 463 24.88 -17.52 -0.49
N PRO F 464 24.51 -17.94 0.72
CA PRO F 464 25.43 -18.73 1.55
C PRO F 464 25.59 -20.18 1.15
N SER F 465 26.76 -20.73 1.47
CA SER F 465 27.09 -22.14 1.21
C SER F 465 26.56 -23.02 2.34
N LEU F 466 26.20 -24.26 2.02
CA LEU F 466 25.65 -25.18 3.01
C LEU F 466 26.76 -25.83 3.84
N ALA F 467 26.43 -26.20 5.08
CA ALA F 467 27.34 -26.93 5.96
C ALA F 467 26.55 -27.79 6.92
N PRO F 468 27.08 -28.94 7.35
CA PRO F 468 26.35 -29.79 8.27
C PRO F 468 26.58 -29.43 9.72
N TRP F 469 25.55 -29.60 10.53
CA TRP F 469 25.67 -29.25 11.95
C TRP F 469 26.72 -30.05 12.70
N VAL F 470 26.84 -31.35 12.43
CA VAL F 470 27.83 -32.15 13.16
C VAL F 470 29.24 -31.60 13.03
N ALA F 471 29.58 -31.03 11.90
CA ALA F 471 30.91 -30.46 11.70
C ALA F 471 31.04 -29.03 12.20
N LEU F 472 30.03 -28.20 11.95
CA LEU F 472 30.09 -26.80 12.33
C LEU F 472 30.05 -26.59 13.84
N ARG F 473 29.30 -27.41 14.58
CA ARG F 473 29.20 -27.21 16.02
C ARG F 473 30.53 -27.21 16.74
N LEU F 474 31.58 -27.77 16.16
CA LEU F 474 32.85 -27.90 16.88
C LEU F 474 33.63 -26.59 17.00
N LEU F 475 33.27 -25.55 16.26
CA LEU F 475 33.99 -24.29 16.40
C LEU F 475 33.40 -23.44 17.55
N PRO F 476 34.27 -22.71 18.27
CA PRO F 476 33.80 -21.85 19.36
C PRO F 476 32.94 -20.70 18.83
N GLN F 477 31.88 -20.39 19.58
CA GLN F 477 30.92 -19.35 19.21
C GLN F 477 31.15 -18.01 19.89
N GLY F 478 31.18 -16.95 19.09
CA GLY F 478 31.30 -15.60 19.58
C GLY F 478 29.94 -14.94 19.69
N PRO F 479 29.93 -13.66 20.06
CA PRO F 479 28.68 -12.91 20.18
C PRO F 479 27.96 -12.75 18.84
N THR F 480 26.66 -12.44 18.92
CA THR F 480 25.82 -12.26 17.74
C THR F 480 26.04 -10.88 17.12
N LEU F 481 25.98 -10.82 15.79
CA LEU F 481 26.09 -9.58 15.02
C LEU F 481 24.71 -9.05 14.62
N SER F 482 24.34 -7.89 15.17
CA SER F 482 23.07 -7.26 14.83
C SER F 482 23.15 -5.78 15.15
N ARG F 483 22.43 -4.98 14.37
CA ARG F 483 22.48 -3.53 14.50
C ARG F 483 22.06 -3.08 15.90
N ALA F 484 21.08 -3.75 16.49
CA ALA F 484 20.63 -3.40 17.83
C ALA F 484 21.65 -3.74 18.90
N ASP F 485 22.50 -4.73 18.65
CA ASP F 485 23.54 -5.12 19.60
C ASP F 485 24.73 -4.17 19.60
N ALA F 486 25.00 -3.51 18.48
CA ALA F 486 26.17 -2.64 18.37
C ALA F 486 25.94 -1.23 18.87
N LEU F 487 24.70 -0.77 18.97
CA LEU F 487 24.40 0.59 19.44
C LEU F 487 24.46 0.73 20.96
N VAL F 488 25.64 0.53 21.53
CA VAL F 488 25.83 0.66 22.97
C VAL F 488 27.18 1.28 23.27
N GLU F 489 27.27 1.96 24.42
CA GLU F 489 28.46 2.64 24.88
C GLU F 489 29.00 1.97 26.13
N HIS F 490 30.33 2.02 26.30
CA HIS F 490 30.99 1.44 27.45
C HIS F 490 32.00 2.41 28.00
N ASP F 491 32.10 2.51 29.32
CA ASP F 491 33.13 3.34 29.92
C ASP F 491 34.47 2.64 29.79
N THR F 492 34.52 1.38 30.22
CA THR F 492 35.68 0.52 30.14
C THR F 492 35.19 -0.92 30.13
N LEU F 493 35.91 -1.76 29.50
CA LEU F 493 35.48 -3.14 29.45
C LEU F 493 36.01 -3.93 30.63
N PRO F 494 35.29 -4.95 31.06
CA PRO F 494 35.72 -5.78 32.17
C PRO F 494 36.66 -6.88 31.66
N MET F 495 37.25 -7.59 32.61
CA MET F 495 38.14 -8.72 32.27
C MET F 495 37.97 -9.75 33.39
N ASP F 496 37.00 -10.63 33.19
CA ASP F 496 36.72 -11.69 34.14
C ASP F 496 37.94 -12.59 34.27
N ILE G 40 -18.21 -32.24 -12.15
CA ILE G 40 -19.54 -31.57 -12.14
C ILE G 40 -20.07 -31.42 -13.55
N SER G 41 -20.77 -32.45 -14.01
CA SER G 41 -21.38 -32.44 -15.32
C SER G 41 -22.56 -31.49 -15.32
N PRO G 42 -22.97 -31.00 -16.49
CA PRO G 42 -24.14 -30.15 -16.55
C PRO G 42 -25.38 -30.87 -16.05
N PRO G 43 -26.39 -30.11 -15.62
CA PRO G 43 -27.61 -30.71 -15.09
C PRO G 43 -28.29 -31.67 -16.06
N THR G 44 -29.05 -32.58 -15.46
CA THR G 44 -29.88 -33.58 -16.14
C THR G 44 -31.26 -33.47 -15.50
N ILE G 45 -32.30 -33.77 -16.26
CA ILE G 45 -33.66 -33.59 -15.77
C ILE G 45 -34.58 -34.79 -15.98
N ASP G 46 -35.49 -34.96 -15.03
CA ASP G 46 -36.54 -35.99 -15.04
C ASP G 46 -37.89 -35.30 -15.07
N PRO G 47 -38.53 -35.19 -16.23
CA PRO G 47 -39.80 -34.44 -16.31
C PRO G 47 -40.95 -34.98 -15.46
N GLY G 48 -40.87 -36.20 -14.93
CA GLY G 48 -41.93 -36.72 -14.08
C GLY G 48 -42.04 -36.12 -12.68
N ALA G 49 -41.03 -35.38 -12.23
CA ALA G 49 -41.00 -34.80 -10.89
C ALA G 49 -41.61 -33.41 -10.73
N LEU G 50 -42.16 -32.79 -11.77
CA LEU G 50 -42.68 -31.44 -11.58
C LEU G 50 -43.75 -31.39 -10.48
N PRO G 51 -43.74 -30.35 -9.64
CA PRO G 51 -44.69 -30.26 -8.54
C PRO G 51 -46.11 -29.99 -9.00
N PRO G 52 -47.10 -30.45 -8.25
CA PRO G 52 -48.51 -30.21 -8.60
C PRO G 52 -48.89 -28.74 -8.41
N ASP G 53 -49.86 -28.30 -9.22
CA ASP G 53 -50.37 -26.94 -9.12
C ASP G 53 -51.29 -26.81 -7.91
N GLY G 54 -51.41 -25.58 -7.40
CA GLY G 54 -52.21 -25.31 -6.22
C GLY G 54 -52.04 -23.88 -5.75
N PRO G 55 -52.91 -23.42 -4.85
CA PRO G 55 -52.81 -22.04 -4.39
C PRO G 55 -51.53 -21.75 -3.61
N PRO G 56 -50.95 -20.57 -3.83
CA PRO G 56 -49.71 -20.20 -3.15
C PRO G 56 -49.81 -20.12 -1.63
N GLY G 57 -48.75 -20.58 -0.96
CA GLY G 57 -48.67 -20.55 0.49
C GLY G 57 -47.34 -21.12 0.95
N PRO G 58 -46.83 -20.61 2.08
CA PRO G 58 -45.54 -21.10 2.59
C PRO G 58 -45.60 -22.54 3.06
N LEU G 59 -44.41 -23.15 3.15
CA LEU G 59 -44.32 -24.53 3.62
C LEU G 59 -44.54 -24.64 5.11
N ALA G 60 -44.25 -23.58 5.87
CA ALA G 60 -44.45 -23.52 7.31
C ALA G 60 -44.76 -22.11 7.74
N PRO G 61 -45.44 -21.92 8.87
CA PRO G 61 -45.84 -20.58 9.29
C PRO G 61 -44.64 -19.66 9.52
N MET G 62 -44.80 -18.39 9.16
CA MET G 62 -43.72 -17.40 9.26
C MET G 62 -44.23 -16.10 9.87
N LYS G 63 -43.30 -15.30 10.40
CA LYS G 63 -43.60 -14.00 10.98
C LYS G 63 -42.56 -12.98 10.54
N GLN G 64 -42.96 -11.72 10.49
CA GLN G 64 -42.02 -10.65 10.15
C GLN G 64 -41.04 -10.37 11.27
N ASN G 65 -39.75 -10.27 10.93
CA ASN G 65 -38.71 -10.02 11.94
C ASN G 65 -38.09 -8.64 11.89
N ALA G 66 -38.19 -7.89 10.80
CA ALA G 66 -37.55 -6.58 10.72
C ALA G 66 -38.42 -5.54 10.03
N TYR G 67 -38.09 -4.27 10.29
CA TYR G 67 -38.79 -3.13 9.70
C TYR G 67 -38.34 -2.88 8.27
N CYS G 68 -39.29 -2.51 7.40
CA CYS G 68 -38.98 -2.32 5.98
C CYS G 68 -37.96 -1.20 5.79
N THR G 69 -37.06 -1.39 4.83
CA THR G 69 -35.96 -0.46 4.58
C THR G 69 -36.41 0.85 3.93
N GLU G 70 -35.81 1.96 4.39
CA GLU G 70 -36.08 3.30 3.87
C GLU G 70 -35.27 3.60 2.60
N VAL G 71 -35.73 4.60 1.84
CA VAL G 71 -35.13 4.99 0.57
C VAL G 71 -34.93 6.50 0.49
N GLY G 72 -34.14 6.94 -0.49
CA GLY G 72 -33.89 8.36 -0.67
C GLY G 72 -33.15 8.65 -1.97
N VAL G 73 -32.64 9.89 -2.09
CA VAL G 73 -31.91 10.33 -3.28
C VAL G 73 -30.50 10.82 -2.94
N LEU G 74 -29.54 10.54 -3.83
CA LEU G 74 -28.18 11.00 -3.58
C LEU G 74 -28.08 12.52 -3.78
N PRO G 75 -27.19 13.18 -3.05
CA PRO G 75 -27.02 14.64 -3.18
C PRO G 75 -26.60 15.09 -4.58
N GLY G 76 -27.31 16.10 -5.11
CA GLY G 76 -26.99 16.68 -6.40
C GLY G 76 -27.52 16.03 -7.67
N THR G 77 -28.40 15.03 -7.57
CA THR G 77 -28.93 14.40 -8.78
C THR G 77 -30.02 15.27 -9.42
N ASP G 78 -30.13 15.16 -10.75
CA ASP G 78 -31.12 15.92 -11.51
C ASP G 78 -31.81 14.97 -12.48
N PHE G 79 -33.05 14.62 -12.16
CA PHE G 79 -33.90 13.73 -12.94
C PHE G 79 -34.32 14.28 -14.29
N GLN G 80 -33.89 15.48 -14.68
CA GLN G 80 -34.26 15.98 -16.00
C GLN G 80 -33.33 15.49 -17.10
N LEU G 81 -32.19 14.92 -16.75
CA LEU G 81 -31.27 14.34 -17.71
C LEU G 81 -31.51 12.84 -17.76
N GLN G 82 -31.39 12.25 -18.95
CA GLN G 82 -31.61 10.82 -19.08
C GLN G 82 -30.55 10.01 -18.32
N PRO G 83 -30.91 8.83 -17.82
CA PRO G 83 -29.91 7.98 -17.18
C PRO G 83 -28.83 7.62 -18.20
N LYS G 84 -27.59 7.57 -17.75
CA LYS G 84 -26.49 7.28 -18.68
C LYS G 84 -26.64 5.92 -19.38
N TYR G 85 -27.29 4.95 -18.75
CA TYR G 85 -27.44 3.63 -19.39
C TYR G 85 -28.35 3.63 -20.60
N MET G 86 -29.25 4.60 -20.75
CA MET G 86 -30.15 4.60 -21.90
C MET G 86 -29.47 4.99 -23.21
N GLU G 87 -28.27 5.55 -23.17
CA GLU G 87 -27.58 5.90 -24.42
C GLU G 87 -27.19 4.64 -25.20
N MET G 88 -26.79 3.57 -24.51
CA MET G 88 -26.41 2.34 -25.19
C MET G 88 -27.59 1.70 -25.90
N LEU G 89 -28.77 1.72 -25.29
CA LEU G 89 -29.92 1.04 -25.89
C LEU G 89 -30.51 1.75 -27.09
N ASN G 90 -30.29 3.06 -27.25
CA ASN G 90 -30.84 3.80 -28.39
C ASN G 90 -32.36 3.65 -28.54
N LEU G 91 -33.07 3.78 -27.43
CA LEU G 91 -34.51 3.54 -27.37
C LEU G 91 -35.32 4.44 -28.30
N ASN G 92 -34.89 5.67 -28.55
CA ASN G 92 -35.61 6.58 -29.43
C ASN G 92 -35.84 6.00 -30.82
N GLU G 93 -34.94 5.16 -31.29
CA GLU G 93 -35.04 4.53 -32.59
C GLU G 93 -35.74 3.17 -32.51
N ALA G 94 -35.49 2.43 -31.44
CA ALA G 94 -36.12 1.13 -31.24
C ALA G 94 -37.63 1.19 -31.06
N TRP G 95 -38.18 2.28 -30.50
CA TRP G 95 -39.62 2.39 -30.28
C TRP G 95 -40.44 2.62 -31.55
N GLN G 96 -39.82 2.85 -32.70
CA GLN G 96 -40.60 3.07 -33.93
C GLN G 96 -41.51 1.90 -34.25
N PHE G 97 -41.06 0.68 -34.02
CA PHE G 97 -41.91 -0.48 -34.28
C PHE G 97 -42.97 -0.72 -33.21
N GLY G 98 -43.03 0.10 -32.17
CA GLY G 98 -44.00 -0.06 -31.11
C GLY G 98 -43.36 -0.13 -29.74
N ARG G 99 -44.22 0.04 -28.74
CA ARG G 99 -43.84 0.00 -27.34
C ARG G 99 -44.06 -1.36 -26.67
N GLY G 100 -44.25 -2.41 -27.46
CA GLY G 100 -44.45 -3.73 -26.87
C GLY G 100 -45.81 -3.99 -26.29
N ASP G 101 -46.87 -3.50 -26.94
CA ASP G 101 -48.22 -3.67 -26.43
C ASP G 101 -48.69 -5.12 -26.48
N GLY G 102 -49.39 -5.54 -25.42
CA GLY G 102 -49.94 -6.88 -25.32
C GLY G 102 -49.07 -8.02 -24.84
N VAL G 103 -47.91 -7.76 -24.25
CA VAL G 103 -46.99 -8.79 -23.77
C VAL G 103 -47.09 -8.86 -22.25
N LYS G 104 -47.21 -10.08 -21.71
CA LYS G 104 -47.29 -10.30 -20.27
C LYS G 104 -45.94 -10.77 -19.72
N VAL G 105 -45.37 -9.98 -18.81
CA VAL G 105 -44.08 -10.27 -18.18
C VAL G 105 -44.31 -10.60 -16.71
N ALA G 106 -43.86 -11.77 -16.26
CA ALA G 106 -44.00 -12.18 -14.88
C ALA G 106 -42.73 -11.85 -14.10
N VAL G 107 -42.87 -11.14 -12.98
CA VAL G 107 -41.74 -10.76 -12.13
C VAL G 107 -41.74 -11.57 -10.84
N ILE G 108 -41.03 -12.69 -10.82
CA ILE G 108 -40.91 -13.51 -9.62
C ILE G 108 -39.80 -12.90 -8.76
N ASP G 109 -40.19 -12.22 -7.69
CA ASP G 109 -39.19 -11.54 -6.88
C ASP G 109 -39.77 -11.24 -5.49
N THR G 110 -39.33 -10.15 -4.88
CA THR G 110 -39.78 -9.67 -3.59
C THR G 110 -41.10 -8.86 -3.65
N GLY G 111 -41.88 -9.01 -4.72
CA GLY G 111 -43.12 -8.27 -4.89
C GLY G 111 -42.92 -6.85 -5.39
N VAL G 112 -44.06 -6.20 -5.69
CA VAL G 112 -44.10 -4.85 -6.21
C VAL G 112 -45.16 -4.02 -5.50
N THR G 113 -44.88 -2.73 -5.29
CA THR G 113 -45.82 -1.81 -4.66
C THR G 113 -46.46 -0.94 -5.74
N PRO G 114 -47.78 -0.85 -5.79
CA PRO G 114 -48.44 -0.05 -6.83
C PRO G 114 -48.08 1.43 -6.75
N HIS G 115 -48.07 2.07 -7.91
CA HIS G 115 -47.73 3.48 -8.04
C HIS G 115 -48.48 4.05 -9.23
N PRO G 116 -48.87 5.33 -9.20
CA PRO G 116 -49.61 5.89 -10.34
C PRO G 116 -48.92 5.85 -11.69
N ARG G 117 -47.68 5.37 -11.74
CA ARG G 117 -46.95 5.23 -13.00
C ARG G 117 -46.94 3.79 -13.51
N LEU G 118 -47.58 2.87 -12.81
CA LEU G 118 -47.69 1.46 -13.19
C LEU G 118 -49.18 1.13 -13.29
N PRO G 119 -49.82 1.53 -14.38
CA PRO G 119 -51.26 1.32 -14.54
C PRO G 119 -51.71 -0.08 -14.93
N ARG G 120 -50.81 -1.04 -15.17
CA ARG G 120 -51.21 -2.40 -15.57
C ARG G 120 -50.46 -3.45 -14.75
N LEU G 121 -50.75 -3.47 -13.45
CA LEU G 121 -50.16 -4.39 -12.48
C LEU G 121 -51.21 -5.39 -12.04
N ILE G 122 -50.85 -6.68 -12.05
CA ILE G 122 -51.75 -7.76 -11.66
C ILE G 122 -51.14 -8.54 -10.49
N PRO G 123 -51.87 -8.70 -9.38
CA PRO G 123 -51.38 -9.49 -8.23
C PRO G 123 -51.45 -10.98 -8.51
N GLY G 124 -50.31 -11.65 -8.47
CA GLY G 124 -50.25 -13.08 -8.74
C GLY G 124 -50.21 -14.02 -7.56
N GLY G 125 -49.76 -13.57 -6.38
CA GLY G 125 -49.70 -14.43 -5.21
C GLY G 125 -48.47 -14.27 -4.34
N ASP G 126 -48.50 -14.90 -3.16
CA ASP G 126 -47.42 -14.79 -2.18
C ASP G 126 -47.08 -16.13 -1.57
N TYR G 127 -45.78 -16.45 -1.52
CA TYR G 127 -45.28 -17.68 -0.90
C TYR G 127 -44.56 -17.46 0.41
N VAL G 128 -44.34 -16.21 0.81
CA VAL G 128 -43.65 -15.90 2.05
C VAL G 128 -44.62 -15.72 3.22
N MET G 129 -45.78 -15.14 2.97
CA MET G 129 -46.80 -14.93 3.98
C MET G 129 -48.14 -15.44 3.49
N ALA G 130 -48.86 -16.13 4.36
CA ALA G 130 -50.17 -16.62 4.00
C ALA G 130 -51.14 -15.46 3.85
N GLY G 131 -52.05 -15.60 2.88
CA GLY G 131 -53.06 -14.61 2.58
C GLY G 131 -52.53 -13.37 1.88
N GLY G 132 -51.29 -13.40 1.42
CA GLY G 132 -50.69 -12.26 0.75
C GLY G 132 -50.98 -12.23 -0.74
N ASP G 133 -51.17 -11.02 -1.26
CA ASP G 133 -51.40 -10.80 -2.68
C ASP G 133 -50.10 -10.79 -3.47
N GLY G 134 -48.97 -10.61 -2.80
CA GLY G 134 -47.73 -10.45 -3.51
C GLY G 134 -47.68 -9.07 -4.14
N LEU G 135 -48.25 -8.09 -3.44
CA LEU G 135 -48.42 -6.73 -3.93
C LEU G 135 -47.92 -5.73 -2.91
N SER G 136 -46.88 -6.09 -2.16
CA SER G 136 -46.23 -5.19 -1.22
C SER G 136 -44.74 -5.49 -1.21
N ASP G 137 -43.93 -4.44 -1.10
CA ASP G 137 -42.47 -4.54 -1.20
C ASP G 137 -41.79 -3.99 0.05
N CYS G 138 -41.41 -4.91 0.94
CA CYS G 138 -40.75 -4.53 2.19
C CYS G 138 -39.24 -4.36 2.01
N ASP G 139 -38.63 -5.05 1.04
CA ASP G 139 -37.19 -4.99 0.80
C ASP G 139 -36.74 -3.92 -0.20
N ALA G 140 -37.66 -3.15 -0.79
CA ALA G 140 -37.37 -2.09 -1.75
C ALA G 140 -36.65 -2.57 -3.02
N HIS G 141 -36.54 -3.87 -3.24
CA HIS G 141 -35.85 -4.42 -4.39
C HIS G 141 -36.80 -4.70 -5.56
N GLY G 142 -38.02 -5.17 -5.30
CA GLY G 142 -38.94 -5.55 -6.37
C GLY G 142 -39.44 -4.38 -7.19
N THR G 143 -39.74 -3.25 -6.56
CA THR G 143 -40.23 -2.10 -7.30
C THR G 143 -39.20 -1.46 -8.22
N LEU G 144 -37.91 -1.56 -7.92
CA LEU G 144 -36.93 -1.03 -8.86
C LEU G 144 -36.88 -1.89 -10.12
N VAL G 145 -36.81 -3.20 -9.96
CA VAL G 145 -36.77 -4.10 -11.12
C VAL G 145 -38.03 -3.95 -11.97
N ALA G 146 -39.20 -3.98 -11.34
CA ALA G 146 -40.45 -3.84 -12.08
C ALA G 146 -40.61 -2.48 -12.73
N SER G 147 -40.32 -1.41 -12.00
CA SER G 147 -40.47 -0.08 -12.59
C SER G 147 -39.45 0.23 -13.67
N MET G 148 -38.31 -0.44 -13.65
CA MET G 148 -37.28 -0.24 -14.66
C MET G 148 -37.67 -0.86 -16.00
N ILE G 149 -38.68 -1.73 -16.02
CA ILE G 149 -39.19 -2.36 -17.24
C ILE G 149 -40.41 -1.64 -17.80
N ALA G 150 -41.47 -1.47 -17.00
CA ALA G 150 -42.74 -0.97 -17.50
C ALA G 150 -43.17 0.43 -17.08
N ALA G 151 -42.36 1.20 -16.36
CA ALA G 151 -42.85 2.51 -15.97
C ALA G 151 -43.16 3.37 -17.20
N VAL G 152 -44.30 4.04 -17.16
CA VAL G 152 -44.83 4.92 -18.21
C VAL G 152 -44.21 6.31 -18.16
N PRO G 153 -43.93 6.93 -19.31
CA PRO G 153 -43.32 8.26 -19.31
C PRO G 153 -44.23 9.33 -18.72
N ALA G 154 -43.61 10.46 -18.42
CA ALA G 154 -44.24 11.64 -17.85
C ALA G 154 -45.31 12.21 -18.79
N ASN G 155 -46.25 12.95 -18.21
CA ASN G 155 -47.34 13.56 -18.96
C ASN G 155 -47.82 14.77 -18.17
N GLY G 156 -48.52 15.67 -18.88
CA GLY G 156 -49.05 16.88 -18.26
C GLY G 156 -50.10 16.62 -17.19
N ALA G 157 -50.70 15.45 -17.18
CA ALA G 157 -51.67 15.09 -16.15
C ALA G 157 -51.47 13.62 -15.85
N VAL G 158 -51.68 13.25 -14.59
CA VAL G 158 -51.50 11.85 -14.20
C VAL G 158 -52.57 10.99 -14.87
N PRO G 159 -52.25 9.76 -15.28
CA PRO G 159 -53.28 8.93 -15.92
C PRO G 159 -54.43 8.63 -14.97
N LEU G 160 -54.12 8.21 -13.75
CA LEU G 160 -55.10 7.93 -12.70
C LEU G 160 -54.78 8.76 -11.46
N PRO G 161 -55.69 9.62 -10.99
CA PRO G 161 -55.42 10.41 -9.79
C PRO G 161 -55.63 9.66 -8.49
N SER G 162 -56.30 8.51 -8.50
CA SER G 162 -56.56 7.75 -7.29
C SER G 162 -55.27 7.21 -6.67
N VAL G 163 -55.28 7.10 -5.34
CA VAL G 163 -54.14 6.60 -4.56
C VAL G 163 -54.60 5.82 -3.33
N PRO G 164 -55.17 4.62 -3.51
CA PRO G 164 -55.67 3.83 -2.38
C PRO G 164 -54.60 3.05 -1.61
N ARG G 165 -53.32 3.35 -1.83
CA ARG G 165 -52.22 2.60 -1.22
C ARG G 165 -52.35 2.35 0.28
N ARG G 166 -52.20 1.08 0.65
CA ARG G 166 -52.22 0.58 2.02
C ARG G 166 -50.93 0.95 2.76
N PRO G 167 -50.97 0.99 4.10
CA PRO G 167 -49.75 1.29 4.86
C PRO G 167 -48.72 0.18 4.83
N VAL G 168 -47.56 0.39 5.47
CA VAL G 168 -46.48 -0.59 5.52
C VAL G 168 -46.53 -1.39 6.82
N THR G 169 -46.44 -2.72 6.68
CA THR G 169 -46.53 -3.65 7.80
C THR G 169 -45.35 -3.54 8.76
N ILE G 170 -45.62 -3.77 10.04
CA ILE G 170 -44.61 -3.76 11.11
C ILE G 170 -44.82 -5.02 11.95
N PRO G 171 -43.78 -5.58 12.58
CA PRO G 171 -43.92 -6.79 13.38
C PRO G 171 -44.87 -6.60 14.56
N PRO G 266 -40.61 17.41 -17.27
CA PRO G 266 -40.38 17.46 -15.83
C PRO G 266 -39.66 16.23 -15.30
N ASP G 267 -39.62 15.16 -16.10
CA ASP G 267 -38.97 13.92 -15.69
C ASP G 267 -38.65 13.11 -16.94
N ALA G 268 -37.39 12.73 -17.08
CA ALA G 268 -36.89 11.97 -18.22
C ALA G 268 -36.97 10.46 -18.08
N PHE G 269 -37.26 9.92 -16.91
CA PHE G 269 -37.29 8.48 -16.73
C PHE G 269 -38.50 7.84 -17.41
N SER G 270 -38.31 6.60 -17.88
CA SER G 270 -39.37 5.82 -18.50
C SER G 270 -38.91 4.37 -18.64
N GLY G 271 -39.85 3.42 -18.63
CA GLY G 271 -39.49 2.03 -18.79
C GLY G 271 -39.06 1.66 -20.19
N ILE G 272 -38.46 0.46 -20.32
CA ILE G 272 -37.98 -0.02 -21.61
C ILE G 272 -39.15 -0.35 -22.55
N ALA G 273 -40.24 -0.88 -22.01
CA ALA G 273 -41.41 -1.25 -22.80
C ALA G 273 -42.67 -0.76 -22.10
N PRO G 274 -43.00 0.52 -22.23
CA PRO G 274 -44.16 1.03 -21.51
C PRO G 274 -45.48 0.32 -21.80
N GLY G 275 -45.59 -0.44 -22.88
CA GLY G 275 -46.84 -1.12 -23.18
C GLY G 275 -47.07 -2.47 -22.53
N VAL G 276 -46.07 -3.08 -21.89
CA VAL G 276 -46.28 -4.40 -21.31
C VAL G 276 -47.24 -4.43 -20.13
N GLU G 277 -47.62 -5.64 -19.73
CA GLU G 277 -48.45 -5.93 -18.57
C GLU G 277 -47.63 -6.85 -17.68
N ILE G 278 -47.47 -6.50 -16.41
CA ILE G 278 -46.62 -7.29 -15.53
C ILE G 278 -47.40 -7.94 -14.40
N ILE G 279 -47.06 -9.19 -14.13
CA ILE G 279 -47.65 -9.99 -13.05
C ILE G 279 -46.62 -10.04 -11.94
N SER G 280 -47.03 -9.72 -10.72
CA SER G 280 -46.12 -9.71 -9.58
C SER G 280 -46.35 -10.92 -8.70
N ILE G 281 -45.26 -11.59 -8.32
CA ILE G 281 -45.28 -12.75 -7.44
C ILE G 281 -44.18 -12.54 -6.42
N ARG G 282 -44.49 -12.73 -5.15
CA ARG G 282 -43.53 -12.55 -4.07
C ARG G 282 -43.09 -13.94 -3.63
N GLN G 283 -41.82 -14.26 -3.88
CA GLN G 283 -41.27 -15.57 -3.58
C GLN G 283 -40.12 -15.59 -2.59
N SER G 284 -39.48 -14.46 -2.33
CA SER G 284 -38.35 -14.44 -1.41
C SER G 284 -38.28 -13.10 -0.71
N SER G 285 -37.75 -13.10 0.51
CA SER G 285 -37.58 -11.87 1.26
C SER G 285 -36.73 -12.16 2.48
N GLN G 286 -35.89 -11.19 2.85
CA GLN G 286 -35.04 -11.28 4.02
C GLN G 286 -35.70 -10.77 5.30
N ALA G 287 -36.82 -10.07 5.20
CA ALA G 287 -37.49 -9.54 6.37
C ALA G 287 -38.31 -10.56 7.13
N PHE G 288 -38.53 -11.75 6.59
CA PHE G 288 -39.37 -12.75 7.26
C PHE G 288 -38.56 -13.96 7.69
N GLY G 289 -39.01 -14.58 8.78
CA GLY G 289 -38.35 -15.75 9.32
C GLY G 289 -39.33 -16.76 9.87
N LEU G 290 -38.83 -17.97 10.03
CA LEU G 290 -39.60 -19.09 10.57
C LEU G 290 -39.87 -18.91 12.06
N LYS G 291 -41.11 -19.16 12.50
CA LYS G 291 -41.47 -18.97 13.90
C LYS G 291 -41.45 -20.27 14.70
N ASP G 292 -40.71 -21.28 14.24
CA ASP G 292 -40.27 -22.42 15.05
C ASP G 292 -38.87 -22.74 14.54
N PRO G 293 -37.86 -22.01 15.03
CA PRO G 293 -36.50 -22.14 14.48
C PRO G 293 -35.89 -23.54 14.50
N TYR G 294 -36.33 -24.46 15.35
CA TYR G 294 -35.73 -25.79 15.32
C TYR G 294 -36.01 -26.47 14.00
N THR G 295 -35.00 -27.13 13.44
CA THR G 295 -35.11 -27.81 12.15
C THR G 295 -34.62 -29.26 12.15
N GLY G 296 -34.23 -29.80 13.30
CA GLY G 296 -33.84 -31.19 13.41
C GLY G 296 -32.47 -31.60 12.89
N ASP G 297 -32.47 -32.76 12.22
CA ASP G 297 -31.27 -33.35 11.65
C ASP G 297 -30.43 -32.41 10.77
N GLU G 298 -31.07 -31.58 9.96
CA GLU G 298 -30.33 -30.68 9.08
C GLU G 298 -29.99 -29.34 9.71
N ASP G 299 -28.77 -28.88 9.44
CA ASP G 299 -28.28 -27.60 9.92
C ASP G 299 -29.21 -26.47 9.49
N PRO G 300 -29.53 -25.54 10.40
CA PRO G 300 -30.45 -24.45 10.09
C PRO G 300 -30.08 -23.63 8.86
N GLN G 301 -28.81 -23.58 8.47
CA GLN G 301 -28.41 -22.84 7.29
C GLN G 301 -28.65 -23.60 5.99
N THR G 302 -28.35 -24.89 5.94
CA THR G 302 -28.65 -25.68 4.75
C THR G 302 -30.14 -26.00 4.65
N ALA G 303 -30.81 -26.11 5.78
CA ALA G 303 -32.24 -26.36 5.80
C ALA G 303 -33.02 -25.28 5.07
N GLN G 304 -32.54 -24.04 5.12
CA GLN G 304 -33.22 -22.94 4.42
C GLN G 304 -33.08 -23.02 2.91
N LYS G 305 -31.96 -23.51 2.39
CA LYS G 305 -31.76 -23.59 0.94
C LYS G 305 -32.73 -24.58 0.29
N ILE G 306 -32.95 -25.73 0.91
CA ILE G 306 -33.87 -26.72 0.36
C ILE G 306 -35.28 -26.13 0.29
N ASP G 307 -35.66 -25.31 1.26
CA ASP G 307 -36.97 -24.66 1.22
C ASP G 307 -37.07 -23.68 0.06
N ASN G 308 -36.00 -22.97 -0.26
CA ASN G 308 -35.99 -22.03 -1.39
C ASN G 308 -36.07 -22.73 -2.74
N VAL G 309 -35.33 -23.83 -2.92
CA VAL G 309 -35.37 -24.58 -4.16
C VAL G 309 -36.78 -25.12 -4.43
N GLU G 310 -37.40 -25.71 -3.42
CA GLU G 310 -38.75 -26.24 -3.60
C GLU G 310 -39.75 -25.12 -3.90
N THR G 311 -39.69 -24.02 -3.17
CA THR G 311 -40.62 -22.91 -3.39
C THR G 311 -40.38 -22.24 -4.74
N MET G 312 -39.15 -22.23 -5.23
CA MET G 312 -38.86 -21.62 -6.52
C MET G 312 -39.52 -22.41 -7.66
N ALA G 313 -39.48 -23.73 -7.62
CA ALA G 313 -40.11 -24.54 -8.66
C ALA G 313 -41.60 -24.27 -8.75
N ARG G 314 -42.27 -24.15 -7.62
CA ARG G 314 -43.70 -23.88 -7.59
C ARG G 314 -44.03 -22.54 -8.25
N ALA G 315 -43.26 -21.50 -7.96
CA ALA G 315 -43.53 -20.18 -8.54
C ALA G 315 -43.40 -20.18 -10.06
N ILE G 316 -42.43 -20.89 -10.62
CA ILE G 316 -42.27 -20.93 -12.08
C ILE G 316 -43.45 -21.64 -12.74
N VAL G 317 -43.88 -22.77 -12.21
CA VAL G 317 -45.04 -23.46 -12.78
C VAL G 317 -46.27 -22.56 -12.72
N HIS G 318 -46.48 -21.92 -11.58
CA HIS G 318 -47.62 -21.02 -11.43
C HIS G 318 -47.58 -19.88 -12.44
N ALA G 319 -46.45 -19.21 -12.57
CA ALA G 319 -46.34 -18.11 -13.52
C ALA G 319 -46.59 -18.56 -14.95
N ALA G 320 -46.20 -19.77 -15.32
CA ALA G 320 -46.45 -20.25 -16.67
C ALA G 320 -47.93 -20.46 -16.93
N ASN G 321 -48.65 -21.09 -16.00
CA ASN G 321 -50.08 -21.31 -16.16
C ASN G 321 -50.87 -20.01 -16.17
N MET G 322 -50.32 -18.93 -15.61
CA MET G 322 -50.98 -17.64 -15.69
C MET G 322 -50.94 -17.07 -17.10
N GLY G 323 -50.16 -17.68 -17.99
CA GLY G 323 -50.03 -17.26 -19.37
C GLY G 323 -48.91 -16.29 -19.68
N ALA G 324 -48.00 -16.05 -18.74
CA ALA G 324 -46.91 -15.13 -19.01
C ALA G 324 -46.03 -15.67 -20.13
N SER G 325 -45.58 -14.78 -21.02
CA SER G 325 -44.70 -15.18 -22.10
C SER G 325 -43.22 -14.94 -21.80
N VAL G 326 -42.93 -14.06 -20.84
CA VAL G 326 -41.56 -13.76 -20.41
C VAL G 326 -41.53 -13.82 -18.90
N ILE G 327 -40.60 -14.60 -18.35
CA ILE G 327 -40.44 -14.74 -16.92
C ILE G 327 -39.08 -14.18 -16.53
N ASN G 328 -39.06 -13.23 -15.61
CA ASN G 328 -37.84 -12.59 -15.15
C ASN G 328 -37.54 -13.00 -13.72
N ILE G 329 -36.33 -13.52 -13.49
CA ILE G 329 -35.89 -13.97 -12.17
C ILE G 329 -34.64 -13.19 -11.81
N SER G 330 -34.78 -12.19 -10.93
CA SER G 330 -33.66 -11.36 -10.51
C SER G 330 -33.13 -11.73 -9.13
N ASP G 331 -33.56 -12.84 -8.57
CA ASP G 331 -33.07 -13.34 -7.29
C ASP G 331 -32.65 -14.79 -7.46
N VAL G 332 -31.35 -15.06 -7.29
CA VAL G 332 -30.78 -16.38 -7.49
C VAL G 332 -29.99 -16.82 -6.26
N MET G 333 -29.82 -18.13 -6.15
CA MET G 333 -29.17 -18.77 -5.02
C MET G 333 -27.77 -19.25 -5.36
N CYS G 334 -26.78 -18.89 -4.53
CA CYS G 334 -25.41 -19.36 -4.70
C CYS G 334 -25.20 -20.59 -3.84
N MET G 335 -24.53 -21.58 -4.40
CA MET G 335 -24.31 -22.85 -3.72
C MET G 335 -22.91 -23.37 -4.05
N SER G 336 -22.31 -24.07 -3.10
CA SER G 336 -20.96 -24.61 -3.30
C SER G 336 -20.98 -25.82 -4.24
N ALA G 337 -19.83 -26.07 -4.88
CA ALA G 337 -19.76 -27.25 -5.74
C ALA G 337 -19.86 -28.50 -4.88
N ARG G 338 -19.29 -28.45 -3.70
CA ARG G 338 -19.45 -29.51 -2.72
C ARG G 338 -20.87 -29.41 -2.18
N ASN G 339 -21.38 -30.48 -1.60
CA ASN G 339 -22.63 -30.37 -0.85
C ASN G 339 -23.76 -29.79 -1.71
N VAL G 340 -23.83 -30.17 -2.99
CA VAL G 340 -24.90 -29.69 -3.87
C VAL G 340 -26.22 -30.37 -3.54
N ILE G 341 -27.30 -29.57 -3.59
CA ILE G 341 -28.67 -29.97 -3.29
C ILE G 341 -29.34 -30.51 -4.55
N ASP G 342 -30.14 -31.56 -4.40
CA ASP G 342 -30.85 -32.17 -5.54
C ASP G 342 -31.88 -31.22 -6.13
N GLN G 343 -31.70 -30.88 -7.41
CA GLN G 343 -32.55 -29.95 -8.14
C GLN G 343 -33.72 -30.61 -8.88
N ARG G 344 -33.95 -31.91 -8.71
CA ARG G 344 -34.94 -32.64 -9.50
C ARG G 344 -36.25 -31.90 -9.75
N ALA G 345 -36.89 -31.39 -8.70
CA ALA G 345 -38.15 -30.67 -8.86
C ALA G 345 -37.99 -29.38 -9.68
N LEU G 346 -36.89 -28.66 -9.45
CA LEU G 346 -36.64 -27.42 -10.19
C LEU G 346 -36.32 -27.68 -11.66
N GLY G 347 -35.56 -28.74 -11.95
CA GLY G 347 -35.25 -29.08 -13.33
C GLY G 347 -36.48 -29.39 -14.16
N ALA G 348 -37.41 -30.18 -13.62
CA ALA G 348 -38.64 -30.52 -14.33
C ALA G 348 -39.54 -29.29 -14.53
N ALA G 349 -39.62 -28.41 -13.55
CA ALA G 349 -40.44 -27.21 -13.69
C ALA G 349 -39.93 -26.29 -14.80
N VAL G 350 -38.61 -26.14 -14.93
CA VAL G 350 -38.04 -25.31 -16.01
C VAL G 350 -38.38 -25.88 -17.37
N HIS G 351 -38.23 -27.20 -17.55
CA HIS G 351 -38.54 -27.84 -18.83
C HIS G 351 -40.00 -27.65 -19.23
N TYR G 352 -40.92 -27.87 -18.31
CA TYR G 352 -42.34 -27.68 -18.59
C TYR G 352 -42.65 -26.27 -19.09
N ALA G 353 -42.12 -25.25 -18.42
CA ALA G 353 -42.35 -23.85 -18.80
C ALA G 353 -41.64 -23.45 -20.09
N ALA G 354 -40.45 -23.96 -20.34
CA ALA G 354 -39.68 -23.60 -21.53
C ALA G 354 -40.13 -24.30 -22.81
N VAL G 355 -40.59 -25.54 -22.76
CA VAL G 355 -41.00 -26.29 -23.95
C VAL G 355 -42.50 -26.37 -24.13
N ASP G 356 -43.24 -26.90 -23.15
CA ASP G 356 -44.68 -27.05 -23.32
C ASP G 356 -45.45 -25.73 -23.24
N LYS G 357 -44.91 -24.67 -22.63
CA LYS G 357 -45.62 -23.41 -22.57
C LYS G 357 -44.91 -22.29 -23.32
N ASP G 358 -43.79 -22.60 -23.96
CA ASP G 358 -43.02 -21.65 -24.77
C ASP G 358 -42.66 -20.32 -24.09
N ALA G 359 -42.40 -20.34 -22.80
CA ALA G 359 -42.03 -19.09 -22.14
C ALA G 359 -40.52 -18.88 -22.24
N VAL G 360 -40.10 -17.62 -22.29
CA VAL G 360 -38.68 -17.26 -22.31
C VAL G 360 -38.30 -16.94 -20.87
N ILE G 361 -37.28 -17.61 -20.34
CA ILE G 361 -36.84 -17.41 -18.95
C ILE G 361 -35.52 -16.67 -18.92
N VAL G 362 -35.50 -15.52 -18.24
CA VAL G 362 -34.31 -14.69 -18.09
C VAL G 362 -33.91 -14.68 -16.62
N ALA G 363 -32.64 -14.97 -16.33
CA ALA G 363 -32.18 -15.02 -14.94
C ALA G 363 -30.88 -14.24 -14.76
N ALA G 364 -30.73 -13.61 -13.61
CA ALA G 364 -29.51 -12.85 -13.30
C ALA G 364 -28.36 -13.77 -12.95
N ALA G 365 -27.14 -13.38 -13.34
CA ALA G 365 -25.95 -14.17 -13.05
C ALA G 365 -25.58 -14.20 -11.57
N GLY G 366 -26.16 -13.33 -10.76
CA GLY G 366 -25.86 -13.28 -9.33
C GLY G 366 -24.69 -12.38 -9.00
N ASP G 367 -24.80 -11.62 -7.92
CA ASP G 367 -23.80 -10.65 -7.50
C ASP G 367 -22.82 -11.21 -6.49
N GLY G 368 -21.58 -10.71 -6.54
CA GLY G 368 -20.50 -11.09 -5.64
C GLY G 368 -20.62 -10.55 -4.23
N SER G 369 -21.63 -9.75 -3.95
CA SER G 369 -21.88 -9.18 -2.63
C SER G 369 -22.78 -10.06 -1.77
N LYS G 370 -23.46 -11.04 -2.35
CA LYS G 370 -24.32 -11.93 -1.58
C LYS G 370 -23.48 -12.84 -0.68
N LYS G 371 -24.19 -13.47 0.26
CA LYS G 371 -23.60 -14.32 1.30
C LYS G 371 -22.64 -15.40 0.81
N ASP G 372 -23.02 -16.22 -0.16
CA ASP G 372 -22.17 -17.36 -0.53
C ASP G 372 -21.58 -17.35 -1.93
N CYS G 373 -21.75 -16.29 -2.71
CA CYS G 373 -21.22 -16.26 -4.07
C CYS G 373 -19.70 -16.02 -4.08
N LYS G 374 -18.97 -16.86 -4.82
CA LYS G 374 -17.52 -16.81 -4.96
C LYS G 374 -17.15 -16.80 -6.45
N GLN G 375 -16.07 -16.11 -6.79
CA GLN G 375 -15.65 -16.00 -8.19
C GLN G 375 -15.12 -17.32 -8.73
N ASN G 376 -15.68 -17.76 -9.95
CA ASN G 376 -15.32 -18.97 -10.69
C ASN G 376 -14.12 -18.76 -11.60
N PRO G 377 -13.37 -19.82 -11.91
CA PRO G 377 -12.24 -19.70 -12.82
C PRO G 377 -12.67 -19.61 -14.28
N ILE G 378 -11.83 -18.97 -15.09
CA ILE G 378 -12.07 -18.79 -16.53
C ILE G 378 -11.41 -19.88 -17.38
N PHE G 379 -11.55 -19.75 -18.70
CA PHE G 379 -10.98 -20.67 -19.68
C PHE G 379 -9.46 -20.83 -19.50
N ASP G 380 -8.99 -22.07 -19.63
CA ASP G 380 -7.57 -22.40 -19.46
C ASP G 380 -6.93 -22.82 -20.78
N PRO G 381 -5.99 -22.04 -21.30
CA PRO G 381 -5.35 -22.36 -22.59
C PRO G 381 -4.63 -23.69 -22.61
N LEU G 382 -4.30 -24.23 -21.46
CA LEU G 382 -3.59 -25.51 -21.39
C LEU G 382 -4.49 -26.72 -21.59
N GLN G 383 -5.81 -26.57 -21.66
CA GLN G 383 -6.72 -27.70 -21.81
C GLN G 383 -7.86 -27.34 -22.76
N PRO G 384 -7.61 -27.44 -24.07
CA PRO G 384 -8.64 -27.10 -25.06
C PRO G 384 -9.81 -28.08 -25.11
N ASP G 385 -9.82 -29.10 -24.26
CA ASP G 385 -10.90 -30.09 -24.27
C ASP G 385 -12.27 -29.44 -24.18
N ASP G 386 -12.49 -28.59 -23.17
CA ASP G 386 -13.77 -27.89 -23.02
C ASP G 386 -13.58 -26.38 -23.00
N PRO G 387 -14.02 -25.68 -24.05
CA PRO G 387 -13.84 -24.23 -24.11
C PRO G 387 -14.49 -23.44 -23.00
N ARG G 388 -15.46 -24.00 -22.28
CA ARG G 388 -16.10 -23.27 -21.19
C ARG G 388 -15.56 -23.65 -19.81
N ALA G 389 -14.67 -24.63 -19.71
CA ALA G 389 -14.10 -25.05 -18.43
C ALA G 389 -15.14 -25.43 -17.37
N TRP G 390 -15.95 -26.44 -17.71
CA TRP G 390 -16.97 -26.91 -16.77
C TRP G 390 -16.36 -27.62 -15.57
N ASN G 391 -15.28 -28.38 -15.80
CA ASN G 391 -14.63 -29.13 -14.73
C ASN G 391 -14.03 -28.24 -13.64
N ALA G 392 -13.66 -27.00 -13.94
CA ALA G 392 -13.07 -26.13 -12.93
C ALA G 392 -14.08 -25.41 -12.04
N VAL G 393 -15.38 -25.56 -12.28
CA VAL G 393 -16.39 -24.86 -11.49
C VAL G 393 -16.28 -25.19 -10.01
N THR G 394 -16.31 -24.13 -9.18
CA THR G 394 -16.24 -24.21 -7.73
C THR G 394 -17.54 -23.84 -7.03
N THR G 395 -18.43 -23.11 -7.69
CA THR G 395 -19.72 -22.74 -7.10
C THR G 395 -20.78 -22.69 -8.19
N VAL G 396 -21.98 -23.11 -7.84
CA VAL G 396 -23.11 -23.17 -8.76
C VAL G 396 -24.15 -22.12 -8.43
N VAL G 397 -24.78 -21.56 -9.47
CA VAL G 397 -25.85 -20.59 -9.33
C VAL G 397 -27.08 -21.17 -10.00
N THR G 398 -28.14 -21.37 -9.23
CA THR G 398 -29.38 -21.98 -9.69
C THR G 398 -30.57 -21.04 -9.59
N PRO G 399 -31.53 -21.08 -10.54
CA PRO G 399 -31.73 -21.89 -11.73
C PRO G 399 -30.89 -21.47 -12.93
N SER G 400 -30.03 -20.47 -12.80
CA SER G 400 -29.20 -20.02 -13.91
C SER G 400 -28.40 -21.16 -14.52
N TRP G 401 -28.16 -22.19 -13.73
CA TRP G 401 -27.40 -23.38 -14.13
C TRP G 401 -27.88 -24.04 -15.41
N PHE G 402 -29.18 -24.11 -15.65
CA PHE G 402 -29.76 -24.82 -16.79
C PHE G 402 -29.60 -24.04 -18.11
N HIS G 403 -28.37 -23.92 -18.56
CA HIS G 403 -28.05 -23.15 -19.77
C HIS G 403 -28.74 -23.65 -21.04
N ASP G 404 -29.36 -24.83 -21.05
CA ASP G 404 -30.10 -25.26 -22.24
C ASP G 404 -31.50 -24.67 -22.35
N TYR G 405 -32.04 -24.09 -21.28
CA TYR G 405 -33.38 -23.54 -21.29
C TYR G 405 -33.47 -22.14 -20.70
N VAL G 406 -32.44 -21.64 -20.03
CA VAL G 406 -32.47 -20.33 -19.39
C VAL G 406 -31.34 -19.47 -19.93
N LEU G 407 -31.65 -18.20 -20.13
CA LEU G 407 -30.74 -17.17 -20.60
C LEU G 407 -30.20 -16.42 -19.39
N THR G 408 -28.89 -16.48 -19.16
CA THR G 408 -28.25 -15.82 -18.03
C THR G 408 -27.55 -14.55 -18.48
N VAL G 409 -27.80 -13.45 -17.77
CA VAL G 409 -27.30 -12.13 -18.10
C VAL G 409 -26.21 -11.66 -17.12
N GLY G 410 -25.06 -11.26 -17.66
CA GLY G 410 -23.98 -10.69 -16.88
C GLY G 410 -24.05 -9.16 -16.92
N ALA G 411 -23.11 -8.50 -16.26
CA ALA G 411 -23.13 -7.04 -16.18
C ALA G 411 -21.89 -6.35 -16.71
N VAL G 412 -22.10 -5.14 -17.24
CA VAL G 412 -21.06 -4.23 -17.74
C VAL G 412 -21.39 -2.83 -17.25
N ASP G 413 -20.37 -1.98 -17.14
CA ASP G 413 -20.62 -0.60 -16.73
C ASP G 413 -21.24 0.21 -17.86
N ALA G 414 -21.54 1.47 -17.58
CA ALA G 414 -22.13 2.36 -18.58
C ALA G 414 -21.22 2.63 -19.77
N ASN G 415 -19.95 2.27 -19.70
CA ASN G 415 -19.04 2.48 -20.83
C ASN G 415 -18.84 1.22 -21.66
N GLY G 416 -19.06 0.06 -21.06
CA GLY G 416 -18.94 -1.23 -21.70
C GLY G 416 -17.88 -2.13 -21.08
N GLN G 417 -17.15 -1.67 -20.08
CA GLN G 417 -16.15 -2.53 -19.45
C GLN G 417 -16.84 -3.51 -18.51
N PRO G 418 -16.40 -4.76 -18.45
CA PRO G 418 -17.02 -5.71 -17.53
C PRO G 418 -16.70 -5.38 -16.08
N LEU G 419 -17.68 -5.62 -15.21
CA LEU G 419 -17.54 -5.40 -13.77
C LEU G 419 -16.97 -6.69 -13.14
N SER G 420 -15.70 -6.89 -13.44
CA SER G 420 -14.93 -8.05 -13.01
C SER G 420 -14.97 -8.29 -11.51
N LYS G 421 -15.09 -7.25 -10.72
CA LYS G 421 -15.14 -7.36 -9.27
C LYS G 421 -16.50 -7.73 -8.70
N MET G 422 -17.58 -7.70 -9.49
CA MET G 422 -18.91 -7.91 -8.92
C MET G 422 -19.79 -9.01 -9.54
N SER G 423 -19.46 -9.56 -10.71
CA SER G 423 -20.28 -10.61 -11.31
C SER G 423 -19.57 -11.96 -11.34
N ILE G 424 -20.32 -13.02 -11.07
CA ILE G 424 -19.80 -14.38 -11.08
C ILE G 424 -19.66 -14.88 -12.52
N ALA G 425 -18.41 -15.14 -12.92
CA ALA G 425 -18.05 -15.54 -14.29
C ALA G 425 -18.21 -17.05 -14.55
N GLY G 426 -19.41 -17.58 -14.42
CA GLY G 426 -19.60 -19.00 -14.69
C GLY G 426 -19.63 -19.35 -16.17
N PRO G 427 -19.70 -20.66 -16.45
CA PRO G 427 -19.80 -21.14 -17.83
C PRO G 427 -21.17 -20.95 -18.46
N TRP G 428 -22.21 -20.73 -17.65
CA TRP G 428 -23.58 -20.54 -18.11
C TRP G 428 -23.85 -19.13 -18.61
N VAL G 429 -23.01 -18.16 -18.25
CA VAL G 429 -23.21 -16.78 -18.68
C VAL G 429 -23.26 -16.72 -20.19
N SER G 430 -24.31 -16.13 -20.73
CA SER G 430 -24.53 -16.08 -22.16
C SER G 430 -24.64 -14.69 -22.76
N ILE G 431 -25.06 -13.66 -22.02
CA ILE G 431 -25.15 -12.31 -22.56
C ILE G 431 -24.97 -11.33 -21.41
N SER G 432 -24.80 -10.04 -21.74
CA SER G 432 -24.62 -9.01 -20.73
C SER G 432 -25.29 -7.70 -21.11
N ALA G 433 -25.55 -6.88 -20.09
CA ALA G 433 -26.21 -5.60 -20.28
C ALA G 433 -25.79 -4.66 -19.15
N PRO G 434 -26.08 -3.36 -19.28
CA PRO G 434 -25.70 -2.40 -18.24
C PRO G 434 -26.24 -2.75 -16.85
N GLY G 435 -25.57 -2.21 -15.82
CA GLY G 435 -25.93 -2.47 -14.44
C GLY G 435 -25.50 -1.40 -13.44
N THR G 436 -25.35 -0.16 -13.91
CA THR G 436 -24.95 0.98 -13.09
C THR G 436 -25.84 2.19 -13.38
N ASP G 437 -25.76 3.18 -12.49
CA ASP G 437 -26.56 4.39 -12.60
C ASP G 437 -28.06 4.09 -12.65
N VAL G 438 -28.47 3.12 -11.83
CA VAL G 438 -29.87 2.70 -11.75
C VAL G 438 -30.75 3.81 -11.20
N VAL G 439 -31.97 3.88 -11.72
CA VAL G 439 -33.00 4.84 -11.33
C VAL G 439 -34.35 4.12 -11.40
N GLY G 440 -35.29 4.52 -10.55
CA GLY G 440 -36.58 3.88 -10.56
C GLY G 440 -37.58 4.56 -9.65
N LEU G 441 -38.83 4.12 -9.78
CA LEU G 441 -39.92 4.66 -8.96
C LEU G 441 -39.69 4.33 -7.48
N SER G 442 -40.27 5.16 -6.63
CA SER G 442 -40.05 4.95 -5.21
C SER G 442 -41.18 4.23 -4.50
N PRO G 443 -40.89 3.19 -3.75
CA PRO G 443 -41.89 2.60 -2.86
C PRO G 443 -42.25 3.59 -1.76
N ARG G 444 -43.42 3.39 -1.14
CA ARG G 444 -43.81 4.23 -0.01
C ARG G 444 -43.81 5.72 -0.30
N ASP G 445 -43.87 6.12 -1.56
CA ASP G 445 -43.84 7.52 -1.91
C ASP G 445 -44.40 7.68 -3.32
N ASP G 446 -44.30 8.88 -3.87
CA ASP G 446 -44.74 9.19 -5.22
C ASP G 446 -43.69 10.06 -5.91
N GLY G 447 -42.55 9.45 -6.20
CA GLY G 447 -41.45 10.15 -6.83
C GLY G 447 -40.34 9.17 -7.14
N LEU G 448 -39.19 9.69 -7.58
CA LEU G 448 -38.09 8.83 -7.94
C LEU G 448 -37.05 8.72 -6.82
N ILE G 449 -36.20 7.69 -6.92
CA ILE G 449 -35.16 7.41 -5.94
C ILE G 449 -33.88 6.95 -6.61
N ASN G 450 -32.79 7.01 -5.85
CA ASN G 450 -31.47 6.60 -6.32
C ASN G 450 -30.71 5.73 -5.34
N ALA G 451 -31.07 5.72 -4.05
CA ALA G 451 -30.30 4.96 -3.07
C ALA G 451 -31.23 4.46 -1.98
N ILE G 452 -30.70 3.55 -1.17
CA ILE G 452 -31.43 2.93 -0.08
C ILE G 452 -30.62 3.08 1.21
N ASP G 453 -31.33 3.23 2.32
CA ASP G 453 -30.68 3.31 3.62
C ASP G 453 -30.05 1.97 3.97
N GLY G 454 -28.76 1.98 4.26
CA GLY G 454 -28.04 0.78 4.64
C GLY G 454 -28.26 0.40 6.08
N PRO G 455 -27.46 -0.55 6.58
CA PRO G 455 -27.62 -0.93 7.99
C PRO G 455 -27.32 0.23 8.91
N ASP G 456 -26.31 1.00 8.57
CA ASP G 456 -25.92 2.21 9.26
C ASP G 456 -26.71 3.35 8.65
N ASN G 457 -26.51 4.57 9.13
CA ASN G 457 -27.19 5.72 8.55
C ASN G 457 -26.70 6.01 7.13
N SER G 458 -25.67 5.30 6.67
CA SER G 458 -25.10 5.52 5.35
C SER G 458 -26.13 5.22 4.26
N LEU G 459 -26.10 6.03 3.22
CA LEU G 459 -26.99 5.95 2.07
C LEU G 459 -26.32 5.15 0.95
N LEU G 460 -26.68 3.86 0.89
CA LEU G 460 -26.15 2.86 -0.03
C LEU G 460 -26.82 2.93 -1.41
N VAL G 461 -26.01 2.88 -2.46
CA VAL G 461 -26.46 2.94 -3.85
C VAL G 461 -26.53 1.54 -4.47
N PRO G 462 -27.67 1.16 -5.07
CA PRO G 462 -27.82 -0.16 -5.68
C PRO G 462 -27.13 -0.30 -7.04
N ALA G 463 -26.61 -1.50 -7.29
CA ALA G 463 -25.96 -1.85 -8.54
C ALA G 463 -25.84 -3.36 -8.62
N GLY G 464 -25.60 -3.88 -9.82
CA GLY G 464 -25.42 -5.31 -10.00
C GLY G 464 -26.30 -5.92 -11.07
N THR G 465 -26.10 -7.22 -11.26
CA THR G 465 -26.76 -8.04 -12.27
C THR G 465 -28.27 -8.11 -12.15
N SER G 466 -28.83 -7.92 -10.96
CA SER G 466 -30.27 -7.96 -10.80
C SER G 466 -30.97 -6.90 -11.64
N PHE G 467 -30.27 -5.83 -11.97
CA PHE G 467 -30.79 -4.77 -12.82
C PHE G 467 -30.50 -5.07 -14.30
N SER G 468 -29.38 -5.72 -14.59
CA SER G 468 -29.04 -6.10 -15.96
C SER G 468 -30.05 -7.11 -16.50
N ALA G 469 -30.52 -8.02 -15.64
CA ALA G 469 -31.54 -8.98 -16.04
C ALA G 469 -32.86 -8.27 -16.36
N ALA G 470 -33.09 -7.10 -15.78
CA ALA G 470 -34.27 -6.31 -16.08
C ALA G 470 -34.20 -5.71 -17.49
N ILE G 471 -33.07 -5.15 -17.87
CA ILE G 471 -32.91 -4.56 -19.20
C ILE G 471 -33.19 -5.60 -20.28
N VAL G 472 -32.58 -6.78 -20.17
CA VAL G 472 -32.78 -7.84 -21.15
C VAL G 472 -34.22 -8.33 -21.14
N SER G 473 -34.89 -8.31 -19.99
CA SER G 473 -36.29 -8.71 -19.95
C SER G 473 -37.14 -7.76 -20.77
N GLY G 474 -36.78 -6.47 -20.79
CA GLY G 474 -37.50 -5.51 -21.61
C GLY G 474 -37.28 -5.70 -23.10
N VAL G 475 -36.02 -5.91 -23.50
CA VAL G 475 -35.68 -6.13 -24.90
C VAL G 475 -36.34 -7.40 -25.42
N ALA G 476 -36.35 -8.46 -24.63
CA ALA G 476 -37.00 -9.69 -25.06
C ALA G 476 -38.48 -9.49 -25.29
N ALA G 477 -39.13 -8.65 -24.49
CA ALA G 477 -40.55 -8.38 -24.67
C ALA G 477 -40.81 -7.66 -25.99
N LEU G 478 -39.98 -6.69 -26.35
CA LEU G 478 -40.14 -6.00 -27.62
C LEU G 478 -39.92 -6.93 -28.81
N VAL G 479 -38.86 -7.74 -28.80
CA VAL G 479 -38.61 -8.63 -29.92
C VAL G 479 -39.75 -9.60 -30.16
N ARG G 480 -40.23 -10.29 -29.13
CA ARG G 480 -41.32 -11.21 -29.44
C ARG G 480 -42.67 -10.51 -29.47
N ALA G 481 -42.70 -9.19 -29.63
CA ALA G 481 -43.90 -8.48 -30.04
C ALA G 481 -43.94 -8.26 -31.54
N LYS G 482 -42.78 -8.15 -32.16
CA LYS G 482 -42.63 -7.96 -33.60
C LYS G 482 -42.60 -9.27 -34.39
N PHE G 483 -42.10 -10.36 -33.81
CA PHE G 483 -42.00 -11.66 -34.47
C PHE G 483 -42.82 -12.69 -33.70
N PRO G 484 -44.13 -12.49 -33.61
CA PRO G 484 -44.99 -13.40 -32.84
C PRO G 484 -44.99 -14.83 -33.30
N GLU G 485 -44.46 -15.14 -34.49
CA GLU G 485 -44.45 -16.51 -34.97
C GLU G 485 -43.30 -17.35 -34.43
N LEU G 486 -42.22 -16.73 -33.95
CA LEU G 486 -41.07 -17.48 -33.47
C LEU G 486 -41.29 -18.10 -32.11
N SER G 487 -40.74 -19.29 -31.92
CA SER G 487 -40.78 -19.99 -30.64
C SER G 487 -39.70 -19.45 -29.71
N ALA G 488 -39.82 -19.81 -28.44
CA ALA G 488 -38.87 -19.36 -27.43
C ALA G 488 -37.42 -19.60 -27.80
N TYR G 489 -37.10 -20.82 -28.23
CA TYR G 489 -35.73 -21.14 -28.59
C TYR G 489 -35.19 -20.28 -29.72
N GLN G 490 -36.04 -19.91 -30.67
CA GLN G 490 -35.61 -19.08 -31.79
C GLN G 490 -35.38 -17.62 -31.37
N ILE G 491 -36.18 -17.11 -30.44
CA ILE G 491 -36.02 -15.74 -29.97
C ILE G 491 -34.67 -15.57 -29.26
N ILE G 492 -34.25 -16.57 -28.50
CA ILE G 492 -32.95 -16.51 -27.82
C ILE G 492 -31.81 -16.43 -28.84
N ASN G 493 -31.87 -17.24 -29.90
CA ASN G 493 -30.83 -17.19 -30.93
C ASN G 493 -30.78 -15.85 -31.63
N ARG G 494 -31.90 -15.16 -31.75
CA ARG G 494 -31.92 -13.86 -32.39
C ARG G 494 -31.17 -12.81 -31.56
N LEU G 495 -31.27 -12.88 -30.23
CA LEU G 495 -30.55 -11.97 -29.34
C LEU G 495 -29.05 -12.27 -29.28
N ILE G 496 -28.69 -13.54 -29.18
CA ILE G 496 -27.28 -13.97 -29.08
C ILE G 496 -26.48 -13.60 -30.33
N HIS G 497 -26.97 -13.97 -31.51
CA HIS G 497 -26.24 -13.69 -32.74
C HIS G 497 -26.06 -12.21 -33.06
N THR G 498 -26.84 -11.31 -32.48
CA THR G 498 -26.72 -9.89 -32.77
C THR G 498 -25.90 -9.12 -31.75
N ALA G 499 -25.46 -9.75 -30.67
CA ALA G 499 -24.66 -9.09 -29.64
C ALA G 499 -23.24 -8.77 -30.16
N ARG G 500 -22.60 -7.78 -29.54
CA ARG G 500 -21.23 -7.39 -29.89
C ARG G 500 -20.20 -8.16 -29.06
N PRO G 501 -19.33 -8.94 -29.69
CA PRO G 501 -18.61 -10.00 -28.99
C PRO G 501 -17.40 -9.50 -28.22
N PRO G 502 -16.92 -10.30 -27.27
CA PRO G 502 -15.71 -9.98 -26.53
C PRO G 502 -14.48 -10.44 -27.32
N ALA G 503 -13.32 -10.04 -26.82
CA ALA G 503 -12.03 -10.32 -27.46
C ALA G 503 -11.72 -11.81 -27.69
N ARG G 504 -12.44 -12.74 -27.09
CA ARG G 504 -12.18 -14.17 -27.29
C ARG G 504 -13.31 -14.86 -28.03
N GLY G 505 -14.30 -14.11 -28.50
CA GLY G 505 -15.45 -14.65 -29.20
C GLY G 505 -16.48 -15.20 -28.24
N VAL G 506 -16.03 -15.92 -27.21
CA VAL G 506 -16.91 -16.39 -26.14
C VAL G 506 -16.13 -16.27 -24.85
N ASP G 507 -16.72 -15.66 -23.82
CA ASP G 507 -15.98 -15.45 -22.58
C ASP G 507 -16.91 -15.65 -21.39
N ASN G 508 -16.44 -16.39 -20.37
CA ASN G 508 -17.24 -16.62 -19.19
C ASN G 508 -17.54 -15.35 -18.40
N GLN G 509 -16.81 -14.27 -18.65
CA GLN G 509 -17.13 -13.00 -18.01
C GLN G 509 -18.31 -12.25 -18.58
N VAL G 510 -18.65 -12.43 -19.86
CA VAL G 510 -19.78 -11.69 -20.44
C VAL G 510 -20.62 -12.52 -21.40
N GLY G 511 -20.25 -13.77 -21.61
CA GLY G 511 -20.97 -14.60 -22.56
C GLY G 511 -20.70 -14.16 -23.99
N TYR G 512 -21.71 -14.21 -24.85
CA TYR G 512 -21.48 -13.80 -26.23
C TYR G 512 -21.28 -12.30 -26.44
N GLY G 513 -21.62 -11.44 -25.49
CA GLY G 513 -21.38 -10.02 -25.72
C GLY G 513 -22.41 -9.13 -25.06
N VAL G 514 -22.45 -7.90 -25.57
CA VAL G 514 -23.38 -6.86 -25.14
C VAL G 514 -24.62 -6.86 -26.02
N VAL G 515 -25.79 -6.76 -25.38
CA VAL G 515 -27.06 -6.75 -26.09
C VAL G 515 -27.14 -5.53 -27.02
N ASP G 516 -27.90 -5.66 -28.10
CA ASP G 516 -28.04 -4.59 -29.10
C ASP G 516 -29.46 -4.56 -29.66
N PRO G 517 -30.33 -3.74 -29.08
CA PRO G 517 -31.75 -3.73 -29.42
C PRO G 517 -32.13 -3.58 -30.89
N VAL G 518 -31.68 -2.49 -31.52
CA VAL G 518 -32.03 -2.21 -32.92
C VAL G 518 -31.62 -3.36 -33.83
N ALA G 519 -30.47 -3.98 -33.54
CA ALA G 519 -30.00 -5.09 -34.35
C ALA G 519 -30.94 -6.29 -34.24
N ALA G 520 -31.33 -6.65 -33.04
CA ALA G 520 -32.20 -7.80 -32.83
C ALA G 520 -33.55 -7.63 -33.52
N LEU G 521 -34.05 -6.41 -33.61
CA LEU G 521 -35.32 -6.11 -34.23
C LEU G 521 -35.29 -5.97 -35.75
N THR G 522 -34.13 -5.94 -36.40
CA THR G 522 -34.12 -5.71 -37.84
C THR G 522 -33.19 -6.61 -38.65
N TRP G 523 -32.15 -7.22 -38.10
CA TRP G 523 -31.29 -8.04 -38.92
C TRP G 523 -31.94 -9.38 -39.28
N ASP G 524 -31.47 -9.94 -40.40
CA ASP G 524 -31.90 -11.22 -40.95
C ASP G 524 -31.04 -12.36 -40.40
N VAL G 525 -31.28 -12.69 -39.14
CA VAL G 525 -30.53 -13.78 -38.48
C VAL G 525 -30.98 -15.13 -39.00
N PRO G 526 -30.06 -16.03 -39.35
CA PRO G 526 -30.44 -17.37 -39.83
C PRO G 526 -31.24 -18.10 -38.77
N LYS G 527 -32.27 -18.82 -39.22
CA LYS G 527 -33.17 -19.51 -38.31
C LYS G 527 -32.57 -20.75 -37.65
N GLY G 528 -31.52 -21.34 -38.20
CA GLY G 528 -30.92 -22.50 -37.59
C GLY G 528 -29.84 -22.15 -36.59
N PRO G 529 -29.55 -23.06 -35.65
CA PRO G 529 -28.47 -22.82 -34.69
C PRO G 529 -27.09 -22.78 -35.35
N ALA G 530 -26.15 -22.16 -34.64
CA ALA G 530 -24.77 -22.00 -35.10
C ALA G 530 -24.15 -23.33 -35.53
N GLU G 531 -23.47 -23.33 -36.69
CA GLU G 531 -22.79 -24.52 -37.20
C GLU G 531 -21.41 -24.12 -37.73
N PRO G 532 -20.34 -24.86 -37.40
CA PRO G 532 -19.02 -24.51 -37.88
C PRO G 532 -18.77 -24.97 -39.29
N PRO G 533 -17.80 -24.35 -40.00
CA PRO G 533 -17.50 -24.77 -41.37
C PRO G 533 -16.91 -26.17 -41.46
N LYS G 534 -17.17 -26.83 -42.60
CA LYS G 534 -16.64 -28.16 -42.83
C LYS G 534 -15.12 -28.20 -42.91
N GLN G 535 -14.51 -27.32 -43.73
CA GLN G 535 -13.07 -27.26 -43.90
C GLN G 535 -12.62 -25.85 -44.26
N LEU G 536 -11.42 -25.50 -43.83
CA LEU G 536 -10.86 -24.16 -44.05
C LEU G 536 -9.95 -24.00 -45.26
N SER G 537 -9.30 -25.05 -45.75
CA SER G 537 -8.35 -24.93 -46.87
C SER G 537 -9.00 -24.88 -48.26
N ALA G 538 -8.29 -24.38 -49.23
CA ALA G 538 -8.56 -24.23 -50.61
C ALA G 538 -7.33 -24.39 -51.47
N PRO G 539 -7.42 -24.92 -52.69
CA PRO G 539 -6.26 -25.02 -53.56
C PRO G 539 -5.70 -23.74 -54.13
N LEU G 540 -4.43 -23.57 -54.25
CA LEU G 540 -3.68 -22.49 -54.78
C LEU G 540 -3.60 -22.53 -56.30
N VAL G 541 -4.15 -21.56 -57.02
CA VAL G 541 -4.12 -21.54 -58.50
C VAL G 541 -2.84 -20.87 -59.00
N VAL G 542 -1.77 -21.65 -59.12
CA VAL G 542 -0.50 -21.30 -59.66
C VAL G 542 -0.59 -20.96 -61.13
N PRO G 543 -0.03 -19.85 -61.62
CA PRO G 543 -0.08 -19.50 -63.02
C PRO G 543 0.60 -20.48 -63.95
N GLN G 544 0.15 -20.54 -65.19
CA GLN G 544 0.73 -21.40 -66.22
C GLN G 544 2.11 -20.86 -66.61
N PRO G 545 3.20 -21.65 -66.56
CA PRO G 545 4.50 -21.21 -66.97
C PRO G 545 4.64 -20.94 -68.43
N PRO G 546 5.40 -19.94 -68.86
CA PRO G 546 5.69 -19.72 -70.25
C PRO G 546 6.65 -20.71 -70.84
N ALA G 547 6.56 -21.06 -72.07
CA ALA G 547 7.41 -21.93 -72.79
C ALA G 547 8.81 -21.37 -72.94
N ILE H 40 6.94 -9.91 35.35
CA ILE H 40 6.23 -11.01 36.04
C ILE H 40 7.24 -12.01 36.60
N SER H 41 7.03 -12.41 37.83
CA SER H 41 7.90 -13.39 38.48
C SER H 41 7.56 -14.80 38.00
N PRO H 42 8.56 -15.64 37.79
CA PRO H 42 8.30 -17.00 37.35
C PRO H 42 7.38 -17.73 38.32
N PRO H 43 6.63 -18.71 37.82
CA PRO H 43 5.71 -19.48 38.66
C PRO H 43 6.39 -20.14 39.85
N THR H 44 5.57 -20.44 40.86
CA THR H 44 5.96 -21.10 42.09
C THR H 44 4.91 -22.17 42.34
N ILE H 45 5.27 -23.21 43.10
CA ILE H 45 4.37 -24.34 43.32
C ILE H 45 4.23 -24.71 44.79
N ASP H 46 3.00 -25.08 45.17
CA ASP H 46 2.62 -25.53 46.51
C ASP H 46 2.00 -26.93 46.37
N PRO H 47 2.78 -28.00 46.56
CA PRO H 47 2.25 -29.36 46.34
C PRO H 47 1.08 -29.78 47.21
N GLY H 48 0.70 -29.03 48.25
CA GLY H 48 -0.47 -29.38 49.03
C GLY H 48 -1.82 -29.16 48.37
N ALA H 49 -1.87 -28.40 47.28
CA ALA H 49 -3.11 -28.04 46.59
C ALA H 49 -3.65 -29.09 45.61
N LEU H 50 -3.17 -30.32 45.59
CA LEU H 50 -3.68 -31.29 44.62
C LEU H 50 -5.20 -31.45 44.70
N PRO H 51 -5.88 -31.51 43.54
CA PRO H 51 -7.32 -31.77 43.54
C PRO H 51 -7.61 -33.22 43.85
N PRO H 52 -8.73 -33.50 44.53
CA PRO H 52 -9.06 -34.90 44.84
C PRO H 52 -9.40 -35.71 43.61
N ASP H 53 -9.06 -36.99 43.65
CA ASP H 53 -9.37 -37.92 42.57
C ASP H 53 -10.86 -38.26 42.53
N GLY H 54 -11.34 -38.63 41.34
CA GLY H 54 -12.72 -38.98 41.13
C GLY H 54 -13.04 -39.15 39.66
N PRO H 55 -14.18 -39.77 39.34
CA PRO H 55 -14.56 -39.96 37.94
C PRO H 55 -14.81 -38.65 37.23
N PRO H 56 -14.41 -38.54 35.96
CA PRO H 56 -14.60 -37.30 35.21
C PRO H 56 -16.06 -36.88 35.07
N GLY H 57 -16.28 -35.56 35.12
CA GLY H 57 -17.59 -34.98 34.99
C GLY H 57 -17.52 -33.47 35.06
N PRO H 58 -18.49 -32.79 34.45
CA PRO H 58 -18.51 -31.33 34.45
C PRO H 58 -18.80 -30.74 35.82
N LEU H 59 -18.41 -29.47 35.98
CA LEU H 59 -18.68 -28.78 37.23
C LEU H 59 -20.15 -28.37 37.35
N ALA H 60 -20.84 -28.23 36.23
CA ALA H 60 -22.25 -27.85 36.20
C ALA H 60 -22.87 -28.40 34.92
N PRO H 61 -24.19 -28.56 34.88
CA PRO H 61 -24.83 -29.12 33.70
C PRO H 61 -24.60 -28.27 32.45
N MET H 62 -24.38 -28.94 31.32
CA MET H 62 -24.12 -28.26 30.05
C MET H 62 -24.95 -28.90 28.94
N LYS H 63 -25.14 -28.14 27.85
CA LYS H 63 -25.90 -28.61 26.70
C LYS H 63 -25.18 -28.20 25.41
N GLN H 64 -25.42 -28.94 24.34
CA GLN H 64 -24.84 -28.64 23.04
C GLN H 64 -25.51 -27.45 22.36
N ASN H 65 -24.71 -26.51 21.85
CA ASN H 65 -25.24 -25.32 21.19
C ASN H 65 -25.01 -25.25 19.68
N ALA H 66 -24.14 -26.07 19.10
CA ALA H 66 -23.90 -26.00 17.66
C ALA H 66 -23.72 -27.39 17.04
N TYR H 67 -23.91 -27.45 15.72
CA TYR H 67 -23.75 -28.67 14.94
C TYR H 67 -22.27 -28.97 14.72
N CYS H 68 -21.93 -30.25 14.56
CA CYS H 68 -20.53 -30.60 14.37
C CYS H 68 -19.96 -30.13 13.03
N THR H 69 -18.68 -29.80 13.06
CA THR H 69 -17.95 -29.25 11.92
C THR H 69 -17.75 -30.24 10.77
N GLU H 70 -17.94 -29.75 9.55
CA GLU H 70 -17.74 -30.52 8.33
C GLU H 70 -16.29 -30.45 7.86
N VAL H 71 -15.88 -31.43 7.05
CA VAL H 71 -14.50 -31.56 6.58
C VAL H 71 -14.46 -31.96 5.11
N GLY H 72 -13.30 -31.75 4.48
CA GLY H 72 -13.15 -32.09 3.08
C GLY H 72 -11.69 -32.09 2.64
N VAL H 73 -11.48 -32.13 1.32
CA VAL H 73 -10.16 -32.13 0.70
C VAL H 73 -9.99 -30.94 -0.24
N LEU H 74 -8.79 -30.36 -0.27
CA LEU H 74 -8.53 -29.23 -1.14
C LEU H 74 -8.46 -29.71 -2.59
N PRO H 75 -8.75 -28.82 -3.56
CA PRO H 75 -8.68 -29.20 -4.96
C PRO H 75 -7.27 -29.62 -5.40
N GLY H 76 -7.18 -30.77 -6.06
CA GLY H 76 -5.91 -31.20 -6.63
C GLY H 76 -4.93 -31.93 -5.74
N THR H 77 -5.30 -32.30 -4.52
CA THR H 77 -4.35 -33.03 -3.67
C THR H 77 -4.21 -34.48 -4.12
N ASP H 78 -3.03 -35.05 -3.88
CA ASP H 78 -2.71 -36.43 -4.27
C ASP H 78 -2.10 -37.14 -3.07
N PHE H 79 -2.88 -37.99 -2.42
CA PHE H 79 -2.45 -38.72 -1.24
C PHE H 79 -1.42 -39.81 -1.51
N GLN H 80 -0.96 -39.98 -2.74
CA GLN H 80 0.07 -40.98 -2.99
C GLN H 80 1.48 -40.45 -2.73
N LEU H 81 1.65 -39.13 -2.58
CA LEU H 81 2.94 -38.54 -2.25
C LEU H 81 3.01 -38.28 -0.75
N GLN H 82 4.21 -38.41 -0.19
CA GLN H 82 4.41 -38.13 1.22
C GLN H 82 4.20 -36.65 1.54
N PRO H 83 3.71 -36.33 2.74
CA PRO H 83 3.58 -34.94 3.14
C PRO H 83 4.95 -34.29 3.19
N LYS H 84 5.03 -33.02 2.81
CA LYS H 84 6.33 -32.36 2.78
C LYS H 84 7.02 -32.30 4.14
N TYR H 85 6.26 -32.27 5.24
CA TYR H 85 6.92 -32.22 6.55
C TYR H 85 7.71 -33.47 6.89
N MET H 86 7.38 -34.63 6.32
CA MET H 86 8.10 -35.85 6.66
C MET H 86 9.53 -35.90 6.14
N GLU H 87 9.93 -35.00 5.25
CA GLU H 87 11.31 -35.02 4.76
C GLU H 87 12.30 -34.56 5.83
N MET H 88 11.94 -33.57 6.63
CA MET H 88 12.85 -33.12 7.67
C MET H 88 13.07 -34.19 8.72
N LEU H 89 12.07 -35.00 9.02
CA LEU H 89 12.17 -36.00 10.06
C LEU H 89 12.98 -37.22 9.67
N ASN H 90 13.11 -37.53 8.38
CA ASN H 90 13.88 -38.69 7.94
C ASN H 90 13.48 -39.98 8.67
N LEU H 91 12.17 -40.19 8.75
CA LEU H 91 11.57 -41.31 9.49
C LEU H 91 12.06 -42.68 9.00
N ASN H 92 12.32 -42.82 7.71
CA ASN H 92 12.80 -44.08 7.13
C ASN H 92 14.08 -44.57 7.80
N GLU H 93 14.88 -43.67 8.32
CA GLU H 93 16.12 -44.03 9.00
C GLU H 93 15.90 -44.17 10.51
N ALA H 94 14.99 -43.40 11.08
CA ALA H 94 14.69 -43.48 12.50
C ALA H 94 13.98 -44.78 12.89
N TRP H 95 13.11 -45.32 12.04
CA TRP H 95 12.38 -46.55 12.37
C TRP H 95 13.26 -47.79 12.41
N GLN H 96 14.52 -47.73 12.01
CA GLN H 96 15.37 -48.91 12.07
C GLN H 96 15.43 -49.49 13.47
N PHE H 97 15.49 -48.64 14.49
CA PHE H 97 15.55 -49.10 15.87
C PHE H 97 14.21 -49.55 16.45
N GLY H 98 13.09 -49.31 15.75
CA GLY H 98 11.79 -49.70 16.25
C GLY H 98 10.69 -48.69 16.00
N ARG H 99 9.44 -49.08 16.26
CA ARG H 99 8.29 -48.22 16.04
C ARG H 99 7.63 -47.71 17.32
N GLY H 100 8.28 -47.83 18.46
CA GLY H 100 7.71 -47.36 19.71
C GLY H 100 6.64 -48.24 20.33
N ASP H 101 6.75 -49.56 20.17
CA ASP H 101 5.77 -50.47 20.74
C ASP H 101 5.76 -50.44 22.26
N GLY H 102 4.56 -50.51 22.84
CA GLY H 102 4.41 -50.53 24.29
C GLY H 102 4.44 -49.21 25.03
N VAL H 103 4.25 -48.09 24.34
CA VAL H 103 4.24 -46.77 24.94
C VAL H 103 2.81 -46.25 24.91
N LYS H 104 2.30 -45.78 26.05
CA LYS H 104 0.95 -45.21 26.15
C LYS H 104 1.07 -43.70 26.16
N VAL H 105 0.42 -43.07 25.19
CA VAL H 105 0.42 -41.63 25.00
C VAL H 105 -0.98 -41.09 25.29
N ALA H 106 -1.06 -40.09 26.17
CA ALA H 106 -2.33 -39.49 26.54
C ALA H 106 -2.55 -38.21 25.73
N VAL H 107 -3.72 -38.12 25.09
CA VAL H 107 -4.13 -36.99 24.28
C VAL H 107 -5.23 -36.21 25.00
N ILE H 108 -4.85 -35.22 25.81
CA ILE H 108 -5.82 -34.40 26.50
C ILE H 108 -6.26 -33.32 25.51
N ASP H 109 -7.44 -33.52 24.90
CA ASP H 109 -7.90 -32.58 23.89
C ASP H 109 -9.42 -32.70 23.74
N THR H 110 -9.92 -32.53 22.53
CA THR H 110 -11.35 -32.59 22.22
C THR H 110 -11.84 -34.01 21.89
N GLY H 111 -11.12 -35.03 22.32
CA GLY H 111 -11.48 -36.41 22.09
C GLY H 111 -11.03 -36.95 20.73
N VAL H 112 -11.35 -38.21 20.50
CA VAL H 112 -10.99 -38.94 19.28
C VAL H 112 -12.13 -39.82 18.81
N THR H 113 -12.32 -39.89 17.48
CA THR H 113 -13.34 -40.74 16.87
C THR H 113 -12.71 -42.00 16.30
N PRO H 114 -13.27 -43.18 16.55
CA PRO H 114 -12.69 -44.41 16.03
C PRO H 114 -12.62 -44.46 14.51
N HIS H 115 -11.60 -45.18 14.01
CA HIS H 115 -11.35 -45.36 12.59
C HIS H 115 -10.55 -46.64 12.41
N PRO H 116 -10.81 -47.44 11.37
CA PRO H 116 -10.06 -48.68 11.18
C PRO H 116 -8.54 -48.54 11.17
N ARG H 117 -8.01 -47.35 10.95
CA ARG H 117 -6.57 -47.13 10.94
C ARG H 117 -6.00 -46.88 12.34
N LEU H 118 -6.83 -46.88 13.38
CA LEU H 118 -6.39 -46.69 14.76
C LEU H 118 -6.91 -47.86 15.59
N PRO H 119 -6.21 -49.00 15.55
CA PRO H 119 -6.65 -50.19 16.27
C PRO H 119 -6.35 -50.20 17.76
N ARG H 120 -5.56 -49.26 18.27
CA ARG H 120 -5.15 -49.20 19.68
C ARG H 120 -5.54 -47.86 20.30
N LEU H 121 -6.82 -47.72 20.65
CA LEU H 121 -7.38 -46.50 21.23
C LEU H 121 -8.18 -46.88 22.48
N ILE H 122 -7.97 -46.15 23.56
CA ILE H 122 -8.62 -46.40 24.84
C ILE H 122 -9.42 -45.18 25.27
N PRO H 123 -10.72 -45.34 25.60
CA PRO H 123 -11.55 -44.24 26.07
C PRO H 123 -11.30 -43.91 27.53
N GLY H 124 -10.63 -42.78 27.78
CA GLY H 124 -10.31 -42.37 29.14
C GLY H 124 -11.43 -41.68 29.90
N GLY H 125 -12.03 -40.63 29.34
CA GLY H 125 -13.09 -39.94 30.05
C GLY H 125 -13.51 -38.66 29.36
N ASP H 126 -14.49 -37.99 29.97
CA ASP H 126 -15.04 -36.75 29.46
C ASP H 126 -15.43 -35.78 30.56
N TYR H 127 -15.15 -34.50 30.35
CA TYR H 127 -15.51 -33.44 31.28
C TYR H 127 -16.51 -32.45 30.70
N VAL H 128 -16.87 -32.60 29.43
CA VAL H 128 -17.83 -31.71 28.77
C VAL H 128 -19.26 -32.19 28.94
N MET H 129 -19.50 -33.49 28.89
CA MET H 129 -20.83 -34.04 29.08
C MET H 129 -20.78 -35.17 30.09
N ALA H 130 -21.78 -35.17 30.98
CA ALA H 130 -21.82 -36.13 32.07
C ALA H 130 -21.92 -37.58 31.58
N GLY H 131 -22.60 -37.83 30.48
CA GLY H 131 -22.68 -39.19 29.99
C GLY H 131 -21.60 -39.60 29.03
N GLY H 132 -20.72 -38.67 28.65
CA GLY H 132 -19.69 -38.94 27.68
C GLY H 132 -18.45 -39.61 28.27
N ASP H 133 -17.60 -40.10 27.35
CA ASP H 133 -16.38 -40.80 27.71
C ASP H 133 -15.22 -40.41 26.81
N GLY H 134 -15.39 -39.38 25.98
CA GLY H 134 -14.36 -38.88 25.10
C GLY H 134 -14.14 -39.65 23.82
N LEU H 135 -14.95 -40.67 23.55
CA LEU H 135 -14.79 -41.45 22.33
C LEU H 135 -15.57 -40.87 21.17
N SER H 136 -15.69 -39.54 21.10
CA SER H 136 -16.39 -38.87 20.01
C SER H 136 -15.99 -37.40 20.03
N ASP H 137 -15.55 -36.89 18.89
CA ASP H 137 -15.15 -35.49 18.76
C ASP H 137 -16.07 -34.76 17.81
N CYS H 138 -16.73 -33.73 18.31
CA CYS H 138 -17.63 -32.96 17.47
C CYS H 138 -16.80 -31.96 16.68
N ASP H 139 -15.85 -31.32 17.34
CA ASP H 139 -14.90 -30.45 16.67
C ASP H 139 -13.84 -31.30 15.95
N ALA H 140 -13.44 -30.87 14.76
CA ALA H 140 -12.49 -31.59 13.92
C ALA H 140 -11.07 -31.61 14.47
N HIS H 141 -10.78 -30.86 15.52
CA HIS H 141 -9.40 -30.75 16.01
C HIS H 141 -8.85 -32.08 16.50
N GLY H 142 -9.65 -32.84 17.24
CA GLY H 142 -9.12 -33.93 18.04
C GLY H 142 -8.54 -35.11 17.26
N THR H 143 -9.30 -35.64 16.30
CA THR H 143 -8.85 -36.77 15.50
C THR H 143 -7.64 -36.48 14.62
N LEU H 144 -7.44 -35.26 14.18
CA LEU H 144 -6.24 -34.95 13.40
C LEU H 144 -4.98 -35.15 14.24
N VAL H 145 -4.90 -34.51 15.40
CA VAL H 145 -3.73 -34.64 16.26
C VAL H 145 -3.45 -36.10 16.61
N ALA H 146 -4.46 -36.83 17.04
CA ALA H 146 -4.24 -38.25 17.37
C ALA H 146 -3.81 -39.07 16.17
N SER H 147 -4.41 -38.84 15.01
CA SER H 147 -4.04 -39.61 13.82
C SER H 147 -2.61 -39.34 13.38
N MET H 148 -2.16 -38.11 13.52
CA MET H 148 -0.81 -37.73 13.12
C MET H 148 0.28 -38.43 13.94
N ILE H 149 -0.04 -38.85 15.16
CA ILE H 149 0.91 -39.58 15.99
C ILE H 149 0.92 -41.08 15.68
N ALA H 150 -0.23 -41.74 15.70
CA ALA H 150 -0.26 -43.21 15.67
C ALA H 150 -0.95 -43.86 14.46
N ALA H 151 -1.31 -43.13 13.42
CA ALA H 151 -1.99 -43.76 12.30
C ALA H 151 -1.11 -44.85 11.67
N VAL H 152 -1.67 -46.05 11.59
CA VAL H 152 -1.03 -47.24 11.02
C VAL H 152 -0.89 -47.09 9.50
N PRO H 153 0.23 -47.49 8.90
CA PRO H 153 0.38 -47.37 7.46
C PRO H 153 -0.58 -48.28 6.69
N ALA H 154 -0.77 -47.93 5.42
CA ALA H 154 -1.67 -48.64 4.53
C ALA H 154 -1.26 -50.09 4.31
N ASN H 155 -2.25 -50.94 4.04
CA ASN H 155 -2.06 -52.38 3.86
C ASN H 155 -3.17 -52.89 2.95
N GLY H 156 -2.95 -54.09 2.40
CA GLY H 156 -3.90 -54.72 1.50
C GLY H 156 -5.27 -54.98 2.10
N ALA H 157 -5.35 -55.10 3.43
CA ALA H 157 -6.63 -55.32 4.11
C ALA H 157 -6.52 -54.65 5.47
N VAL H 158 -7.63 -54.05 5.92
CA VAL H 158 -7.64 -53.32 7.18
C VAL H 158 -7.57 -54.23 8.41
N PRO H 159 -7.01 -53.74 9.51
CA PRO H 159 -6.95 -54.55 10.74
C PRO H 159 -8.31 -54.90 11.30
N LEU H 160 -9.21 -53.92 11.36
CA LEU H 160 -10.59 -54.12 11.81
C LEU H 160 -11.53 -53.80 10.65
N PRO H 161 -12.29 -54.77 10.16
CA PRO H 161 -13.19 -54.50 9.04
C PRO H 161 -14.48 -53.79 9.45
N SER H 162 -14.93 -53.99 10.68
CA SER H 162 -16.16 -53.39 11.16
C SER H 162 -16.00 -51.90 11.50
N VAL H 163 -17.15 -51.22 11.54
CA VAL H 163 -17.26 -49.81 11.88
C VAL H 163 -18.54 -49.63 12.71
N PRO H 164 -18.53 -50.13 13.95
CA PRO H 164 -19.68 -49.99 14.85
C PRO H 164 -19.94 -48.58 15.35
N ARG H 165 -19.12 -47.59 14.99
CA ARG H 165 -19.31 -46.25 15.52
C ARG H 165 -20.70 -45.67 15.30
N ARG H 166 -21.16 -44.98 16.34
CA ARG H 166 -22.44 -44.29 16.46
C ARG H 166 -22.55 -43.05 15.59
N PRO H 167 -23.77 -42.57 15.35
CA PRO H 167 -23.97 -41.35 14.57
C PRO H 167 -23.55 -40.11 15.38
N VAL H 168 -23.51 -38.98 14.67
CA VAL H 168 -23.15 -37.68 15.25
C VAL H 168 -24.28 -37.11 16.08
N THR H 169 -23.91 -36.41 17.16
CA THR H 169 -24.87 -35.81 18.08
C THR H 169 -25.36 -34.45 17.60
N ILE H 170 -26.66 -34.21 17.78
CA ILE H 170 -27.32 -32.97 17.35
C ILE H 170 -28.01 -32.33 18.54
N PRO H 171 -28.17 -30.99 18.57
CA PRO H 171 -28.83 -30.32 19.69
C PRO H 171 -30.31 -30.71 19.79
N PRO H 266 -0.80 -47.45 -2.03
CA PRO H 266 -2.09 -46.81 -2.26
C PRO H 266 -2.25 -45.52 -1.45
N ASP H 267 -1.45 -45.38 -0.39
CA ASP H 267 -1.52 -44.23 0.49
C ASP H 267 -0.19 -44.11 1.22
N ALA H 268 0.41 -42.92 1.15
CA ALA H 268 1.70 -42.67 1.78
C ALA H 268 1.60 -42.16 3.21
N PHE H 269 0.40 -41.90 3.72
CA PHE H 269 0.26 -41.41 5.09
C PHE H 269 0.52 -42.49 6.13
N SER H 270 1.11 -42.07 7.25
CA SER H 270 1.42 -42.93 8.39
C SER H 270 1.85 -42.06 9.56
N GLY H 271 1.49 -42.44 10.77
CA GLY H 271 1.90 -41.70 11.94
C GLY H 271 3.40 -41.77 12.20
N ILE H 272 3.83 -40.97 13.18
CA ILE H 272 5.23 -40.93 13.57
C ILE H 272 5.64 -42.22 14.28
N ALA H 273 4.73 -42.78 15.08
CA ALA H 273 5.00 -44.00 15.86
C ALA H 273 3.82 -44.95 15.79
N PRO H 274 3.69 -45.72 14.70
CA PRO H 274 2.56 -46.63 14.56
C PRO H 274 2.38 -47.64 15.69
N GLY H 275 3.36 -47.82 16.56
CA GLY H 275 3.25 -48.76 17.67
C GLY H 275 2.65 -48.29 18.98
N VAL H 276 2.48 -46.98 19.17
CA VAL H 276 1.95 -46.50 20.45
C VAL H 276 0.49 -46.88 20.67
N GLU H 277 0.02 -46.67 21.90
CA GLU H 277 -1.36 -46.89 22.30
C GLU H 277 -1.89 -45.56 22.81
N ILE H 278 -2.99 -45.08 22.22
CA ILE H 278 -3.54 -43.77 22.54
C ILE H 278 -4.64 -43.82 23.59
N ILE H 279 -4.58 -42.87 24.53
CA ILE H 279 -5.59 -42.68 25.56
C ILE H 279 -6.31 -41.37 25.23
N SER H 280 -7.64 -41.42 25.12
CA SER H 280 -8.43 -40.25 24.78
C SER H 280 -9.13 -39.63 25.99
N ILE H 281 -8.92 -38.34 26.19
CA ILE H 281 -9.56 -37.57 27.27
C ILE H 281 -10.11 -36.30 26.65
N ARG H 282 -11.41 -36.05 26.81
CA ARG H 282 -12.07 -34.86 26.25
C ARG H 282 -12.07 -33.73 27.28
N GLN H 283 -11.16 -32.77 27.12
CA GLN H 283 -11.02 -31.62 28.00
C GLN H 283 -11.87 -30.42 27.60
N SER H 284 -12.02 -30.12 26.32
CA SER H 284 -12.55 -28.83 25.92
C SER H 284 -13.28 -28.94 24.60
N SER H 285 -14.24 -28.05 24.38
CA SER H 285 -14.95 -28.02 23.11
C SER H 285 -15.62 -26.66 22.93
N GLN H 286 -15.76 -26.26 21.67
CA GLN H 286 -16.44 -25.03 21.28
C GLN H 286 -17.94 -25.19 21.14
N ALA H 287 -18.41 -26.41 20.89
CA ALA H 287 -19.82 -26.68 20.64
C ALA H 287 -20.70 -26.75 21.88
N PHE H 288 -20.17 -26.70 23.10
CA PHE H 288 -21.01 -26.83 24.28
C PHE H 288 -20.97 -25.58 25.13
N GLY H 289 -22.09 -25.31 25.81
CA GLY H 289 -22.19 -24.15 26.67
C GLY H 289 -23.00 -24.42 27.91
N LEU H 290 -22.79 -23.56 28.90
CA LEU H 290 -23.48 -23.65 30.18
C LEU H 290 -24.98 -23.38 29.99
N LYS H 291 -25.83 -24.25 30.55
CA LYS H 291 -27.27 -24.06 30.34
C LYS H 291 -27.94 -23.25 31.45
N ASP H 292 -27.17 -22.55 32.27
CA ASP H 292 -27.68 -21.48 33.14
C ASP H 292 -26.65 -20.36 33.04
N PRO H 293 -26.79 -19.49 32.05
CA PRO H 293 -25.79 -18.45 31.80
C PRO H 293 -25.46 -17.52 32.97
N TYR H 294 -26.24 -17.49 34.03
CA TYR H 294 -25.91 -16.60 35.15
C TYR H 294 -24.59 -17.03 35.78
N THR H 295 -23.70 -16.05 36.00
CA THR H 295 -22.36 -16.30 36.53
C THR H 295 -22.06 -15.50 37.80
N GLY H 296 -23.08 -15.05 38.51
CA GLY H 296 -22.86 -14.33 39.76
C GLY H 296 -22.22 -12.97 39.63
N ASP H 297 -21.31 -12.67 40.56
CA ASP H 297 -20.60 -11.40 40.63
C ASP H 297 -19.33 -11.31 39.80
N GLU H 298 -19.09 -12.21 38.85
CA GLU H 298 -17.90 -12.12 38.00
C GLU H 298 -18.30 -12.19 36.54
N ASP H 299 -17.60 -11.46 35.71
CA ASP H 299 -17.90 -11.44 34.28
C ASP H 299 -17.86 -12.84 33.68
N PRO H 300 -18.87 -13.22 32.89
CA PRO H 300 -18.87 -14.55 32.26
C PRO H 300 -17.60 -14.85 31.49
N GLN H 301 -16.96 -13.81 30.96
CA GLN H 301 -15.70 -13.98 30.24
C GLN H 301 -14.62 -14.57 31.14
N THR H 302 -14.47 -14.06 32.36
CA THR H 302 -13.47 -14.60 33.27
C THR H 302 -13.99 -15.83 34.01
N ALA H 303 -15.29 -15.92 34.24
CA ALA H 303 -15.86 -17.07 34.92
C ALA H 303 -15.55 -18.38 34.19
N GLN H 304 -15.54 -18.35 32.85
CA GLN H 304 -15.21 -19.54 32.07
C GLN H 304 -13.74 -19.94 32.18
N LYS H 305 -12.84 -18.98 32.28
CA LYS H 305 -11.41 -19.30 32.40
C LYS H 305 -11.12 -20.07 33.68
N ILE H 306 -11.64 -19.60 34.81
CA ILE H 306 -11.43 -20.29 36.08
C ILE H 306 -11.99 -21.71 36.01
N ASP H 307 -13.09 -21.93 35.30
CA ASP H 307 -13.62 -23.27 35.15
C ASP H 307 -12.67 -24.19 34.37
N ASN H 308 -12.03 -23.68 33.32
CA ASN H 308 -11.06 -24.47 32.55
C ASN H 308 -9.78 -24.77 33.34
N VAL H 309 -9.26 -23.80 34.08
CA VAL H 309 -8.06 -24.04 34.88
C VAL H 309 -8.32 -25.15 35.88
N GLU H 310 -9.45 -25.12 36.56
CA GLU H 310 -9.79 -26.20 37.48
C GLU H 310 -9.97 -27.52 36.72
N THR H 311 -10.66 -27.50 35.59
CA THR H 311 -10.86 -28.74 34.82
C THR H 311 -9.59 -29.26 34.17
N MET H 312 -8.60 -28.40 33.95
CA MET H 312 -7.33 -28.84 33.36
C MET H 312 -6.49 -29.64 34.37
N ALA H 313 -6.43 -29.16 35.61
CA ALA H 313 -5.65 -29.86 36.63
C ALA H 313 -6.19 -31.26 36.88
N ARG H 314 -7.50 -31.43 36.91
CA ARG H 314 -8.10 -32.74 37.11
C ARG H 314 -7.71 -33.71 35.99
N ALA H 315 -7.78 -33.28 34.74
CA ALA H 315 -7.44 -34.16 33.62
C ALA H 315 -5.99 -34.64 33.65
N ILE H 316 -5.05 -33.79 34.03
CA ILE H 316 -3.65 -34.20 34.11
C ILE H 316 -3.44 -35.24 35.21
N VAL H 317 -4.04 -35.04 36.38
CA VAL H 317 -3.91 -36.02 37.47
C VAL H 317 -4.51 -37.36 37.06
N HIS H 318 -5.70 -37.34 36.48
CA HIS H 318 -6.34 -38.57 36.05
C HIS H 318 -5.54 -39.29 34.96
N ALA H 319 -5.01 -38.56 33.99
CA ALA H 319 -4.18 -39.18 32.96
C ALA H 319 -2.92 -39.83 33.52
N ALA H 320 -2.31 -39.24 34.55
CA ALA H 320 -1.11 -39.87 35.13
C ALA H 320 -1.44 -41.18 35.81
N ASN H 321 -2.54 -41.24 36.57
CA ASN H 321 -2.92 -42.48 37.23
C ASN H 321 -3.28 -43.59 36.25
N MET H 322 -3.56 -43.26 34.99
CA MET H 322 -3.83 -44.28 33.98
C MET H 322 -2.55 -44.95 33.49
N GLY H 323 -1.40 -44.45 33.92
CA GLY H 323 -0.11 -45.00 33.55
C GLY H 323 0.47 -44.50 32.25
N ALA H 324 -0.06 -43.42 31.71
CA ALA H 324 0.50 -42.87 30.48
C ALA H 324 1.92 -42.38 30.76
N SER H 325 2.78 -42.47 29.76
CA SER H 325 4.16 -42.03 29.90
C SER H 325 4.47 -40.76 29.13
N VAL H 326 3.58 -40.34 28.25
CA VAL H 326 3.75 -39.10 27.48
C VAL H 326 2.39 -38.43 27.45
N ILE H 327 2.30 -37.22 28.00
CA ILE H 327 1.05 -36.45 28.02
C ILE H 327 1.20 -35.30 27.06
N ASN H 328 0.32 -35.23 26.07
CA ASN H 328 0.32 -34.19 25.06
C ASN H 328 -0.83 -33.22 25.30
N ILE H 329 -0.53 -31.93 25.32
CA ILE H 329 -1.53 -30.87 25.53
C ILE H 329 -1.51 -29.96 24.31
N SER H 330 -2.56 -30.00 23.51
CA SER H 330 -2.65 -29.20 22.29
C SER H 330 -3.59 -28.00 22.37
N ASP H 331 -4.33 -27.84 23.46
CA ASP H 331 -5.25 -26.71 23.65
C ASP H 331 -4.93 -25.98 24.94
N VAL H 332 -4.69 -24.67 24.85
CA VAL H 332 -4.16 -23.89 25.95
C VAL H 332 -4.88 -22.56 26.05
N MET H 333 -4.74 -21.93 27.22
CA MET H 333 -5.34 -20.64 27.52
C MET H 333 -4.34 -19.50 27.49
N CYS H 334 -4.74 -18.38 26.89
CA CYS H 334 -3.93 -17.16 26.89
C CYS H 334 -4.58 -16.20 27.87
N MET H 335 -3.77 -15.56 28.70
CA MET H 335 -4.27 -14.64 29.71
C MET H 335 -3.44 -13.37 29.76
N SER H 336 -4.08 -12.27 30.10
CA SER H 336 -3.37 -11.02 30.24
C SER H 336 -2.48 -11.06 31.47
N ALA H 337 -1.33 -10.38 31.40
CA ALA H 337 -0.45 -10.31 32.56
C ALA H 337 -1.08 -9.53 33.70
N ARG H 338 -2.06 -8.70 33.40
CA ARG H 338 -2.80 -7.92 34.38
C ARG H 338 -3.83 -8.80 35.11
N ASN H 339 -3.59 -9.04 36.39
CA ASN H 339 -4.44 -9.89 37.23
C ASN H 339 -4.61 -11.30 36.64
N VAL H 340 -3.50 -12.05 36.68
CA VAL H 340 -3.51 -13.43 36.25
C VAL H 340 -4.35 -14.27 37.21
N ILE H 341 -5.04 -15.28 36.67
CA ILE H 341 -5.88 -16.15 37.47
C ILE H 341 -5.04 -17.06 38.37
N ASP H 342 -5.58 -17.35 39.56
CA ASP H 342 -4.94 -18.24 40.54
C ASP H 342 -4.78 -19.65 39.98
N GLN H 343 -3.53 -20.11 39.86
CA GLN H 343 -3.20 -21.43 39.30
C GLN H 343 -2.59 -22.42 40.29
N ARG H 344 -2.73 -22.20 41.60
CA ARG H 344 -2.17 -23.11 42.60
C ARG H 344 -2.56 -24.57 42.36
N ALA H 345 -3.83 -24.81 42.04
CA ALA H 345 -4.29 -26.18 41.78
C ALA H 345 -3.60 -26.81 40.58
N LEU H 346 -3.36 -26.03 39.54
CA LEU H 346 -2.68 -26.52 38.34
C LEU H 346 -1.20 -26.77 38.59
N GLY H 347 -0.57 -25.93 39.41
CA GLY H 347 0.85 -26.09 39.72
C GLY H 347 1.17 -27.42 40.38
N ALA H 348 0.41 -27.78 41.41
CA ALA H 348 0.60 -29.06 42.08
C ALA H 348 0.30 -30.23 41.14
N ALA H 349 -0.74 -30.12 40.32
CA ALA H 349 -1.07 -31.20 39.38
C ALA H 349 0.07 -31.47 38.40
N VAL H 350 0.72 -30.43 37.90
CA VAL H 350 1.85 -30.61 36.98
C VAL H 350 3.04 -31.25 37.70
N HIS H 351 3.36 -30.76 38.89
CA HIS H 351 4.47 -31.32 39.67
C HIS H 351 4.25 -32.80 39.97
N TYR H 352 3.06 -33.16 40.41
CA TYR H 352 2.75 -34.55 40.73
C TYR H 352 2.98 -35.48 39.53
N ALA H 353 2.48 -35.12 38.36
CA ALA H 353 2.65 -35.94 37.16
C ALA H 353 4.08 -35.95 36.63
N ALA H 354 4.77 -34.83 36.71
CA ALA H 354 6.14 -34.73 36.19
C ALA H 354 7.21 -35.38 37.04
N VAL H 355 7.08 -35.38 38.36
CA VAL H 355 8.09 -35.93 39.26
C VAL H 355 7.73 -37.29 39.86
N ASP H 356 6.60 -37.39 40.55
CA ASP H 356 6.25 -38.64 41.22
C ASP H 356 5.76 -39.74 40.29
N LYS H 357 5.29 -39.42 39.08
CA LYS H 357 4.84 -40.45 38.15
C LYS H 357 5.70 -40.50 36.89
N ASP H 358 6.74 -39.66 36.82
CA ASP H 358 7.70 -39.61 35.71
C ASP H 358 7.10 -39.47 34.31
N ALA H 359 6.00 -38.75 34.14
CA ALA H 359 5.43 -38.58 32.80
C ALA H 359 6.07 -37.35 32.16
N VAL H 360 6.30 -37.40 30.85
CA VAL H 360 6.84 -36.27 30.10
C VAL H 360 5.69 -35.43 29.55
N ILE H 361 5.62 -34.16 29.94
CA ILE H 361 4.56 -33.26 29.54
C ILE H 361 5.05 -32.33 28.44
N VAL H 362 4.36 -32.34 27.30
CA VAL H 362 4.68 -31.49 26.16
C VAL H 362 3.44 -30.69 25.79
N ALA H 363 3.60 -29.39 25.53
CA ALA H 363 2.46 -28.53 25.23
C ALA H 363 2.80 -27.56 24.11
N ALA H 364 1.77 -27.17 23.36
CA ALA H 364 1.90 -26.24 22.24
C ALA H 364 2.07 -24.79 22.71
N ALA H 365 2.87 -24.03 21.96
CA ALA H 365 3.13 -22.63 22.28
C ALA H 365 1.93 -21.71 22.12
N GLY H 366 0.82 -22.19 21.55
CA GLY H 366 -0.36 -21.37 21.39
C GLY H 366 -0.47 -20.64 20.06
N ASP H 367 -1.52 -20.96 19.31
CA ASP H 367 -1.75 -20.33 18.01
C ASP H 367 -2.20 -18.88 18.16
N GLY H 368 -1.49 -17.97 17.51
CA GLY H 368 -1.76 -16.54 17.58
C GLY H 368 -3.09 -16.11 17.00
N SER H 369 -3.86 -17.03 16.43
CA SER H 369 -5.18 -16.75 15.90
C SER H 369 -6.28 -16.91 16.94
N LYS H 370 -5.97 -17.42 18.12
CA LYS H 370 -6.98 -17.55 19.16
C LYS H 370 -7.43 -16.16 19.61
N LYS H 371 -8.55 -16.13 20.34
CA LYS H 371 -9.16 -14.87 20.77
C LYS H 371 -8.26 -13.99 21.64
N ASP H 372 -7.67 -14.54 22.71
CA ASP H 372 -6.87 -13.69 23.59
C ASP H 372 -5.39 -13.55 23.25
N CYS H 373 -4.82 -14.44 22.45
CA CYS H 373 -3.36 -14.52 22.34
C CYS H 373 -2.81 -13.35 21.51
N LYS H 374 -1.86 -12.61 22.08
CA LYS H 374 -1.18 -11.49 21.43
C LYS H 374 0.33 -11.66 21.55
N GLN H 375 1.07 -11.17 20.56
CA GLN H 375 2.52 -11.37 20.50
C GLN H 375 3.24 -10.70 21.66
N ASN H 376 4.38 -11.41 22.20
CA ASN H 376 5.26 -11.00 23.29
C ASN H 376 6.59 -10.43 22.78
N PRO H 377 7.23 -9.54 23.53
CA PRO H 377 8.52 -8.99 23.11
C PRO H 377 9.67 -9.98 23.28
N ILE H 378 10.74 -9.75 22.51
CA ILE H 378 11.95 -10.59 22.51
C ILE H 378 13.08 -9.98 23.35
N PHE H 379 14.26 -10.62 23.31
CA PHE H 379 15.44 -10.19 24.03
C PHE H 379 15.79 -8.74 23.73
N ASP H 380 16.32 -8.04 24.73
CA ASP H 380 16.69 -6.62 24.64
C ASP H 380 18.16 -6.39 24.95
N PRO H 381 18.99 -6.05 23.96
CA PRO H 381 20.43 -5.87 24.18
C PRO H 381 20.82 -4.80 25.21
N LEU H 382 19.96 -3.83 25.50
CA LEU H 382 20.29 -2.81 26.50
C LEU H 382 20.18 -3.29 27.94
N GLN H 383 19.70 -4.49 28.20
CA GLN H 383 19.53 -4.96 29.58
C GLN H 383 19.95 -6.42 29.66
N PRO H 384 21.26 -6.70 29.63
CA PRO H 384 21.74 -8.08 29.71
C PRO H 384 21.49 -8.75 31.05
N ASP H 385 20.78 -8.04 31.93
CA ASP H 385 20.46 -8.57 33.25
C ASP H 385 19.77 -9.92 33.14
N ASP H 386 18.69 -10.00 32.35
CA ASP H 386 17.97 -11.24 32.14
C ASP H 386 17.93 -11.58 30.65
N PRO H 387 18.52 -12.70 30.23
CA PRO H 387 18.59 -13.04 28.81
C PRO H 387 17.29 -13.52 28.18
N ARG H 388 16.30 -13.98 28.94
CA ARG H 388 15.04 -14.41 28.34
C ARG H 388 13.96 -13.34 28.39
N ALA H 389 14.23 -12.20 29.02
CA ALA H 389 13.28 -11.10 29.14
C ALA H 389 11.97 -11.46 29.85
N TRP H 390 12.08 -11.86 31.11
CA TRP H 390 10.88 -12.15 31.90
C TRP H 390 10.14 -10.89 32.31
N ASN H 391 10.86 -9.78 32.48
CA ASN H 391 10.28 -8.52 32.91
C ASN H 391 9.40 -7.83 31.87
N ALA H 392 9.42 -8.24 30.61
CA ALA H 392 8.61 -7.59 29.58
C ALA H 392 7.41 -8.41 29.14
N VAL H 393 7.13 -9.55 29.76
CA VAL H 393 6.00 -10.38 29.36
C VAL H 393 4.71 -9.60 29.47
N THR H 394 3.79 -9.86 28.52
CA THR H 394 2.48 -9.22 28.48
C THR H 394 1.36 -10.25 28.40
N THR H 395 1.62 -11.39 27.77
CA THR H 395 0.62 -12.45 27.62
C THR H 395 1.18 -13.76 28.17
N VAL H 396 0.45 -14.37 29.10
CA VAL H 396 0.83 -15.62 29.75
C VAL H 396 0.05 -16.78 29.15
N VAL H 397 0.74 -17.87 28.83
CA VAL H 397 0.16 -19.08 28.26
C VAL H 397 0.31 -20.19 29.29
N THR H 398 -0.80 -20.82 29.66
CA THR H 398 -0.77 -21.86 30.68
C THR H 398 -1.44 -23.13 30.19
N PRO H 399 -0.94 -24.32 30.57
CA PRO H 399 0.16 -24.72 31.44
C PRO H 399 1.57 -24.57 30.89
N SER H 400 1.71 -24.07 29.66
CA SER H 400 3.04 -23.88 29.07
C SER H 400 3.96 -23.06 29.97
N TRP H 401 3.37 -22.25 30.82
CA TRP H 401 4.11 -21.39 31.74
C TRP H 401 5.13 -22.09 32.63
N PHE H 402 4.88 -23.33 33.04
CA PHE H 402 5.79 -24.03 33.94
C PHE H 402 7.01 -24.62 33.22
N HIS H 403 7.90 -23.72 32.79
CA HIS H 403 9.08 -24.13 32.03
C HIS H 403 10.01 -25.08 32.79
N ASP H 404 9.80 -25.28 34.09
CA ASP H 404 10.61 -26.23 34.84
C ASP H 404 10.16 -27.67 34.68
N TYR H 405 8.93 -27.90 34.26
CA TYR H 405 8.38 -29.23 34.13
C TYR H 405 7.68 -29.50 32.81
N VAL H 406 7.41 -28.48 32.00
CA VAL H 406 6.72 -28.63 30.74
C VAL H 406 7.60 -28.19 29.58
N LEU H 407 7.60 -29.00 28.54
CA LEU H 407 8.33 -28.76 27.30
C LEU H 407 7.41 -28.06 26.31
N THR H 408 7.72 -26.81 25.94
CA THR H 408 6.89 -26.00 25.05
C THR H 408 7.47 -26.01 23.64
N VAL H 409 6.62 -26.31 22.67
CA VAL H 409 6.97 -26.46 21.26
C VAL H 409 6.46 -25.30 20.41
N GLY H 410 7.38 -24.62 19.71
CA GLY H 410 7.04 -23.57 18.77
C GLY H 410 6.96 -24.16 17.36
N ALA H 411 6.48 -23.36 16.40
CA ALA H 411 6.31 -23.87 15.04
C ALA H 411 7.20 -23.20 13.99
N VAL H 412 7.60 -24.01 13.00
CA VAL H 412 8.41 -23.62 11.84
C VAL H 412 7.69 -24.14 10.60
N ASP H 413 7.97 -23.50 9.47
CA ASP H 413 7.40 -23.93 8.20
C ASP H 413 8.12 -25.17 7.68
N ALA H 414 7.69 -25.67 6.53
CA ALA H 414 8.32 -26.85 5.94
C ALA H 414 9.74 -26.62 5.44
N ASN H 415 10.20 -25.37 5.34
CA ASN H 415 11.54 -25.10 4.87
C ASN H 415 12.52 -24.88 6.00
N GLY H 416 12.04 -24.46 7.16
CA GLY H 416 12.86 -24.22 8.34
C GLY H 416 12.75 -22.82 8.90
N GLN H 417 11.98 -21.97 8.33
CA GLN H 417 11.85 -20.62 8.85
C GLN H 417 10.77 -20.58 9.94
N PRO H 418 10.92 -19.75 10.97
CA PRO H 418 9.90 -19.67 12.01
C PRO H 418 8.63 -19.00 11.51
N LEU H 419 7.48 -19.47 11.99
CA LEU H 419 6.18 -18.88 11.64
C LEU H 419 5.97 -17.61 12.48
N SER H 420 6.80 -16.62 12.18
CA SER H 420 6.87 -15.38 12.92
C SER H 420 5.51 -14.74 13.19
N LYS H 421 4.57 -14.89 12.27
CA LYS H 421 3.23 -14.31 12.41
C LYS H 421 2.21 -15.17 13.15
N MET H 422 2.48 -16.45 13.43
CA MET H 422 1.46 -17.30 14.04
C MET H 422 1.79 -17.90 15.41
N SER H 423 3.03 -17.86 15.88
CA SER H 423 3.39 -18.43 17.17
C SER H 423 3.79 -17.34 18.17
N ILE H 424 3.31 -17.50 19.40
CA ILE H 424 3.60 -16.58 20.50
C ILE H 424 5.01 -16.84 21.02
N ALA H 425 5.87 -15.83 20.90
CA ALA H 425 7.29 -15.91 21.23
C ALA H 425 7.58 -15.65 22.72
N GLY H 426 6.97 -16.43 23.60
CA GLY H 426 7.23 -16.24 25.01
C GLY H 426 8.62 -16.67 25.45
N PRO H 427 8.96 -16.39 26.71
CA PRO H 427 10.25 -16.80 27.27
C PRO H 427 10.35 -18.25 27.68
N TRP H 428 9.23 -18.95 27.80
CA TRP H 428 9.18 -20.37 28.19
C TRP H 428 9.37 -21.32 27.01
N VAL H 429 9.29 -20.85 25.77
CA VAL H 429 9.47 -21.71 24.61
C VAL H 429 10.82 -22.40 24.67
N SER H 430 10.84 -23.70 24.32
CA SER H 430 12.08 -24.47 24.39
C SER H 430 12.48 -25.24 23.13
N ILE H 431 11.54 -25.68 22.30
CA ILE H 431 11.90 -26.42 21.09
C ILE H 431 10.85 -26.10 20.02
N SER H 432 11.11 -26.52 18.78
CA SER H 432 10.17 -26.26 17.69
C SER H 432 10.18 -27.38 16.65
N ALA H 433 9.08 -27.51 15.93
CA ALA H 433 8.94 -28.56 14.92
C ALA H 433 7.98 -28.08 13.84
N PRO H 434 7.90 -28.80 12.72
CA PRO H 434 6.99 -28.40 11.63
C PRO H 434 5.54 -28.26 12.06
N GLY H 435 4.78 -27.47 11.29
CA GLY H 435 3.37 -27.22 11.57
C GLY H 435 2.51 -26.82 10.38
N THR H 436 2.85 -27.28 9.19
CA THR H 436 2.11 -26.97 7.96
C THR H 436 1.94 -28.24 7.13
N ASP H 437 1.08 -28.15 6.13
CA ASP H 437 0.77 -29.28 5.26
C ASP H 437 0.22 -30.46 6.07
N VAL H 438 -0.71 -30.15 6.96
CA VAL H 438 -1.36 -31.17 7.79
C VAL H 438 -2.14 -32.15 6.93
N VAL H 439 -2.07 -33.42 7.30
CA VAL H 439 -2.89 -34.48 6.72
C VAL H 439 -3.31 -35.37 7.87
N GLY H 440 -4.48 -35.97 7.77
CA GLY H 440 -4.93 -36.86 8.84
C GLY H 440 -6.18 -37.62 8.50
N LEU H 441 -6.44 -38.64 9.32
CA LEU H 441 -7.63 -39.47 9.19
C LEU H 441 -8.86 -38.62 9.43
N SER H 442 -9.91 -38.89 8.68
CA SER H 442 -11.10 -38.06 8.78
C SER H 442 -12.15 -38.61 9.74
N PRO H 443 -12.64 -37.81 10.68
CA PRO H 443 -13.78 -38.21 11.49
C PRO H 443 -15.03 -38.22 10.62
N ARG H 444 -16.08 -38.89 11.08
CA ARG H 444 -17.34 -38.92 10.33
C ARG H 444 -17.20 -39.46 8.91
N ASP H 445 -16.09 -40.09 8.59
CA ASP H 445 -15.82 -40.61 7.25
C ASP H 445 -14.86 -41.79 7.40
N ASP H 446 -14.34 -42.29 6.29
CA ASP H 446 -13.41 -43.41 6.32
C ASP H 446 -12.29 -43.20 5.28
N GLY H 447 -11.65 -42.04 5.35
CA GLY H 447 -10.59 -41.69 4.42
C GLY H 447 -9.82 -40.49 4.95
N LEU H 448 -8.97 -39.92 4.10
CA LEU H 448 -8.16 -38.79 4.52
C LEU H 448 -8.85 -37.44 4.24
N ILE H 449 -8.33 -36.40 4.90
CA ILE H 449 -8.82 -35.03 4.73
C ILE H 449 -7.66 -34.04 4.78
N ASN H 450 -7.94 -32.83 4.29
CA ASN H 450 -6.94 -31.75 4.29
C ASN H 450 -7.45 -30.44 4.86
N ALA H 451 -8.76 -30.21 4.93
CA ALA H 451 -9.26 -28.92 5.39
C ALA H 451 -10.59 -29.10 6.09
N ILE H 452 -10.93 -28.11 6.91
CA ILE H 452 -12.17 -28.08 7.68
C ILE H 452 -13.08 -27.00 7.10
N ASP H 453 -14.37 -27.31 7.03
CA ASP H 453 -15.35 -26.39 6.46
C ASP H 453 -15.53 -25.15 7.32
N GLY H 454 -15.24 -23.98 6.75
CA GLY H 454 -15.39 -22.73 7.47
C GLY H 454 -16.83 -22.31 7.53
N PRO H 455 -17.08 -21.19 8.23
CA PRO H 455 -18.47 -20.72 8.31
C PRO H 455 -19.01 -20.27 6.98
N ASP H 456 -18.19 -19.60 6.18
CA ASP H 456 -18.54 -19.16 4.84
C ASP H 456 -18.44 -20.36 3.88
N ASN H 457 -18.67 -20.09 2.59
CA ASN H 457 -18.49 -21.10 1.55
C ASN H 457 -17.07 -21.65 1.60
N SER H 458 -16.11 -20.79 1.93
CA SER H 458 -14.70 -21.17 1.96
C SER H 458 -14.40 -22.37 2.84
N LEU H 459 -13.48 -23.20 2.33
CA LEU H 459 -12.94 -24.38 2.98
C LEU H 459 -11.56 -23.95 3.49
N LEU H 460 -11.33 -24.09 4.79
CA LEU H 460 -10.14 -23.57 5.46
C LEU H 460 -9.12 -24.65 5.83
N VAL H 461 -7.87 -24.39 5.47
CA VAL H 461 -6.72 -25.27 5.72
C VAL H 461 -6.18 -25.08 7.14
N PRO H 462 -6.04 -26.15 7.92
CA PRO H 462 -5.52 -26.05 9.29
C PRO H 462 -4.00 -26.02 9.34
N ALA H 463 -3.47 -25.24 10.29
CA ALA H 463 -2.03 -25.09 10.52
C ALA H 463 -1.82 -24.49 11.90
N GLY H 464 -0.60 -24.59 12.41
CA GLY H 464 -0.28 -24.00 13.70
C GLY H 464 0.38 -24.95 14.69
N THR H 465 0.78 -24.36 15.82
CA THR H 465 1.47 -25.00 16.93
C THR H 465 0.73 -26.19 17.52
N SER H 466 -0.59 -26.18 17.47
CA SER H 466 -1.37 -27.30 17.99
C SER H 466 -0.99 -28.61 17.32
N PHE H 467 -0.53 -28.56 16.09
CA PHE H 467 -0.05 -29.74 15.38
C PHE H 467 1.43 -30.03 15.62
N SER H 468 2.28 -29.00 15.76
CA SER H 468 3.70 -29.22 16.02
C SER H 468 3.92 -30.02 17.29
N ALA H 469 3.08 -29.84 18.29
CA ALA H 469 3.16 -30.61 19.53
C ALA H 469 2.96 -32.10 19.29
N ALA H 470 2.20 -32.47 18.26
CA ALA H 470 2.00 -33.87 17.92
C ALA H 470 3.30 -34.51 17.40
N ILE H 471 4.04 -33.79 16.57
CA ILE H 471 5.31 -34.28 16.05
C ILE H 471 6.28 -34.58 17.19
N VAL H 472 6.48 -33.62 18.10
CA VAL H 472 7.39 -33.84 19.23
C VAL H 472 6.90 -34.96 20.12
N SER H 473 5.59 -35.13 20.28
CA SER H 473 5.10 -36.26 21.08
C SER H 473 5.51 -37.58 20.43
N GLY H 474 5.45 -37.67 19.11
CA GLY H 474 5.87 -38.89 18.45
C GLY H 474 7.35 -39.19 18.69
N VAL H 475 8.20 -38.18 18.48
CA VAL H 475 9.64 -38.35 18.71
C VAL H 475 9.91 -38.72 20.17
N ALA H 476 9.22 -38.09 21.10
CA ALA H 476 9.39 -38.40 22.51
C ALA H 476 8.98 -39.85 22.81
N ALA H 477 7.94 -40.34 22.16
CA ALA H 477 7.51 -41.72 22.35
C ALA H 477 8.52 -42.73 21.79
N LEU H 478 9.18 -42.39 20.69
CA LEU H 478 10.24 -43.26 20.17
C LEU H 478 11.48 -43.26 21.06
N VAL H 479 11.95 -42.09 21.49
CA VAL H 479 13.14 -42.06 22.33
C VAL H 479 12.94 -42.86 23.61
N ARG H 480 11.86 -42.62 24.33
CA ARG H 480 11.88 -43.37 25.59
C ARG H 480 11.37 -44.79 25.45
N ALA H 481 11.43 -45.32 24.23
CA ALA H 481 11.33 -46.75 23.98
C ALA H 481 12.70 -47.39 23.85
N LYS H 482 13.67 -46.63 23.38
CA LYS H 482 15.05 -47.06 23.22
C LYS H 482 15.89 -46.86 24.48
N PHE H 483 15.58 -45.87 25.30
CA PHE H 483 16.29 -45.60 26.55
C PHE H 483 15.34 -45.70 27.74
N PRO H 484 14.76 -46.87 27.96
CA PRO H 484 13.77 -47.03 29.04
C PRO H 484 14.31 -46.75 30.43
N GLU H 485 15.62 -46.68 30.62
CA GLU H 485 16.18 -46.42 31.94
C GLU H 485 16.20 -44.95 32.34
N LEU H 486 16.12 -44.04 31.38
CA LEU H 486 16.17 -42.62 31.68
C LEU H 486 14.85 -42.11 32.27
N SER H 487 14.97 -41.15 33.17
CA SER H 487 13.81 -40.46 33.74
C SER H 487 13.39 -39.28 32.88
N ALA H 488 12.20 -38.78 33.16
CA ALA H 488 11.62 -37.67 32.39
C ALA H 488 12.57 -36.49 32.25
N TYR H 489 13.20 -36.06 33.32
CA TYR H 489 14.11 -34.93 33.24
C TYR H 489 15.27 -35.20 32.29
N GLN H 490 15.77 -36.42 32.26
CA GLN H 490 16.88 -36.78 31.36
C GLN H 490 16.44 -36.85 29.90
N ILE H 491 15.24 -37.35 29.62
CA ILE H 491 14.75 -37.42 28.24
C ILE H 491 14.65 -36.02 27.62
N ILE H 492 14.19 -35.04 28.38
CA ILE H 492 14.10 -33.67 27.88
C ILE H 492 15.48 -33.13 27.51
N ASN H 493 16.50 -33.41 28.32
CA ASN H 493 17.85 -32.96 27.97
C ASN H 493 18.35 -33.61 26.69
N ARG H 494 18.03 -34.88 26.47
CA ARG H 494 18.45 -35.54 25.25
C ARG H 494 17.85 -34.88 24.01
N LEU H 495 16.58 -34.52 24.05
CA LEU H 495 15.92 -33.83 22.94
C LEU H 495 16.43 -32.41 22.74
N ILE H 496 16.70 -31.69 23.82
CA ILE H 496 17.16 -30.31 23.71
C ILE H 496 18.58 -30.21 23.16
N HIS H 497 19.53 -30.94 23.74
CA HIS H 497 20.91 -30.84 23.27
C HIS H 497 21.14 -31.32 21.84
N THR H 498 20.24 -32.11 21.26
CA THR H 498 20.45 -32.58 19.89
C THR H 498 19.82 -31.70 18.82
N ALA H 499 19.11 -30.63 19.16
CA ALA H 499 18.52 -29.75 18.15
C ALA H 499 19.57 -28.79 17.59
N ARG H 500 19.30 -28.26 16.36
CA ARG H 500 20.19 -27.28 15.74
C ARG H 500 19.72 -25.84 15.95
N PRO H 501 20.61 -24.97 16.43
CA PRO H 501 20.21 -23.76 17.14
C PRO H 501 19.92 -22.58 16.23
N PRO H 502 19.22 -21.57 16.75
CA PRO H 502 19.00 -20.33 16.02
C PRO H 502 20.24 -19.45 16.15
N ALA H 503 20.30 -18.42 15.31
CA ALA H 503 21.48 -17.56 15.28
C ALA H 503 21.92 -17.05 16.65
N ARG H 504 20.98 -16.65 17.51
CA ARG H 504 21.37 -16.13 18.82
C ARG H 504 21.73 -17.22 19.82
N GLY H 505 21.73 -18.49 19.41
CA GLY H 505 22.04 -19.60 20.30
C GLY H 505 20.81 -20.02 21.08
N VAL H 506 20.09 -19.06 21.64
CA VAL H 506 18.84 -19.29 22.36
C VAL H 506 17.92 -18.13 22.03
N ASP H 507 16.66 -18.40 21.72
CA ASP H 507 15.75 -17.34 21.32
C ASP H 507 14.38 -17.64 21.88
N ASN H 508 13.39 -16.81 21.53
CA ASN H 508 12.02 -16.97 22.01
C ASN H 508 11.02 -17.40 20.93
N GLN H 509 11.29 -17.14 19.66
CA GLN H 509 10.38 -17.66 18.64
C GLN H 509 10.56 -19.16 18.50
N VAL H 510 11.76 -19.63 18.80
CA VAL H 510 12.13 -21.05 18.85
C VAL H 510 13.10 -21.14 20.02
N GLY H 511 13.02 -22.22 20.78
CA GLY H 511 13.89 -22.31 21.92
C GLY H 511 15.32 -22.65 21.57
N TYR H 512 15.75 -23.86 21.89
CA TYR H 512 17.10 -24.26 21.54
C TYR H 512 17.25 -24.61 20.07
N GLY H 513 16.17 -24.88 19.34
CA GLY H 513 16.34 -25.20 17.94
C GLY H 513 15.19 -26.03 17.39
N VAL H 514 15.49 -26.70 16.27
CA VAL H 514 14.57 -27.59 15.58
C VAL H 514 14.89 -29.04 15.95
N VAL H 515 13.84 -29.80 16.24
CA VAL H 515 13.98 -31.20 16.65
C VAL H 515 14.63 -32.04 15.56
N ASP H 516 15.35 -33.09 15.98
CA ASP H 516 16.02 -34.02 15.09
C ASP H 516 15.92 -35.44 15.66
N PRO H 517 15.11 -36.31 15.06
CA PRO H 517 14.93 -37.66 15.60
C PRO H 517 16.16 -38.56 15.63
N VAL H 518 16.87 -38.70 14.50
CA VAL H 518 17.99 -39.64 14.45
C VAL H 518 19.09 -39.24 15.41
N ALA H 519 19.35 -37.95 15.56
CA ALA H 519 20.36 -37.48 16.50
C ALA H 519 19.95 -37.83 17.92
N ALA H 520 18.70 -37.57 18.26
CA ALA H 520 18.19 -37.87 19.59
C ALA H 520 18.32 -39.36 19.92
N LEU H 521 18.09 -40.22 18.95
CA LEU H 521 18.18 -41.67 19.13
C LEU H 521 19.59 -42.24 19.13
N THR H 522 20.65 -41.49 18.81
CA THR H 522 21.96 -42.12 18.71
C THR H 522 23.14 -41.36 19.29
N TRP H 523 23.12 -40.04 19.44
CA TRP H 523 24.30 -39.37 19.96
C TRP H 523 24.52 -39.63 21.45
N ASP H 524 25.77 -39.44 21.87
CA ASP H 524 26.22 -39.59 23.26
C ASP H 524 26.09 -38.27 24.02
N VAL H 525 24.86 -37.90 24.32
CA VAL H 525 24.59 -36.64 25.04
C VAL H 525 25.02 -36.75 26.51
N PRO H 526 25.72 -35.76 27.06
CA PRO H 526 26.12 -35.81 28.48
C PRO H 526 24.91 -35.76 29.37
N LYS H 527 24.99 -36.48 30.51
CA LYS H 527 23.82 -36.60 31.39
C LYS H 527 23.52 -35.34 32.20
N GLY H 528 24.50 -34.47 32.46
CA GLY H 528 24.24 -33.26 33.21
C GLY H 528 23.81 -32.07 32.36
N PRO H 529 23.11 -31.11 32.96
CA PRO H 529 22.70 -29.91 32.22
C PRO H 529 23.90 -29.04 31.82
N ALA H 530 23.60 -28.02 31.01
CA ALA H 530 24.62 -27.09 30.53
C ALA H 530 25.33 -26.37 31.66
N GLU H 531 26.66 -26.22 31.53
CA GLU H 531 27.48 -25.51 32.52
C GLU H 531 28.48 -24.61 31.81
N PRO H 532 28.72 -23.40 32.31
CA PRO H 532 29.68 -22.51 31.66
C PRO H 532 31.12 -22.84 32.06
N PRO H 533 32.10 -22.52 31.20
CA PRO H 533 33.50 -22.77 31.55
C PRO H 533 33.98 -21.87 32.68
N LYS H 534 34.94 -22.37 33.44
CA LYS H 534 35.48 -21.60 34.57
C LYS H 534 36.18 -20.32 34.12
N GLN H 535 37.07 -20.41 33.12
CA GLN H 535 37.81 -19.26 32.62
C GLN H 535 38.12 -19.45 31.14
N LEU H 536 38.05 -18.35 30.38
CA LEU H 536 38.25 -18.37 28.95
C LEU H 536 39.67 -17.99 28.49
N SER H 537 40.53 -17.52 29.38
CA SER H 537 41.85 -17.04 29.00
C SER H 537 42.97 -18.03 29.30
N ALA H 538 44.04 -17.96 28.50
CA ALA H 538 45.23 -18.80 28.67
C ALA H 538 46.49 -18.01 28.36
N PRO H 539 47.61 -18.34 29.00
CA PRO H 539 48.87 -17.62 28.77
C PRO H 539 49.53 -17.90 27.43
N LEU H 540 50.14 -16.86 26.86
CA LEU H 540 50.84 -16.94 25.57
C LEU H 540 52.28 -17.41 25.76
N VAL H 541 52.76 -18.31 24.96
CA VAL H 541 54.05 -18.92 24.90
C VAL H 541 55.01 -18.18 23.98
N VAL H 542 55.75 -17.20 24.40
CA VAL H 542 56.72 -16.46 23.69
C VAL H 542 57.98 -17.26 23.41
N PRO H 543 58.64 -17.11 22.27
CA PRO H 543 59.90 -17.75 21.98
C PRO H 543 61.08 -17.17 22.72
N GLN H 544 62.12 -17.95 22.98
CA GLN H 544 63.32 -17.44 23.65
C GLN H 544 64.09 -16.50 22.72
N PRO H 545 64.44 -15.28 23.17
CA PRO H 545 65.16 -14.32 22.37
C PRO H 545 66.49 -14.79 21.89
N PRO H 546 66.92 -14.45 20.67
CA PRO H 546 68.22 -14.83 20.18
C PRO H 546 69.35 -14.13 20.88
N ALA H 547 70.46 -14.74 21.10
CA ALA H 547 71.64 -14.22 21.66
C ALA H 547 72.25 -13.13 20.81
N ILE I 40 -30.22 22.18 5.08
CA ILE I 40 -30.08 22.58 6.51
C ILE I 40 -29.99 24.09 6.65
N SER I 41 -30.77 24.62 7.58
CA SER I 41 -30.81 26.04 7.88
C SER I 41 -30.64 26.23 9.38
N PRO I 42 -30.06 27.34 9.80
CA PRO I 42 -29.84 27.57 11.22
C PRO I 42 -31.11 27.36 12.04
N PRO I 43 -30.98 26.70 13.20
CA PRO I 43 -32.14 26.45 14.06
C PRO I 43 -32.88 27.71 14.49
N THR I 44 -34.16 27.52 14.78
CA THR I 44 -35.07 28.56 15.26
C THR I 44 -35.65 28.03 16.57
N ILE I 45 -36.00 28.93 17.49
CA ILE I 45 -36.46 28.53 18.82
C ILE I 45 -37.82 29.13 19.18
N ASP I 46 -38.62 28.32 19.88
CA ASP I 46 -39.96 28.63 20.38
C ASP I 46 -40.01 28.48 21.90
N PRO I 47 -39.86 29.56 22.65
CA PRO I 47 -39.81 29.47 24.13
C PRO I 47 -41.05 28.92 24.82
N GLY I 48 -42.19 28.76 24.14
CA GLY I 48 -43.37 28.19 24.77
C GLY I 48 -43.30 26.70 25.08
N ALA I 49 -42.37 25.97 24.48
CA ALA I 49 -42.20 24.54 24.64
C ALA I 49 -41.36 24.10 25.85
N LEU I 50 -41.01 24.98 26.79
CA LEU I 50 -40.18 24.56 27.91
C LEU I 50 -40.76 23.33 28.62
N PRO I 51 -39.94 22.32 28.89
CA PRO I 51 -40.45 21.13 29.58
C PRO I 51 -40.75 21.42 31.05
N PRO I 52 -41.75 20.77 31.62
CA PRO I 52 -42.09 21.01 33.02
C PRO I 52 -40.99 20.48 33.95
N ASP I 53 -40.77 21.21 35.05
CA ASP I 53 -39.78 20.82 36.05
C ASP I 53 -40.33 19.69 36.91
N GLY I 54 -39.40 18.90 37.46
CA GLY I 54 -39.76 17.77 38.31
C GLY I 54 -38.54 16.94 38.66
N PRO I 55 -38.69 16.04 39.63
CA PRO I 55 -37.56 15.21 40.02
C PRO I 55 -37.10 14.31 38.89
N PRO I 56 -35.80 14.07 38.79
CA PRO I 56 -35.27 13.20 37.73
C PRO I 56 -35.79 11.77 37.79
N GLY I 57 -36.03 11.20 36.60
CA GLY I 57 -36.49 9.84 36.48
C GLY I 57 -36.59 9.44 35.02
N PRO I 58 -36.34 8.16 34.73
CA PRO I 58 -36.43 7.72 33.34
C PRO I 58 -37.86 7.77 32.83
N LEU I 59 -38.00 7.78 31.50
CA LEU I 59 -39.32 7.83 30.89
C LEU I 59 -40.02 6.47 30.90
N ALA I 60 -39.26 5.38 31.02
CA ALA I 60 -39.79 4.03 31.10
C ALA I 60 -38.83 3.17 31.90
N PRO I 61 -39.29 2.11 32.55
CA PRO I 61 -38.39 1.32 33.40
C PRO I 61 -37.24 0.70 32.60
N MET I 62 -36.05 0.74 33.19
CA MET I 62 -34.84 0.22 32.54
C MET I 62 -34.08 -0.69 33.50
N LYS I 63 -33.26 -1.58 32.94
CA LYS I 63 -32.45 -2.51 33.72
C LYS I 63 -31.01 -2.50 33.18
N GLN I 64 -30.07 -2.88 34.04
CA GLN I 64 -28.68 -2.99 33.64
C GLN I 64 -28.45 -4.24 32.81
N ASN I 65 -27.72 -4.10 31.69
CA ASN I 65 -27.45 -5.24 30.81
C ASN I 65 -26.00 -5.71 30.76
N ALA I 66 -25.02 -4.88 31.12
CA ALA I 66 -23.62 -5.30 31.05
C ALA I 66 -22.83 -4.86 32.27
N TYR I 67 -21.71 -5.56 32.49
CA TYR I 67 -20.84 -5.26 33.61
C TYR I 67 -19.98 -4.03 33.33
N CYS I 68 -19.68 -3.27 34.38
CA CYS I 68 -18.91 -2.04 34.24
C CYS I 68 -17.48 -2.32 33.77
N THR I 69 -16.97 -1.43 32.92
CA THR I 69 -15.64 -1.59 32.33
C THR I 69 -14.50 -1.38 33.33
N GLU I 70 -13.46 -2.19 33.21
CA GLU I 70 -12.26 -2.14 34.02
C GLU I 70 -11.31 -1.05 33.54
N VAL I 71 -10.40 -0.63 34.43
CA VAL I 71 -9.43 0.43 34.13
C VAL I 71 -8.05 0.02 34.62
N GLY I 72 -7.02 0.67 34.08
CA GLY I 72 -5.66 0.34 34.46
C GLY I 72 -4.67 1.39 34.02
N VAL I 73 -3.38 1.04 34.12
CA VAL I 73 -2.28 1.92 33.75
C VAL I 73 -1.42 1.29 32.66
N LEU I 74 -0.90 2.13 31.74
CA LEU I 74 -0.06 1.65 30.64
C LEU I 74 1.37 1.38 31.12
N PRO I 75 2.03 0.39 30.52
CA PRO I 75 3.40 0.06 30.90
C PRO I 75 4.38 1.21 30.79
N GLY I 76 5.10 1.48 31.88
CA GLY I 76 6.14 2.50 31.87
C GLY I 76 5.74 3.93 32.16
N THR I 77 4.50 4.20 32.58
CA THR I 77 4.13 5.58 32.87
C THR I 77 4.64 6.00 34.25
N ASP I 78 4.96 7.29 34.39
CA ASP I 78 5.49 7.86 35.62
C ASP I 78 4.73 9.14 35.94
N PHE I 79 3.85 9.09 36.94
CA PHE I 79 3.03 10.23 37.30
C PHE I 79 3.77 11.33 38.05
N GLN I 80 5.10 11.30 38.15
CA GLN I 80 5.81 12.42 38.75
C GLN I 80 6.09 13.54 37.75
N LEU I 81 5.91 13.29 36.46
CA LEU I 81 6.10 14.30 35.42
C LEU I 81 4.74 14.91 35.09
N GLN I 82 4.72 16.20 34.79
CA GLN I 82 3.47 16.85 34.45
C GLN I 82 2.92 16.33 33.12
N PRO I 83 1.59 16.25 32.98
CA PRO I 83 1.04 15.83 31.69
C PRO I 83 1.43 16.83 30.62
N LYS I 84 1.71 16.32 29.41
CA LYS I 84 2.18 17.21 28.35
C LYS I 84 1.16 18.29 27.98
N TYR I 85 -0.14 18.05 28.16
CA TYR I 85 -1.10 19.09 27.82
C TYR I 85 -1.00 20.32 28.72
N MET I 86 -0.41 20.21 29.90
CA MET I 86 -0.28 21.37 30.79
C MET I 86 0.79 22.36 30.33
N GLU I 87 1.65 21.98 29.40
CA GLU I 87 2.68 22.91 28.92
C GLU I 87 2.07 24.07 28.15
N MET I 88 0.98 23.83 27.43
CA MET I 88 0.33 24.88 26.66
C MET I 88 -0.42 25.85 27.56
N LEU I 89 -1.11 25.36 28.57
CA LEU I 89 -1.97 26.21 29.40
C LEU I 89 -1.19 27.17 30.30
N ASN I 90 0.07 26.90 30.63
CA ASN I 90 0.86 27.82 31.46
C ASN I 90 0.20 28.14 32.80
N LEU I 91 -0.40 27.12 33.42
CA LEU I 91 -1.15 27.25 34.67
C LEU I 91 -0.35 27.88 35.81
N ASN I 92 0.96 27.67 35.85
CA ASN I 92 1.83 28.24 36.88
C ASN I 92 1.82 29.76 36.90
N GLU I 93 1.41 30.39 35.82
CA GLU I 93 1.27 31.84 35.72
C GLU I 93 -0.18 32.31 35.84
N ALA I 94 -1.13 31.51 35.36
CA ALA I 94 -2.55 31.82 35.43
C ALA I 94 -3.14 31.71 36.83
N TRP I 95 -2.64 30.81 37.68
CA TRP I 95 -3.17 30.67 39.04
C TRP I 95 -2.84 31.84 39.96
N GLN I 96 -1.99 32.77 39.56
CA GLN I 96 -1.66 33.92 40.40
C GLN I 96 -2.87 34.76 40.76
N PHE I 97 -3.94 34.73 39.98
CA PHE I 97 -5.15 35.49 40.27
C PHE I 97 -6.18 34.69 41.07
N GLY I 98 -5.80 33.53 41.57
CA GLY I 98 -6.67 32.65 42.34
C GLY I 98 -7.07 31.41 41.56
N ARG I 99 -7.34 30.35 42.32
CA ARG I 99 -7.69 29.03 41.80
C ARG I 99 -9.18 28.86 41.48
N GLY I 100 -9.97 29.92 41.33
CA GLY I 100 -11.37 29.75 41.00
C GLY I 100 -12.32 29.42 42.13
N ASP I 101 -12.06 29.93 43.32
CA ASP I 101 -12.91 29.67 44.48
C ASP I 101 -14.34 30.18 44.29
N GLY I 102 -15.31 29.37 44.72
CA GLY I 102 -16.71 29.77 44.71
C GLY I 102 -17.51 29.65 43.42
N VAL I 103 -17.06 28.90 42.44
CA VAL I 103 -17.76 28.72 41.17
C VAL I 103 -18.34 27.30 41.13
N LYS I 104 -19.62 27.19 40.76
CA LYS I 104 -20.29 25.90 40.65
C LYS I 104 -20.34 25.46 39.19
N VAL I 105 -19.78 24.29 38.90
CA VAL I 105 -19.74 23.70 37.56
C VAL I 105 -20.59 22.44 37.53
N ALA I 106 -21.50 22.35 36.55
CA ALA I 106 -22.36 21.19 36.40
C ALA I 106 -21.79 20.27 35.31
N VAL I 107 -21.64 18.99 35.63
CA VAL I 107 -21.16 17.96 34.71
C VAL I 107 -22.32 17.03 34.36
N ILE I 108 -22.85 17.16 33.14
CA ILE I 108 -23.93 16.31 32.66
C ILE I 108 -23.31 15.17 31.86
N ASP I 109 -23.26 13.98 32.45
CA ASP I 109 -22.58 12.87 31.79
C ASP I 109 -23.03 11.55 32.42
N THR I 110 -22.12 10.57 32.47
CA THR I 110 -22.30 9.25 33.09
C THR I 110 -22.19 9.28 34.62
N GLY I 111 -22.16 10.46 35.23
CA GLY I 111 -22.02 10.59 36.66
C GLY I 111 -20.58 10.46 37.12
N VAL I 112 -20.36 10.80 38.39
CA VAL I 112 -19.05 10.80 39.03
C VAL I 112 -19.05 9.93 40.27
N THR I 113 -17.93 9.23 40.48
CA THR I 113 -17.71 8.39 41.66
C THR I 113 -16.86 9.16 42.65
N PRO I 114 -17.25 9.23 43.92
CA PRO I 114 -16.47 9.98 44.90
C PRO I 114 -15.05 9.45 45.07
N HIS I 115 -14.15 10.36 45.41
CA HIS I 115 -12.74 10.03 45.59
C HIS I 115 -12.15 10.99 46.62
N PRO I 116 -11.16 10.55 47.40
CA PRO I 116 -10.54 11.44 48.38
C PRO I 116 -9.89 12.69 47.80
N ARG I 117 -9.79 12.83 46.48
CA ARG I 117 -9.21 14.02 45.87
C ARG I 117 -10.28 15.01 45.40
N LEU I 118 -11.56 14.68 45.55
CA LEU I 118 -12.68 15.55 45.17
C LEU I 118 -13.50 15.84 46.42
N PRO I 119 -13.07 16.83 47.21
CA PRO I 119 -13.75 17.16 48.46
C PRO I 119 -15.04 17.96 48.35
N ARG I 120 -15.45 18.45 47.19
CA ARG I 120 -16.64 19.27 47.07
C ARG I 120 -17.63 18.75 46.03
N LEU I 121 -17.76 17.43 45.94
CA LEU I 121 -18.68 16.78 45.01
C LEU I 121 -20.11 16.80 45.54
N ILE I 122 -21.07 17.12 44.67
CA ILE I 122 -22.50 17.17 45.02
C ILE I 122 -23.37 16.31 44.12
N PRO I 123 -24.23 15.46 44.68
CA PRO I 123 -25.15 14.60 43.92
C PRO I 123 -26.33 15.39 43.35
N GLY I 124 -26.52 15.32 42.03
CA GLY I 124 -27.61 16.04 41.39
C GLY I 124 -28.83 15.26 40.91
N GLY I 125 -28.76 13.94 40.82
CA GLY I 125 -29.87 13.12 40.38
C GLY I 125 -29.51 12.19 39.23
N ASP I 126 -30.43 11.26 38.96
CA ASP I 126 -30.26 10.23 37.94
C ASP I 126 -31.46 10.09 37.01
N TYR I 127 -31.20 10.07 35.70
CA TYR I 127 -32.25 9.88 34.70
C TYR I 127 -32.24 8.50 34.05
N VAL I 128 -31.23 7.67 34.31
CA VAL I 128 -31.15 6.33 33.73
C VAL I 128 -31.78 5.27 34.64
N MET I 129 -31.56 5.39 35.95
CA MET I 129 -32.11 4.47 36.94
C MET I 129 -32.95 5.30 37.91
N ALA I 130 -34.16 4.83 38.19
CA ALA I 130 -35.08 5.59 39.04
C ALA I 130 -34.57 5.81 40.46
N GLY I 131 -33.78 4.91 41.01
CA GLY I 131 -33.30 5.08 42.37
C GLY I 131 -31.91 5.65 42.55
N GLY I 132 -31.27 6.09 41.49
CA GLY I 132 -29.91 6.58 41.59
C GLY I 132 -29.78 8.06 41.92
N ASP I 133 -28.66 8.39 42.58
CA ASP I 133 -28.30 9.77 42.90
C ASP I 133 -27.46 10.41 41.82
N GLY I 134 -27.07 9.67 40.80
CA GLY I 134 -26.18 10.19 39.79
C GLY I 134 -24.77 10.29 40.31
N LEU I 135 -24.34 9.29 41.07
CA LEU I 135 -23.07 9.29 41.77
C LEU I 135 -22.35 7.95 41.63
N SER I 136 -22.46 7.32 40.46
CA SER I 136 -21.72 6.09 40.21
C SER I 136 -21.42 5.97 38.72
N ASP I 137 -20.13 5.95 38.39
CA ASP I 137 -19.61 5.96 37.01
C ASP I 137 -19.33 4.55 36.48
N CYS I 138 -20.38 3.89 36.01
CA CYS I 138 -20.21 2.54 35.48
C CYS I 138 -19.39 2.55 34.19
N ASP I 139 -19.59 3.55 33.32
CA ASP I 139 -18.84 3.65 32.07
C ASP I 139 -17.42 4.19 32.23
N ALA I 140 -16.99 4.57 33.43
CA ALA I 140 -15.65 5.11 33.63
C ALA I 140 -15.33 6.29 32.73
N HIS I 141 -16.26 7.25 32.68
CA HIS I 141 -16.11 8.39 31.81
C HIS I 141 -16.30 9.69 32.59
N GLY I 142 -17.40 9.79 33.33
CA GLY I 142 -17.67 10.98 34.10
C GLY I 142 -16.59 11.32 35.10
N THR I 143 -15.96 10.31 35.68
CA THR I 143 -14.89 10.53 36.66
C THR I 143 -13.64 11.14 36.03
N LEU I 144 -13.30 10.78 34.81
CA LEU I 144 -12.16 11.41 34.16
C LEU I 144 -12.46 12.86 33.81
N VAL I 145 -13.60 13.12 33.20
CA VAL I 145 -13.96 14.49 32.84
C VAL I 145 -13.99 15.38 34.09
N ALA I 146 -14.64 14.90 35.15
CA ALA I 146 -14.74 15.68 36.38
C ALA I 146 -13.40 15.87 37.07
N SER I 147 -12.62 14.80 37.22
CA SER I 147 -11.33 14.92 37.91
C SER I 147 -10.35 15.79 37.15
N MET I 148 -10.46 15.83 35.83
CA MET I 148 -9.58 16.67 35.03
C MET I 148 -9.81 18.16 35.27
N ILE I 149 -10.99 18.54 35.75
CA ILE I 149 -11.33 19.93 36.07
C ILE I 149 -10.97 20.32 37.49
N ALA I 150 -11.45 19.59 38.50
CA ALA I 150 -11.33 20.00 39.89
C ALA I 150 -10.44 19.15 40.80
N ALA I 151 -9.73 18.15 40.32
CA ALA I 151 -8.92 17.37 41.25
C ALA I 151 -7.89 18.26 41.93
N VAL I 152 -7.75 18.09 43.25
CA VAL I 152 -6.84 18.83 44.14
C VAL I 152 -5.42 18.28 44.10
N PRO I 153 -4.38 19.12 44.14
CA PRO I 153 -3.01 18.60 44.14
C PRO I 153 -2.68 17.79 45.39
N ALA I 154 -1.61 17.01 45.27
CA ALA I 154 -1.14 16.11 46.31
C ALA I 154 -0.73 16.85 47.58
N ASN I 155 -0.84 16.16 48.71
CA ASN I 155 -0.52 16.70 50.03
C ASN I 155 -0.14 15.54 50.93
N GLY I 156 0.54 15.86 52.03
CA GLY I 156 0.98 14.83 52.98
C GLY I 156 -0.13 14.04 53.63
N ALA I 157 -1.34 14.58 53.71
CA ALA I 157 -2.48 13.87 54.29
C ALA I 157 -3.73 14.34 53.57
N VAL I 158 -4.71 13.46 53.43
CA VAL I 158 -5.94 13.86 52.76
C VAL I 158 -6.90 14.57 53.71
N PRO I 159 -7.67 15.55 53.24
CA PRO I 159 -8.60 16.25 54.13
C PRO I 159 -9.69 15.35 54.68
N LEU I 160 -10.21 14.45 53.85
CA LEU I 160 -11.27 13.50 54.21
C LEU I 160 -10.78 12.06 54.08
N PRO I 161 -10.28 11.47 55.17
CA PRO I 161 -9.77 10.09 55.12
C PRO I 161 -10.86 9.03 55.01
N SER I 162 -12.12 9.36 55.25
CA SER I 162 -13.19 8.37 55.15
C SER I 162 -13.39 7.90 53.70
N VAL I 163 -13.91 6.69 53.58
CA VAL I 163 -14.20 6.06 52.29
C VAL I 163 -15.46 5.21 52.37
N PRO I 164 -16.64 5.83 52.39
CA PRO I 164 -17.90 5.11 52.52
C PRO I 164 -18.51 4.59 51.22
N ARG I 165 -17.88 4.83 50.06
CA ARG I 165 -18.45 4.41 48.79
C ARG I 165 -18.69 2.91 48.69
N ARG I 166 -19.86 2.58 48.17
CA ARG I 166 -20.39 1.23 47.96
C ARG I 166 -19.74 0.50 46.79
N PRO I 167 -19.95 -0.81 46.71
CA PRO I 167 -19.41 -1.61 45.60
C PRO I 167 -20.14 -1.33 44.28
N VAL I 168 -19.55 -1.84 43.21
CA VAL I 168 -20.09 -1.69 41.86
C VAL I 168 -21.32 -2.55 41.65
N THR I 169 -22.29 -2.01 40.89
CA THR I 169 -23.56 -2.68 40.61
C THR I 169 -23.41 -3.75 39.54
N ILE I 170 -24.09 -4.87 39.74
CA ILE I 170 -24.04 -6.00 38.80
C ILE I 170 -25.45 -6.37 38.38
N PRO I 171 -25.67 -6.85 37.14
CA PRO I 171 -27.02 -7.22 36.71
C PRO I 171 -27.53 -8.44 37.47
N PRO I 266 5.21 13.79 45.16
CA PRO I 266 4.91 12.39 44.85
C PRO I 266 3.96 12.23 43.67
N ASP I 267 3.31 13.33 43.26
CA ASP I 267 2.34 13.29 42.18
C ASP I 267 2.16 14.70 41.64
N ALA I 268 2.36 14.86 40.34
CA ALA I 268 2.26 16.15 39.67
C ALA I 268 0.88 16.46 39.09
N PHE I 269 -0.06 15.54 39.12
CA PHE I 269 -1.37 15.79 38.55
C PHE I 269 -2.21 16.73 39.40
N SER I 270 -3.03 17.55 38.74
CA SER I 270 -3.95 18.47 39.39
C SER I 270 -4.93 19.02 38.37
N GLY I 271 -6.18 19.23 38.78
CA GLY I 271 -7.17 19.79 37.88
C GLY I 271 -6.88 21.23 37.49
N ILE I 272 -7.56 21.69 36.43
CA ILE I 272 -7.37 23.05 35.94
C ILE I 272 -7.77 24.10 36.97
N ALA I 273 -8.85 23.87 37.72
CA ALA I 273 -9.33 24.84 38.72
C ALA I 273 -9.65 24.13 40.03
N PRO I 274 -8.64 23.90 40.86
CA PRO I 274 -8.89 23.18 42.12
C PRO I 274 -9.93 23.80 43.04
N GLY I 275 -10.26 25.08 42.90
CA GLY I 275 -11.23 25.70 43.80
C GLY I 275 -12.70 25.54 43.50
N VAL I 276 -13.09 25.00 42.34
CA VAL I 276 -14.51 24.87 42.02
C VAL I 276 -15.28 23.86 42.86
N GLU I 277 -16.60 23.91 42.71
CA GLU I 277 -17.57 23.00 43.30
C GLU I 277 -18.32 22.40 42.12
N ILE I 278 -18.42 21.07 42.04
CA ILE I 278 -19.05 20.45 40.88
C ILE I 278 -20.26 19.62 41.25
N ILE I 279 -21.29 19.72 40.41
CA ILE I 279 -22.55 18.98 40.55
C ILE I 279 -22.54 17.89 39.49
N SER I 280 -22.81 16.66 39.91
CA SER I 280 -22.85 15.52 39.00
C SER I 280 -24.26 15.07 38.71
N ILE I 281 -24.59 14.99 37.42
CA ILE I 281 -25.89 14.54 36.94
C ILE I 281 -25.63 13.41 35.95
N ARG I 282 -26.29 12.28 36.14
CA ARG I 282 -26.11 11.12 35.27
C ARG I 282 -27.25 11.10 34.26
N GLN I 283 -26.92 11.30 32.98
CA GLN I 283 -27.91 11.39 31.92
C GLN I 283 -27.77 10.36 30.81
N SER I 284 -26.65 9.66 30.70
CA SER I 284 -26.50 8.70 29.61
C SER I 284 -25.60 7.55 30.02
N SER I 285 -25.84 6.38 29.44
CA SER I 285 -25.01 5.22 29.70
C SER I 285 -25.34 4.15 28.68
N GLN I 286 -24.32 3.40 28.26
CA GLN I 286 -24.48 2.30 27.32
C GLN I 286 -24.74 0.96 27.97
N ALA I 287 -24.52 0.83 29.27
CA ALA I 287 -24.71 -0.43 29.97
C ALA I 287 -26.16 -0.74 30.31
N PHE I 288 -27.08 0.20 30.18
CA PHE I 288 -28.46 -0.01 30.56
C PHE I 288 -29.36 -0.09 29.34
N GLY I 289 -30.43 -0.88 29.47
CA GLY I 289 -31.38 -1.05 28.38
C GLY I 289 -32.81 -1.13 28.90
N LEU I 290 -33.72 -0.91 27.97
CA LEU I 290 -35.15 -0.93 28.25
C LEU I 290 -35.63 -2.36 28.49
N LYS I 291 -36.35 -2.59 29.60
CA LYS I 291 -36.82 -3.93 29.93
C LYS I 291 -38.21 -4.18 29.36
N ASP I 292 -38.46 -3.64 28.17
CA ASP I 292 -39.56 -3.98 27.27
C ASP I 292 -39.13 -3.48 25.89
N PRO I 293 -38.32 -4.26 25.17
CA PRO I 293 -37.76 -3.79 23.90
C PRO I 293 -38.76 -3.42 22.81
N TYR I 294 -39.97 -3.97 22.78
CA TYR I 294 -40.90 -3.58 21.74
C TYR I 294 -41.27 -2.11 21.89
N THR I 295 -41.33 -1.39 20.75
CA THR I 295 -41.59 0.05 20.81
C THR I 295 -42.60 0.50 19.76
N GLY I 296 -43.49 -0.39 19.33
CA GLY I 296 -44.54 -0.04 18.39
C GLY I 296 -44.11 0.23 16.95
N ASP I 297 -44.73 1.26 16.37
CA ASP I 297 -44.53 1.66 14.98
C ASP I 297 -43.15 2.27 14.67
N GLU I 298 -42.51 2.94 15.60
CA GLU I 298 -41.23 3.56 15.31
C GLU I 298 -40.07 2.59 15.46
N ASP I 299 -39.10 2.73 14.58
CA ASP I 299 -37.91 1.91 14.56
C ASP I 299 -37.17 1.94 15.90
N PRO I 300 -36.75 0.79 16.42
CA PRO I 300 -36.04 0.73 17.70
C PRO I 300 -34.81 1.61 17.77
N GLN I 301 -34.24 1.95 16.62
CA GLN I 301 -33.08 2.83 16.57
C GLN I 301 -33.48 4.29 16.77
N THR I 302 -34.56 4.73 16.12
CA THR I 302 -35.03 6.11 16.30
C THR I 302 -35.77 6.27 17.61
N ALA I 303 -36.43 5.22 18.08
CA ALA I 303 -37.13 5.27 19.35
C ALA I 303 -36.19 5.60 20.51
N GLN I 304 -34.90 5.29 20.37
CA GLN I 304 -33.91 5.65 21.38
C GLN I 304 -33.53 7.12 21.30
N LYS I 305 -33.25 7.61 20.09
CA LYS I 305 -32.83 8.99 19.89
C LYS I 305 -33.85 9.99 20.42
N ILE I 306 -35.13 9.76 20.15
CA ILE I 306 -36.17 10.66 20.62
C ILE I 306 -36.17 10.74 22.15
N ASP I 307 -35.84 9.66 22.85
CA ASP I 307 -35.78 9.71 24.31
C ASP I 307 -34.56 10.49 24.79
N ASN I 308 -33.41 10.38 24.11
CA ASN I 308 -32.22 11.12 24.52
C ASN I 308 -32.42 12.63 24.40
N VAL I 309 -33.02 13.08 23.31
CA VAL I 309 -33.29 14.51 23.13
C VAL I 309 -34.20 15.03 24.23
N GLU I 310 -35.27 14.30 24.53
CA GLU I 310 -36.19 14.72 25.58
C GLU I 310 -35.50 14.76 26.95
N THR I 311 -34.71 13.75 27.28
CA THR I 311 -34.01 13.69 28.56
C THR I 311 -32.96 14.80 28.66
N MET I 312 -32.25 15.07 27.57
CA MET I 312 -31.24 16.13 27.56
C MET I 312 -31.85 17.48 27.91
N ALA I 313 -33.02 17.80 27.36
CA ALA I 313 -33.65 19.08 27.67
C ALA I 313 -33.98 19.20 29.15
N ARG I 314 -34.52 18.16 29.76
CA ARG I 314 -34.85 18.18 31.18
C ARG I 314 -33.61 18.39 32.04
N ALA I 315 -32.53 17.67 31.75
CA ALA I 315 -31.30 17.79 32.54
C ALA I 315 -30.71 19.20 32.47
N ILE I 316 -30.76 19.86 31.32
CA ILE I 316 -30.21 21.22 31.24
C ILE I 316 -31.02 22.18 32.09
N VAL I 317 -32.34 22.12 32.03
CA VAL I 317 -33.18 23.00 32.86
C VAL I 317 -32.91 22.74 34.34
N HIS I 318 -32.86 21.47 34.72
CA HIS I 318 -32.59 21.13 36.12
C HIS I 318 -31.25 21.66 36.58
N ALA I 319 -30.20 21.47 35.78
CA ALA I 319 -28.88 21.98 36.15
C ALA I 319 -28.88 23.49 36.30
N ALA I 320 -29.64 24.20 35.47
CA ALA I 320 -29.70 25.65 35.59
C ALA I 320 -30.41 26.07 36.89
N ASN I 321 -31.50 25.42 37.25
CA ASN I 321 -32.18 25.76 38.50
C ASN I 321 -31.34 25.46 39.73
N MET I 322 -30.30 24.62 39.62
CA MET I 322 -29.40 24.38 40.73
C MET I 322 -28.48 25.56 40.96
N GLY I 323 -28.45 26.52 40.05
CA GLY I 323 -27.61 27.69 40.15
C GLY I 323 -26.21 27.55 39.61
N ALA I 324 -25.96 26.53 38.79
CA ALA I 324 -24.64 26.37 38.22
C ALA I 324 -24.38 27.51 37.25
N SER I 325 -23.12 27.95 37.19
CA SER I 325 -22.77 29.03 36.28
C SER I 325 -22.07 28.55 35.02
N VAL I 326 -21.52 27.35 35.02
CA VAL I 326 -20.86 26.76 33.86
C VAL I 326 -21.39 25.35 33.72
N ILE I 327 -21.93 25.02 32.54
CA ILE I 327 -22.48 23.70 32.27
C ILE I 327 -21.61 23.02 31.23
N ASN I 328 -21.09 21.84 31.55
CA ASN I 328 -20.23 21.08 30.65
C ASN I 328 -20.99 19.87 30.13
N ILE I 329 -21.10 19.75 28.81
CA ILE I 329 -21.79 18.63 28.16
C ILE I 329 -20.76 17.88 27.34
N SER I 330 -20.14 16.87 27.94
CA SER I 330 -19.13 16.08 27.25
C SER I 330 -19.71 14.91 26.46
N ASP I 331 -20.99 14.61 26.63
CA ASP I 331 -21.66 13.56 25.86
C ASP I 331 -22.63 14.21 24.88
N VAL I 332 -22.52 13.84 23.61
CA VAL I 332 -23.32 14.43 22.54
C VAL I 332 -23.72 13.34 21.56
N MET I 333 -24.72 13.64 20.73
CA MET I 333 -25.23 12.68 19.76
C MET I 333 -25.22 13.24 18.34
N CYS I 334 -25.10 12.33 17.37
CA CYS I 334 -25.02 12.64 15.95
C CYS I 334 -26.26 12.13 15.22
N MET I 335 -26.70 12.88 14.21
CA MET I 335 -27.84 12.53 13.39
C MET I 335 -27.57 12.91 11.94
N SER I 336 -28.20 12.20 11.02
CA SER I 336 -28.08 12.52 9.61
C SER I 336 -28.81 13.82 9.29
N ALA I 337 -28.38 14.47 8.21
CA ALA I 337 -29.05 15.70 7.76
C ALA I 337 -30.47 15.40 7.28
N ARG I 338 -30.69 14.19 6.81
CA ARG I 338 -32.01 13.70 6.46
C ARG I 338 -32.75 13.23 7.71
N ASN I 339 -34.08 13.34 7.67
CA ASN I 339 -34.92 12.88 8.76
C ASN I 339 -34.44 13.41 10.12
N VAL I 340 -34.18 14.71 10.19
CA VAL I 340 -33.82 15.36 11.45
C VAL I 340 -35.01 15.35 12.40
N ILE I 341 -34.74 15.04 13.67
CA ILE I 341 -35.75 14.96 14.72
C ILE I 341 -36.12 16.33 15.26
N ASP I 342 -37.40 16.48 15.63
CA ASP I 342 -37.94 17.70 16.23
C ASP I 342 -37.28 17.99 17.57
N GLN I 343 -36.60 19.13 17.67
CA GLN I 343 -35.86 19.55 18.85
C GLN I 343 -36.40 20.80 19.54
N ARG I 344 -37.66 21.17 19.28
CA ARG I 344 -38.24 22.37 19.90
C ARG I 344 -38.04 22.39 21.41
N ALA I 345 -38.26 21.26 22.07
CA ALA I 345 -38.10 21.18 23.52
C ALA I 345 -36.67 21.51 23.93
N LEU I 346 -35.70 21.00 23.20
CA LEU I 346 -34.29 21.27 23.49
C LEU I 346 -33.94 22.71 23.19
N GLY I 347 -34.48 23.27 22.11
CA GLY I 347 -34.24 24.67 21.77
C GLY I 347 -34.69 25.64 22.84
N ALA I 348 -35.86 25.42 23.41
CA ALA I 348 -36.37 26.27 24.49
C ALA I 348 -35.52 26.13 25.75
N ALA I 349 -35.12 24.93 26.10
CA ALA I 349 -34.28 24.71 27.28
C ALA I 349 -32.94 25.42 27.18
N VAL I 350 -32.30 25.39 26.01
CA VAL I 350 -31.02 26.08 25.84
C VAL I 350 -31.17 27.60 25.97
N HIS I 351 -32.21 28.17 25.38
CA HIS I 351 -32.45 29.61 25.49
C HIS I 351 -32.69 30.03 26.94
N TYR I 352 -33.53 29.31 27.66
CA TYR I 352 -33.82 29.62 29.06
C TYR I 352 -32.55 29.63 29.93
N ALA I 353 -31.73 28.60 29.81
CA ALA I 353 -30.50 28.50 30.61
C ALA I 353 -29.45 29.54 30.23
N ALA I 354 -29.33 29.87 28.95
CA ALA I 354 -28.33 30.84 28.49
C ALA I 354 -28.73 32.29 28.73
N VAL I 355 -30.00 32.65 28.56
CA VAL I 355 -30.47 34.03 28.70
C VAL I 355 -31.07 34.34 30.06
N ASP I 356 -32.09 33.60 30.48
CA ASP I 356 -32.74 33.89 31.74
C ASP I 356 -31.93 33.48 32.96
N LYS I 357 -30.92 32.62 32.82
CA LYS I 357 -30.12 32.21 33.96
C LYS I 357 -28.64 32.52 33.79
N ASP I 358 -28.27 33.17 32.67
CA ASP I 358 -26.90 33.59 32.38
C ASP I 358 -25.85 32.47 32.48
N ALA I 359 -26.20 31.23 32.23
CA ALA I 359 -25.21 30.16 32.30
C ALA I 359 -24.38 30.10 31.02
N VAL I 360 -23.13 29.67 31.13
CA VAL I 360 -22.25 29.46 29.99
C VAL I 360 -22.26 27.97 29.71
N ILE I 361 -22.60 27.58 28.48
CA ILE I 361 -22.70 26.17 28.11
C ILE I 361 -21.54 25.79 27.19
N VAL I 362 -20.76 24.78 27.59
CA VAL I 362 -19.62 24.29 26.82
C VAL I 362 -19.95 22.88 26.38
N ALA I 363 -19.88 22.60 25.08
CA ALA I 363 -20.18 21.28 24.55
C ALA I 363 -19.09 20.77 23.62
N ALA I 364 -18.85 19.46 23.65
CA ALA I 364 -17.84 18.85 22.80
C ALA I 364 -18.32 18.73 21.35
N ALA I 365 -17.39 18.87 20.42
CA ALA I 365 -17.72 18.76 19.00
C ALA I 365 -18.08 17.35 18.55
N GLY I 366 -17.80 16.33 19.34
CA GLY I 366 -18.11 14.95 18.96
C GLY I 366 -16.93 14.27 18.29
N ASP I 367 -16.80 12.97 18.55
CA ASP I 367 -15.70 12.17 18.02
C ASP I 367 -16.13 11.29 16.86
N GLY I 368 -15.30 11.24 15.83
CA GLY I 368 -15.57 10.42 14.65
C GLY I 368 -15.64 8.93 14.91
N SER I 369 -15.25 8.49 16.11
CA SER I 369 -15.34 7.07 16.46
C SER I 369 -16.72 6.66 16.90
N LYS I 370 -17.61 7.61 17.18
CA LYS I 370 -18.95 7.26 17.61
C LYS I 370 -19.70 6.59 16.47
N LYS I 371 -20.77 5.89 16.84
CA LYS I 371 -21.38 4.93 15.93
C LYS I 371 -21.93 5.59 14.66
N ASP I 372 -22.54 6.78 14.79
CA ASP I 372 -23.20 7.41 13.65
C ASP I 372 -22.59 8.72 13.17
N CYS I 373 -21.51 9.20 13.76
CA CYS I 373 -20.91 10.47 13.32
C CYS I 373 -20.09 10.30 12.04
N LYS I 374 -20.33 11.17 11.06
CA LYS I 374 -19.62 11.14 9.78
C LYS I 374 -19.02 12.52 9.54
N GLN I 375 -17.90 12.56 8.85
CA GLN I 375 -17.18 13.82 8.61
C GLN I 375 -17.94 14.77 7.69
N ASN I 376 -18.08 16.06 8.11
CA ASN I 376 -18.75 17.11 7.34
C ASN I 376 -17.79 17.79 6.36
N PRO I 377 -18.32 18.41 5.29
CA PRO I 377 -17.46 19.11 4.34
C PRO I 377 -17.08 20.50 4.81
N ILE I 378 -15.92 20.98 4.34
CA ILE I 378 -15.41 22.29 4.71
C ILE I 378 -15.73 23.39 3.66
N PHE I 379 -15.16 24.58 3.89
CA PHE I 379 -15.32 25.75 3.03
C PHE I 379 -15.00 25.48 1.57
N ASP I 380 -15.74 26.14 0.67
CA ASP I 380 -15.52 26.02 -0.78
C ASP I 380 -15.24 27.39 -1.40
N PRO I 381 -13.99 27.67 -1.81
CA PRO I 381 -13.65 28.98 -2.37
C PRO I 381 -14.46 29.41 -3.57
N LEU I 382 -15.06 28.47 -4.30
CA LEU I 382 -15.85 28.79 -5.47
C LEU I 382 -17.21 29.42 -5.14
N GLN I 383 -17.69 29.32 -3.91
CA GLN I 383 -19.00 29.84 -3.52
C GLN I 383 -18.87 30.62 -2.23
N PRO I 384 -18.31 31.83 -2.31
CA PRO I 384 -18.13 32.68 -1.14
C PRO I 384 -19.42 33.27 -0.59
N ASP I 385 -20.55 32.71 -1.00
CA ASP I 385 -21.85 33.17 -0.52
C ASP I 385 -21.97 33.01 1.00
N ASP I 386 -21.60 31.85 1.52
CA ASP I 386 -21.66 31.60 2.96
C ASP I 386 -20.32 31.05 3.45
N PRO I 387 -19.55 31.84 4.20
CA PRO I 387 -18.22 31.41 4.65
C PRO I 387 -18.18 30.19 5.54
N ARG I 388 -19.28 29.78 6.17
CA ARG I 388 -19.26 28.59 7.00
C ARG I 388 -19.80 27.36 6.28
N ALA I 389 -20.32 27.53 5.06
CA ALA I 389 -20.88 26.44 4.26
C ALA I 389 -21.98 25.66 4.99
N TRP I 390 -23.10 26.33 5.21
CA TRP I 390 -24.23 25.67 5.89
C TRP I 390 -24.99 24.75 4.97
N ASN I 391 -25.12 25.11 3.69
CA ASN I 391 -25.87 24.31 2.74
C ASN I 391 -25.29 22.93 2.46
N ALA I 392 -24.02 22.69 2.77
CA ALA I 392 -23.40 21.40 2.53
C ALA I 392 -23.39 20.46 3.73
N VAL I 393 -23.87 20.89 4.88
CA VAL I 393 -23.84 20.04 6.07
C VAL I 393 -24.53 18.71 5.80
N THR I 394 -23.91 17.63 6.26
CA THR I 394 -24.43 16.28 6.09
C THR I 394 -24.74 15.57 7.41
N THR I 395 -24.02 15.88 8.49
CA THR I 395 -24.26 15.30 9.81
C THR I 395 -24.48 16.42 10.81
N VAL I 396 -25.59 16.34 11.54
CA VAL I 396 -25.96 17.33 12.54
C VAL I 396 -25.64 16.82 13.94
N VAL I 397 -24.98 17.65 14.73
CA VAL I 397 -24.56 17.32 16.10
C VAL I 397 -25.30 18.25 17.05
N THR I 398 -26.05 17.67 17.98
CA THR I 398 -26.92 18.42 18.87
C THR I 398 -26.63 18.10 20.34
N PRO I 399 -26.70 19.09 21.25
CA PRO I 399 -27.03 20.50 21.17
C PRO I 399 -25.95 21.43 20.59
N SER I 400 -24.81 20.90 20.16
CA SER I 400 -23.76 21.78 19.63
C SER I 400 -24.27 22.68 18.51
N TRP I 401 -25.32 22.25 17.85
CA TRP I 401 -25.95 22.97 16.75
C TRP I 401 -26.34 24.42 17.03
N PHE I 402 -26.73 24.76 18.26
CA PHE I 402 -27.19 26.12 18.56
C PHE I 402 -26.01 27.06 18.81
N HIS I 403 -25.33 27.41 17.72
CA HIS I 403 -24.11 28.23 17.81
C HIS I 403 -24.34 29.62 18.40
N ASP I 404 -25.57 30.11 18.51
CA ASP I 404 -25.81 31.42 19.12
C ASP I 404 -25.79 31.40 20.65
N TYR I 405 -25.87 30.24 21.27
CA TYR I 405 -25.90 30.15 22.72
C TYR I 405 -24.93 29.13 23.32
N VAL I 406 -24.31 28.28 22.51
CA VAL I 406 -23.40 27.25 22.99
C VAL I 406 -22.03 27.39 22.36
N LEU I 407 -21.00 27.22 23.19
CA LEU I 407 -19.60 27.26 22.78
C LEU I 407 -19.15 25.83 22.50
N THR I 408 -18.80 25.53 21.25
CA THR I 408 -18.39 24.18 20.84
C THR I 408 -16.87 24.12 20.69
N VAL I 409 -16.26 23.11 21.31
CA VAL I 409 -14.81 22.91 21.37
C VAL I 409 -14.34 21.78 20.46
N GLY I 410 -13.36 22.07 19.60
CA GLY I 410 -12.72 21.06 18.78
C GLY I 410 -11.40 20.65 19.43
N ALA I 411 -10.74 19.65 18.84
CA ALA I 411 -9.51 19.12 19.45
C ALA I 411 -8.25 19.29 18.60
N VAL I 412 -7.12 19.44 19.30
CA VAL I 412 -5.79 19.53 18.73
C VAL I 412 -4.86 18.62 19.52
N ASP I 413 -3.78 18.19 18.89
CA ASP I 413 -2.80 17.36 19.58
C ASP I 413 -1.97 18.24 20.52
N ALA I 414 -1.11 17.59 21.31
CA ALA I 414 -0.28 18.31 22.26
C ALA I 414 0.72 19.26 21.62
N ASN I 415 0.97 19.16 20.31
CA ASN I 415 1.93 20.06 19.68
C ASN I 415 1.25 21.29 19.10
N GLY I 416 0.00 21.16 18.67
CA GLY I 416 -0.76 22.26 18.13
C GLY I 416 -1.41 21.95 16.80
N GLN I 417 -1.27 20.72 16.31
CA GLN I 417 -1.87 20.40 15.03
C GLN I 417 -3.29 19.86 15.23
N PRO I 418 -4.23 20.16 14.34
CA PRO I 418 -5.58 19.64 14.50
C PRO I 418 -5.65 18.14 14.28
N LEU I 419 -6.51 17.48 15.05
CA LEU I 419 -6.74 16.04 14.94
C LEU I 419 -7.76 15.80 13.82
N SER I 420 -7.31 16.06 12.60
CA SER I 420 -8.13 15.96 11.41
C SER I 420 -8.84 14.63 11.27
N LYS I 421 -8.35 13.59 11.92
CA LYS I 421 -8.99 12.28 11.84
C LYS I 421 -10.19 12.06 12.77
N MET I 422 -10.38 12.86 13.82
CA MET I 422 -11.50 12.58 14.73
C MET I 422 -12.45 13.73 15.05
N SER I 423 -12.10 14.99 14.85
CA SER I 423 -13.09 16.05 15.11
C SER I 423 -14.04 16.16 13.92
N ILE I 424 -15.34 16.36 14.22
CA ILE I 424 -16.38 16.43 13.19
C ILE I 424 -16.42 17.74 12.42
N ALA I 425 -15.59 18.72 12.76
CA ALA I 425 -15.44 19.94 11.97
C ALA I 425 -16.68 20.58 11.33
N GLY I 426 -17.81 20.69 12.02
CA GLY I 426 -18.96 21.32 11.42
C GLY I 426 -18.87 22.85 11.42
N PRO I 427 -19.90 23.49 10.86
CA PRO I 427 -19.92 24.97 10.83
C PRO I 427 -20.15 25.63 12.19
N TRP I 428 -20.56 24.89 13.20
CA TRP I 428 -20.81 25.40 14.55
C TRP I 428 -19.56 25.48 15.43
N VAL I 429 -18.49 24.79 15.07
CA VAL I 429 -17.26 24.79 15.86
C VAL I 429 -16.76 26.22 16.03
N SER I 430 -16.33 26.55 17.26
CA SER I 430 -15.88 27.90 17.57
C SER I 430 -14.51 28.00 18.23
N ILE I 431 -14.05 26.98 18.96
CA ILE I 431 -12.74 27.04 19.60
C ILE I 431 -12.21 25.62 19.74
N SER I 432 -10.93 25.49 20.10
CA SER I 432 -10.32 24.19 20.27
C SER I 432 -9.30 24.18 21.41
N ALA I 433 -9.02 22.99 21.92
CA ALA I 433 -8.09 22.81 23.03
C ALA I 433 -7.48 21.42 22.94
N PRO I 434 -6.43 21.16 23.72
CA PRO I 434 -5.78 19.84 23.69
C PRO I 434 -6.74 18.69 24.01
N GLY I 435 -6.34 17.48 23.58
CA GLY I 435 -7.15 16.29 23.76
C GLY I 435 -6.40 14.96 23.73
N THR I 436 -5.14 14.96 24.16
CA THR I 436 -4.31 13.75 24.18
C THR I 436 -3.52 13.68 25.49
N ASP I 437 -2.97 12.50 25.77
CA ASP I 437 -2.24 12.28 27.02
C ASP I 437 -3.11 12.54 28.24
N VAL I 438 -4.37 12.14 28.13
CA VAL I 438 -5.35 12.32 29.19
C VAL I 438 -4.97 11.50 30.41
N VAL I 439 -5.09 12.12 31.58
CA VAL I 439 -4.80 11.51 32.88
C VAL I 439 -5.89 11.96 33.84
N GLY I 440 -6.29 11.08 34.75
CA GLY I 440 -7.31 11.47 35.71
C GLY I 440 -7.44 10.46 36.83
N LEU I 441 -8.21 10.86 37.84
CA LEU I 441 -8.45 9.99 38.97
C LEU I 441 -9.21 8.74 38.53
N SER I 442 -9.01 7.65 39.28
CA SER I 442 -9.62 6.38 38.89
C SER I 442 -10.84 6.00 39.71
N PRO I 443 -11.95 5.64 39.06
CA PRO I 443 -13.06 5.04 39.79
C PRO I 443 -12.67 3.64 40.24
N ARG I 444 -13.42 3.08 41.18
CA ARG I 444 -13.19 1.69 41.61
C ARG I 444 -11.77 1.45 42.12
N ASP I 445 -11.06 2.51 42.47
CA ASP I 445 -9.68 2.40 42.94
C ASP I 445 -9.39 3.63 43.77
N ASP I 446 -8.13 3.83 44.11
CA ASP I 446 -7.72 4.99 44.88
C ASP I 446 -6.37 5.50 44.37
N GLY I 447 -6.31 5.77 43.07
CA GLY I 447 -5.08 6.22 42.44
C GLY I 447 -5.35 6.70 41.03
N LEU I 448 -4.28 6.96 40.28
CA LEU I 448 -4.43 7.43 38.90
C LEU I 448 -4.53 6.30 37.89
N ILE I 449 -5.11 6.63 36.72
CA ILE I 449 -5.25 5.70 35.60
C ILE I 449 -4.95 6.41 34.30
N ASN I 450 -4.62 5.62 33.28
CA ASN I 450 -4.30 6.13 31.95
C ASN I 450 -5.05 5.44 30.83
N ALA I 451 -5.65 4.28 31.05
CA ALA I 451 -6.33 3.57 29.97
C ALA I 451 -7.48 2.76 30.54
N ILE I 452 -8.40 2.38 29.65
CA ILE I 452 -9.58 1.62 29.99
C ILE I 452 -9.58 0.35 29.15
N ASP I 453 -10.07 -0.74 29.73
CA ASP I 453 -10.12 -2.01 29.02
C ASP I 453 -11.09 -1.95 27.86
N GLY I 454 -10.64 -2.43 26.70
CA GLY I 454 -11.43 -2.50 25.50
C GLY I 454 -12.30 -3.74 25.48
N PRO I 455 -12.90 -4.04 24.33
CA PRO I 455 -13.74 -5.25 24.23
C PRO I 455 -12.97 -6.57 24.23
N ASP I 456 -11.68 -6.53 24.50
CA ASP I 456 -10.85 -7.73 24.43
C ASP I 456 -9.70 -7.55 25.42
N ASN I 457 -8.64 -8.35 25.25
CA ASN I 457 -7.42 -8.19 26.04
C ASN I 457 -6.85 -6.78 25.91
N SER I 458 -7.06 -6.13 24.77
CA SER I 458 -6.53 -4.81 24.52
C SER I 458 -6.87 -3.80 25.61
N LEU I 459 -5.86 -3.00 25.95
CA LEU I 459 -5.95 -1.90 26.91
C LEU I 459 -5.93 -0.64 26.05
N LEU I 460 -7.03 0.10 26.05
CA LEU I 460 -7.23 1.25 25.16
C LEU I 460 -7.10 2.60 25.85
N VAL I 461 -6.29 3.47 25.25
CA VAL I 461 -6.03 4.83 25.73
C VAL I 461 -7.16 5.77 25.29
N PRO I 462 -7.66 6.62 26.19
CA PRO I 462 -8.71 7.56 25.84
C PRO I 462 -8.17 8.81 25.16
N ALA I 463 -8.95 9.33 24.21
CA ALA I 463 -8.59 10.54 23.49
C ALA I 463 -9.84 11.12 22.83
N GLY I 464 -9.76 12.40 22.44
CA GLY I 464 -10.85 13.05 21.75
C GLY I 464 -11.35 14.33 22.39
N THR I 465 -12.37 14.89 21.73
CA THR I 465 -13.02 16.16 22.09
C THR I 465 -13.71 16.14 23.45
N SER I 466 -14.16 14.98 23.92
CA SER I 466 -14.84 14.91 25.20
C SER I 466 -13.96 15.41 26.34
N PHE I 467 -12.66 15.28 26.20
CA PHE I 467 -11.68 15.82 27.14
C PHE I 467 -11.32 17.28 26.85
N SER I 468 -11.29 17.67 25.59
CA SER I 468 -11.01 19.06 25.23
C SER I 468 -12.09 19.99 25.79
N ALA I 469 -13.33 19.53 25.81
CA ALA I 469 -14.43 20.30 26.38
C ALA I 469 -14.20 20.56 27.87
N ALA I 470 -13.64 19.60 28.58
CA ALA I 470 -13.34 19.76 29.99
C ALA I 470 -12.31 20.87 30.23
N ILE I 471 -11.27 20.93 29.40
CA ILE I 471 -10.23 21.96 29.52
C ILE I 471 -10.84 23.36 29.40
N VAL I 472 -11.64 23.60 28.36
CA VAL I 472 -12.26 24.91 28.16
C VAL I 472 -13.21 25.25 29.31
N SER I 473 -13.89 24.25 29.85
CA SER I 473 -14.78 24.48 30.99
C SER I 473 -14.00 24.94 32.21
N GLY I 474 -12.76 24.50 32.37
CA GLY I 474 -11.94 24.94 33.48
C GLY I 474 -11.51 26.39 33.33
N VAL I 475 -11.06 26.77 32.14
CA VAL I 475 -10.65 28.15 31.88
C VAL I 475 -11.81 29.11 32.04
N ALA I 476 -13.00 28.73 31.60
CA ALA I 476 -14.18 29.59 31.74
C ALA I 476 -14.50 29.86 33.21
N ALA I 477 -14.24 28.89 34.08
CA ALA I 477 -14.47 29.07 35.51
C ALA I 477 -13.52 30.12 36.09
N LEU I 478 -12.25 30.06 35.75
CA LEU I 478 -11.29 31.05 36.24
C LEU I 478 -11.66 32.46 35.78
N VAL I 479 -11.99 32.62 34.50
CA VAL I 479 -12.32 33.94 33.96
C VAL I 479 -13.56 34.50 34.64
N ARG I 480 -14.61 33.70 34.83
CA ARG I 480 -15.79 34.23 35.49
C ARG I 480 -15.52 34.60 36.94
N ALA I 481 -14.60 33.92 37.60
CA ALA I 481 -14.26 34.27 38.98
C ALA I 481 -13.55 35.62 39.07
N LYS I 482 -12.79 36.01 38.05
CA LYS I 482 -12.08 37.28 38.06
C LYS I 482 -12.92 38.46 37.54
N PHE I 483 -13.86 38.23 36.63
CA PHE I 483 -14.71 39.27 36.06
C PHE I 483 -16.18 38.99 36.38
N PRO I 484 -16.54 38.99 37.65
CA PRO I 484 -17.92 38.67 38.05
C PRO I 484 -18.96 39.63 37.51
N GLU I 485 -18.58 40.78 36.97
CA GLU I 485 -19.55 41.72 36.43
C GLU I 485 -20.04 41.36 35.03
N LEU I 486 -19.29 40.57 34.28
CA LEU I 486 -19.65 40.24 32.90
C LEU I 486 -20.70 39.14 32.80
N SER I 487 -21.56 39.27 31.78
CA SER I 487 -22.59 38.32 31.43
C SER I 487 -22.04 37.23 30.49
N ALA I 488 -22.80 36.15 30.38
CA ALA I 488 -22.40 35.00 29.57
C ALA I 488 -21.94 35.39 28.17
N TYR I 489 -22.72 36.20 27.47
CA TYR I 489 -22.35 36.61 26.13
C TYR I 489 -21.01 37.35 26.07
N GLN I 490 -20.67 38.10 27.10
CA GLN I 490 -19.41 38.84 27.14
C GLN I 490 -18.21 37.95 27.45
N ILE I 491 -18.38 36.96 28.32
CA ILE I 491 -17.31 36.03 28.65
C ILE I 491 -16.89 35.22 27.43
N ILE I 492 -17.86 34.81 26.62
CA ILE I 492 -17.56 34.08 25.39
C ILE I 492 -16.73 34.93 24.43
N ASN I 493 -17.07 36.19 24.27
CA ASN I 493 -16.28 37.06 23.39
C ASN I 493 -14.86 37.25 23.91
N ARG I 494 -14.66 37.19 25.22
CA ARG I 494 -13.31 37.35 25.78
C ARG I 494 -12.43 36.15 25.45
N LEU I 495 -12.98 34.94 25.43
CA LEU I 495 -12.22 33.74 25.07
C LEU I 495 -11.93 33.66 23.58
N ILE I 496 -12.93 33.95 22.75
CA ILE I 496 -12.78 33.90 21.30
C ILE I 496 -11.76 34.90 20.78
N HIS I 497 -11.88 36.17 21.16
CA HIS I 497 -10.97 37.20 20.66
C HIS I 497 -9.51 37.04 21.11
N THR I 498 -9.22 36.25 22.14
CA THR I 498 -7.84 36.09 22.61
C THR I 498 -7.16 34.83 22.08
N ALA I 499 -7.88 33.97 21.38
CA ALA I 499 -7.32 32.73 20.83
C ALA I 499 -6.43 33.01 19.63
N ARG I 500 -5.49 32.08 19.38
CA ARG I 500 -4.54 32.15 18.26
C ARG I 500 -5.17 31.54 17.02
N PRO I 501 -5.25 32.29 15.92
CA PRO I 501 -6.00 31.88 14.73
C PRO I 501 -5.28 30.93 13.80
N PRO I 502 -6.06 30.22 12.98
CA PRO I 502 -5.55 29.39 11.90
C PRO I 502 -5.37 30.22 10.63
N ALA I 503 -4.71 29.61 9.65
CA ALA I 503 -4.37 30.27 8.38
C ALA I 503 -5.53 30.88 7.61
N ARG I 504 -6.77 30.57 7.91
CA ARG I 504 -7.88 31.19 7.21
C ARG I 504 -8.66 32.16 8.10
N GLY I 505 -8.17 32.42 9.30
CA GLY I 505 -8.79 33.31 10.27
C GLY I 505 -9.97 32.67 10.98
N VAL I 506 -10.81 31.96 10.26
CA VAL I 506 -11.89 31.16 10.85
C VAL I 506 -11.98 29.88 10.03
N ASP I 507 -11.95 28.73 10.70
CA ASP I 507 -11.96 27.48 9.98
C ASP I 507 -12.82 26.47 10.72
N ASN I 508 -13.71 25.80 9.99
CA ASN I 508 -14.59 24.82 10.60
C ASN I 508 -13.84 23.72 11.32
N GLN I 509 -12.56 23.52 11.03
CA GLN I 509 -11.81 22.49 11.73
C GLN I 509 -11.44 22.86 13.17
N VAL I 510 -11.27 24.13 13.49
CA VAL I 510 -10.86 24.52 14.84
C VAL I 510 -11.55 25.79 15.32
N GLY I 511 -12.44 26.34 14.50
CA GLY I 511 -13.12 27.55 14.89
C GLY I 511 -12.24 28.77 14.83
N TYR I 512 -12.28 29.61 15.87
CA TYR I 512 -11.43 30.79 15.89
C TYR I 512 -9.99 30.53 16.27
N GLY I 513 -9.66 29.41 16.88
CA GLY I 513 -8.27 29.17 17.23
C GLY I 513 -8.12 28.30 18.46
N VAL I 514 -6.93 28.40 19.06
CA VAL I 514 -6.56 27.68 20.27
C VAL I 514 -6.71 28.56 21.51
N VAL I 515 -7.31 28.00 22.55
CA VAL I 515 -7.56 28.71 23.80
C VAL I 515 -6.24 29.22 24.39
N ASP I 516 -6.29 30.35 25.09
CA ASP I 516 -5.10 30.97 25.67
C ASP I 516 -5.41 31.59 27.02
N PRO I 517 -5.22 30.84 28.10
CA PRO I 517 -5.65 31.30 29.43
C PRO I 517 -5.11 32.64 29.91
N VAL I 518 -3.79 32.83 29.89
CA VAL I 518 -3.21 34.08 30.39
C VAL I 518 -3.70 35.30 29.62
N ALA I 519 -3.86 35.16 28.31
CA ALA I 519 -4.37 36.28 27.52
C ALA I 519 -5.80 36.64 27.91
N ALA I 520 -6.65 35.64 28.09
CA ALA I 520 -8.04 35.85 28.43
C ALA I 520 -8.21 36.54 29.79
N LEU I 521 -7.33 36.27 30.73
CA LEU I 521 -7.39 36.86 32.07
C LEU I 521 -6.80 38.26 32.19
N THR I 522 -6.08 38.78 31.19
CA THR I 522 -5.43 40.09 31.36
C THR I 522 -5.58 41.07 30.21
N TRP I 523 -5.88 40.64 28.99
CA TRP I 523 -5.98 41.61 27.90
C TRP I 523 -7.23 42.47 28.00
N ASP I 524 -7.10 43.68 27.43
CA ASP I 524 -8.14 44.71 27.36
C ASP I 524 -9.03 44.52 26.12
N VAL I 525 -9.69 43.37 26.05
CA VAL I 525 -10.56 43.03 24.90
C VAL I 525 -11.72 44.03 24.80
N PRO I 526 -12.01 44.55 23.59
CA PRO I 526 -13.12 45.49 23.42
C PRO I 526 -14.47 44.85 23.74
N LYS I 527 -15.32 45.61 24.43
CA LYS I 527 -16.56 45.06 24.97
C LYS I 527 -17.63 44.77 23.92
N GLY I 528 -17.56 45.35 22.73
CA GLY I 528 -18.56 45.07 21.73
C GLY I 528 -18.20 43.96 20.76
N PRO I 529 -19.20 43.40 20.09
CA PRO I 529 -18.93 42.35 19.11
C PRO I 529 -18.17 42.85 17.89
N ALA I 530 -17.58 41.89 17.16
CA ALA I 530 -16.81 42.17 15.96
C ALA I 530 -17.61 42.95 14.90
N GLU I 531 -16.94 43.91 14.26
CA GLU I 531 -17.51 44.74 13.19
C GLU I 531 -16.48 44.93 12.10
N PRO I 532 -16.87 44.86 10.82
CA PRO I 532 -15.90 45.10 9.74
C PRO I 532 -15.68 46.59 9.53
N PRO I 533 -14.55 46.97 8.94
CA PRO I 533 -14.26 48.39 8.72
C PRO I 533 -15.17 49.05 7.67
N LYS I 534 -15.28 50.38 7.80
CA LYS I 534 -16.10 51.15 6.89
C LYS I 534 -15.62 51.11 5.44
N GLN I 535 -14.35 51.44 5.20
CA GLN I 535 -13.74 51.38 3.88
C GLN I 535 -12.24 51.16 4.03
N LEU I 536 -11.63 50.55 3.01
CA LEU I 536 -10.20 50.26 3.04
C LEU I 536 -9.29 51.27 2.35
N SER I 537 -9.79 52.08 1.42
CA SER I 537 -8.94 53.02 0.69
C SER I 537 -8.74 54.38 1.37
N ALA I 538 -7.68 55.06 1.05
CA ALA I 538 -7.20 56.33 1.44
C ALA I 538 -6.53 57.06 0.31
N PRO I 539 -6.64 58.39 0.20
CA PRO I 539 -5.96 59.12 -0.85
C PRO I 539 -4.46 59.19 -0.75
N LEU I 540 -3.75 59.19 -1.84
CA LEU I 540 -2.34 59.30 -2.03
C LEU I 540 -1.87 60.73 -2.02
N VAL I 541 -1.00 61.14 -1.09
CA VAL I 541 -0.48 62.52 -1.01
C VAL I 541 0.70 62.68 -1.96
N VAL I 542 0.42 63.02 -3.22
CA VAL I 542 1.36 63.29 -4.27
C VAL I 542 2.15 64.54 -3.98
N PRO I 543 3.48 64.57 -4.13
CA PRO I 543 4.25 65.76 -3.94
C PRO I 543 3.96 66.88 -4.90
N GLN I 544 4.22 68.13 -4.50
CA GLN I 544 4.07 69.28 -5.35
C GLN I 544 5.06 69.27 -6.50
N PRO I 545 4.65 69.35 -7.78
CA PRO I 545 5.56 69.38 -8.90
C PRO I 545 6.50 70.54 -8.90
N PRO I 546 7.74 70.39 -9.38
CA PRO I 546 8.66 71.49 -9.48
C PRO I 546 8.29 72.50 -10.53
N ALA I 547 8.57 73.75 -10.35
CA ALA I 547 8.36 74.83 -11.25
C ALA I 547 9.18 74.73 -12.50
#